data_2N5F
#
_entry.id   2N5F
#
_entity_poly.entity_id   1
_entity_poly.type   'polypeptide(L)'
_entity_poly.pdbx_seq_one_letter_code
;MALEICVKAAVGAPNILGDCPFCQRVLLSLEEKKIPYKSHLINLGDKPQWFLEISPEGKVPVVKIDDKWVADSDVIVGIL
EEKNPEPPLATPPEFASVGSKIFPSFVKFLKSKDPNDGTEQALLEELKALDGHLKVHGPFIAGEKITAVDLSLAPKLYHL
EVALGHFKNWPIPDNLTHVLNYIKLLFSRESFKKTRAAEEHVIAGWEPKVNAHHHHHH
;
_entity_poly.pdbx_strand_id   A
#
# COMPACT_ATOMS: atom_id res chain seq x y z
N MET A 1 22.66 -6.27 -4.66
CA MET A 1 22.57 -6.72 -3.25
C MET A 1 21.63 -5.82 -2.45
N ALA A 2 22.02 -4.60 -2.11
CA ALA A 2 21.13 -3.71 -1.37
C ALA A 2 20.14 -3.09 -2.36
N LEU A 3 18.87 -2.94 -1.98
CA LEU A 3 17.82 -2.44 -2.89
C LEU A 3 17.01 -1.42 -2.10
N GLU A 4 16.56 -0.32 -2.69
CA GLU A 4 15.46 0.52 -2.16
C GLU A 4 15.06 1.57 -3.19
N ILE A 5 14.60 2.75 -2.76
CA ILE A 5 13.41 3.35 -3.32
C ILE A 5 13.62 4.81 -3.70
N CYS A 6 12.99 5.24 -4.79
CA CYS A 6 12.97 6.65 -5.15
C CYS A 6 11.48 6.91 -5.30
N VAL A 7 10.90 7.69 -4.40
CA VAL A 7 9.45 7.76 -4.25
C VAL A 7 8.90 9.16 -4.16
N LYS A 8 7.59 9.26 -4.29
CA LYS A 8 6.85 10.50 -4.04
C LYS A 8 7.18 10.95 -2.61
N ALA A 9 7.38 12.24 -2.38
CA ALA A 9 7.61 12.76 -1.03
C ALA A 9 6.26 13.03 -0.39
N ALA A 10 6.18 13.05 0.94
CA ALA A 10 5.02 13.63 1.60
C ALA A 10 4.96 15.11 1.19
N VAL A 11 3.81 15.54 0.68
CA VAL A 11 3.70 16.87 0.07
C VAL A 11 3.86 17.93 1.15
N GLY A 12 4.88 18.78 1.00
CA GLY A 12 5.14 19.88 1.94
C GLY A 12 6.07 19.53 3.07
N ALA A 13 6.50 18.28 3.07
CA ALA A 13 7.38 17.73 4.10
C ALA A 13 8.29 16.61 3.53
N PRO A 14 9.36 16.95 2.79
CA PRO A 14 10.24 15.97 2.12
C PRO A 14 11.20 15.18 3.03
N ASN A 15 10.66 14.54 4.06
CA ASN A 15 11.41 13.63 4.92
C ASN A 15 10.72 12.28 5.07
N ILE A 16 9.40 12.30 5.15
CA ILE A 16 8.59 11.08 5.18
C ILE A 16 8.12 10.76 3.75
N LEU A 17 8.09 9.49 3.43
CA LEU A 17 7.58 8.97 2.16
C LEU A 17 6.12 9.34 1.88
N GLY A 18 5.78 9.42 0.60
CA GLY A 18 4.50 9.97 0.19
C GLY A 18 3.29 9.05 0.12
N ASP A 19 2.19 9.70 -0.20
CA ASP A 19 0.84 9.13 -0.20
C ASP A 19 0.47 8.32 -1.46
N CYS A 20 1.45 7.68 -2.07
CA CYS A 20 1.25 6.89 -3.29
C CYS A 20 1.05 5.39 -2.98
N PRO A 21 0.22 4.63 -3.76
CA PRO A 21 0.00 3.24 -3.33
C PRO A 21 1.21 2.31 -3.46
N PHE A 22 1.85 2.36 -4.62
CA PHE A 22 2.92 1.42 -4.91
C PHE A 22 4.17 1.76 -4.12
N CYS A 23 4.26 3.00 -3.66
CA CYS A 23 5.37 3.44 -2.82
C CYS A 23 5.48 2.54 -1.59
N GLN A 24 4.41 2.41 -0.82
CA GLN A 24 4.48 1.56 0.36
C GLN A 24 4.43 0.07 0.07
N ARG A 25 4.03 -0.37 -1.12
CA ARG A 25 4.05 -1.82 -1.42
C ARG A 25 5.46 -2.33 -1.34
N VAL A 26 6.34 -1.67 -2.06
CA VAL A 26 7.71 -2.14 -2.15
C VAL A 26 8.53 -1.77 -0.92
N LEU A 27 8.27 -0.65 -0.27
CA LEU A 27 8.95 -0.35 0.98
C LEU A 27 8.61 -1.41 2.04
N LEU A 28 7.34 -1.76 2.13
CA LEU A 28 6.92 -2.77 3.10
C LEU A 28 7.54 -4.12 2.79
N SER A 29 7.58 -4.49 1.51
CA SER A 29 8.16 -5.79 1.15
C SER A 29 9.62 -5.89 1.53
N LEU A 30 10.37 -4.81 1.42
CA LEU A 30 11.81 -4.87 1.72
C LEU A 30 12.07 -4.83 3.21
N GLU A 31 11.34 -4.01 3.96
CA GLU A 31 11.50 -3.97 5.42
C GLU A 31 10.99 -5.26 6.08
N GLU A 32 9.97 -5.90 5.51
CA GLU A 32 9.48 -7.19 6.00
C GLU A 32 10.54 -8.28 5.76
N LYS A 33 11.27 -8.18 4.66
CA LYS A 33 12.37 -9.11 4.39
C LYS A 33 13.67 -8.74 5.11
N LYS A 34 13.73 -7.52 5.63
CA LYS A 34 14.86 -6.98 6.42
C LYS A 34 16.18 -7.04 5.68
N ILE A 35 16.23 -6.41 4.53
CA ILE A 35 17.42 -6.43 3.68
C ILE A 35 18.29 -5.20 3.92
N PRO A 36 19.58 -5.22 3.51
CA PRO A 36 20.26 -3.92 3.46
C PRO A 36 19.71 -3.06 2.33
N TYR A 37 19.76 -1.74 2.46
CA TYR A 37 19.02 -0.91 1.51
C TYR A 37 19.56 0.47 1.12
N LYS A 38 19.14 0.90 -0.07
CA LYS A 38 19.76 2.02 -0.79
C LYS A 38 19.06 3.38 -0.73
N SER A 39 18.21 3.65 -1.70
CA SER A 39 17.91 5.03 -2.09
C SER A 39 16.85 5.76 -1.26
N HIS A 40 16.60 7.03 -1.57
CA HIS A 40 15.65 7.90 -0.85
C HIS A 40 14.72 8.69 -1.78
N LEU A 41 13.76 9.41 -1.18
CA LEU A 41 12.73 10.23 -1.85
C LEU A 41 13.11 11.13 -3.04
N ILE A 42 12.14 11.36 -3.91
CA ILE A 42 12.24 12.41 -4.92
C ILE A 42 11.53 13.57 -4.26
N ASN A 43 12.22 14.68 -4.02
CA ASN A 43 11.66 15.75 -3.20
C ASN A 43 10.73 16.75 -3.91
N LEU A 44 9.51 16.33 -4.25
CA LEU A 44 8.42 17.23 -4.70
C LEU A 44 8.74 18.21 -5.84
N GLY A 45 9.00 17.70 -7.04
CA GLY A 45 9.27 18.54 -8.19
C GLY A 45 10.73 18.87 -8.36
N ASP A 46 11.56 18.42 -7.43
CA ASP A 46 13.01 18.58 -7.52
C ASP A 46 13.49 17.37 -8.32
N LYS A 47 13.59 17.55 -9.63
CA LYS A 47 13.84 16.45 -10.58
C LYS A 47 15.11 16.67 -11.44
N PRO A 48 16.29 16.30 -10.89
CA PRO A 48 17.51 16.40 -11.70
C PRO A 48 17.52 15.32 -12.78
N GLN A 49 18.48 15.37 -13.69
CA GLN A 49 18.59 14.37 -14.76
C GLN A 49 18.66 12.94 -14.22
N TRP A 50 19.27 12.73 -13.06
CA TRP A 50 19.30 11.41 -12.43
C TRP A 50 17.88 10.86 -12.22
N PHE A 51 17.00 11.61 -11.58
CA PHE A 51 15.64 11.09 -11.41
C PHE A 51 14.84 11.11 -12.69
N LEU A 52 15.10 12.01 -13.62
CA LEU A 52 14.38 11.96 -14.90
C LEU A 52 14.78 10.77 -15.74
N GLU A 53 15.98 10.26 -15.54
CA GLU A 53 16.39 8.99 -16.17
C GLU A 53 15.71 7.83 -15.46
N ILE A 54 15.62 7.88 -14.13
CA ILE A 54 15.05 6.79 -13.34
C ILE A 54 13.51 6.67 -13.40
N SER A 55 12.78 7.74 -13.09
CA SER A 55 11.31 7.71 -12.91
C SER A 55 10.56 8.22 -14.14
N PRO A 56 9.49 7.54 -14.59
CA PRO A 56 8.95 7.95 -15.89
C PRO A 56 8.20 9.27 -15.94
N GLU A 57 7.65 9.71 -14.82
CA GLU A 57 6.96 11.00 -14.74
C GLU A 57 7.84 12.00 -14.01
N GLY A 58 8.98 11.56 -13.48
CA GLY A 58 9.82 12.40 -12.64
C GLY A 58 9.28 12.55 -11.21
N LYS A 59 8.09 11.99 -11.01
CA LYS A 59 7.32 12.06 -9.77
C LYS A 59 6.48 10.81 -9.54
N VAL A 60 7.04 9.65 -9.90
CA VAL A 60 6.39 8.34 -9.71
C VAL A 60 7.36 7.42 -8.96
N PRO A 61 6.88 6.66 -7.96
CA PRO A 61 7.77 5.70 -7.29
C PRO A 61 8.37 4.68 -8.22
N VAL A 62 9.57 4.23 -7.89
CA VAL A 62 10.25 3.17 -8.64
C VAL A 62 10.85 2.22 -7.61
N VAL A 63 11.34 1.06 -8.02
CA VAL A 63 12.35 0.35 -7.24
C VAL A 63 13.67 0.55 -7.93
N LYS A 64 14.75 0.73 -7.16
CA LYS A 64 16.11 0.69 -7.70
C LYS A 64 16.65 -0.67 -7.29
N ILE A 65 16.48 -1.60 -8.22
CA ILE A 65 16.87 -2.99 -8.04
C ILE A 65 18.23 -3.21 -8.66
N ASP A 66 19.27 -3.15 -7.84
CA ASP A 66 20.65 -3.39 -8.27
C ASP A 66 21.05 -2.52 -9.48
N ASP A 67 20.54 -1.29 -9.44
CA ASP A 67 20.73 -0.25 -10.46
C ASP A 67 20.07 -0.51 -11.82
N LYS A 68 18.86 -1.04 -11.73
CA LYS A 68 17.89 -1.15 -12.82
C LYS A 68 16.63 -0.59 -12.21
N TRP A 69 15.69 -0.03 -12.97
CA TRP A 69 14.53 0.63 -12.36
C TRP A 69 13.20 0.37 -13.08
N VAL A 70 12.18 -0.10 -12.36
CA VAL A 70 10.85 -0.35 -12.93
C VAL A 70 9.72 0.27 -12.08
N ALA A 71 8.62 0.66 -12.72
CA ALA A 71 7.55 1.47 -12.10
C ALA A 71 6.11 1.37 -12.67
N ASP A 72 5.35 0.35 -12.27
CA ASP A 72 3.91 0.25 -12.52
C ASP A 72 3.45 -0.59 -11.33
N SER A 73 2.21 -0.48 -10.86
CA SER A 73 1.83 -1.01 -9.55
C SER A 73 2.07 -2.49 -9.26
N ASP A 74 2.04 -3.34 -10.27
CA ASP A 74 2.38 -4.75 -10.12
C ASP A 74 3.82 -5.04 -10.51
N VAL A 75 4.32 -4.34 -11.52
CA VAL A 75 5.66 -4.57 -12.06
C VAL A 75 6.73 -4.21 -11.02
N ILE A 76 6.45 -3.16 -10.28
CA ILE A 76 7.32 -2.67 -9.21
C ILE A 76 7.52 -3.77 -8.15
N VAL A 77 6.51 -4.63 -7.98
CA VAL A 77 6.55 -5.72 -6.98
C VAL A 77 7.15 -6.99 -7.57
N GLY A 78 6.69 -7.41 -8.74
CA GLY A 78 7.03 -8.73 -9.24
C GLY A 78 8.47 -8.87 -9.67
N ILE A 79 9.06 -7.80 -10.19
CA ILE A 79 10.45 -7.85 -10.60
C ILE A 79 11.32 -7.64 -9.35
N LEU A 80 10.81 -6.89 -8.38
CA LEU A 80 11.52 -6.73 -7.10
C LEU A 80 11.66 -8.08 -6.43
N GLU A 81 10.60 -8.88 -6.40
CA GLU A 81 10.70 -10.23 -5.84
C GLU A 81 11.69 -11.07 -6.65
N GLU A 82 11.60 -11.04 -7.98
CA GLU A 82 12.42 -11.93 -8.81
C GLU A 82 13.92 -11.64 -8.65
N LYS A 83 14.28 -10.38 -8.49
CA LYS A 83 15.67 -9.97 -8.39
C LYS A 83 16.16 -9.76 -6.95
N ASN A 84 15.34 -10.11 -5.98
CA ASN A 84 15.78 -10.08 -4.58
C ASN A 84 16.56 -11.38 -4.30
N PRO A 85 17.78 -11.30 -3.72
CA PRO A 85 18.50 -12.54 -3.42
C PRO A 85 17.98 -13.36 -2.21
N GLU A 86 17.18 -12.75 -1.35
CA GLU A 86 16.54 -13.47 -0.25
C GLU A 86 15.31 -14.17 -0.84
N PRO A 87 14.89 -15.34 -0.30
CA PRO A 87 13.80 -16.05 -0.99
C PRO A 87 12.45 -15.31 -1.11
N PRO A 88 12.01 -15.03 -2.34
CA PRO A 88 10.69 -14.37 -2.49
C PRO A 88 9.49 -15.31 -2.47
N LEU A 89 8.31 -14.73 -2.41
CA LEU A 89 7.07 -15.49 -2.52
C LEU A 89 6.04 -14.70 -3.32
N ALA A 90 6.33 -14.59 -4.61
CA ALA A 90 5.54 -13.80 -5.55
C ALA A 90 4.29 -14.55 -6.05
N THR A 91 3.37 -14.84 -5.15
CA THR A 91 2.19 -15.66 -5.45
C THR A 91 0.88 -14.91 -5.22
N PRO A 92 0.21 -14.39 -6.28
CA PRO A 92 -1.19 -13.95 -6.25
C PRO A 92 -2.27 -14.93 -6.81
N PRO A 93 -2.80 -15.86 -5.98
CA PRO A 93 -3.86 -16.85 -6.29
C PRO A 93 -5.26 -16.28 -6.02
N GLU A 94 -6.26 -17.10 -5.74
CA GLU A 94 -7.61 -16.66 -5.33
C GLU A 94 -7.67 -15.55 -4.27
N PHE A 95 -6.73 -15.54 -3.34
CA PHE A 95 -6.72 -14.50 -2.32
C PHE A 95 -6.52 -13.10 -2.90
N ALA A 96 -5.80 -13.04 -4.02
CA ALA A 96 -5.62 -11.80 -4.76
C ALA A 96 -6.81 -11.49 -5.67
N SER A 97 -7.54 -12.50 -6.15
CA SER A 97 -8.71 -12.21 -6.97
C SER A 97 -9.84 -11.64 -6.09
N VAL A 98 -9.93 -12.06 -4.84
CA VAL A 98 -10.80 -11.39 -3.87
C VAL A 98 -10.28 -9.98 -3.58
N GLY A 99 -8.96 -9.86 -3.46
CA GLY A 99 -8.33 -8.55 -3.26
C GLY A 99 -8.58 -7.56 -4.38
N SER A 100 -8.74 -8.05 -5.60
CA SER A 100 -9.06 -7.18 -6.75
C SER A 100 -10.49 -6.66 -6.77
N LYS A 101 -11.35 -7.15 -5.89
CA LYS A 101 -12.66 -6.53 -5.68
C LYS A 101 -12.45 -5.34 -4.76
N ILE A 102 -11.70 -5.59 -3.70
CA ILE A 102 -11.59 -4.70 -2.55
C ILE A 102 -10.71 -3.50 -2.86
N PHE A 103 -9.59 -3.70 -3.54
CA PHE A 103 -8.65 -2.62 -3.79
C PHE A 103 -9.25 -1.41 -4.52
N PRO A 104 -9.91 -1.59 -5.69
CA PRO A 104 -10.47 -0.35 -6.22
C PRO A 104 -11.70 0.15 -5.46
N SER A 105 -12.34 -0.74 -4.70
CA SER A 105 -13.57 -0.41 -3.98
C SER A 105 -13.32 0.58 -2.86
N PHE A 106 -12.41 0.30 -1.93
CA PHE A 106 -12.26 1.21 -0.80
C PHE A 106 -11.58 2.50 -1.20
N VAL A 107 -10.80 2.48 -2.28
CA VAL A 107 -10.17 3.69 -2.77
C VAL A 107 -11.26 4.60 -3.30
N LYS A 108 -12.15 4.03 -4.11
CA LYS A 108 -13.24 4.82 -4.69
C LYS A 108 -14.14 5.34 -3.59
N PHE A 109 -14.48 4.52 -2.62
CA PHE A 109 -15.40 4.96 -1.59
C PHE A 109 -14.87 6.00 -0.62
N LEU A 110 -13.59 5.96 -0.25
CA LEU A 110 -13.04 7.04 0.56
C LEU A 110 -12.98 8.34 -0.23
N LYS A 111 -12.73 8.23 -1.53
CA LYS A 111 -12.67 9.37 -2.45
C LYS A 111 -14.06 9.95 -2.72
N SER A 112 -15.08 9.12 -2.55
CA SER A 112 -16.46 9.45 -2.90
C SER A 112 -17.23 10.14 -1.78
N LYS A 113 -17.84 11.27 -2.11
CA LYS A 113 -18.68 12.02 -1.18
C LYS A 113 -20.08 12.02 -1.78
N ASP A 114 -20.41 10.87 -2.35
CA ASP A 114 -21.72 10.51 -2.93
C ASP A 114 -22.80 10.47 -1.83
N PRO A 115 -24.05 10.06 -2.13
CA PRO A 115 -24.84 9.33 -1.11
C PRO A 115 -24.32 7.90 -0.83
N ASN A 116 -23.01 7.71 -0.75
CA ASN A 116 -22.42 6.39 -0.50
C ASN A 116 -22.64 5.93 0.94
N ASP A 117 -23.54 4.98 1.09
CA ASP A 117 -23.86 4.35 2.38
C ASP A 117 -24.24 2.90 2.10
N GLY A 118 -25.20 2.70 1.22
CA GLY A 118 -25.49 1.37 0.71
C GLY A 118 -24.33 0.81 -0.08
N THR A 119 -23.62 1.66 -0.83
CA THR A 119 -22.42 1.25 -1.54
C THR A 119 -21.21 1.15 -0.61
N GLU A 120 -21.23 1.83 0.52
CA GLU A 120 -20.15 1.67 1.51
C GLU A 120 -20.29 0.27 2.09
N GLN A 121 -21.53 -0.16 2.24
CA GLN A 121 -21.84 -1.52 2.66
C GLN A 121 -21.73 -2.54 1.52
N ALA A 122 -21.46 -2.08 0.30
CA ALA A 122 -21.13 -2.99 -0.79
C ALA A 122 -19.62 -3.31 -0.72
N LEU A 123 -18.83 -2.37 -0.24
CA LEU A 123 -17.45 -2.67 0.16
C LEU A 123 -17.45 -3.60 1.37
N LEU A 124 -18.33 -3.37 2.34
CA LEU A 124 -18.46 -4.28 3.48
C LEU A 124 -18.79 -5.69 3.02
N GLU A 125 -19.59 -5.85 1.97
CA GLU A 125 -19.91 -7.17 1.41
C GLU A 125 -18.70 -7.89 0.83
N GLU A 126 -17.80 -7.13 0.23
CA GLU A 126 -16.57 -7.69 -0.36
C GLU A 126 -15.57 -7.98 0.76
N LEU A 127 -15.57 -7.14 1.80
CA LEU A 127 -14.76 -7.39 2.99
C LEU A 127 -15.31 -8.55 3.81
N LYS A 128 -16.60 -8.84 3.70
CA LYS A 128 -17.20 -9.99 4.39
C LYS A 128 -16.71 -11.28 3.75
N ALA A 129 -16.46 -11.24 2.46
CA ALA A 129 -15.85 -12.39 1.80
C ALA A 129 -14.41 -12.58 2.29
N LEU A 130 -13.67 -11.48 2.39
CA LEU A 130 -12.28 -11.50 2.87
C LEU A 130 -12.20 -11.95 4.33
N ASP A 131 -13.20 -11.57 5.10
CA ASP A 131 -13.34 -11.94 6.51
C ASP A 131 -13.48 -13.45 6.59
N GLY A 132 -14.21 -13.99 5.63
CA GLY A 132 -14.37 -15.43 5.48
C GLY A 132 -13.10 -16.18 5.16
N HIS A 133 -12.21 -15.61 4.36
CA HIS A 133 -11.01 -16.35 3.97
C HIS A 133 -10.09 -16.54 5.16
N LEU A 134 -9.82 -15.50 5.94
CA LEU A 134 -8.94 -15.68 7.10
C LEU A 134 -9.59 -16.55 8.17
N LYS A 135 -10.89 -16.43 8.42
CA LYS A 135 -11.49 -17.23 9.50
C LYS A 135 -11.53 -18.72 9.18
N VAL A 136 -11.43 -19.07 7.90
CA VAL A 136 -11.22 -20.46 7.51
C VAL A 136 -9.72 -20.80 7.60
N HIS A 137 -8.84 -20.03 7.00
CA HIS A 137 -7.42 -20.41 6.87
C HIS A 137 -6.53 -20.20 8.09
N GLY A 138 -6.79 -19.19 8.90
CA GLY A 138 -6.01 -18.91 10.11
C GLY A 138 -5.19 -17.63 10.04
N PRO A 139 -3.99 -17.62 9.43
CA PRO A 139 -3.14 -16.43 9.29
C PRO A 139 -3.60 -15.46 8.18
N PHE A 140 -2.78 -14.44 7.97
CA PHE A 140 -2.84 -13.45 6.88
C PHE A 140 -3.37 -13.86 5.50
N ILE A 141 -3.68 -12.89 4.65
CA ILE A 141 -4.69 -13.06 3.60
C ILE A 141 -4.34 -14.20 2.67
N ALA A 142 -3.06 -14.32 2.29
CA ALA A 142 -2.57 -15.38 1.41
C ALA A 142 -2.61 -16.81 1.97
N GLY A 143 -3.08 -16.97 3.20
CA GLY A 143 -3.44 -18.26 3.78
C GLY A 143 -2.47 -18.85 4.76
N GLU A 144 -1.23 -18.37 4.77
CA GLU A 144 -0.20 -18.87 5.69
C GLU A 144 0.66 -17.74 6.27
N LYS A 145 0.99 -16.74 5.47
CA LYS A 145 1.82 -15.63 5.92
C LYS A 145 1.65 -14.46 4.97
N ILE A 146 2.28 -13.34 5.29
CA ILE A 146 2.32 -12.18 4.41
C ILE A 146 3.15 -12.55 3.16
N THR A 147 2.48 -12.58 2.02
CA THR A 147 3.12 -12.79 0.72
C THR A 147 2.74 -11.60 -0.14
N ALA A 148 3.01 -11.66 -1.44
CA ALA A 148 2.66 -10.61 -2.38
C ALA A 148 1.17 -10.19 -2.35
N VAL A 149 0.27 -11.04 -1.91
CA VAL A 149 -1.14 -10.64 -1.79
C VAL A 149 -1.27 -9.57 -0.72
N ASP A 150 -0.78 -9.87 0.48
CA ASP A 150 -0.94 -8.98 1.62
C ASP A 150 -0.13 -7.72 1.38
N LEU A 151 1.05 -7.90 0.78
CA LEU A 151 1.94 -6.78 0.48
C LEU A 151 1.35 -5.85 -0.58
N SER A 152 0.37 -6.30 -1.35
CA SER A 152 -0.26 -5.42 -2.34
C SER A 152 -1.39 -4.59 -1.74
N LEU A 153 -2.16 -5.23 -0.88
CA LEU A 153 -3.42 -4.65 -0.41
C LEU A 153 -3.26 -3.82 0.87
N ALA A 154 -2.52 -4.37 1.82
CA ALA A 154 -2.29 -3.69 3.11
C ALA A 154 -1.68 -2.28 3.04
N PRO A 155 -0.68 -2.03 2.16
CA PRO A 155 -0.21 -0.64 2.12
C PRO A 155 -1.24 0.42 1.79
N LYS A 156 -2.19 0.13 0.91
CA LYS A 156 -3.20 1.14 0.58
C LYS A 156 -4.33 1.11 1.60
N LEU A 157 -4.52 0.00 2.29
CA LEU A 157 -5.43 -0.02 3.43
C LEU A 157 -4.95 0.83 4.60
N TYR A 158 -3.64 1.00 4.77
CA TYR A 158 -3.18 2.00 5.74
C TYR A 158 -3.66 3.39 5.32
N HIS A 159 -3.63 3.67 4.03
CA HIS A 159 -4.08 4.97 3.53
C HIS A 159 -5.57 5.10 3.71
N LEU A 160 -6.32 4.01 3.59
CA LEU A 160 -7.75 4.02 3.88
C LEU A 160 -8.00 4.42 5.32
N GLU A 161 -7.33 3.72 6.23
CA GLU A 161 -7.62 3.85 7.65
C GLU A 161 -7.22 5.18 8.26
N VAL A 162 -6.31 5.92 7.63
CA VAL A 162 -6.02 7.28 8.10
C VAL A 162 -6.96 8.27 7.41
N ALA A 163 -7.22 8.10 6.12
CA ALA A 163 -7.99 9.09 5.37
C ALA A 163 -9.47 9.02 5.72
N LEU A 164 -10.07 7.85 5.53
CA LEU A 164 -11.49 7.64 5.80
C LEU A 164 -11.73 7.82 7.28
N GLY A 165 -10.77 7.37 8.08
CA GLY A 165 -10.84 7.52 9.53
C GLY A 165 -10.93 8.97 10.00
N HIS A 166 -10.30 9.91 9.30
CA HIS A 166 -10.40 11.32 9.71
C HIS A 166 -11.40 12.16 8.91
N PHE A 167 -11.45 12.03 7.59
CA PHE A 167 -12.30 12.89 6.76
C PHE A 167 -13.77 12.51 6.83
N LYS A 168 -14.06 11.22 6.69
CA LYS A 168 -15.42 10.72 6.51
C LYS A 168 -15.58 9.48 7.39
N ASN A 169 -15.48 9.69 8.70
CA ASN A 169 -15.25 8.62 9.68
C ASN A 169 -16.15 7.39 9.56
N TRP A 170 -15.51 6.26 9.23
CA TRP A 170 -16.16 4.96 9.17
C TRP A 170 -15.15 3.90 9.65
N PRO A 171 -15.17 3.56 10.95
CA PRO A 171 -14.21 2.52 11.37
C PRO A 171 -14.66 1.14 10.89
N ILE A 172 -13.74 0.19 10.80
CA ILE A 172 -14.08 -1.18 10.39
C ILE A 172 -14.96 -1.76 11.51
N PRO A 173 -16.18 -2.24 11.17
CA PRO A 173 -16.98 -2.82 12.26
C PRO A 173 -16.43 -4.15 12.74
N ASP A 174 -16.66 -4.49 14.01
CA ASP A 174 -16.07 -5.70 14.61
C ASP A 174 -16.79 -6.99 14.22
N ASN A 175 -17.84 -6.88 13.43
CA ASN A 175 -18.47 -8.06 12.83
C ASN A 175 -17.56 -8.62 11.73
N LEU A 176 -16.71 -7.75 11.17
CA LEU A 176 -15.66 -8.14 10.25
C LEU A 176 -14.40 -8.36 11.08
N THR A 177 -14.47 -9.34 11.97
CA THR A 177 -13.47 -9.52 13.01
C THR A 177 -12.07 -9.74 12.45
N HIS A 178 -11.94 -10.44 11.33
CA HIS A 178 -10.64 -10.61 10.67
C HIS A 178 -10.15 -9.22 10.31
N VAL A 179 -10.96 -8.51 9.55
CA VAL A 179 -10.48 -7.31 8.89
C VAL A 179 -10.04 -6.32 9.96
N LEU A 180 -10.79 -6.18 11.04
CA LEU A 180 -10.38 -5.30 12.14
C LEU A 180 -9.13 -5.78 12.88
N ASN A 181 -9.07 -7.07 13.19
CA ASN A 181 -7.95 -7.64 13.95
C ASN A 181 -6.63 -7.57 13.19
N TYR A 182 -6.61 -7.91 11.91
CA TYR A 182 -5.33 -7.90 11.20
C TYR A 182 -4.91 -6.48 10.79
N ILE A 183 -5.85 -5.55 10.63
CA ILE A 183 -5.49 -4.14 10.40
C ILE A 183 -4.78 -3.60 11.65
N LYS A 184 -5.17 -4.09 12.82
CA LYS A 184 -4.50 -3.74 14.07
C LYS A 184 -3.04 -4.19 14.05
N LEU A 185 -2.80 -5.36 13.49
CA LEU A 185 -1.43 -5.83 13.29
C LEU A 185 -0.70 -4.95 12.30
N LEU A 186 -1.35 -4.60 11.19
CA LEU A 186 -0.70 -3.75 10.17
C LEU A 186 -0.32 -2.38 10.72
N PHE A 187 -1.08 -1.85 11.67
CA PHE A 187 -0.73 -0.55 12.25
C PHE A 187 0.55 -0.61 13.09
N SER A 188 0.86 -1.80 13.60
CA SER A 188 2.04 -2.01 14.44
C SER A 188 2.65 -3.41 14.25
N ARG A 189 3.19 -3.67 13.07
CA ARG A 189 4.14 -4.78 12.86
C ARG A 189 5.38 -3.95 12.74
N GLU A 190 6.52 -4.47 13.14
CA GLU A 190 7.76 -3.70 13.21
C GLU A 190 8.11 -3.13 11.83
N SER A 191 7.94 -3.96 10.80
CA SER A 191 8.14 -3.51 9.42
C SER A 191 7.16 -2.43 8.98
N PHE A 192 5.89 -2.62 9.27
CA PHE A 192 4.87 -1.72 8.75
C PHE A 192 4.89 -0.38 9.48
N LYS A 193 5.08 -0.42 10.79
CA LYS A 193 5.17 0.78 11.62
C LYS A 193 6.36 1.63 11.17
N LYS A 194 7.43 1.00 10.74
CA LYS A 194 8.57 1.78 10.23
C LYS A 194 8.30 2.39 8.86
N THR A 195 7.63 1.66 7.98
CA THR A 195 7.36 2.11 6.60
C THR A 195 6.07 2.89 6.38
N ARG A 196 5.29 3.14 7.43
CA ARG A 196 4.03 3.88 7.28
C ARG A 196 4.27 5.30 6.77
N ALA A 197 3.34 5.77 5.95
CA ALA A 197 3.31 7.16 5.48
C ALA A 197 2.84 8.04 6.64
N ALA A 198 2.99 9.35 6.56
CA ALA A 198 2.53 10.25 7.60
C ALA A 198 1.00 10.34 7.48
N GLU A 199 0.29 10.36 8.59
CA GLU A 199 -1.18 10.33 8.55
C GLU A 199 -1.66 11.61 7.88
N GLU A 200 -1.15 12.72 8.39
CA GLU A 200 -1.52 14.07 7.97
C GLU A 200 -1.23 14.34 6.50
N HIS A 201 -0.23 13.68 5.95
CA HIS A 201 0.16 13.87 4.55
C HIS A 201 -0.48 12.86 3.60
N VAL A 202 -1.31 11.97 4.14
CA VAL A 202 -2.28 11.25 3.30
C VAL A 202 -3.60 12.01 3.42
N ILE A 203 -4.01 12.41 4.61
CA ILE A 203 -5.31 13.05 4.81
C ILE A 203 -5.38 14.42 4.14
N ALA A 204 -4.42 15.29 4.44
CA ALA A 204 -4.38 16.65 3.90
C ALA A 204 -3.35 16.69 2.78
N GLY A 205 -3.11 15.51 2.21
CA GLY A 205 -2.16 15.36 1.12
C GLY A 205 -2.73 14.68 -0.11
N TRP A 206 -3.61 13.70 0.07
CA TRP A 206 -4.26 13.02 -1.04
C TRP A 206 -5.64 13.59 -1.37
N GLU A 207 -6.43 13.89 -0.34
CA GLU A 207 -7.75 14.47 -0.57
C GLU A 207 -7.87 15.95 -1.03
N PRO A 208 -6.81 16.80 -0.93
CA PRO A 208 -7.17 18.11 -1.51
C PRO A 208 -7.34 18.08 -3.04
N LYS A 209 -6.72 17.13 -3.74
CA LYS A 209 -7.00 16.93 -5.17
C LYS A 209 -8.45 16.52 -5.38
N VAL A 210 -8.96 15.69 -4.48
CA VAL A 210 -10.33 15.18 -4.54
C VAL A 210 -11.31 16.31 -4.23
N ASN A 211 -10.91 17.25 -3.38
CA ASN A 211 -11.75 18.41 -3.06
C ASN A 211 -11.75 19.53 -4.10
N ALA A 212 -10.57 20.03 -4.46
CA ALA A 212 -10.43 21.15 -5.38
C ALA A 212 -9.11 21.12 -6.16
N MET A 1 24.35 -1.58 -7.26
CA MET A 1 24.55 -2.62 -6.22
C MET A 1 23.50 -2.47 -5.14
N ALA A 2 23.13 -3.57 -4.50
CA ALA A 2 22.05 -3.62 -3.50
C ALA A 2 20.77 -3.01 -4.09
N LEU A 3 19.91 -2.46 -3.24
CA LEU A 3 18.68 -1.83 -3.68
C LEU A 3 18.67 -0.36 -3.28
N GLU A 4 17.77 0.39 -3.88
CA GLU A 4 17.34 1.67 -3.32
C GLU A 4 15.83 1.65 -3.50
N ILE A 5 15.15 2.46 -2.71
CA ILE A 5 13.71 2.61 -2.77
C ILE A 5 13.60 4.10 -3.10
N CYS A 6 12.89 4.46 -4.15
CA CYS A 6 12.75 5.87 -4.49
C CYS A 6 11.26 6.12 -4.67
N VAL A 7 10.67 6.85 -3.74
CA VAL A 7 9.21 6.94 -3.62
C VAL A 7 8.75 8.39 -3.57
N LYS A 8 7.51 8.65 -3.95
CA LYS A 8 6.96 10.00 -3.97
C LYS A 8 6.96 10.56 -2.55
N ALA A 9 7.48 11.76 -2.38
CA ALA A 9 7.54 12.38 -1.06
C ALA A 9 6.14 12.83 -0.67
N ALA A 10 6.00 13.18 0.59
CA ALA A 10 4.79 13.81 1.09
C ALA A 10 4.59 15.15 0.39
N VAL A 11 3.34 15.46 0.06
CA VAL A 11 3.00 16.80 -0.40
C VAL A 11 3.20 17.67 0.83
N GLY A 12 3.97 18.74 0.69
CA GLY A 12 4.26 19.64 1.79
C GLY A 12 5.44 19.29 2.68
N ALA A 13 6.09 18.15 2.48
CA ALA A 13 7.25 17.77 3.29
C ALA A 13 8.23 16.82 2.57
N PRO A 14 9.35 17.34 2.03
CA PRO A 14 10.29 16.43 1.36
C PRO A 14 11.08 15.47 2.26
N ASN A 15 10.87 15.51 3.56
CA ASN A 15 11.58 14.65 4.51
C ASN A 15 10.96 13.29 4.76
N ILE A 16 9.72 13.10 4.32
CA ILE A 16 8.93 11.92 4.69
C ILE A 16 8.02 11.46 3.55
N LEU A 17 7.49 10.26 3.71
CA LEU A 17 6.47 9.70 2.83
C LEU A 17 5.07 10.21 3.20
N GLY A 18 4.23 10.43 2.19
CA GLY A 18 2.83 10.81 2.38
C GLY A 18 1.93 9.86 1.61
N ASP A 19 0.65 10.20 1.45
CA ASP A 19 -0.24 9.36 0.64
C ASP A 19 0.27 9.28 -0.79
N CYS A 20 0.42 8.05 -1.25
CA CYS A 20 0.87 7.73 -2.59
C CYS A 20 0.32 6.32 -2.77
N PRO A 21 -0.30 6.00 -3.92
CA PRO A 21 -0.94 4.67 -3.98
C PRO A 21 -0.05 3.46 -3.79
N PHE A 22 1.13 3.43 -4.40
CA PHE A 22 1.96 2.23 -4.40
C PHE A 22 3.32 2.41 -3.76
N CYS A 23 3.60 3.59 -3.22
CA CYS A 23 4.90 3.85 -2.62
C CYS A 23 5.16 2.97 -1.42
N GLN A 24 4.15 2.83 -0.57
CA GLN A 24 4.30 2.01 0.62
C GLN A 24 4.31 0.51 0.27
N ARG A 25 3.97 0.11 -0.95
CA ARG A 25 4.14 -1.30 -1.36
C ARG A 25 5.63 -1.62 -1.46
N VAL A 26 6.40 -0.67 -1.96
CA VAL A 26 7.84 -0.87 -2.13
C VAL A 26 8.48 -0.92 -0.74
N LEU A 27 8.09 0.02 0.11
CA LEU A 27 8.70 0.09 1.43
C LEU A 27 8.36 -1.13 2.29
N LEU A 28 7.12 -1.61 2.23
CA LEU A 28 6.72 -2.80 2.99
C LEU A 28 7.55 -4.02 2.60
N SER A 29 7.68 -4.28 1.32
CA SER A 29 8.30 -5.53 0.90
C SER A 29 9.76 -5.60 1.33
N LEU A 30 10.50 -4.52 1.17
CA LEU A 30 11.92 -4.56 1.51
C LEU A 30 12.21 -4.37 2.98
N GLU A 31 11.35 -3.70 3.74
CA GLU A 31 11.51 -3.72 5.20
C GLU A 31 11.18 -5.11 5.72
N GLU A 32 10.18 -5.79 5.18
CA GLU A 32 9.86 -7.13 5.64
C GLU A 32 11.01 -8.09 5.32
N LYS A 33 11.59 -7.97 4.13
CA LYS A 33 12.73 -8.82 3.76
C LYS A 33 14.04 -8.40 4.42
N LYS A 34 14.05 -7.25 5.10
CA LYS A 34 15.20 -6.74 5.87
C LYS A 34 16.50 -6.67 5.08
N ILE A 35 16.39 -6.27 3.82
CA ILE A 35 17.57 -6.17 2.95
C ILE A 35 18.12 -4.75 3.00
N PRO A 36 19.42 -4.56 2.67
CA PRO A 36 19.86 -3.16 2.68
C PRO A 36 19.35 -2.36 1.48
N TYR A 37 18.91 -1.14 1.75
CA TYR A 37 18.48 -0.22 0.69
C TYR A 37 18.71 1.20 1.18
N LYS A 38 18.75 2.15 0.25
CA LYS A 38 18.75 3.58 0.59
C LYS A 38 17.37 4.13 0.28
N SER A 39 16.80 4.88 1.21
CA SER A 39 15.54 5.56 0.96
C SER A 39 15.81 6.87 0.24
N HIS A 40 15.19 7.05 -0.91
CA HIS A 40 15.18 8.32 -1.62
C HIS A 40 13.73 8.76 -1.73
N LEU A 41 13.53 10.06 -1.66
CA LEU A 41 12.20 10.65 -1.71
C LEU A 41 12.16 11.59 -2.90
N ILE A 42 11.09 11.52 -3.66
CA ILE A 42 10.91 12.33 -4.86
C ILE A 42 10.03 13.50 -4.47
N ASN A 43 10.63 14.68 -4.29
CA ASN A 43 9.89 15.91 -4.02
C ASN A 43 9.22 16.50 -5.27
N LEU A 44 8.32 15.73 -5.84
CA LEU A 44 7.41 16.16 -6.92
C LEU A 44 8.12 16.80 -8.11
N GLY A 45 9.12 16.12 -8.65
CA GLY A 45 9.96 16.70 -9.68
C GLY A 45 11.15 17.36 -9.00
N ASP A 46 11.96 16.52 -8.38
CA ASP A 46 12.97 16.97 -7.42
C ASP A 46 14.31 17.35 -8.06
N LYS A 47 15.10 16.34 -8.41
CA LYS A 47 16.49 16.55 -8.84
C LYS A 47 16.51 16.59 -10.36
N PRO A 48 17.57 17.11 -10.98
CA PRO A 48 17.65 16.99 -12.45
C PRO A 48 17.68 15.55 -12.95
N GLN A 49 17.62 15.42 -14.28
CA GLN A 49 17.80 14.21 -15.10
C GLN A 49 17.96 12.81 -14.48
N TRP A 50 18.93 12.58 -13.59
CA TRP A 50 19.05 11.29 -12.89
C TRP A 50 17.75 10.85 -12.25
N PHE A 51 16.97 11.78 -11.69
CA PHE A 51 15.67 11.41 -11.11
C PHE A 51 14.57 11.12 -12.13
N LEU A 52 14.73 11.61 -13.34
CA LEU A 52 13.77 11.37 -14.42
C LEU A 52 14.13 10.07 -15.13
N GLU A 53 15.39 9.69 -15.06
CA GLU A 53 15.87 8.39 -15.51
C GLU A 53 15.45 7.32 -14.49
N ILE A 54 15.37 7.69 -13.23
CA ILE A 54 14.86 6.82 -12.15
C ILE A 54 13.38 6.48 -12.37
N SER A 55 12.55 7.51 -12.55
CA SER A 55 11.09 7.32 -12.49
C SER A 55 10.44 7.68 -13.83
N PRO A 56 9.59 6.82 -14.40
CA PRO A 56 9.07 7.16 -15.72
C PRO A 56 8.13 8.36 -15.81
N GLU A 57 7.49 8.74 -14.71
CA GLU A 57 6.72 10.00 -14.66
C GLU A 57 7.50 11.09 -13.93
N GLY A 58 8.70 10.78 -13.46
CA GLY A 58 9.44 11.72 -12.62
C GLY A 58 8.81 11.99 -11.27
N LYS A 59 7.94 11.07 -10.85
CA LYS A 59 7.17 11.20 -9.59
C LYS A 59 6.65 9.89 -9.02
N VAL A 60 6.36 8.89 -9.85
CA VAL A 60 5.89 7.60 -9.35
C VAL A 60 6.97 6.85 -8.61
N PRO A 61 6.59 5.99 -7.65
CA PRO A 61 7.63 5.22 -6.96
C PRO A 61 8.25 4.16 -7.84
N VAL A 62 9.49 3.81 -7.51
CA VAL A 62 10.18 2.71 -8.15
C VAL A 62 10.99 1.95 -7.11
N VAL A 63 11.36 0.73 -7.47
CA VAL A 63 12.37 -0.04 -6.77
C VAL A 63 13.59 0.06 -7.68
N LYS A 64 14.77 0.27 -7.13
CA LYS A 64 16.01 0.26 -7.92
C LYS A 64 16.71 -1.03 -7.54
N ILE A 65 16.51 -2.09 -8.31
CA ILE A 65 17.07 -3.40 -7.97
C ILE A 65 18.35 -3.56 -8.78
N ASP A 66 19.48 -3.49 -8.08
CA ASP A 66 20.80 -3.54 -8.69
C ASP A 66 20.92 -2.58 -9.87
N ASP A 67 20.44 -1.37 -9.57
CA ASP A 67 20.44 -0.19 -10.43
C ASP A 67 19.46 -0.16 -11.60
N LYS A 68 18.60 -1.18 -11.71
CA LYS A 68 17.58 -1.23 -12.77
C LYS A 68 16.20 -1.09 -12.13
N TRP A 69 15.31 -0.34 -12.76
CA TRP A 69 14.06 0.05 -12.12
C TRP A 69 12.79 -0.74 -12.43
N VAL A 70 12.01 -0.93 -11.39
CA VAL A 70 10.76 -1.70 -11.37
C VAL A 70 9.72 -0.71 -10.86
N ALA A 71 8.63 -0.45 -11.59
CA ALA A 71 7.75 0.70 -11.34
C ALA A 71 6.22 0.48 -11.30
N ASP A 72 5.68 -0.39 -12.16
CA ASP A 72 4.22 -0.62 -12.17
C ASP A 72 3.78 -1.27 -10.86
N SER A 73 2.55 -1.00 -10.44
CA SER A 73 2.10 -1.39 -9.10
C SER A 73 2.14 -2.89 -8.86
N ASP A 74 1.89 -3.67 -9.89
CA ASP A 74 1.89 -5.13 -9.76
C ASP A 74 3.25 -5.76 -9.99
N VAL A 75 4.22 -5.04 -10.54
CA VAL A 75 5.57 -5.60 -10.67
C VAL A 75 6.35 -5.30 -9.39
N ILE A 76 5.88 -4.31 -8.64
CA ILE A 76 6.31 -4.09 -7.26
C ILE A 76 5.82 -5.28 -6.41
N VAL A 77 4.74 -5.94 -6.82
CA VAL A 77 4.27 -7.14 -6.13
C VAL A 77 5.02 -8.40 -6.62
N GLY A 78 5.24 -8.52 -7.93
CA GLY A 78 5.87 -9.70 -8.49
C GLY A 78 7.35 -9.67 -8.81
N ILE A 79 7.78 -8.83 -9.76
CA ILE A 79 9.19 -8.75 -10.17
C ILE A 79 10.09 -8.38 -9.00
N LEU A 80 9.60 -7.56 -8.09
CA LEU A 80 10.39 -7.17 -6.92
C LEU A 80 10.83 -8.41 -6.14
N GLU A 81 9.92 -9.35 -5.90
CA GLU A 81 10.27 -10.58 -5.18
C GLU A 81 11.18 -11.45 -6.04
N GLU A 82 10.87 -11.53 -7.34
CA GLU A 82 11.64 -12.38 -8.25
C GLU A 82 13.10 -11.95 -8.40
N LYS A 83 13.37 -10.66 -8.38
CA LYS A 83 14.74 -10.14 -8.49
C LYS A 83 15.42 -9.86 -7.15
N ASN A 84 14.68 -9.85 -6.05
CA ASN A 84 15.31 -9.67 -4.75
C ASN A 84 16.12 -10.95 -4.47
N PRO A 85 17.42 -10.84 -4.13
CA PRO A 85 18.18 -12.08 -3.90
C PRO A 85 17.80 -12.97 -2.71
N GLU A 86 16.98 -12.48 -1.78
CA GLU A 86 16.47 -13.34 -0.70
C GLU A 86 15.34 -14.23 -1.29
N PRO A 87 14.95 -15.33 -0.62
CA PRO A 87 13.92 -16.15 -1.28
C PRO A 87 12.62 -15.40 -1.59
N PRO A 88 12.04 -15.63 -2.78
CA PRO A 88 10.82 -14.86 -3.06
C PRO A 88 9.59 -15.40 -2.35
N LEU A 89 8.64 -14.53 -2.05
CA LEU A 89 7.33 -14.93 -1.50
C LEU A 89 6.21 -14.21 -2.25
N ALA A 90 6.06 -14.53 -3.53
CA ALA A 90 5.00 -13.96 -4.34
C ALA A 90 3.96 -15.04 -4.63
N THR A 91 3.03 -15.20 -3.70
CA THR A 91 1.91 -16.14 -3.84
C THR A 91 0.61 -15.33 -3.93
N PRO A 92 0.08 -15.08 -5.15
CA PRO A 92 -1.20 -14.38 -5.32
C PRO A 92 -2.34 -15.24 -5.91
N PRO A 93 -2.98 -16.12 -5.10
CA PRO A 93 -4.02 -17.05 -5.57
C PRO A 93 -5.44 -16.46 -5.47
N GLU A 94 -6.41 -17.20 -4.92
CA GLU A 94 -7.77 -16.72 -4.69
C GLU A 94 -7.81 -15.43 -3.89
N PHE A 95 -6.95 -15.32 -2.89
CA PHE A 95 -6.96 -14.16 -2.01
C PHE A 95 -6.60 -12.88 -2.78
N ALA A 96 -5.86 -13.04 -3.86
CA ALA A 96 -5.47 -11.90 -4.69
C ALA A 96 -6.60 -11.46 -5.62
N SER A 97 -7.48 -12.35 -6.03
CA SER A 97 -8.60 -11.95 -6.88
C SER A 97 -9.71 -11.37 -6.02
N VAL A 98 -9.79 -11.81 -4.77
CA VAL A 98 -10.66 -11.15 -3.79
C VAL A 98 -10.06 -9.77 -3.49
N GLY A 99 -8.76 -9.70 -3.31
CA GLY A 99 -8.08 -8.44 -3.07
C GLY A 99 -8.19 -7.45 -4.22
N SER A 100 -8.27 -7.92 -5.45
CA SER A 100 -8.45 -7.04 -6.60
C SER A 100 -9.87 -6.53 -6.75
N LYS A 101 -10.82 -7.01 -5.96
CA LYS A 101 -12.13 -6.38 -5.85
C LYS A 101 -12.18 -5.41 -4.67
N ILE A 102 -11.50 -5.75 -3.59
CA ILE A 102 -11.43 -4.89 -2.41
C ILE A 102 -10.68 -3.60 -2.73
N PHE A 103 -9.51 -3.71 -3.35
CA PHE A 103 -8.65 -2.55 -3.58
C PHE A 103 -9.35 -1.40 -4.33
N PRO A 104 -9.94 -1.65 -5.53
CA PRO A 104 -10.52 -0.46 -6.14
C PRO A 104 -11.78 0.04 -5.45
N SER A 105 -12.49 -0.83 -4.75
CA SER A 105 -13.71 -0.43 -4.06
C SER A 105 -13.38 0.55 -2.95
N PHE A 106 -12.35 0.26 -2.16
CA PHE A 106 -12.06 1.18 -1.06
C PHE A 106 -11.36 2.47 -1.51
N VAL A 107 -10.58 2.46 -2.58
CA VAL A 107 -10.00 3.72 -3.04
C VAL A 107 -11.06 4.56 -3.74
N LYS A 108 -12.07 3.93 -4.31
CA LYS A 108 -13.24 4.66 -4.82
C LYS A 108 -13.98 5.25 -3.64
N PHE A 109 -14.17 4.49 -2.57
CA PHE A 109 -14.87 5.01 -1.39
C PHE A 109 -14.15 6.23 -0.82
N LEU A 110 -12.82 6.18 -0.81
CA LEU A 110 -12.00 7.31 -0.34
C LEU A 110 -12.16 8.57 -1.19
N LYS A 111 -12.31 8.44 -2.50
CA LYS A 111 -12.38 9.60 -3.40
C LYS A 111 -13.79 10.10 -3.68
N SER A 112 -14.76 9.23 -3.53
CA SER A 112 -16.14 9.58 -3.87
C SER A 112 -16.76 10.60 -2.93
N LYS A 113 -17.57 11.49 -3.50
CA LYS A 113 -18.59 12.26 -2.75
C LYS A 113 -19.91 12.07 -3.45
N ASP A 114 -20.14 10.83 -3.88
CA ASP A 114 -21.41 10.44 -4.50
C ASP A 114 -22.41 10.27 -3.36
N PRO A 115 -23.69 10.04 -3.67
CA PRO A 115 -24.41 9.17 -2.72
C PRO A 115 -23.73 7.80 -2.69
N ASN A 116 -22.96 7.58 -1.65
CA ASN A 116 -21.91 6.55 -1.66
C ASN A 116 -22.15 5.59 -0.50
N ASP A 117 -23.41 5.51 -0.09
CA ASP A 117 -23.80 4.70 1.08
C ASP A 117 -24.10 3.26 0.65
N GLY A 118 -24.42 3.10 -0.62
CA GLY A 118 -24.52 1.77 -1.19
C GLY A 118 -23.11 1.25 -1.40
N THR A 119 -22.19 2.15 -1.70
CA THR A 119 -20.77 1.80 -1.75
C THR A 119 -20.23 1.51 -0.35
N GLU A 120 -20.80 2.07 0.70
CA GLU A 120 -20.39 1.74 2.06
C GLU A 120 -20.74 0.28 2.37
N GLN A 121 -21.86 -0.17 1.83
CA GLN A 121 -22.21 -1.58 1.94
C GLN A 121 -21.38 -2.42 0.97
N ALA A 122 -21.00 -1.90 -0.19
CA ALA A 122 -20.13 -2.63 -1.11
C ALA A 122 -18.74 -2.83 -0.49
N LEU A 123 -18.27 -1.83 0.23
CA LEU A 123 -17.01 -1.91 0.96
C LEU A 123 -17.12 -3.03 1.99
N LEU A 124 -18.21 -3.05 2.73
CA LEU A 124 -18.44 -4.11 3.71
C LEU A 124 -18.51 -5.47 3.03
N GLU A 125 -19.20 -5.57 1.89
CA GLU A 125 -19.32 -6.84 1.19
C GLU A 125 -18.03 -7.39 0.60
N GLU A 126 -17.21 -6.54 0.00
CA GLU A 126 -15.98 -7.05 -0.59
C GLU A 126 -15.04 -7.48 0.53
N LEU A 127 -15.06 -6.76 1.64
CA LEU A 127 -14.29 -7.16 2.81
C LEU A 127 -14.87 -8.42 3.42
N LYS A 128 -16.19 -8.60 3.40
CA LYS A 128 -16.84 -9.79 3.96
C LYS A 128 -16.43 -11.05 3.20
N ALA A 129 -16.11 -10.94 1.92
CA ALA A 129 -15.62 -12.10 1.18
C ALA A 129 -14.29 -12.56 1.81
N LEU A 130 -13.35 -11.64 1.96
CA LEU A 130 -12.04 -11.99 2.53
C LEU A 130 -12.14 -12.31 4.02
N ASP A 131 -13.15 -11.76 4.68
CA ASP A 131 -13.44 -12.08 6.08
C ASP A 131 -13.80 -13.55 6.21
N GLY A 132 -14.55 -14.05 5.26
CA GLY A 132 -14.82 -15.48 5.18
C GLY A 132 -13.54 -16.26 4.92
N HIS A 133 -12.83 -15.91 3.85
CA HIS A 133 -11.64 -16.67 3.47
C HIS A 133 -10.54 -16.70 4.53
N LEU A 134 -10.29 -15.59 5.21
CA LEU A 134 -9.29 -15.57 6.26
C LEU A 134 -9.76 -16.44 7.40
N LYS A 135 -11.01 -16.35 7.82
CA LYS A 135 -11.43 -17.16 8.98
C LYS A 135 -11.54 -18.64 8.64
N VAL A 136 -11.71 -18.99 7.38
CA VAL A 136 -11.53 -20.38 6.95
C VAL A 136 -10.08 -20.84 7.12
N HIS A 137 -9.10 -20.07 6.66
CA HIS A 137 -7.71 -20.52 6.73
C HIS A 137 -7.00 -20.30 8.06
N GLY A 138 -7.25 -19.18 8.73
CA GLY A 138 -6.66 -18.85 10.02
C GLY A 138 -5.72 -17.64 10.05
N PRO A 139 -4.45 -17.71 9.61
CA PRO A 139 -3.42 -16.65 9.63
C PRO A 139 -3.65 -15.30 8.89
N PHE A 140 -2.66 -14.87 8.11
CA PHE A 140 -2.73 -13.64 7.31
C PHE A 140 -3.74 -13.76 6.17
N ILE A 141 -4.02 -12.66 5.47
CA ILE A 141 -4.97 -12.68 4.34
C ILE A 141 -4.50 -13.54 3.18
N ALA A 142 -3.21 -13.85 3.13
CA ALA A 142 -2.66 -14.75 2.13
C ALA A 142 -2.76 -16.23 2.52
N GLY A 143 -3.42 -16.50 3.64
CA GLY A 143 -3.61 -17.85 4.13
C GLY A 143 -2.55 -18.37 5.08
N GLU A 144 -1.32 -17.84 5.04
CA GLU A 144 -0.25 -18.30 5.93
C GLU A 144 0.60 -17.18 6.53
N LYS A 145 1.17 -16.32 5.69
CA LYS A 145 2.16 -15.32 6.15
C LYS A 145 2.18 -14.18 5.15
N ILE A 146 2.95 -13.14 5.40
CA ILE A 146 3.04 -11.99 4.49
C ILE A 146 3.61 -12.49 3.17
N THR A 147 2.86 -12.33 2.09
CA THR A 147 3.28 -12.65 0.73
C THR A 147 2.74 -11.57 -0.19
N ALA A 148 2.80 -11.75 -1.50
CA ALA A 148 2.20 -10.87 -2.51
C ALA A 148 0.81 -10.28 -2.22
N VAL A 149 -0.10 -11.05 -1.63
CA VAL A 149 -1.45 -10.54 -1.37
C VAL A 149 -1.36 -9.39 -0.38
N ASP A 150 -0.55 -9.59 0.66
CA ASP A 150 -0.35 -8.58 1.69
C ASP A 150 0.41 -7.41 1.10
N LEU A 151 1.39 -7.69 0.25
CA LEU A 151 2.19 -6.62 -0.37
C LEU A 151 1.33 -5.69 -1.20
N SER A 152 0.34 -6.24 -1.88
CA SER A 152 -0.53 -5.42 -2.71
C SER A 152 -1.58 -4.65 -1.91
N LEU A 153 -2.21 -5.31 -0.95
CA LEU A 153 -3.41 -4.77 -0.31
C LEU A 153 -3.14 -4.00 0.99
N ALA A 154 -2.33 -4.58 1.87
CA ALA A 154 -2.06 -3.99 3.18
C ALA A 154 -1.52 -2.55 3.20
N PRO A 155 -0.58 -2.19 2.31
CA PRO A 155 -0.11 -0.81 2.51
C PRO A 155 -1.09 0.25 2.05
N LYS A 156 -2.05 -0.09 1.20
CA LYS A 156 -3.08 0.88 0.83
C LYS A 156 -4.26 0.75 1.79
N LEU A 157 -4.45 -0.40 2.43
CA LEU A 157 -5.37 -0.49 3.58
C LEU A 157 -4.85 0.40 4.71
N TYR A 158 -3.54 0.55 4.83
CA TYR A 158 -2.97 1.48 5.80
C TYR A 158 -3.46 2.90 5.49
N HIS A 159 -3.32 3.33 4.25
CA HIS A 159 -3.80 4.65 3.83
C HIS A 159 -5.30 4.79 3.94
N LEU A 160 -6.03 3.71 3.71
CA LEU A 160 -7.48 3.71 3.83
C LEU A 160 -7.83 4.08 5.24
N GLU A 161 -7.34 3.37 6.23
CA GLU A 161 -7.79 3.62 7.60
C GLU A 161 -7.40 5.01 8.09
N VAL A 162 -6.26 5.51 7.67
CA VAL A 162 -5.85 6.86 8.06
C VAL A 162 -6.76 7.91 7.40
N ALA A 163 -6.93 7.84 6.09
CA ALA A 163 -7.69 8.86 5.38
C ALA A 163 -9.19 8.74 5.66
N LEU A 164 -9.71 7.53 5.67
CA LEU A 164 -11.12 7.28 5.95
C LEU A 164 -11.41 7.74 7.36
N GLY A 165 -10.56 7.37 8.30
CA GLY A 165 -10.80 7.70 9.69
C GLY A 165 -10.82 9.18 9.96
N HIS A 166 -9.98 9.94 9.27
CA HIS A 166 -9.99 11.37 9.48
C HIS A 166 -11.11 12.09 8.70
N PHE A 167 -11.25 11.77 7.43
CA PHE A 167 -12.08 12.57 6.52
C PHE A 167 -13.52 12.09 6.39
N LYS A 168 -13.74 10.78 6.44
CA LYS A 168 -15.06 10.18 6.18
C LYS A 168 -15.37 9.07 7.19
N ASN A 169 -15.22 9.35 8.48
CA ASN A 169 -14.98 8.30 9.47
C ASN A 169 -15.97 7.14 9.47
N TRP A 170 -15.43 5.95 9.27
CA TRP A 170 -16.19 4.70 9.28
C TRP A 170 -15.22 3.64 9.81
N PRO A 171 -15.18 3.45 11.14
CA PRO A 171 -14.28 2.37 11.56
C PRO A 171 -14.84 1.02 11.11
N ILE A 172 -13.95 0.06 10.93
CA ILE A 172 -14.35 -1.27 10.48
C ILE A 172 -15.16 -1.92 11.59
N PRO A 173 -16.39 -2.41 11.31
CA PRO A 173 -17.12 -3.06 12.40
C PRO A 173 -16.53 -4.42 12.75
N ASP A 174 -16.75 -4.87 13.98
CA ASP A 174 -16.21 -6.14 14.47
C ASP A 174 -16.81 -7.39 13.81
N ASN A 175 -17.88 -7.20 13.04
CA ASN A 175 -18.43 -8.28 12.22
C ASN A 175 -17.45 -8.64 11.10
N LEU A 176 -16.61 -7.69 10.72
CA LEU A 176 -15.57 -7.91 9.71
C LEU A 176 -14.29 -8.12 10.50
N THR A 177 -14.32 -9.17 11.31
CA THR A 177 -13.28 -9.45 12.28
C THR A 177 -11.91 -9.63 11.65
N HIS A 178 -11.85 -10.14 10.43
CA HIS A 178 -10.57 -10.33 9.78
C HIS A 178 -9.87 -8.99 9.56
N VAL A 179 -10.56 -7.94 9.13
CA VAL A 179 -9.84 -6.71 8.83
C VAL A 179 -9.52 -6.06 10.15
N LEU A 180 -10.41 -6.13 11.11
CA LEU A 180 -10.15 -5.54 12.42
C LEU A 180 -8.91 -6.16 13.07
N ASN A 181 -8.75 -7.47 12.96
CA ASN A 181 -7.55 -8.16 13.43
C ASN A 181 -6.33 -7.80 12.57
N TYR A 182 -6.48 -7.83 11.26
CA TYR A 182 -5.37 -7.55 10.35
C TYR A 182 -4.83 -6.13 10.49
N ILE A 183 -5.70 -5.15 10.67
CA ILE A 183 -5.32 -3.75 10.84
C ILE A 183 -4.57 -3.58 12.15
N LYS A 184 -4.90 -4.37 13.17
CA LYS A 184 -4.10 -4.38 14.41
C LYS A 184 -2.67 -4.83 14.13
N LEU A 185 -2.48 -5.77 13.21
CA LEU A 185 -1.13 -6.21 12.81
C LEU A 185 -0.42 -5.15 11.97
N LEU A 186 -1.15 -4.23 11.35
CA LEU A 186 -0.52 -3.14 10.59
C LEU A 186 -0.02 -2.06 11.55
N PHE A 187 -0.38 -2.18 12.81
CA PHE A 187 0.20 -1.34 13.86
C PHE A 187 1.23 -2.13 14.66
N SER A 188 1.78 -3.17 14.04
CA SER A 188 2.89 -3.95 14.60
C SER A 188 3.98 -3.94 13.55
N ARG A 189 5.19 -4.30 13.96
CA ARG A 189 6.41 -4.48 13.13
C ARG A 189 6.87 -3.42 12.13
N GLU A 190 8.16 -3.35 11.91
CA GLU A 190 8.76 -2.30 11.06
C GLU A 190 8.20 -2.26 9.64
N SER A 191 7.86 -3.40 9.08
CA SER A 191 7.25 -3.47 7.75
C SER A 191 5.95 -2.71 7.56
N PHE A 192 5.28 -2.37 8.66
CA PHE A 192 4.12 -1.48 8.59
C PHE A 192 4.38 -0.19 9.40
N LYS A 193 4.93 -0.34 10.60
CA LYS A 193 5.20 0.79 11.50
C LYS A 193 6.17 1.83 10.95
N LYS A 194 7.26 1.39 10.33
CA LYS A 194 8.29 2.29 9.83
C LYS A 194 7.89 2.79 8.44
N THR A 195 7.18 1.95 7.71
CA THR A 195 6.80 2.25 6.34
C THR A 195 5.62 3.20 6.29
N ARG A 196 4.96 3.39 7.43
CA ARG A 196 3.90 4.36 7.65
C ARG A 196 4.19 5.70 6.98
N ALA A 197 3.31 6.10 6.07
CA ALA A 197 3.28 7.47 5.58
C ALA A 197 2.74 8.36 6.72
N ALA A 198 3.32 9.53 6.92
CA ALA A 198 2.97 10.37 8.06
C ALA A 198 1.51 10.83 7.97
N GLU A 199 0.81 10.83 9.09
CA GLU A 199 -0.64 11.05 9.09
C GLU A 199 -1.05 12.39 8.49
N GLU A 200 -0.35 13.46 8.83
CA GLU A 200 -0.67 14.80 8.33
C GLU A 200 -0.63 14.85 6.81
N HIS A 201 0.24 14.03 6.23
CA HIS A 201 0.49 14.03 4.80
C HIS A 201 -0.19 12.88 4.08
N VAL A 202 -0.91 12.06 4.83
CA VAL A 202 -1.91 11.19 4.23
C VAL A 202 -3.20 11.97 4.18
N ILE A 203 -3.61 12.57 5.29
CA ILE A 203 -4.93 13.21 5.34
C ILE A 203 -4.98 14.47 4.48
N ALA A 204 -4.03 15.39 4.62
CA ALA A 204 -4.03 16.62 3.84
C ALA A 204 -3.32 16.39 2.51
N GLY A 205 -2.81 15.18 2.31
CA GLY A 205 -2.25 14.78 1.03
C GLY A 205 -3.34 14.19 0.15
N TRP A 206 -4.46 13.83 0.77
CA TRP A 206 -5.58 13.21 0.05
C TRP A 206 -6.84 14.07 -0.01
N GLU A 207 -7.34 14.51 1.13
CA GLU A 207 -8.62 15.22 1.14
C GLU A 207 -8.72 16.50 0.30
N PRO A 208 -7.64 17.30 0.10
CA PRO A 208 -7.94 18.43 -0.79
C PRO A 208 -8.26 18.03 -2.22
N LYS A 209 -7.71 16.93 -2.72
CA LYS A 209 -7.96 16.51 -4.10
C LYS A 209 -9.31 15.81 -4.21
N VAL A 210 -9.88 15.40 -3.09
CA VAL A 210 -11.26 14.94 -3.06
C VAL A 210 -12.19 16.15 -3.04
N ASN A 211 -11.84 17.15 -2.24
CA ASN A 211 -12.63 18.38 -2.14
C ASN A 211 -12.64 19.14 -3.48
N ALA A 212 -11.51 19.16 -4.16
CA ALA A 212 -11.36 19.84 -5.44
C ALA A 212 -10.39 19.06 -6.33
N MET A 1 22.39 -6.74 -4.28
CA MET A 1 22.26 -6.63 -2.80
C MET A 1 21.81 -5.23 -2.40
N ALA A 2 22.67 -4.22 -2.54
CA ALA A 2 22.31 -2.86 -2.18
C ALA A 2 21.38 -2.30 -3.26
N LEU A 3 20.56 -1.32 -2.93
CA LEU A 3 19.59 -0.75 -3.86
C LEU A 3 19.17 0.65 -3.44
N GLU A 4 18.40 1.31 -4.29
CA GLU A 4 17.80 2.59 -3.93
C GLU A 4 16.30 2.41 -4.16
N ILE A 5 15.46 3.19 -3.50
CA ILE A 5 14.02 3.14 -3.75
C ILE A 5 13.60 4.58 -3.95
N CYS A 6 13.16 4.93 -5.14
CA CYS A 6 12.73 6.28 -5.43
C CYS A 6 11.22 6.28 -5.20
N VAL A 7 10.67 7.19 -4.40
CA VAL A 7 9.24 7.18 -4.09
C VAL A 7 8.60 8.55 -4.21
N LYS A 8 7.28 8.57 -4.29
CA LYS A 8 6.53 9.83 -4.27
C LYS A 8 6.64 10.33 -2.83
N ALA A 9 7.09 11.56 -2.68
CA ALA A 9 7.24 12.18 -1.38
C ALA A 9 5.90 12.76 -0.91
N ALA A 10 5.87 13.22 0.33
CA ALA A 10 4.68 13.80 0.95
C ALA A 10 4.15 15.10 0.32
N VAL A 11 2.84 15.20 0.28
CA VAL A 11 2.17 16.42 -0.18
C VAL A 11 2.55 17.54 0.80
N GLY A 12 2.90 18.70 0.26
CA GLY A 12 3.24 19.87 1.06
C GLY A 12 4.68 19.99 1.52
N ALA A 13 5.40 18.88 1.56
CA ALA A 13 6.76 18.85 2.13
C ALA A 13 7.58 17.66 1.61
N PRO A 14 8.50 17.87 0.65
CA PRO A 14 9.36 16.73 0.29
C PRO A 14 10.44 16.39 1.32
N ASN A 15 10.15 15.42 2.19
CA ASN A 15 11.12 14.91 3.17
C ASN A 15 10.78 13.51 3.72
N ILE A 16 9.50 13.27 3.96
CA ILE A 16 8.99 11.95 4.33
C ILE A 16 8.30 11.45 3.05
N LEU A 17 8.12 10.14 2.90
CA LEU A 17 7.35 9.55 1.80
C LEU A 17 5.89 10.00 1.89
N GLY A 18 5.18 9.91 0.78
CA GLY A 18 3.79 10.33 0.71
C GLY A 18 2.84 9.19 0.45
N ASP A 19 1.56 9.53 0.37
CA ASP A 19 0.53 8.53 0.03
C ASP A 19 0.58 8.18 -1.46
N CYS A 20 1.32 7.13 -1.77
CA CYS A 20 1.23 6.47 -3.07
C CYS A 20 0.96 5.02 -2.70
N PRO A 21 -0.03 4.37 -3.35
CA PRO A 21 -0.33 3.00 -2.88
C PRO A 21 0.82 2.06 -3.11
N PHE A 22 1.48 2.26 -4.25
CA PHE A 22 2.50 1.33 -4.68
C PHE A 22 3.84 1.61 -4.01
N CYS A 23 4.06 2.83 -3.50
CA CYS A 23 5.34 3.13 -2.88
C CYS A 23 5.48 2.32 -1.60
N GLN A 24 4.35 2.14 -0.93
CA GLN A 24 4.36 1.33 0.28
C GLN A 24 4.48 -0.16 -0.07
N ARG A 25 4.03 -0.62 -1.24
CA ARG A 25 4.24 -2.03 -1.61
C ARG A 25 5.73 -2.38 -1.66
N VAL A 26 6.54 -1.47 -2.18
CA VAL A 26 7.98 -1.72 -2.29
C VAL A 26 8.71 -1.47 -0.97
N LEU A 27 8.41 -0.38 -0.28
CA LEU A 27 9.12 -0.09 0.97
C LEU A 27 8.88 -1.19 1.99
N LEU A 28 7.66 -1.71 2.02
CA LEU A 28 7.28 -2.75 2.95
C LEU A 28 8.02 -4.07 2.82
N SER A 29 8.15 -4.62 1.62
CA SER A 29 8.78 -5.93 1.49
C SER A 29 10.29 -5.79 1.71
N LEU A 30 10.84 -4.65 1.36
CA LEU A 30 12.25 -4.38 1.59
C LEU A 30 12.56 -4.25 3.08
N GLU A 31 11.75 -3.49 3.81
CA GLU A 31 11.94 -3.39 5.25
C GLU A 31 11.70 -4.74 5.93
N GLU A 32 10.78 -5.53 5.39
CA GLU A 32 10.50 -6.86 5.94
C GLU A 32 11.71 -7.78 5.86
N LYS A 33 12.39 -7.73 4.71
CA LYS A 33 13.58 -8.53 4.45
C LYS A 33 14.82 -7.95 5.12
N LYS A 34 14.74 -6.70 5.53
CA LYS A 34 15.79 -5.97 6.25
C LYS A 34 17.09 -5.88 5.48
N ILE A 35 17.01 -5.66 4.17
CA ILE A 35 18.21 -5.58 3.32
C ILE A 35 18.50 -4.10 3.06
N PRO A 36 19.77 -3.73 2.78
CA PRO A 36 20.09 -2.30 2.71
C PRO A 36 19.52 -1.50 1.53
N TYR A 37 18.70 -0.51 1.83
CA TYR A 37 18.19 0.40 0.80
C TYR A 37 18.44 1.87 1.13
N LYS A 38 18.46 2.68 0.07
CA LYS A 38 18.51 4.14 0.15
C LYS A 38 17.19 4.74 -0.34
N SER A 39 16.40 5.32 0.56
CA SER A 39 15.10 5.90 0.16
C SER A 39 15.27 7.33 -0.38
N HIS A 40 14.78 7.60 -1.58
CA HIS A 40 14.88 8.92 -2.22
C HIS A 40 13.52 9.49 -2.57
N LEU A 41 13.37 10.78 -2.34
CA LEU A 41 12.06 11.44 -2.40
C LEU A 41 11.89 12.22 -3.71
N ILE A 42 10.87 11.86 -4.49
CA ILE A 42 10.51 12.61 -5.69
C ILE A 42 9.39 13.58 -5.28
N ASN A 43 9.62 14.87 -5.45
CA ASN A 43 8.64 15.91 -5.09
C ASN A 43 7.52 16.03 -6.10
N LEU A 44 6.60 15.08 -6.03
CA LEU A 44 5.25 15.15 -6.61
C LEU A 44 5.16 15.43 -8.11
N GLY A 45 6.18 15.04 -8.86
CA GLY A 45 6.24 15.28 -10.30
C GLY A 45 7.42 16.11 -10.74
N ASP A 46 8.29 16.48 -9.83
CA ASP A 46 9.53 17.18 -10.17
C ASP A 46 10.55 16.16 -10.70
N LYS A 47 10.83 16.22 -12.00
CA LYS A 47 11.62 15.20 -12.72
C LYS A 47 12.95 15.67 -13.32
N PRO A 48 14.05 15.62 -12.53
CA PRO A 48 15.37 15.84 -13.15
C PRO A 48 15.68 14.71 -14.13
N GLN A 49 16.72 14.85 -14.94
CA GLN A 49 17.01 13.87 -15.99
C GLN A 49 17.13 12.46 -15.42
N TRP A 50 17.74 12.32 -14.25
CA TRP A 50 17.88 11.00 -13.62
C TRP A 50 16.53 10.36 -13.28
N PHE A 51 15.55 11.12 -12.81
CA PHE A 51 14.23 10.54 -12.54
C PHE A 51 13.35 10.45 -13.79
N LEU A 52 13.59 11.22 -14.85
CA LEU A 52 12.90 10.95 -16.11
C LEU A 52 13.38 9.63 -16.74
N GLU A 53 14.68 9.39 -16.67
CA GLU A 53 15.24 8.15 -17.17
C GLU A 53 14.86 6.93 -16.31
N ILE A 54 14.77 7.10 -15.00
CA ILE A 54 14.61 5.97 -14.08
C ILE A 54 13.27 6.04 -13.30
N SER A 55 12.27 6.76 -13.83
CA SER A 55 10.88 6.63 -13.39
C SER A 55 9.96 6.87 -14.59
N PRO A 56 9.11 5.89 -14.99
CA PRO A 56 8.32 6.04 -16.24
C PRO A 56 7.29 7.15 -16.32
N GLU A 57 6.96 7.77 -15.20
CA GLU A 57 6.05 8.93 -15.19
C GLU A 57 6.74 10.14 -14.58
N GLY A 58 8.05 10.00 -14.33
CA GLY A 58 8.85 11.00 -13.63
C GLY A 58 8.67 10.95 -12.12
N LYS A 59 7.45 10.64 -11.72
CA LYS A 59 7.05 10.38 -10.35
C LYS A 59 6.21 9.11 -10.41
N VAL A 60 6.83 8.00 -10.09
CA VAL A 60 6.16 6.72 -9.90
C VAL A 60 7.17 6.07 -8.98
N PRO A 61 6.74 5.23 -8.03
CA PRO A 61 7.76 4.59 -7.19
C PRO A 61 8.53 3.53 -7.95
N VAL A 62 9.82 3.45 -7.68
CA VAL A 62 10.73 2.57 -8.42
C VAL A 62 11.65 1.85 -7.45
N VAL A 63 11.77 0.54 -7.62
CA VAL A 63 12.87 -0.19 -7.01
C VAL A 63 14.03 -0.06 -7.97
N LYS A 64 15.19 0.34 -7.46
CA LYS A 64 16.39 0.49 -8.26
C LYS A 64 17.48 -0.42 -7.69
N ILE A 65 17.31 -1.70 -7.90
CA ILE A 65 18.22 -2.72 -7.39
C ILE A 65 19.33 -2.88 -8.42
N ASP A 66 20.59 -2.76 -8.01
CA ASP A 66 21.77 -3.01 -8.85
C ASP A 66 21.77 -2.17 -10.12
N ASP A 67 21.26 -0.94 -10.01
CA ASP A 67 21.16 0.01 -11.14
C ASP A 67 20.28 -0.46 -12.31
N LYS A 68 19.33 -1.34 -12.03
CA LYS A 68 18.29 -1.78 -12.98
C LYS A 68 16.97 -1.30 -12.39
N TRP A 69 15.94 -1.00 -13.16
CA TRP A 69 14.73 -0.39 -12.59
C TRP A 69 13.40 -1.09 -12.86
N VAL A 70 12.60 -1.19 -11.80
CA VAL A 70 11.33 -1.93 -11.82
C VAL A 70 10.28 -1.01 -11.20
N ALA A 71 9.21 -0.73 -11.94
CA ALA A 71 8.30 0.36 -11.59
C ALA A 71 6.79 0.22 -11.89
N ASP A 72 6.28 -0.94 -12.28
CA ASP A 72 4.83 -1.14 -12.34
C ASP A 72 4.35 -1.88 -11.09
N SER A 73 3.13 -1.60 -10.64
CA SER A 73 2.63 -2.13 -9.36
C SER A 73 2.57 -3.64 -9.20
N ASP A 74 2.31 -4.39 -10.25
CA ASP A 74 2.27 -5.85 -10.17
C ASP A 74 3.67 -6.46 -10.28
N VAL A 75 4.61 -5.62 -10.69
CA VAL A 75 5.93 -6.08 -11.11
C VAL A 75 6.92 -5.82 -9.98
N ILE A 76 6.69 -4.76 -9.22
CA ILE A 76 7.29 -4.62 -7.90
C ILE A 76 6.73 -5.68 -6.92
N VAL A 77 5.62 -6.33 -7.25
CA VAL A 77 5.18 -7.47 -6.45
C VAL A 77 5.91 -8.75 -6.90
N GLY A 78 6.01 -9.01 -8.21
CA GLY A 78 6.61 -10.26 -8.67
C GLY A 78 8.07 -10.30 -9.10
N ILE A 79 8.54 -9.37 -9.90
CA ILE A 79 9.91 -9.39 -10.42
C ILE A 79 10.89 -8.84 -9.37
N LEU A 80 10.42 -7.97 -8.48
CA LEU A 80 11.27 -7.50 -7.36
C LEU A 80 11.75 -8.74 -6.60
N GLU A 81 10.81 -9.62 -6.29
CA GLU A 81 11.11 -10.83 -5.52
C GLU A 81 12.06 -11.73 -6.32
N GLU A 82 11.85 -11.82 -7.62
CA GLU A 82 12.66 -12.68 -8.48
C GLU A 82 14.13 -12.25 -8.49
N LYS A 83 14.36 -10.94 -8.41
CA LYS A 83 15.72 -10.39 -8.46
C LYS A 83 16.31 -10.10 -7.08
N ASN A 84 15.52 -10.37 -6.05
CA ASN A 84 15.93 -10.22 -4.65
C ASN A 84 16.71 -11.49 -4.28
N PRO A 85 17.89 -11.38 -3.65
CA PRO A 85 18.56 -12.65 -3.32
C PRO A 85 17.95 -13.41 -2.14
N GLU A 86 17.05 -12.80 -1.38
CA GLU A 86 16.34 -13.50 -0.30
C GLU A 86 15.32 -14.43 -0.97
N PRO A 87 14.84 -15.49 -0.28
CA PRO A 87 13.91 -16.36 -1.01
C PRO A 87 12.61 -15.69 -1.48
N PRO A 88 12.28 -15.75 -2.79
CA PRO A 88 11.06 -15.10 -3.30
C PRO A 88 9.79 -15.87 -2.93
N LEU A 89 8.71 -15.16 -2.66
CA LEU A 89 7.43 -15.77 -2.32
C LEU A 89 6.30 -15.00 -3.01
N ALA A 90 6.50 -14.69 -4.29
CA ALA A 90 5.51 -13.98 -5.08
C ALA A 90 4.39 -14.97 -5.43
N THR A 91 3.39 -15.03 -4.57
CA THR A 91 2.28 -15.97 -4.66
C THR A 91 0.93 -15.23 -4.65
N PRO A 92 0.38 -14.84 -5.82
CA PRO A 92 -0.94 -14.17 -5.98
C PRO A 92 -2.17 -15.02 -6.43
N PRO A 93 -2.62 -16.02 -5.64
CA PRO A 93 -3.72 -16.88 -6.12
C PRO A 93 -5.13 -16.34 -5.83
N GLU A 94 -6.05 -17.10 -5.23
CA GLU A 94 -7.45 -16.66 -5.04
C GLU A 94 -7.57 -15.37 -4.26
N PHE A 95 -6.74 -15.19 -3.24
CA PHE A 95 -6.83 -13.97 -2.43
C PHE A 95 -6.48 -12.74 -3.25
N ALA A 96 -5.70 -12.90 -4.32
CA ALA A 96 -5.40 -11.76 -5.18
C ALA A 96 -6.62 -11.35 -6.01
N SER A 97 -7.47 -12.30 -6.39
CA SER A 97 -8.60 -11.95 -7.25
C SER A 97 -9.64 -11.24 -6.41
N VAL A 98 -9.77 -11.63 -5.14
CA VAL A 98 -10.67 -10.94 -4.22
C VAL A 98 -10.10 -9.55 -3.95
N GLY A 99 -8.80 -9.48 -3.70
CA GLY A 99 -8.15 -8.19 -3.47
C GLY A 99 -8.28 -7.22 -4.63
N SER A 100 -8.26 -7.72 -5.86
CA SER A 100 -8.39 -6.86 -7.05
C SER A 100 -9.72 -6.11 -7.17
N LYS A 101 -10.73 -6.56 -6.42
CA LYS A 101 -12.05 -5.93 -6.41
C LYS A 101 -12.24 -5.01 -5.22
N ILE A 102 -11.53 -5.29 -4.14
CA ILE A 102 -11.60 -4.47 -2.93
C ILE A 102 -10.74 -3.23 -3.11
N PHE A 103 -9.54 -3.42 -3.64
CA PHE A 103 -8.52 -2.37 -3.71
C PHE A 103 -8.96 -1.06 -4.37
N PRO A 104 -9.60 -1.08 -5.56
CA PRO A 104 -9.98 0.27 -6.01
C PRO A 104 -11.17 0.85 -5.23
N SER A 105 -12.05 0.00 -4.74
CA SER A 105 -13.29 0.43 -4.12
C SER A 105 -13.08 1.19 -2.82
N PHE A 106 -12.22 0.72 -1.92
CA PHE A 106 -12.06 1.42 -0.64
C PHE A 106 -11.37 2.76 -0.79
N VAL A 107 -10.64 2.93 -1.87
CA VAL A 107 -9.97 4.19 -2.13
C VAL A 107 -10.96 5.12 -2.81
N LYS A 108 -11.73 4.58 -3.76
CA LYS A 108 -12.74 5.36 -4.47
C LYS A 108 -13.74 5.93 -3.50
N PHE A 109 -14.25 5.13 -2.58
CA PHE A 109 -15.31 5.62 -1.69
C PHE A 109 -14.81 6.54 -0.58
N LEU A 110 -13.55 6.45 -0.17
CA LEU A 110 -13.03 7.40 0.82
C LEU A 110 -12.81 8.78 0.19
N LYS A 111 -12.56 8.80 -1.11
CA LYS A 111 -12.42 10.04 -1.89
C LYS A 111 -13.78 10.58 -2.34
N SER A 112 -14.85 9.85 -2.06
CA SER A 112 -16.15 10.12 -2.67
C SER A 112 -17.28 10.42 -1.69
N LYS A 113 -17.89 11.60 -1.86
CA LYS A 113 -19.06 12.01 -1.10
C LYS A 113 -20.28 11.90 -2.03
N ASP A 114 -20.30 10.82 -2.79
CA ASP A 114 -21.47 10.39 -3.58
C ASP A 114 -22.59 9.96 -2.62
N PRO A 115 -23.74 9.47 -3.11
CA PRO A 115 -24.54 8.60 -2.24
C PRO A 115 -23.91 7.23 -1.87
N ASN A 116 -22.76 7.23 -1.21
CA ASN A 116 -22.17 6.00 -0.67
C ASN A 116 -22.78 5.77 0.70
N ASP A 117 -23.99 5.22 0.70
CA ASP A 117 -24.64 4.73 1.91
C ASP A 117 -24.83 3.26 1.59
N GLY A 118 -25.64 2.97 0.58
CA GLY A 118 -25.74 1.60 0.08
C GLY A 118 -24.44 1.09 -0.52
N THR A 119 -23.77 1.89 -1.32
CA THR A 119 -22.46 1.51 -1.86
C THR A 119 -21.31 1.65 -0.88
N GLU A 120 -21.50 2.26 0.29
CA GLU A 120 -20.45 2.18 1.29
C GLU A 120 -20.54 0.79 1.92
N GLN A 121 -21.76 0.27 1.99
CA GLN A 121 -21.94 -1.10 2.43
C GLN A 121 -21.64 -2.08 1.30
N ALA A 122 -21.47 -1.61 0.08
CA ALA A 122 -20.88 -2.46 -0.95
C ALA A 122 -19.42 -2.72 -0.56
N LEU A 123 -18.75 -1.77 0.08
CA LEU A 123 -17.38 -2.05 0.55
C LEU A 123 -17.41 -3.11 1.63
N LEU A 124 -18.37 -3.01 2.55
CA LEU A 124 -18.57 -4.03 3.59
C LEU A 124 -18.77 -5.39 2.92
N GLU A 125 -19.58 -5.46 1.89
CA GLU A 125 -19.82 -6.72 1.16
C GLU A 125 -18.60 -7.26 0.41
N GLU A 126 -17.68 -6.41 -0.03
CA GLU A 126 -16.46 -6.91 -0.66
C GLU A 126 -15.45 -7.33 0.39
N LEU A 127 -15.42 -6.63 1.52
CA LEU A 127 -14.55 -6.98 2.64
C LEU A 127 -15.07 -8.23 3.34
N LYS A 128 -16.36 -8.51 3.21
CA LYS A 128 -16.96 -9.71 3.78
C LYS A 128 -16.46 -10.94 3.06
N ALA A 129 -16.12 -10.80 1.78
CA ALA A 129 -15.52 -11.90 1.03
C ALA A 129 -14.14 -12.18 1.61
N LEU A 130 -13.36 -11.13 1.90
CA LEU A 130 -12.04 -11.29 2.49
C LEU A 130 -12.11 -11.83 3.92
N ASP A 131 -13.08 -11.36 4.69
CA ASP A 131 -13.34 -11.84 6.07
C ASP A 131 -13.64 -13.33 6.05
N GLY A 132 -14.43 -13.78 5.07
CA GLY A 132 -14.72 -15.20 4.96
C GLY A 132 -13.53 -16.02 4.49
N HIS A 133 -12.79 -15.49 3.52
CA HIS A 133 -11.61 -16.18 2.97
C HIS A 133 -10.54 -16.37 4.04
N LEU A 134 -10.46 -15.42 4.96
CA LEU A 134 -9.49 -15.51 6.03
C LEU A 134 -9.80 -16.63 7.02
N LYS A 135 -11.01 -16.59 7.57
CA LYS A 135 -11.27 -17.30 8.83
C LYS A 135 -11.42 -18.80 8.62
N VAL A 136 -11.51 -19.21 7.37
CA VAL A 136 -11.47 -20.64 7.04
C VAL A 136 -10.04 -21.18 7.02
N HIS A 137 -9.04 -20.31 7.12
CA HIS A 137 -7.62 -20.72 7.19
C HIS A 137 -6.91 -20.30 8.48
N GLY A 138 -7.16 -19.10 8.97
CA GLY A 138 -6.59 -18.62 10.23
C GLY A 138 -5.58 -17.47 10.19
N PRO A 139 -4.36 -17.62 9.63
CA PRO A 139 -3.33 -16.56 9.53
C PRO A 139 -3.65 -15.42 8.57
N PHE A 140 -2.67 -14.57 8.30
CA PHE A 140 -2.79 -13.44 7.35
C PHE A 140 -3.17 -13.92 5.96
N ILE A 141 -3.60 -13.02 5.07
CA ILE A 141 -4.63 -13.37 4.06
C ILE A 141 -4.15 -14.40 3.05
N ALA A 142 -2.84 -14.54 2.91
CA ALA A 142 -2.25 -15.59 2.09
C ALA A 142 -2.50 -17.02 2.59
N GLY A 143 -2.98 -17.17 3.81
CA GLY A 143 -3.27 -18.46 4.39
C GLY A 143 -2.16 -18.92 5.31
N GLU A 144 -1.03 -18.25 5.29
CA GLU A 144 0.09 -18.57 6.19
C GLU A 144 0.79 -17.41 6.90
N LYS A 145 1.10 -16.35 6.17
CA LYS A 145 1.87 -15.21 6.69
C LYS A 145 1.66 -14.09 5.71
N ILE A 146 2.26 -12.93 5.95
CA ILE A 146 2.24 -11.84 4.99
C ILE A 146 3.01 -12.32 3.75
N THR A 147 2.33 -12.32 2.61
CA THR A 147 2.88 -12.81 1.33
C THR A 147 2.41 -11.80 0.29
N ALA A 148 2.74 -11.95 -0.98
CA ALA A 148 2.34 -11.03 -2.06
C ALA A 148 0.91 -10.43 -2.04
N VAL A 149 -0.09 -11.21 -1.67
CA VAL A 149 -1.46 -10.70 -1.60
C VAL A 149 -1.64 -9.68 -0.48
N ASP A 150 -1.01 -9.91 0.66
CA ASP A 150 -1.04 -8.96 1.77
C ASP A 150 -0.21 -7.76 1.38
N LEU A 151 0.92 -8.02 0.71
CA LEU A 151 1.88 -6.99 0.31
C LEU A 151 1.34 -6.05 -0.78
N SER A 152 0.16 -6.36 -1.32
CA SER A 152 -0.51 -5.46 -2.25
C SER A 152 -1.69 -4.73 -1.59
N LEU A 153 -2.54 -5.43 -0.85
CA LEU A 153 -3.66 -4.76 -0.18
C LEU A 153 -3.30 -3.98 1.07
N ALA A 154 -2.57 -4.61 1.98
CA ALA A 154 -2.27 -4.02 3.29
C ALA A 154 -1.53 -2.67 3.24
N PRO A 155 -0.54 -2.47 2.34
CA PRO A 155 0.03 -1.12 2.39
C PRO A 155 -0.88 0.05 1.98
N LYS A 156 -1.97 -0.19 1.25
CA LYS A 156 -2.92 0.90 1.00
C LYS A 156 -4.04 0.86 2.04
N LEU A 157 -4.30 -0.31 2.64
CA LEU A 157 -5.20 -0.36 3.80
C LEU A 157 -4.64 0.39 5.00
N TYR A 158 -3.31 0.52 5.12
CA TYR A 158 -2.71 1.45 6.09
C TYR A 158 -3.33 2.84 5.95
N HIS A 159 -3.41 3.33 4.72
CA HIS A 159 -3.91 4.68 4.46
C HIS A 159 -5.43 4.81 4.62
N LEU A 160 -6.15 3.70 4.54
CA LEU A 160 -7.61 3.71 4.64
C LEU A 160 -8.07 4.19 6.01
N GLU A 161 -7.52 3.65 7.08
CA GLU A 161 -8.05 4.02 8.40
C GLU A 161 -7.66 5.44 8.79
N VAL A 162 -6.61 5.93 8.14
CA VAL A 162 -6.04 7.24 8.44
C VAL A 162 -6.93 8.27 7.77
N ALA A 163 -7.10 8.17 6.45
CA ALA A 163 -7.89 9.15 5.74
C ALA A 163 -9.37 9.04 6.11
N LEU A 164 -9.93 7.84 5.99
CA LEU A 164 -11.37 7.67 6.16
C LEU A 164 -11.78 7.99 7.59
N GLY A 165 -11.00 7.53 8.55
CA GLY A 165 -11.32 7.73 9.95
C GLY A 165 -11.36 9.19 10.39
N HIS A 166 -10.54 10.04 9.78
CA HIS A 166 -10.55 11.47 10.10
C HIS A 166 -11.50 12.28 9.22
N PHE A 167 -11.58 11.97 7.95
CA PHE A 167 -12.40 12.76 7.02
C PHE A 167 -13.90 12.40 7.05
N LYS A 168 -14.20 11.11 7.02
CA LYS A 168 -15.53 10.55 6.74
C LYS A 168 -15.69 9.29 7.59
N ASN A 169 -15.82 9.45 8.90
CA ASN A 169 -15.68 8.34 9.85
C ASN A 169 -16.57 7.13 9.55
N TRP A 170 -15.93 6.01 9.29
CA TRP A 170 -16.59 4.72 9.13
C TRP A 170 -15.65 3.66 9.74
N PRO A 171 -15.77 3.39 11.04
CA PRO A 171 -14.87 2.38 11.64
C PRO A 171 -15.23 0.94 11.25
N ILE A 172 -14.30 0.01 11.42
CA ILE A 172 -14.52 -1.38 11.03
C ILE A 172 -15.54 -2.02 11.99
N PRO A 173 -16.62 -2.63 11.46
CA PRO A 173 -17.52 -3.31 12.40
C PRO A 173 -16.93 -4.63 12.92
N ASP A 174 -17.35 -5.06 14.10
CA ASP A 174 -16.85 -6.31 14.69
C ASP A 174 -17.48 -7.52 14.01
N ASN A 175 -18.38 -7.27 13.07
CA ASN A 175 -18.82 -8.30 12.15
C ASN A 175 -17.71 -8.70 11.17
N LEU A 176 -16.73 -7.84 10.97
CA LEU A 176 -15.54 -8.14 10.15
C LEU A 176 -14.36 -8.35 11.10
N THR A 177 -14.44 -9.41 11.90
CA THR A 177 -13.39 -9.70 12.90
C THR A 177 -12.02 -9.84 12.23
N HIS A 178 -11.97 -10.39 11.02
CA HIS A 178 -10.70 -10.44 10.29
C HIS A 178 -10.16 -9.03 10.10
N VAL A 179 -10.94 -8.13 9.54
CA VAL A 179 -10.41 -6.85 9.08
C VAL A 179 -9.99 -6.01 10.30
N LEU A 180 -10.75 -6.15 11.37
CA LEU A 180 -10.43 -5.53 12.64
C LEU A 180 -9.09 -6.03 13.19
N ASN A 181 -8.93 -7.35 13.28
CA ASN A 181 -7.68 -7.95 13.79
C ASN A 181 -6.51 -7.63 12.87
N TYR A 182 -6.74 -7.70 11.56
CA TYR A 182 -5.72 -7.47 10.56
C TYR A 182 -5.19 -6.06 10.72
N ILE A 183 -6.07 -5.07 10.75
CA ILE A 183 -5.61 -3.69 10.88
C ILE A 183 -4.90 -3.45 12.22
N LYS A 184 -5.37 -4.07 13.29
CA LYS A 184 -4.73 -3.98 14.60
C LYS A 184 -3.31 -4.55 14.60
N LEU A 185 -3.14 -5.69 13.94
CA LEU A 185 -1.83 -6.33 13.87
C LEU A 185 -0.86 -5.58 12.97
N LEU A 186 -1.35 -5.07 11.85
CA LEU A 186 -0.51 -4.35 10.88
C LEU A 186 -0.07 -2.98 11.43
N PHE A 187 -0.78 -2.47 12.43
CA PHE A 187 -0.35 -1.25 13.11
C PHE A 187 0.99 -1.42 13.84
N SER A 188 1.31 -2.64 14.29
CA SER A 188 2.56 -2.89 14.99
C SER A 188 3.25 -4.18 14.54
N ARG A 189 3.76 -4.16 13.31
CA ARG A 189 4.75 -5.14 12.85
C ARG A 189 5.86 -4.23 12.36
N GLU A 190 7.13 -4.51 12.60
CA GLU A 190 8.20 -3.53 12.33
C GLU A 190 8.26 -3.10 10.86
N SER A 191 8.03 -4.05 9.97
CA SER A 191 8.04 -3.84 8.53
C SER A 191 7.01 -2.81 8.06
N PHE A 192 5.86 -2.82 8.71
CA PHE A 192 4.78 -1.89 8.40
C PHE A 192 4.99 -0.60 9.16
N LYS A 193 5.52 -0.68 10.37
CA LYS A 193 5.62 0.46 11.26
C LYS A 193 6.66 1.49 10.83
N LYS A 194 7.83 1.05 10.37
CA LYS A 194 8.85 2.01 9.91
C LYS A 194 8.44 2.68 8.60
N THR A 195 7.77 1.92 7.74
CA THR A 195 7.35 2.43 6.44
C THR A 195 6.14 3.34 6.53
N ARG A 196 5.40 3.25 7.64
CA ARG A 196 4.21 4.06 7.88
C ARG A 196 4.49 5.55 7.69
N ALA A 197 3.74 6.19 6.80
CA ALA A 197 3.91 7.60 6.48
C ALA A 197 3.38 8.48 7.63
N ALA A 198 3.58 9.78 7.56
CA ALA A 198 3.05 10.69 8.57
C ALA A 198 1.57 10.86 8.27
N GLU A 199 0.70 10.62 9.25
CA GLU A 199 -0.75 10.69 9.01
C GLU A 199 -1.20 12.08 8.55
N GLU A 200 -0.48 13.10 8.99
CA GLU A 200 -0.79 14.48 8.65
C GLU A 200 -0.70 14.70 7.13
N HIS A 201 0.25 14.03 6.48
CA HIS A 201 0.47 14.20 5.04
C HIS A 201 -0.43 13.30 4.20
N VAL A 202 -1.17 12.41 4.86
CA VAL A 202 -2.15 11.58 4.18
C VAL A 202 -3.49 12.31 4.26
N ILE A 203 -3.93 12.66 5.46
CA ILE A 203 -5.28 13.21 5.66
C ILE A 203 -5.39 14.61 5.03
N ALA A 204 -4.58 15.54 5.52
CA ALA A 204 -4.65 16.93 5.06
C ALA A 204 -3.97 17.09 3.69
N GLY A 205 -3.40 15.99 3.22
CA GLY A 205 -2.77 15.90 1.92
C GLY A 205 -3.68 15.49 0.78
N TRP A 206 -4.87 14.98 1.06
CA TRP A 206 -5.91 14.83 0.01
C TRP A 206 -6.92 15.97 0.07
N GLU A 207 -7.00 16.62 1.21
CA GLU A 207 -7.87 17.76 1.39
C GLU A 207 -7.52 19.12 0.75
N PRO A 208 -6.32 19.35 0.16
CA PRO A 208 -6.30 20.69 -0.46
C PRO A 208 -7.17 20.78 -1.71
N LYS A 209 -7.54 19.63 -2.28
CA LYS A 209 -8.46 19.57 -3.41
C LYS A 209 -9.92 19.58 -2.96
N VAL A 210 -10.13 19.66 -1.65
CA VAL A 210 -11.47 19.70 -1.05
C VAL A 210 -11.74 21.03 -0.32
N ASN A 211 -10.76 21.50 0.45
CA ASN A 211 -10.85 22.78 1.14
C ASN A 211 -10.76 23.94 0.14
N ALA A 212 -10.12 23.69 -1.00
CA ALA A 212 -9.93 24.71 -2.02
C ALA A 212 -10.02 24.06 -3.40
N MET A 1 23.96 -7.93 -4.26
CA MET A 1 22.55 -8.17 -3.86
C MET A 1 22.10 -7.13 -2.84
N ALA A 2 21.96 -5.89 -3.26
CA ALA A 2 21.61 -4.78 -2.38
C ALA A 2 20.87 -3.81 -3.30
N LEU A 3 20.08 -2.91 -2.75
CA LEU A 3 19.22 -2.09 -3.58
C LEU A 3 19.02 -0.70 -2.99
N GLU A 4 18.38 0.20 -3.72
CA GLU A 4 18.00 1.52 -3.22
C GLU A 4 16.57 1.72 -3.67
N ILE A 5 15.84 2.61 -3.03
CA ILE A 5 14.42 2.82 -3.30
C ILE A 5 14.28 4.32 -3.50
N CYS A 6 13.43 4.77 -4.41
CA CYS A 6 13.03 6.18 -4.43
C CYS A 6 11.53 6.17 -4.22
N VAL A 7 11.05 7.02 -3.34
CA VAL A 7 9.67 6.97 -2.83
C VAL A 7 9.02 8.32 -3.06
N LYS A 8 7.70 8.40 -3.12
CA LYS A 8 7.03 9.69 -3.35
C LYS A 8 7.00 10.46 -2.05
N ALA A 9 7.45 11.71 -2.06
CA ALA A 9 7.41 12.57 -0.89
C ALA A 9 5.99 12.85 -0.39
N ALA A 10 5.88 13.22 0.87
CA ALA A 10 4.63 13.71 1.43
C ALA A 10 4.25 15.02 0.74
N VAL A 11 2.96 15.16 0.47
CA VAL A 11 2.42 16.34 -0.18
C VAL A 11 2.66 17.51 0.77
N GLY A 12 3.28 18.57 0.26
CA GLY A 12 3.62 19.71 1.07
C GLY A 12 4.80 19.57 2.02
N ALA A 13 5.46 18.43 2.08
CA ALA A 13 6.54 18.21 3.05
C ALA A 13 7.57 17.12 2.66
N PRO A 14 8.51 17.41 1.75
CA PRO A 14 9.47 16.35 1.40
C PRO A 14 10.54 16.01 2.45
N ASN A 15 10.22 15.05 3.31
CA ASN A 15 11.17 14.47 4.28
C ASN A 15 10.65 13.10 4.66
N ILE A 16 9.38 13.06 5.01
CA ILE A 16 8.63 11.82 5.17
C ILE A 16 7.98 11.62 3.80
N LEU A 17 7.63 10.38 3.49
CA LEU A 17 6.97 9.98 2.27
C LEU A 17 5.43 10.11 2.40
N GLY A 18 4.73 10.04 1.27
CA GLY A 18 3.30 10.26 1.22
C GLY A 18 2.39 9.14 0.77
N ASP A 19 1.11 9.45 0.65
CA ASP A 19 0.10 8.49 0.17
C ASP A 19 0.20 8.30 -1.33
N CYS A 20 0.87 7.21 -1.70
CA CYS A 20 0.77 6.63 -3.03
C CYS A 20 0.73 5.15 -2.66
N PRO A 21 -0.15 4.33 -3.29
CA PRO A 21 -0.17 2.94 -2.83
C PRO A 21 1.13 2.21 -3.14
N PHE A 22 1.69 2.56 -4.29
CA PHE A 22 2.85 1.89 -4.85
C PHE A 22 4.12 2.23 -4.07
N CYS A 23 4.08 3.40 -3.44
CA CYS A 23 5.17 3.89 -2.59
C CYS A 23 5.31 3.02 -1.38
N GLN A 24 4.18 2.64 -0.82
CA GLN A 24 4.18 1.72 0.31
C GLN A 24 4.51 0.30 -0.16
N ARG A 25 4.11 -0.12 -1.35
CA ARG A 25 4.43 -1.49 -1.80
C ARG A 25 5.93 -1.74 -1.82
N VAL A 26 6.70 -0.80 -2.35
CA VAL A 26 8.14 -0.99 -2.44
C VAL A 26 8.80 -0.94 -1.06
N LEU A 27 8.30 -0.10 -0.17
CA LEU A 27 8.91 0.00 1.14
C LEU A 27 8.55 -1.17 2.04
N LEU A 28 7.29 -1.54 2.11
CA LEU A 28 6.86 -2.58 3.04
C LEU A 28 7.51 -3.91 2.67
N SER A 29 7.60 -4.20 1.38
CA SER A 29 8.19 -5.46 0.95
C SER A 29 9.67 -5.57 1.32
N LEU A 30 10.41 -4.49 1.12
CA LEU A 30 11.85 -4.54 1.36
C LEU A 30 12.21 -4.30 2.81
N GLU A 31 11.40 -3.58 3.56
CA GLU A 31 11.60 -3.46 5.00
C GLU A 31 11.18 -4.74 5.73
N GLU A 32 10.19 -5.47 5.25
CA GLU A 32 9.87 -6.78 5.86
C GLU A 32 11.04 -7.73 5.67
N LYS A 33 11.68 -7.65 4.51
CA LYS A 33 12.85 -8.47 4.21
C LYS A 33 14.16 -7.96 4.83
N LYS A 34 14.19 -6.68 5.17
CA LYS A 34 15.36 -5.96 5.70
C LYS A 34 16.60 -6.15 4.82
N ILE A 35 16.37 -6.12 3.52
CA ILE A 35 17.47 -6.11 2.56
C ILE A 35 17.99 -4.68 2.67
N PRO A 36 19.31 -4.46 2.73
CA PRO A 36 19.72 -3.05 2.92
C PRO A 36 19.30 -2.12 1.79
N TYR A 37 18.89 -0.91 2.15
CA TYR A 37 18.48 0.09 1.17
C TYR A 37 18.76 1.52 1.59
N LYS A 38 18.84 2.40 0.61
CA LYS A 38 18.83 3.85 0.84
C LYS A 38 17.55 4.36 0.20
N SER A 39 16.71 5.05 0.95
CA SER A 39 15.48 5.63 0.40
C SER A 39 15.79 7.04 -0.07
N HIS A 40 15.08 7.51 -1.09
CA HIS A 40 15.25 8.87 -1.61
C HIS A 40 13.87 9.48 -1.85
N LEU A 41 13.65 10.71 -1.43
CA LEU A 41 12.32 11.32 -1.52
C LEU A 41 12.19 12.03 -2.86
N ILE A 42 11.36 11.50 -3.76
CA ILE A 42 11.04 12.16 -5.02
C ILE A 42 10.11 13.30 -4.62
N ASN A 43 10.60 14.52 -4.71
CA ASN A 43 9.85 15.69 -4.27
C ASN A 43 8.80 16.13 -5.28
N LEU A 44 7.69 15.40 -5.28
CA LEU A 44 6.42 15.86 -5.84
C LEU A 44 6.58 16.32 -7.30
N GLY A 45 7.11 15.42 -8.12
CA GLY A 45 7.33 15.72 -9.51
C GLY A 45 8.69 16.33 -9.82
N ASP A 46 9.63 16.25 -8.88
CA ASP A 46 11.01 16.62 -9.18
C ASP A 46 11.64 15.53 -10.04
N LYS A 47 11.99 15.86 -11.28
CA LYS A 47 12.57 14.89 -12.22
C LYS A 47 13.70 15.49 -13.07
N PRO A 48 14.95 15.42 -12.58
CA PRO A 48 16.03 15.70 -13.55
C PRO A 48 16.07 14.59 -14.58
N GLN A 49 16.94 14.70 -15.58
CA GLN A 49 17.06 13.67 -16.62
C GLN A 49 17.31 12.28 -16.04
N TRP A 50 18.01 12.18 -14.91
CA TRP A 50 18.14 10.89 -14.24
C TRP A 50 16.79 10.27 -13.89
N PHE A 51 15.90 11.00 -13.23
CA PHE A 51 14.60 10.43 -12.87
C PHE A 51 13.72 10.27 -14.09
N LEU A 52 13.93 11.04 -15.15
CA LEU A 52 13.23 10.78 -16.41
C LEU A 52 13.70 9.47 -17.07
N GLU A 53 14.97 9.13 -16.95
CA GLU A 53 15.47 7.84 -17.44
C GLU A 53 14.89 6.70 -16.60
N ILE A 54 14.84 6.89 -15.29
CA ILE A 54 14.43 5.84 -14.37
C ILE A 54 12.92 5.62 -14.27
N SER A 55 12.16 6.67 -14.03
CA SER A 55 10.76 6.56 -13.66
C SER A 55 9.90 6.95 -14.86
N PRO A 56 8.95 6.08 -15.29
CA PRO A 56 8.20 6.46 -16.49
C PRO A 56 7.32 7.71 -16.38
N GLU A 57 6.76 8.00 -15.21
CA GLU A 57 6.01 9.24 -15.04
C GLU A 57 6.94 10.35 -14.55
N GLY A 58 8.20 10.01 -14.28
CA GLY A 58 9.12 10.87 -13.56
C GLY A 58 8.92 10.79 -12.05
N LYS A 59 7.66 10.63 -11.64
CA LYS A 59 7.25 10.63 -10.23
C LYS A 59 6.76 9.33 -9.60
N VAL A 60 6.72 8.21 -10.31
CA VAL A 60 6.31 6.96 -9.66
C VAL A 60 7.49 6.45 -8.85
N PRO A 61 7.23 5.79 -7.70
CA PRO A 61 8.32 5.23 -6.91
C PRO A 61 8.95 4.02 -7.60
N VAL A 62 10.23 3.80 -7.34
CA VAL A 62 11.04 2.82 -8.08
C VAL A 62 12.01 2.11 -7.14
N VAL A 63 12.54 0.97 -7.58
CA VAL A 63 13.59 0.26 -6.85
C VAL A 63 14.78 0.00 -7.77
N LYS A 64 15.97 0.38 -7.34
CA LYS A 64 17.23 0.08 -8.01
C LYS A 64 17.68 -1.30 -7.54
N ILE A 65 17.41 -2.38 -8.25
CA ILE A 65 17.86 -3.70 -7.80
C ILE A 65 19.22 -3.96 -8.46
N ASP A 66 20.31 -3.70 -7.77
CA ASP A 66 21.67 -3.89 -8.32
C ASP A 66 21.88 -3.13 -9.63
N ASP A 67 21.46 -1.87 -9.63
CA ASP A 67 21.45 -0.91 -10.76
C ASP A 67 20.41 -1.19 -11.86
N LYS A 68 19.56 -2.18 -11.67
CA LYS A 68 18.52 -2.52 -12.65
C LYS A 68 17.21 -2.05 -12.05
N TRP A 69 16.65 -0.99 -12.60
CA TRP A 69 15.57 -0.29 -11.92
C TRP A 69 14.19 -0.78 -12.38
N VAL A 70 13.29 -1.02 -11.42
CA VAL A 70 11.95 -1.53 -11.69
C VAL A 70 10.96 -0.52 -11.11
N ALA A 71 9.92 -0.19 -11.88
CA ALA A 71 8.99 0.88 -11.56
C ALA A 71 7.50 0.52 -11.58
N ASP A 72 7.09 -0.47 -12.36
CA ASP A 72 5.67 -0.81 -12.45
C ASP A 72 5.24 -1.60 -11.21
N SER A 73 4.16 -1.18 -10.59
CA SER A 73 3.74 -1.71 -9.29
C SER A 73 3.31 -3.17 -9.27
N ASP A 74 2.89 -3.73 -10.40
CA ASP A 74 2.46 -5.13 -10.44
C ASP A 74 3.61 -6.00 -10.91
N VAL A 75 4.57 -5.39 -11.58
CA VAL A 75 5.83 -6.07 -11.87
C VAL A 75 6.60 -6.19 -10.56
N ILE A 76 6.45 -5.18 -9.71
CA ILE A 76 6.99 -5.19 -8.35
C ILE A 76 6.37 -6.29 -7.47
N VAL A 77 5.17 -6.77 -7.76
CA VAL A 77 4.61 -7.92 -7.03
C VAL A 77 5.45 -9.18 -7.31
N GLY A 78 6.01 -9.31 -8.50
CA GLY A 78 6.76 -10.51 -8.87
C GLY A 78 8.25 -10.43 -9.10
N ILE A 79 8.72 -9.56 -9.99
CA ILE A 79 10.15 -9.50 -10.34
C ILE A 79 10.97 -8.96 -9.17
N LEU A 80 10.40 -8.08 -8.36
CA LEU A 80 11.12 -7.60 -7.17
C LEU A 80 11.42 -8.77 -6.23
N GLU A 81 10.51 -9.73 -6.18
CA GLU A 81 10.74 -10.95 -5.40
C GLU A 81 11.75 -11.87 -6.09
N GLU A 82 11.70 -11.98 -7.41
CA GLU A 82 12.64 -12.85 -8.17
C GLU A 82 14.10 -12.42 -8.05
N LYS A 83 14.32 -11.12 -7.90
CA LYS A 83 15.67 -10.56 -7.89
C LYS A 83 16.21 -10.22 -6.51
N ASN A 84 15.45 -10.58 -5.49
CA ASN A 84 15.87 -10.43 -4.11
C ASN A 84 16.39 -11.80 -3.65
N PRO A 85 17.54 -11.89 -2.95
CA PRO A 85 17.94 -13.23 -2.50
C PRO A 85 17.09 -13.87 -1.40
N GLU A 86 16.17 -13.14 -0.79
CA GLU A 86 15.21 -13.72 0.16
C GLU A 86 14.25 -14.62 -0.62
N PRO A 87 13.54 -15.56 0.05
CA PRO A 87 12.67 -16.39 -0.80
C PRO A 87 11.57 -15.59 -1.53
N PRO A 88 11.32 -15.89 -2.82
CA PRO A 88 10.36 -15.10 -3.59
C PRO A 88 8.88 -15.43 -3.37
N LEU A 89 8.25 -14.79 -2.40
CA LEU A 89 6.84 -15.07 -2.09
C LEU A 89 5.88 -14.22 -2.93
N ALA A 90 5.92 -14.43 -4.24
CA ALA A 90 5.00 -13.80 -5.17
C ALA A 90 3.93 -14.83 -5.57
N THR A 91 2.89 -14.95 -4.78
CA THR A 91 1.85 -15.95 -5.00
C THR A 91 0.46 -15.32 -5.09
N PRO A 92 0.01 -14.88 -6.28
CA PRO A 92 -1.30 -14.22 -6.48
C PRO A 92 -2.55 -15.00 -7.00
N PRO A 93 -2.90 -16.19 -6.46
CA PRO A 93 -4.18 -16.77 -6.86
C PRO A 93 -5.38 -16.15 -6.12
N GLU A 94 -6.13 -16.92 -5.34
CA GLU A 94 -7.33 -16.44 -4.64
C GLU A 94 -7.15 -15.20 -3.78
N PHE A 95 -6.00 -15.08 -3.15
CA PHE A 95 -5.79 -13.97 -2.22
C PHE A 95 -5.82 -12.65 -2.98
N ALA A 96 -5.26 -12.66 -4.18
CA ALA A 96 -5.23 -11.46 -5.00
C ALA A 96 -6.57 -11.25 -5.67
N SER A 97 -7.28 -12.30 -6.06
CA SER A 97 -8.58 -12.11 -6.69
C SER A 97 -9.60 -11.57 -5.69
N VAL A 98 -9.49 -11.91 -4.42
CA VAL A 98 -10.30 -11.27 -3.38
C VAL A 98 -9.81 -9.83 -3.17
N GLY A 99 -8.51 -9.64 -2.97
CA GLY A 99 -8.00 -8.31 -2.64
C GLY A 99 -8.24 -7.26 -3.71
N SER A 100 -8.10 -7.63 -4.97
CA SER A 100 -8.27 -6.72 -6.09
C SER A 100 -9.73 -6.36 -6.37
N LYS A 101 -10.69 -6.99 -5.73
CA LYS A 101 -12.07 -6.49 -5.81
C LYS A 101 -12.27 -5.32 -4.87
N ILE A 102 -11.62 -5.37 -3.72
CA ILE A 102 -11.83 -4.34 -2.69
C ILE A 102 -10.89 -3.17 -2.88
N PHE A 103 -9.66 -3.42 -3.28
CA PHE A 103 -8.65 -2.37 -3.41
C PHE A 103 -9.07 -1.14 -4.22
N PRO A 104 -9.55 -1.29 -5.48
CA PRO A 104 -9.94 -0.03 -6.12
C PRO A 104 -11.26 0.52 -5.58
N SER A 105 -12.11 -0.34 -5.03
CA SER A 105 -13.41 0.07 -4.56
C SER A 105 -13.34 0.88 -3.28
N PHE A 106 -12.46 0.53 -2.35
CA PHE A 106 -12.37 1.33 -1.14
C PHE A 106 -11.65 2.66 -1.36
N VAL A 107 -10.77 2.77 -2.34
CA VAL A 107 -10.21 4.10 -2.64
C VAL A 107 -11.24 4.91 -3.45
N LYS A 108 -12.11 4.25 -4.21
CA LYS A 108 -13.22 4.95 -4.86
C LYS A 108 -14.14 5.54 -3.79
N PHE A 109 -14.41 4.76 -2.75
CA PHE A 109 -15.22 5.22 -1.63
C PHE A 109 -14.54 6.35 -0.85
N LEU A 110 -13.24 6.26 -0.66
CA LEU A 110 -12.48 7.34 -0.01
C LEU A 110 -12.53 8.66 -0.79
N LYS A 111 -12.46 8.59 -2.11
CA LYS A 111 -12.53 9.79 -2.94
C LYS A 111 -13.94 10.35 -3.07
N SER A 112 -14.94 9.60 -2.63
CA SER A 112 -16.34 9.98 -2.81
C SER A 112 -16.84 10.87 -1.68
N LYS A 113 -17.67 11.85 -2.03
CA LYS A 113 -18.42 12.66 -1.06
C LYS A 113 -19.89 12.60 -1.50
N ASP A 114 -20.23 11.51 -2.16
CA ASP A 114 -21.60 11.25 -2.61
C ASP A 114 -22.42 10.92 -1.36
N PRO A 115 -23.77 10.81 -1.44
CA PRO A 115 -24.56 10.23 -0.35
C PRO A 115 -24.41 8.70 -0.20
N ASN A 116 -23.16 8.26 -0.12
CA ASN A 116 -22.65 7.05 -0.77
C ASN A 116 -22.84 5.71 -0.06
N ASP A 117 -23.99 5.51 0.57
CA ASP A 117 -24.22 4.33 1.41
C ASP A 117 -24.27 3.03 0.60
N GLY A 118 -24.60 3.10 -0.68
CA GLY A 118 -24.58 1.92 -1.53
C GLY A 118 -23.18 1.41 -1.73
N THR A 119 -22.23 2.32 -1.91
CA THR A 119 -20.82 1.95 -2.04
C THR A 119 -20.26 1.54 -0.69
N GLU A 120 -20.76 2.11 0.40
CA GLU A 120 -20.35 1.69 1.74
C GLU A 120 -20.82 0.26 2.04
N GLN A 121 -21.98 -0.11 1.52
CA GLN A 121 -22.45 -1.49 1.61
C GLN A 121 -21.73 -2.41 0.63
N ALA A 122 -21.28 -1.91 -0.51
CA ALA A 122 -20.43 -2.70 -1.41
C ALA A 122 -19.10 -2.99 -0.70
N LEU A 123 -18.59 -1.99 0.00
CA LEU A 123 -17.37 -2.14 0.77
C LEU A 123 -17.59 -3.15 1.86
N LEU A 124 -18.69 -3.04 2.59
CA LEU A 124 -18.97 -4.01 3.65
C LEU A 124 -19.10 -5.42 3.09
N GLU A 125 -19.79 -5.61 1.99
CA GLU A 125 -19.99 -6.95 1.45
C GLU A 125 -18.68 -7.58 0.96
N GLU A 126 -17.86 -6.83 0.25
CA GLU A 126 -16.61 -7.39 -0.26
C GLU A 126 -15.55 -7.52 0.82
N LEU A 127 -15.59 -6.65 1.83
CA LEU A 127 -14.67 -6.79 2.95
C LEU A 127 -15.16 -7.88 3.89
N LYS A 128 -16.45 -8.21 3.86
CA LYS A 128 -16.96 -9.40 4.53
C LYS A 128 -16.53 -10.64 3.77
N ALA A 129 -16.37 -10.56 2.46
CA ALA A 129 -15.82 -11.69 1.72
C ALA A 129 -14.37 -11.91 2.14
N LEU A 130 -13.62 -10.84 2.37
CA LEU A 130 -12.28 -10.96 2.95
C LEU A 130 -12.31 -11.51 4.37
N ASP A 131 -13.28 -11.10 5.18
CA ASP A 131 -13.42 -11.61 6.55
C ASP A 131 -13.65 -13.10 6.55
N GLY A 132 -14.40 -13.55 5.56
CA GLY A 132 -14.59 -14.97 5.32
C GLY A 132 -13.30 -15.65 4.91
N HIS A 133 -12.64 -15.11 3.91
CA HIS A 133 -11.39 -15.69 3.41
C HIS A 133 -10.34 -15.82 4.52
N LEU A 134 -10.24 -14.79 5.34
CA LEU A 134 -9.33 -14.80 6.49
C LEU A 134 -9.74 -15.82 7.55
N LYS A 135 -11.01 -15.91 7.92
CA LYS A 135 -11.37 -16.84 9.00
C LYS A 135 -11.30 -18.30 8.56
N VAL A 136 -11.49 -18.55 7.27
CA VAL A 136 -11.43 -19.90 6.72
C VAL A 136 -10.00 -20.43 6.77
N HIS A 137 -9.01 -19.56 6.59
CA HIS A 137 -7.61 -20.01 6.60
C HIS A 137 -6.83 -19.71 7.88
N GLY A 138 -7.08 -18.60 8.54
CA GLY A 138 -6.42 -18.23 9.79
C GLY A 138 -5.50 -17.02 9.76
N PRO A 139 -4.29 -17.08 9.18
CA PRO A 139 -3.30 -15.99 9.10
C PRO A 139 -3.68 -14.70 8.34
N PHE A 140 -2.66 -13.95 7.95
CA PHE A 140 -2.79 -12.83 7.01
C PHE A 140 -3.38 -13.34 5.69
N ILE A 141 -3.81 -12.45 4.81
CA ILE A 141 -4.60 -12.77 3.60
C ILE A 141 -4.13 -13.96 2.73
N ALA A 142 -2.83 -14.21 2.65
CA ALA A 142 -2.32 -15.35 1.88
C ALA A 142 -2.64 -16.72 2.49
N GLY A 143 -3.19 -16.75 3.69
CA GLY A 143 -3.56 -17.99 4.33
C GLY A 143 -2.41 -18.71 4.98
N GLU A 144 -1.24 -18.10 4.95
CA GLU A 144 -0.02 -18.66 5.54
C GLU A 144 0.86 -17.61 6.21
N LYS A 145 1.36 -16.65 5.44
CA LYS A 145 2.37 -15.68 5.91
C LYS A 145 2.32 -14.44 5.03
N ILE A 146 3.11 -13.42 5.35
CA ILE A 146 3.18 -12.23 4.51
C ILE A 146 3.76 -12.68 3.17
N THR A 147 3.06 -12.32 2.11
CA THR A 147 3.30 -12.78 0.74
C THR A 147 3.00 -11.51 -0.04
N ALA A 148 3.44 -11.37 -1.29
CA ALA A 148 3.27 -10.13 -2.06
C ALA A 148 1.83 -9.62 -2.23
N VAL A 149 0.86 -10.51 -2.11
CA VAL A 149 -0.56 -10.13 -2.11
C VAL A 149 -0.99 -9.32 -0.89
N ASP A 150 -0.24 -9.46 0.19
CA ASP A 150 -0.52 -8.70 1.40
C ASP A 150 0.11 -7.34 1.19
N LEU A 151 1.30 -7.39 0.62
CA LEU A 151 2.14 -6.22 0.41
C LEU A 151 1.57 -5.29 -0.69
N SER A 152 0.59 -5.77 -1.44
CA SER A 152 -0.16 -4.92 -2.35
C SER A 152 -1.49 -4.40 -1.78
N LEU A 153 -2.09 -5.05 -0.79
CA LEU A 153 -3.39 -4.63 -0.23
C LEU A 153 -3.28 -3.87 1.08
N ALA A 154 -2.52 -4.42 2.02
CA ALA A 154 -2.26 -3.80 3.32
C ALA A 154 -1.77 -2.34 3.23
N PRO A 155 -0.88 -1.99 2.28
CA PRO A 155 -0.52 -0.57 2.26
C PRO A 155 -1.63 0.45 2.09
N LYS A 156 -2.63 0.19 1.26
CA LYS A 156 -3.70 1.17 1.10
C LYS A 156 -4.77 0.93 2.14
N LEU A 157 -4.89 -0.26 2.72
CA LEU A 157 -5.80 -0.46 3.84
C LEU A 157 -5.42 0.41 5.05
N TYR A 158 -4.12 0.57 5.29
CA TYR A 158 -3.67 1.50 6.33
C TYR A 158 -4.08 2.93 6.00
N HIS A 159 -3.79 3.39 4.78
CA HIS A 159 -4.15 4.75 4.40
C HIS A 159 -5.65 4.96 4.39
N LEU A 160 -6.40 3.92 4.05
CA LEU A 160 -7.86 3.99 4.04
C LEU A 160 -8.37 4.22 5.43
N GLU A 161 -7.96 3.43 6.42
CA GLU A 161 -8.55 3.62 7.75
C GLU A 161 -8.21 4.98 8.33
N VAL A 162 -7.02 5.48 8.05
CA VAL A 162 -6.63 6.80 8.52
C VAL A 162 -7.42 7.90 7.82
N ALA A 163 -7.41 7.91 6.49
CA ALA A 163 -8.03 9.01 5.75
C ALA A 163 -9.55 8.94 5.83
N LEU A 164 -10.12 7.77 5.65
CA LEU A 164 -11.57 7.60 5.67
C LEU A 164 -12.07 7.82 7.09
N GLY A 165 -11.31 7.34 8.06
CA GLY A 165 -11.68 7.52 9.46
C GLY A 165 -11.73 8.98 9.82
N HIS A 166 -10.82 9.78 9.27
CA HIS A 166 -10.88 11.22 9.51
C HIS A 166 -11.98 11.91 8.70
N PHE A 167 -12.02 11.69 7.40
CA PHE A 167 -12.88 12.46 6.50
C PHE A 167 -14.35 12.06 6.44
N LYS A 168 -14.64 10.78 6.51
CA LYS A 168 -15.99 10.25 6.27
C LYS A 168 -16.19 9.04 7.18
N ASN A 169 -15.92 9.26 8.46
CA ASN A 169 -15.56 8.23 9.44
C ASN A 169 -16.19 6.85 9.32
N TRP A 170 -15.41 5.90 8.81
CA TRP A 170 -15.83 4.50 8.72
C TRP A 170 -14.62 3.60 9.00
N PRO A 171 -14.34 3.32 10.28
CA PRO A 171 -13.26 2.35 10.51
C PRO A 171 -13.78 0.95 10.19
N ILE A 172 -12.91 -0.05 10.14
CA ILE A 172 -13.38 -1.40 9.87
C ILE A 172 -14.08 -1.88 11.14
N PRO A 173 -15.35 -2.29 11.07
CA PRO A 173 -16.01 -2.63 12.34
C PRO A 173 -15.58 -3.98 12.91
N ASP A 174 -15.83 -4.21 14.19
CA ASP A 174 -15.58 -5.51 14.83
C ASP A 174 -16.58 -6.56 14.40
N ASN A 175 -17.59 -6.19 13.62
CA ASN A 175 -18.40 -7.16 12.89
C ASN A 175 -17.55 -7.91 11.88
N LEU A 176 -16.43 -7.32 11.49
CA LEU A 176 -15.44 -7.93 10.62
C LEU A 176 -14.15 -8.09 11.43
N THR A 177 -14.22 -8.77 12.55
CA THR A 177 -13.10 -8.90 13.50
C THR A 177 -11.87 -9.47 12.81
N HIS A 178 -12.05 -10.39 11.87
CA HIS A 178 -10.88 -11.02 11.25
C HIS A 178 -10.14 -10.00 10.40
N VAL A 179 -10.87 -9.16 9.68
CA VAL A 179 -10.23 -8.10 8.89
C VAL A 179 -9.63 -7.05 9.80
N LEU A 180 -10.36 -6.68 10.84
CA LEU A 180 -9.88 -5.64 11.74
C LEU A 180 -8.62 -6.07 12.48
N ASN A 181 -8.58 -7.30 12.98
CA ASN A 181 -7.40 -7.77 13.70
C ASN A 181 -6.23 -7.95 12.75
N TYR A 182 -6.51 -8.36 11.52
CA TYR A 182 -5.50 -8.41 10.46
C TYR A 182 -4.91 -7.01 10.23
N ILE A 183 -5.74 -6.00 10.07
CA ILE A 183 -5.27 -4.62 9.92
C ILE A 183 -4.55 -4.11 11.18
N LYS A 184 -5.00 -4.48 12.37
CA LYS A 184 -4.28 -4.11 13.59
C LYS A 184 -2.90 -4.72 13.68
N LEU A 185 -2.74 -5.96 13.23
CA LEU A 185 -1.45 -6.63 13.25
C LEU A 185 -0.51 -5.84 12.35
N LEU A 186 -1.02 -5.47 11.19
CA LEU A 186 -0.28 -4.71 10.20
C LEU A 186 0.08 -3.31 10.67
N PHE A 187 -0.85 -2.61 11.33
CA PHE A 187 -0.67 -1.23 11.80
C PHE A 187 0.54 -1.03 12.69
N SER A 188 0.85 -2.05 13.49
CA SER A 188 2.02 -2.03 14.37
C SER A 188 3.06 -3.07 14.02
N ARG A 189 3.02 -3.60 12.80
CA ARG A 189 4.03 -4.57 12.37
C ARG A 189 5.34 -3.80 12.30
N GLU A 190 6.45 -4.39 12.71
CA GLU A 190 7.72 -3.67 12.79
C GLU A 190 8.14 -3.08 11.43
N SER A 191 7.98 -3.85 10.37
CA SER A 191 8.31 -3.34 9.04
C SER A 191 7.37 -2.23 8.56
N PHE A 192 6.08 -2.41 8.83
CA PHE A 192 5.09 -1.49 8.31
C PHE A 192 5.12 -0.20 9.12
N LYS A 193 5.24 -0.28 10.44
CA LYS A 193 5.21 0.89 11.32
C LYS A 193 6.23 1.94 10.89
N LYS A 194 7.42 1.48 10.58
CA LYS A 194 8.49 2.36 10.12
C LYS A 194 8.15 3.06 8.81
N THR A 195 7.57 2.32 7.88
CA THR A 195 7.40 2.77 6.50
C THR A 195 6.03 3.37 6.18
N ARG A 196 5.13 3.34 7.15
CA ARG A 196 3.83 4.00 7.04
C ARG A 196 4.06 5.47 6.75
N ALA A 197 3.33 6.01 5.77
CA ALA A 197 3.38 7.43 5.50
C ALA A 197 2.74 8.12 6.71
N ALA A 198 3.20 9.32 7.02
CA ALA A 198 2.68 10.06 8.17
C ALA A 198 1.20 10.36 7.96
N GLU A 199 0.40 10.14 8.99
CA GLU A 199 -1.05 10.29 8.91
C GLU A 199 -1.47 11.69 8.51
N GLU A 200 -0.73 12.70 8.95
CA GLU A 200 -1.04 14.09 8.62
C GLU A 200 -1.03 14.31 7.11
N HIS A 201 -0.16 13.58 6.41
CA HIS A 201 -0.02 13.74 4.97
C HIS A 201 -0.87 12.73 4.20
N VAL A 202 -1.24 11.64 4.85
CA VAL A 202 -2.26 10.74 4.30
C VAL A 202 -3.59 11.48 4.30
N ILE A 203 -3.90 12.21 5.37
CA ILE A 203 -5.17 12.92 5.45
C ILE A 203 -5.08 14.23 4.67
N ALA A 204 -4.40 15.25 5.20
CA ALA A 204 -4.44 16.59 4.61
C ALA A 204 -3.73 16.70 3.27
N GLY A 205 -2.89 15.73 2.94
CA GLY A 205 -2.22 15.72 1.65
C GLY A 205 -2.99 15.05 0.55
N TRP A 206 -3.90 14.13 0.88
CA TRP A 206 -4.67 13.42 -0.14
C TRP A 206 -6.14 13.89 -0.23
N GLU A 207 -6.64 14.49 0.84
CA GLU A 207 -8.00 15.06 0.82
C GLU A 207 -8.26 16.33 -0.03
N PRO A 208 -7.24 17.12 -0.47
CA PRO A 208 -7.75 18.34 -1.10
C PRO A 208 -8.49 18.14 -2.41
N LYS A 209 -8.26 17.03 -3.10
CA LYS A 209 -9.03 16.70 -4.30
C LYS A 209 -10.41 16.16 -3.98
N VAL A 210 -10.61 15.58 -2.80
CA VAL A 210 -11.96 15.17 -2.37
C VAL A 210 -12.73 16.44 -2.04
N ASN A 211 -11.99 17.44 -1.57
CA ASN A 211 -12.50 18.78 -1.34
C ASN A 211 -12.51 19.65 -2.61
N ALA A 212 -12.27 19.02 -3.76
CA ALA A 212 -12.20 19.64 -5.09
C ALA A 212 -11.09 20.68 -5.25
N MET A 1 26.29 -2.32 -5.07
CA MET A 1 25.80 -2.95 -3.81
C MET A 1 24.58 -2.20 -3.28
N ALA A 2 23.73 -2.89 -2.52
CA ALA A 2 22.41 -2.41 -2.08
C ALA A 2 21.47 -2.04 -3.24
N LEU A 3 20.34 -1.43 -2.90
CA LEU A 3 19.33 -1.02 -3.87
C LEU A 3 18.73 0.31 -3.38
N GLU A 4 18.07 1.05 -4.26
CA GLU A 4 17.42 2.29 -3.83
C GLU A 4 15.93 2.21 -4.06
N ILE A 5 15.18 2.87 -3.19
CA ILE A 5 13.73 2.82 -3.19
C ILE A 5 13.33 4.23 -3.59
N CYS A 6 13.01 4.46 -4.86
CA CYS A 6 12.86 5.81 -5.35
C CYS A 6 11.36 6.10 -5.43
N VAL A 7 10.85 6.94 -4.56
CA VAL A 7 9.39 7.05 -4.38
C VAL A 7 8.89 8.50 -4.36
N LYS A 8 7.58 8.68 -4.56
CA LYS A 8 6.95 9.98 -4.37
C LYS A 8 7.15 10.34 -2.91
N ALA A 9 7.39 11.61 -2.60
CA ALA A 9 7.54 12.06 -1.22
C ALA A 9 6.22 12.66 -0.70
N ALA A 10 6.13 12.88 0.60
CA ALA A 10 4.92 13.39 1.23
C ALA A 10 4.57 14.82 0.81
N VAL A 11 3.28 15.07 0.62
CA VAL A 11 2.77 16.36 0.18
C VAL A 11 3.06 17.38 1.27
N GLY A 12 3.96 18.30 0.94
CA GLY A 12 4.39 19.34 1.86
C GLY A 12 5.52 18.95 2.79
N ALA A 13 6.06 17.76 2.66
CA ALA A 13 7.16 17.26 3.49
C ALA A 13 8.08 16.29 2.72
N PRO A 14 9.03 16.82 1.94
CA PRO A 14 9.95 16.04 1.09
C PRO A 14 11.06 15.28 1.84
N ASN A 15 10.70 14.65 2.94
CA ASN A 15 11.61 13.81 3.73
C ASN A 15 10.99 12.49 4.18
N ILE A 16 9.70 12.31 3.98
CA ILE A 16 9.00 11.08 4.37
C ILE A 16 8.26 10.68 3.09
N LEU A 17 7.94 9.41 2.96
CA LEU A 17 7.24 8.85 1.81
C LEU A 17 5.83 9.38 1.53
N GLY A 18 5.46 9.29 0.26
CA GLY A 18 4.23 9.90 -0.24
C GLY A 18 2.92 9.15 -0.18
N ASP A 19 1.87 9.87 -0.56
CA ASP A 19 0.53 9.33 -0.60
C ASP A 19 0.31 8.67 -1.94
N CYS A 20 0.89 7.50 -2.11
CA CYS A 20 0.76 6.73 -3.33
C CYS A 20 0.49 5.30 -2.85
N PRO A 21 -0.51 4.60 -3.42
CA PRO A 21 -0.79 3.26 -2.91
C PRO A 21 0.42 2.34 -3.05
N PHE A 22 1.08 2.49 -4.20
CA PHE A 22 2.13 1.58 -4.61
C PHE A 22 3.43 1.85 -3.88
N CYS A 23 3.54 3.04 -3.29
CA CYS A 23 4.78 3.48 -2.66
C CYS A 23 5.17 2.56 -1.52
N GLN A 24 4.22 2.27 -0.65
CA GLN A 24 4.53 1.39 0.47
C GLN A 24 4.68 -0.08 0.09
N ARG A 25 4.31 -0.52 -1.11
CA ARG A 25 4.49 -1.94 -1.48
C ARG A 25 5.98 -2.29 -1.40
N VAL A 26 6.77 -1.42 -2.01
CA VAL A 26 8.21 -1.61 -2.10
C VAL A 26 8.81 -1.51 -0.72
N LEU A 27 8.44 -0.45 -0.01
CA LEU A 27 9.02 -0.15 1.29
C LEU A 27 8.77 -1.29 2.27
N LEU A 28 7.56 -1.85 2.27
CA LEU A 28 7.23 -2.97 3.15
C LEU A 28 8.03 -4.23 2.84
N SER A 29 8.11 -4.57 1.57
CA SER A 29 8.76 -5.82 1.18
C SER A 29 10.23 -5.83 1.56
N LEU A 30 10.90 -4.70 1.45
CA LEU A 30 12.32 -4.67 1.81
C LEU A 30 12.52 -4.53 3.30
N GLU A 31 11.65 -3.83 4.00
CA GLU A 31 11.77 -3.71 5.45
C GLU A 31 11.53 -5.04 6.18
N GLU A 32 10.57 -5.85 5.72
CA GLU A 32 10.34 -7.17 6.31
C GLU A 32 11.54 -8.10 6.05
N LYS A 33 12.24 -7.87 4.95
CA LYS A 33 13.41 -8.66 4.58
C LYS A 33 14.73 -8.08 5.10
N LYS A 34 14.70 -6.85 5.58
CA LYS A 34 15.83 -6.14 6.21
C LYS A 34 17.12 -6.09 5.39
N ILE A 35 17.00 -6.02 4.07
CA ILE A 35 18.17 -5.94 3.19
C ILE A 35 18.59 -4.46 3.18
N PRO A 36 19.88 -4.16 2.96
CA PRO A 36 20.21 -2.72 3.04
C PRO A 36 19.64 -1.93 1.86
N TYR A 37 19.20 -0.70 2.11
CA TYR A 37 18.61 0.13 1.07
C TYR A 37 18.80 1.62 1.33
N LYS A 38 18.63 2.44 0.30
CA LYS A 38 18.61 3.90 0.45
C LYS A 38 17.32 4.47 -0.13
N SER A 39 16.42 5.00 0.68
CA SER A 39 15.19 5.57 0.13
C SER A 39 15.45 6.96 -0.43
N HIS A 40 14.95 7.20 -1.63
CA HIS A 40 15.11 8.46 -2.34
C HIS A 40 13.72 9.05 -2.49
N LEU A 41 13.61 10.31 -2.13
CA LEU A 41 12.31 10.95 -2.05
C LEU A 41 12.21 11.94 -3.20
N ILE A 42 11.22 11.75 -4.07
CA ILE A 42 10.95 12.65 -5.20
C ILE A 42 9.86 13.60 -4.73
N ASN A 43 10.26 14.83 -4.44
CA ASN A 43 9.37 15.88 -3.99
C ASN A 43 8.42 16.37 -5.09
N LEU A 44 7.25 15.74 -5.19
CA LEU A 44 6.16 16.14 -6.10
C LEU A 44 6.61 16.37 -7.54
N GLY A 45 7.35 15.43 -8.10
CA GLY A 45 7.87 15.61 -9.45
C GLY A 45 9.01 16.60 -9.50
N ASP A 46 9.92 16.49 -8.55
CA ASP A 46 11.27 17.07 -8.65
C ASP A 46 12.01 16.13 -9.61
N LYS A 47 11.85 16.35 -10.91
CA LYS A 47 12.14 15.36 -11.94
C LYS A 47 13.31 15.79 -12.85
N PRO A 48 14.55 15.34 -12.54
CA PRO A 48 15.63 15.58 -13.50
C PRO A 48 15.43 14.70 -14.75
N GLN A 49 16.20 14.93 -15.80
CA GLN A 49 16.10 14.13 -17.04
C GLN A 49 16.29 12.64 -16.77
N TRP A 50 17.10 12.31 -15.78
CA TRP A 50 17.25 10.92 -15.37
C TRP A 50 15.91 10.27 -15.01
N PHE A 51 15.14 10.89 -14.13
CA PHE A 51 13.87 10.29 -13.71
C PHE A 51 12.81 10.40 -14.79
N LEU A 52 12.94 11.37 -15.68
CA LEU A 52 12.04 11.48 -16.81
C LEU A 52 12.21 10.31 -17.78
N GLU A 53 13.44 9.80 -17.88
CA GLU A 53 13.71 8.61 -18.65
C GLU A 53 13.22 7.34 -17.94
N ILE A 54 13.37 7.29 -16.63
CA ILE A 54 13.00 6.12 -15.82
C ILE A 54 11.48 5.97 -15.62
N SER A 55 10.75 7.07 -15.46
CA SER A 55 9.32 7.01 -15.08
C SER A 55 8.32 7.67 -16.05
N PRO A 56 7.11 7.08 -16.23
CA PRO A 56 6.06 7.80 -16.98
C PRO A 56 5.63 9.16 -16.40
N GLU A 57 5.56 9.25 -15.08
CA GLU A 57 5.09 10.49 -14.45
C GLU A 57 6.25 11.41 -14.08
N GLY A 58 7.44 10.84 -13.96
CA GLY A 58 8.57 11.54 -13.37
C GLY A 58 8.52 11.48 -11.85
N LYS A 59 7.53 10.74 -11.35
CA LYS A 59 7.25 10.59 -9.92
C LYS A 59 6.39 9.32 -9.70
N VAL A 60 6.97 8.14 -9.78
CA VAL A 60 6.23 6.90 -9.48
C VAL A 60 7.14 6.18 -8.50
N PRO A 61 6.63 5.22 -7.71
CA PRO A 61 7.65 4.38 -7.07
C PRO A 61 8.40 3.50 -8.07
N VAL A 62 9.71 3.46 -7.93
CA VAL A 62 10.58 2.65 -8.78
C VAL A 62 11.53 1.97 -7.82
N VAL A 63 11.88 0.72 -8.06
CA VAL A 63 12.97 0.11 -7.30
C VAL A 63 14.20 0.17 -8.21
N LYS A 64 15.30 0.72 -7.74
CA LYS A 64 16.57 0.73 -8.48
C LYS A 64 17.32 -0.51 -7.99
N ILE A 65 17.15 -1.64 -8.64
CA ILE A 65 17.79 -2.87 -8.17
C ILE A 65 19.16 -2.90 -8.84
N ASP A 66 20.15 -2.23 -8.25
CA ASP A 66 21.52 -2.19 -8.78
C ASP A 66 21.56 -1.73 -10.26
N ASP A 67 21.06 -0.51 -10.46
CA ASP A 67 20.92 0.15 -11.77
C ASP A 67 19.90 -0.48 -12.73
N LYS A 68 19.18 -1.52 -12.29
CA LYS A 68 18.08 -2.08 -13.08
C LYS A 68 16.75 -1.61 -12.49
N TRP A 69 16.15 -0.60 -13.10
CA TRP A 69 14.96 0.07 -12.57
C TRP A 69 13.67 -0.72 -12.89
N VAL A 70 12.78 -0.88 -11.91
CA VAL A 70 11.53 -1.64 -12.04
C VAL A 70 10.34 -0.77 -11.61
N ALA A 71 9.31 -0.59 -12.42
CA ALA A 71 8.14 0.22 -12.06
C ALA A 71 6.76 -0.10 -12.68
N ASP A 72 6.04 -1.09 -12.17
CA ASP A 72 4.60 -1.24 -12.40
C ASP A 72 4.06 -1.88 -11.13
N SER A 73 2.85 -1.55 -10.70
CA SER A 73 2.40 -1.92 -9.35
C SER A 73 2.39 -3.42 -9.02
N ASP A 74 2.11 -4.29 -9.97
CA ASP A 74 2.07 -5.73 -9.71
C ASP A 74 3.47 -6.34 -9.71
N VAL A 75 4.43 -5.63 -10.30
CA VAL A 75 5.74 -6.21 -10.56
C VAL A 75 6.83 -5.66 -9.63
N ILE A 76 6.59 -4.50 -9.04
CA ILE A 76 7.45 -4.00 -7.98
C ILE A 76 7.30 -4.85 -6.74
N VAL A 77 6.31 -5.74 -6.73
CA VAL A 77 6.29 -6.85 -5.78
C VAL A 77 6.86 -8.12 -6.44
N GLY A 78 6.26 -8.60 -7.53
CA GLY A 78 6.65 -9.90 -8.07
C GLY A 78 8.02 -10.10 -8.69
N ILE A 79 8.56 -9.11 -9.37
CA ILE A 79 9.90 -9.20 -9.96
C ILE A 79 10.92 -8.79 -8.90
N LEU A 80 10.49 -7.95 -7.97
CA LEU A 80 11.36 -7.61 -6.85
C LEU A 80 11.65 -8.84 -6.00
N GLU A 81 10.67 -9.71 -5.78
CA GLU A 81 10.94 -10.94 -5.03
C GLU A 81 11.96 -11.81 -5.76
N GLU A 82 11.89 -11.87 -7.09
CA GLU A 82 12.76 -12.75 -7.89
C GLU A 82 14.22 -12.33 -7.83
N LYS A 83 14.41 -11.04 -7.62
CA LYS A 83 15.74 -10.44 -7.56
C LYS A 83 16.20 -10.15 -6.15
N ASN A 84 15.35 -10.50 -5.18
CA ASN A 84 15.68 -10.29 -3.77
C ASN A 84 16.69 -11.34 -3.30
N PRO A 85 17.65 -10.99 -2.42
CA PRO A 85 18.49 -12.05 -1.86
C PRO A 85 17.86 -12.86 -0.72
N GLU A 86 16.78 -12.36 -0.12
CA GLU A 86 16.02 -13.10 0.87
C GLU A 86 14.95 -13.83 0.05
N PRO A 87 14.30 -14.88 0.58
CA PRO A 87 13.58 -15.78 -0.34
C PRO A 87 12.43 -15.20 -1.20
N PRO A 88 12.28 -15.65 -2.46
CA PRO A 88 11.17 -15.20 -3.32
C PRO A 88 9.79 -15.83 -3.03
N LEU A 89 8.90 -15.06 -2.43
CA LEU A 89 7.56 -15.52 -2.04
C LEU A 89 6.43 -14.81 -2.81
N ALA A 90 6.62 -14.60 -4.10
CA ALA A 90 5.62 -13.92 -4.93
C ALA A 90 4.46 -14.85 -5.32
N THR A 91 3.52 -15.07 -4.42
CA THR A 91 2.35 -15.93 -4.66
C THR A 91 1.01 -15.17 -4.55
N PRO A 92 0.43 -14.66 -5.66
CA PRO A 92 -0.96 -14.20 -5.74
C PRO A 92 -2.08 -15.17 -6.25
N PRO A 93 -2.62 -16.07 -5.39
CA PRO A 93 -3.68 -16.99 -5.83
C PRO A 93 -5.08 -16.37 -5.69
N GLU A 94 -6.10 -17.15 -5.38
CA GLU A 94 -7.47 -16.68 -5.15
C GLU A 94 -7.62 -15.44 -4.28
N PHE A 95 -6.85 -15.33 -3.20
CA PHE A 95 -6.96 -14.18 -2.30
C PHE A 95 -6.59 -12.86 -2.97
N ALA A 96 -5.73 -12.91 -3.99
CA ALA A 96 -5.32 -11.71 -4.69
C ALA A 96 -6.45 -11.23 -5.61
N SER A 97 -7.29 -12.15 -6.08
CA SER A 97 -8.43 -11.76 -6.90
C SER A 97 -9.53 -11.16 -6.03
N VAL A 98 -9.67 -11.61 -4.79
CA VAL A 98 -10.60 -10.99 -3.84
C VAL A 98 -10.07 -9.57 -3.59
N GLY A 99 -8.75 -9.48 -3.47
CA GLY A 99 -8.08 -8.22 -3.27
C GLY A 99 -8.35 -7.20 -4.37
N SER A 100 -8.42 -7.66 -5.61
CA SER A 100 -8.69 -6.80 -6.76
C SER A 100 -10.09 -6.20 -6.77
N LYS A 101 -10.97 -6.69 -5.90
CA LYS A 101 -12.31 -6.11 -5.74
C LYS A 101 -12.37 -5.15 -4.55
N ILE A 102 -11.63 -5.43 -3.49
CA ILE A 102 -11.68 -4.55 -2.30
C ILE A 102 -10.92 -3.25 -2.55
N PHE A 103 -9.88 -3.33 -3.37
CA PHE A 103 -8.90 -2.26 -3.51
C PHE A 103 -9.41 -0.98 -4.18
N PRO A 104 -9.97 -1.02 -5.42
CA PRO A 104 -10.33 0.29 -5.97
C PRO A 104 -11.60 0.89 -5.34
N SER A 105 -12.40 0.02 -4.74
CA SER A 105 -13.66 0.38 -4.09
C SER A 105 -13.43 1.30 -2.90
N PHE A 106 -12.43 1.00 -2.08
CA PHE A 106 -12.24 1.76 -0.87
C PHE A 106 -11.84 3.19 -1.17
N VAL A 107 -11.02 3.37 -2.19
CA VAL A 107 -10.64 4.70 -2.62
C VAL A 107 -11.82 5.45 -3.20
N LYS A 108 -12.67 4.76 -3.96
CA LYS A 108 -13.84 5.42 -4.54
C LYS A 108 -14.75 5.94 -3.45
N PHE A 109 -15.01 5.15 -2.41
CA PHE A 109 -15.86 5.63 -1.33
C PHE A 109 -15.20 6.66 -0.42
N LEU A 110 -13.87 6.63 -0.27
CA LEU A 110 -13.15 7.71 0.42
C LEU A 110 -13.31 9.05 -0.28
N LYS A 111 -13.14 9.04 -1.58
CA LYS A 111 -13.19 10.25 -2.39
C LYS A 111 -14.61 10.81 -2.51
N SER A 112 -15.59 9.94 -2.32
CA SER A 112 -16.97 10.30 -2.61
C SER A 112 -17.74 10.99 -1.49
N LYS A 113 -18.60 11.94 -1.83
CA LYS A 113 -19.64 12.47 -0.94
C LYS A 113 -20.99 12.41 -1.64
N ASP A 114 -21.13 11.40 -2.48
CA ASP A 114 -22.39 11.08 -3.17
C ASP A 114 -23.36 10.58 -2.09
N PRO A 115 -24.66 10.41 -2.40
CA PRO A 115 -25.52 9.55 -1.57
C PRO A 115 -25.17 8.03 -1.63
N ASN A 116 -23.90 7.70 -1.52
CA ASN A 116 -23.41 6.32 -1.41
C ASN A 116 -23.41 5.94 0.08
N ASP A 117 -24.41 5.19 0.54
CA ASP A 117 -24.49 4.70 1.93
C ASP A 117 -24.76 3.19 1.99
N GLY A 118 -25.71 2.71 1.19
CA GLY A 118 -25.89 1.27 1.01
C GLY A 118 -24.76 0.71 0.18
N THR A 119 -24.09 1.57 -0.56
CA THR A 119 -22.83 1.22 -1.23
C THR A 119 -21.61 1.60 -0.39
N GLU A 120 -21.73 2.38 0.67
CA GLU A 120 -20.64 2.42 1.66
C GLU A 120 -20.61 1.03 2.30
N GLN A 121 -21.79 0.44 2.46
CA GLN A 121 -21.91 -0.95 2.91
C GLN A 121 -21.66 -1.96 1.78
N ALA A 122 -21.31 -1.54 0.58
CA ALA A 122 -20.80 -2.49 -0.40
C ALA A 122 -19.38 -2.83 0.05
N LEU A 123 -18.69 -1.91 0.73
CA LEU A 123 -17.40 -2.26 1.36
C LEU A 123 -17.61 -3.33 2.41
N LEU A 124 -18.72 -3.25 3.13
CA LEU A 124 -19.05 -4.25 4.14
C LEU A 124 -19.23 -5.62 3.47
N GLU A 125 -19.78 -5.68 2.27
CA GLU A 125 -19.91 -6.93 1.52
C GLU A 125 -18.59 -7.36 0.85
N GLU A 126 -17.77 -6.44 0.37
CA GLU A 126 -16.51 -6.84 -0.27
C GLU A 126 -15.51 -7.32 0.76
N LEU A 127 -15.48 -6.66 1.90
CA LEU A 127 -14.59 -7.08 2.96
C LEU A 127 -15.14 -8.32 3.67
N LYS A 128 -16.42 -8.63 3.52
CA LYS A 128 -16.98 -9.89 4.01
C LYS A 128 -16.35 -11.05 3.26
N ALA A 129 -16.06 -10.86 1.98
CA ALA A 129 -15.39 -11.89 1.22
C ALA A 129 -13.98 -12.06 1.79
N LEU A 130 -13.29 -10.95 2.05
CA LEU A 130 -11.91 -11.04 2.56
C LEU A 130 -11.88 -11.76 3.91
N ASP A 131 -12.84 -11.43 4.76
CA ASP A 131 -13.01 -12.03 6.09
C ASP A 131 -13.35 -13.52 6.02
N GLY A 132 -14.18 -13.92 5.08
CA GLY A 132 -14.56 -15.32 4.95
C GLY A 132 -13.49 -16.18 4.31
N HIS A 133 -12.77 -15.64 3.34
CA HIS A 133 -11.64 -16.35 2.73
C HIS A 133 -10.51 -16.48 3.75
N LEU A 134 -10.42 -15.55 4.69
CA LEU A 134 -9.48 -15.70 5.78
C LEU A 134 -9.92 -16.85 6.70
N LYS A 135 -11.16 -16.80 7.17
CA LYS A 135 -11.60 -17.68 8.25
C LYS A 135 -11.66 -19.16 7.91
N VAL A 136 -11.73 -19.52 6.63
CA VAL A 136 -11.58 -20.92 6.22
C VAL A 136 -10.12 -21.41 6.25
N HIS A 137 -9.15 -20.51 6.43
CA HIS A 137 -7.74 -20.87 6.54
C HIS A 137 -7.13 -20.61 7.93
N GLY A 138 -7.24 -19.39 8.46
CA GLY A 138 -6.71 -19.06 9.78
C GLY A 138 -5.60 -18.01 9.89
N PRO A 139 -4.42 -18.16 9.26
CA PRO A 139 -3.32 -17.17 9.30
C PRO A 139 -3.58 -15.88 8.52
N PHE A 140 -2.57 -15.07 8.24
CA PHE A 140 -2.74 -13.88 7.38
C PHE A 140 -3.33 -14.20 5.99
N ILE A 141 -3.89 -13.19 5.33
CA ILE A 141 -4.79 -13.37 4.17
C ILE A 141 -4.20 -14.08 2.96
N ALA A 142 -2.90 -14.09 2.78
CA ALA A 142 -2.29 -14.91 1.73
C ALA A 142 -2.35 -16.42 2.02
N GLY A 143 -2.71 -16.79 3.23
CA GLY A 143 -2.87 -18.18 3.66
C GLY A 143 -1.92 -18.66 4.73
N GLU A 144 -0.73 -18.07 4.83
CA GLU A 144 0.26 -18.47 5.84
C GLU A 144 0.92 -17.30 6.60
N LYS A 145 1.33 -16.24 5.91
CA LYS A 145 2.06 -15.11 6.52
C LYS A 145 1.98 -13.90 5.59
N ILE A 146 2.63 -12.78 5.91
CA ILE A 146 2.65 -11.61 5.01
C ILE A 146 3.41 -12.00 3.75
N THR A 147 2.66 -12.11 2.66
CA THR A 147 3.17 -12.57 1.36
C THR A 147 2.74 -11.54 0.33
N ALA A 148 2.98 -11.77 -0.95
CA ALA A 148 2.59 -10.86 -2.02
C ALA A 148 1.15 -10.32 -1.97
N VAL A 149 0.17 -11.14 -1.57
CA VAL A 149 -1.20 -10.67 -1.42
C VAL A 149 -1.28 -9.54 -0.40
N ASP A 150 -0.63 -9.73 0.74
CA ASP A 150 -0.65 -8.76 1.83
C ASP A 150 0.12 -7.51 1.44
N LEU A 151 1.24 -7.72 0.76
CA LEU A 151 2.11 -6.63 0.34
C LEU A 151 1.42 -5.76 -0.69
N SER A 152 0.44 -6.32 -1.39
CA SER A 152 -0.36 -5.56 -2.36
C SER A 152 -1.50 -4.77 -1.73
N LEU A 153 -2.13 -5.31 -0.70
CA LEU A 153 -3.35 -4.71 -0.15
C LEU A 153 -3.13 -3.84 1.08
N ALA A 154 -2.35 -4.33 2.03
CA ALA A 154 -2.10 -3.61 3.27
C ALA A 154 -1.52 -2.20 3.12
N PRO A 155 -0.64 -1.93 2.12
CA PRO A 155 -0.22 -0.53 2.11
C PRO A 155 -1.33 0.48 1.79
N LYS A 156 -2.28 0.14 0.93
CA LYS A 156 -3.33 1.10 0.63
C LYS A 156 -4.37 1.05 1.73
N LEU A 157 -4.54 -0.08 2.40
CA LEU A 157 -5.41 -0.14 3.57
C LEU A 157 -4.91 0.81 4.65
N TYR A 158 -3.61 0.92 4.86
CA TYR A 158 -3.08 1.92 5.80
C TYR A 158 -3.47 3.34 5.40
N HIS A 159 -3.23 3.68 4.14
CA HIS A 159 -3.52 5.03 3.65
C HIS A 159 -5.01 5.33 3.71
N LEU A 160 -5.84 4.31 3.52
CA LEU A 160 -7.26 4.50 3.66
C LEU A 160 -7.61 4.75 5.11
N GLU A 161 -7.21 3.87 6.01
CA GLU A 161 -7.68 3.89 7.39
C GLU A 161 -7.32 5.16 8.15
N VAL A 162 -6.20 5.77 7.83
CA VAL A 162 -5.84 7.02 8.50
C VAL A 162 -6.66 8.20 7.94
N ALA A 163 -6.94 8.19 6.64
CA ALA A 163 -7.63 9.30 5.99
C ALA A 163 -9.14 9.23 6.14
N LEU A 164 -9.69 8.04 5.96
CA LEU A 164 -11.13 7.81 5.97
C LEU A 164 -11.67 8.07 7.36
N GLY A 165 -10.91 7.73 8.38
CA GLY A 165 -11.31 8.01 9.74
C GLY A 165 -11.38 9.50 10.00
N HIS A 166 -10.48 10.26 9.38
CA HIS A 166 -10.52 11.72 9.53
C HIS A 166 -11.65 12.36 8.72
N PHE A 167 -11.73 12.01 7.45
CA PHE A 167 -12.63 12.65 6.50
C PHE A 167 -14.09 12.22 6.58
N LYS A 168 -14.35 10.93 6.64
CA LYS A 168 -15.69 10.39 6.47
C LYS A 168 -15.75 9.12 7.31
N ASN A 169 -15.83 9.29 8.63
CA ASN A 169 -15.50 8.22 9.54
C ASN A 169 -16.39 6.96 9.51
N TRP A 170 -15.78 5.85 9.12
CA TRP A 170 -16.39 4.52 9.14
C TRP A 170 -15.40 3.57 9.80
N PRO A 171 -15.56 3.29 11.11
CA PRO A 171 -14.66 2.26 11.66
C PRO A 171 -15.02 0.85 11.19
N ILE A 172 -14.01 0.00 11.07
CA ILE A 172 -14.19 -1.39 10.62
C ILE A 172 -14.99 -2.14 11.70
N PRO A 173 -16.17 -2.70 11.37
CA PRO A 173 -16.95 -3.40 12.41
C PRO A 173 -16.39 -4.73 12.90
N ASP A 174 -16.94 -5.23 14.00
CA ASP A 174 -16.62 -6.55 14.56
C ASP A 174 -17.14 -7.67 13.67
N ASN A 175 -18.04 -7.34 12.76
CA ASN A 175 -18.57 -8.26 11.74
C ASN A 175 -17.53 -8.55 10.65
N LEU A 176 -16.46 -7.76 10.62
CA LEU A 176 -15.32 -7.92 9.71
C LEU A 176 -14.08 -8.17 10.56
N THR A 177 -14.14 -9.14 11.47
CA THR A 177 -13.09 -9.30 12.48
C THR A 177 -11.71 -9.66 11.94
N HIS A 178 -11.64 -10.28 10.76
CA HIS A 178 -10.36 -10.48 10.11
C HIS A 178 -9.77 -9.13 9.84
N VAL A 179 -10.53 -8.28 9.15
CA VAL A 179 -10.02 -7.03 8.63
C VAL A 179 -9.65 -6.13 9.81
N LEU A 180 -10.45 -6.22 10.87
CA LEU A 180 -10.17 -5.51 12.11
C LEU A 180 -8.84 -5.91 12.75
N ASN A 181 -8.59 -7.21 12.89
CA ASN A 181 -7.34 -7.69 13.48
C ASN A 181 -6.15 -7.43 12.58
N TYR A 182 -6.37 -7.57 11.28
CA TYR A 182 -5.35 -7.41 10.26
C TYR A 182 -4.81 -5.99 10.28
N ILE A 183 -5.72 -5.03 10.28
CA ILE A 183 -5.33 -3.63 10.29
C ILE A 183 -4.77 -3.23 11.66
N LYS A 184 -5.21 -3.88 12.74
CA LYS A 184 -4.56 -3.64 14.03
C LYS A 184 -3.09 -4.10 14.01
N LEU A 185 -2.79 -5.28 13.49
CA LEU A 185 -1.40 -5.73 13.45
C LEU A 185 -0.59 -4.87 12.47
N LEU A 186 -1.22 -4.44 11.38
CA LEU A 186 -0.57 -3.55 10.40
C LEU A 186 -0.13 -2.25 11.07
N PHE A 187 -0.93 -1.77 12.00
CA PHE A 187 -0.66 -0.49 12.65
C PHE A 187 0.59 -0.57 13.52
N SER A 188 0.92 -1.76 14.02
CA SER A 188 2.14 -2.00 14.79
C SER A 188 2.73 -3.40 14.55
N ARG A 189 3.31 -3.58 13.37
CA ARG A 189 4.14 -4.74 13.03
C ARG A 189 5.38 -4.01 12.54
N GLU A 190 6.58 -4.47 12.84
CA GLU A 190 7.78 -3.64 12.65
C GLU A 190 8.05 -3.21 11.21
N SER A 191 7.82 -4.11 10.27
CA SER A 191 7.95 -3.78 8.86
C SER A 191 7.00 -2.68 8.41
N PHE A 192 5.82 -2.65 9.00
CA PHE A 192 4.80 -1.67 8.66
C PHE A 192 5.00 -0.37 9.42
N LYS A 193 5.45 -0.48 10.67
CA LYS A 193 5.68 0.67 11.53
C LYS A 193 6.75 1.62 10.99
N LYS A 194 7.81 1.06 10.41
CA LYS A 194 8.89 1.92 9.89
C LYS A 194 8.54 2.55 8.55
N THR A 195 7.71 1.84 7.79
CA THR A 195 7.34 2.28 6.46
C THR A 195 6.03 3.06 6.41
N ARG A 196 5.40 3.26 7.55
CA ARG A 196 4.13 3.99 7.55
C ARG A 196 4.37 5.40 7.03
N ALA A 197 3.37 5.90 6.32
CA ALA A 197 3.34 7.31 5.94
C ALA A 197 2.91 8.10 7.17
N ALA A 198 3.29 9.38 7.24
CA ALA A 198 2.85 10.24 8.33
C ALA A 198 1.35 10.45 8.07
N GLU A 199 0.52 10.32 9.10
CA GLU A 199 -0.93 10.23 8.89
C GLU A 199 -1.49 11.52 8.31
N GLU A 200 -1.04 12.65 8.84
CA GLU A 200 -1.45 13.97 8.38
C GLU A 200 -1.10 14.24 6.93
N HIS A 201 -0.10 13.54 6.40
CA HIS A 201 0.31 13.74 5.02
C HIS A 201 -0.44 12.81 4.09
N VAL A 202 -1.18 11.86 4.63
CA VAL A 202 -2.12 11.10 3.80
C VAL A 202 -3.44 11.85 3.81
N ILE A 203 -3.85 12.32 4.98
CA ILE A 203 -5.10 13.06 5.15
C ILE A 203 -5.06 14.34 4.29
N ALA A 204 -4.19 15.27 4.63
CA ALA A 204 -4.12 16.51 3.86
C ALA A 204 -3.45 16.29 2.49
N GLY A 205 -2.83 15.14 2.27
CA GLY A 205 -2.20 14.89 0.98
C GLY A 205 -3.17 14.39 -0.08
N TRP A 206 -4.24 13.73 0.33
CA TRP A 206 -5.26 13.25 -0.59
C TRP A 206 -6.30 14.35 -0.80
N GLU A 207 -6.60 15.04 0.28
CA GLU A 207 -7.67 16.03 0.24
C GLU A 207 -7.62 17.24 -0.69
N PRO A 208 -6.47 17.69 -1.26
CA PRO A 208 -6.77 18.73 -2.26
C PRO A 208 -7.43 18.22 -3.53
N LYS A 209 -7.44 16.91 -3.77
CA LYS A 209 -8.14 16.32 -4.91
C LYS A 209 -9.64 16.37 -4.63
N VAL A 210 -9.97 16.27 -3.36
CA VAL A 210 -11.36 16.28 -2.89
C VAL A 210 -11.85 17.73 -2.72
N ASN A 211 -11.05 18.56 -2.07
CA ASN A 211 -11.45 19.91 -1.66
C ASN A 211 -11.43 20.96 -2.77
N ALA A 212 -10.55 20.80 -3.75
CA ALA A 212 -10.24 21.84 -4.74
C ALA A 212 -10.20 21.32 -6.17
N MET A 1 21.94 -7.42 -4.77
CA MET A 1 21.35 -7.80 -3.46
C MET A 1 20.76 -6.56 -2.78
N ALA A 2 21.55 -5.50 -2.60
CA ALA A 2 21.03 -4.21 -2.17
C ALA A 2 20.31 -3.54 -3.34
N LEU A 3 19.50 -2.53 -3.10
CA LEU A 3 18.78 -1.84 -4.17
C LEU A 3 18.40 -0.40 -3.77
N GLU A 4 17.94 0.41 -4.71
CA GLU A 4 17.44 1.74 -4.41
C GLU A 4 15.92 1.71 -4.56
N ILE A 5 15.23 2.35 -3.63
CA ILE A 5 13.79 2.54 -3.69
C ILE A 5 13.66 4.04 -3.95
N CYS A 6 13.08 4.46 -5.06
CA CYS A 6 12.79 5.89 -5.27
C CYS A 6 11.27 6.02 -5.22
N VAL A 7 10.73 6.94 -4.43
CA VAL A 7 9.28 7.07 -4.21
C VAL A 7 8.80 8.53 -4.09
N LYS A 8 7.50 8.75 -4.31
CA LYS A 8 6.90 10.10 -4.18
C LYS A 8 6.88 10.52 -2.71
N ALA A 9 7.37 11.72 -2.43
CA ALA A 9 7.39 12.28 -1.09
C ALA A 9 5.98 12.71 -0.63
N ALA A 10 5.89 13.04 0.65
CA ALA A 10 4.63 13.47 1.26
C ALA A 10 4.11 14.77 0.66
N VAL A 11 2.83 14.76 0.32
CA VAL A 11 2.19 15.93 -0.27
C VAL A 11 1.97 16.95 0.83
N GLY A 12 2.68 18.07 0.73
CA GLY A 12 2.57 19.15 1.69
C GLY A 12 3.90 19.43 2.36
N ALA A 13 4.75 18.42 2.49
CA ALA A 13 6.10 18.54 3.09
C ALA A 13 7.07 17.45 2.57
N PRO A 14 7.86 17.73 1.52
CA PRO A 14 8.77 16.72 0.97
C PRO A 14 10.05 16.48 1.79
N ASN A 15 9.93 15.82 2.94
CA ASN A 15 11.10 15.28 3.65
C ASN A 15 10.79 13.94 4.31
N ILE A 16 9.68 13.34 3.92
CA ILE A 16 9.22 12.02 4.36
C ILE A 16 8.56 11.53 3.07
N LEU A 17 8.50 10.23 2.85
CA LEU A 17 7.72 9.59 1.78
C LEU A 17 6.21 9.77 1.96
N GLY A 18 5.44 9.65 0.89
CA GLY A 18 4.00 9.92 0.93
C GLY A 18 3.07 8.77 0.59
N ASP A 19 1.76 9.00 0.71
CA ASP A 19 0.78 8.01 0.27
C ASP A 19 0.62 8.06 -1.24
N CYS A 20 1.43 7.25 -1.90
CA CYS A 20 1.20 6.85 -3.28
C CYS A 20 1.01 5.35 -3.01
N PRO A 21 -0.13 4.76 -3.43
CA PRO A 21 -0.37 3.40 -2.90
C PRO A 21 0.62 2.32 -3.35
N PHE A 22 1.18 2.47 -4.55
CA PHE A 22 2.12 1.48 -5.07
C PHE A 22 3.50 1.65 -4.43
N CYS A 23 3.80 2.84 -3.94
CA CYS A 23 5.10 3.17 -3.34
C CYS A 23 5.33 2.32 -2.11
N GLN A 24 4.26 2.17 -1.35
CA GLN A 24 4.32 1.46 -0.10
C GLN A 24 4.46 -0.05 -0.27
N ARG A 25 4.19 -0.59 -1.46
CA ARG A 25 4.29 -2.04 -1.66
C ARG A 25 5.75 -2.48 -1.60
N VAL A 26 6.61 -1.60 -2.10
CA VAL A 26 8.06 -1.87 -2.13
C VAL A 26 8.59 -1.77 -0.72
N LEU A 27 8.09 -0.77 0.00
CA LEU A 27 8.57 -0.49 1.34
C LEU A 27 8.25 -1.60 2.34
N LEU A 28 7.03 -2.13 2.32
CA LEU A 28 6.69 -3.17 3.32
C LEU A 28 7.51 -4.43 3.10
N SER A 29 7.64 -4.83 1.84
CA SER A 29 8.28 -6.10 1.54
C SER A 29 9.75 -6.05 1.91
N LEU A 30 10.40 -4.92 1.64
CA LEU A 30 11.81 -4.79 1.99
C LEU A 30 12.06 -4.65 3.49
N GLU A 31 11.20 -3.94 4.20
CA GLU A 31 11.38 -3.78 5.64
C GLU A 31 11.04 -5.09 6.37
N GLU A 32 10.18 -5.94 5.81
CA GLU A 32 9.99 -7.28 6.34
C GLU A 32 11.19 -8.19 6.10
N LYS A 33 11.81 -8.08 4.94
CA LYS A 33 13.00 -8.89 4.63
C LYS A 33 14.27 -8.33 5.24
N LYS A 34 14.17 -7.12 5.79
CA LYS A 34 15.26 -6.43 6.48
C LYS A 34 16.50 -6.30 5.60
N ILE A 35 16.34 -6.11 4.30
CA ILE A 35 17.52 -5.97 3.44
C ILE A 35 17.90 -4.50 3.38
N PRO A 36 19.19 -4.17 3.11
CA PRO A 36 19.43 -2.73 3.02
C PRO A 36 18.83 -2.11 1.76
N TYR A 37 18.52 -0.83 1.84
CA TYR A 37 18.15 -0.05 0.66
C TYR A 37 18.49 1.42 0.83
N LYS A 38 18.63 2.10 -0.30
CA LYS A 38 18.78 3.56 -0.34
C LYS A 38 17.41 4.13 -0.64
N SER A 39 16.87 4.92 0.27
CA SER A 39 15.56 5.54 0.08
C SER A 39 15.73 6.91 -0.57
N HIS A 40 15.14 7.08 -1.74
CA HIS A 40 15.18 8.34 -2.49
C HIS A 40 13.80 8.97 -2.57
N LEU A 41 13.67 10.09 -1.90
CA LEU A 41 12.39 10.76 -1.75
C LEU A 41 12.28 11.85 -2.81
N ILE A 42 11.40 11.60 -3.77
CA ILE A 42 11.19 12.51 -4.91
C ILE A 42 10.23 13.61 -4.47
N ASN A 43 10.70 14.85 -4.45
CA ASN A 43 10.02 16.06 -3.96
C ASN A 43 8.87 16.56 -4.84
N LEU A 44 7.94 15.65 -5.12
CA LEU A 44 6.76 15.87 -5.96
C LEU A 44 7.19 16.41 -7.31
N GLY A 45 8.09 15.65 -7.94
CA GLY A 45 8.67 16.08 -9.19
C GLY A 45 9.91 16.88 -8.89
N ASP A 46 10.94 16.20 -8.41
CA ASP A 46 12.27 16.76 -8.42
C ASP A 46 12.80 16.16 -9.69
N LYS A 47 13.11 16.96 -10.69
CA LYS A 47 13.37 16.43 -12.03
C LYS A 47 14.74 16.80 -12.61
N PRO A 48 15.83 16.41 -11.94
CA PRO A 48 17.04 16.43 -12.75
C PRO A 48 17.04 15.27 -13.74
N GLN A 49 18.04 15.22 -14.63
CA GLN A 49 18.18 14.14 -15.61
C GLN A 49 18.20 12.78 -14.92
N TRP A 50 18.81 12.73 -13.75
CA TRP A 50 18.85 11.52 -12.94
C TRP A 50 17.48 10.92 -12.61
N PHE A 51 16.56 11.70 -12.05
CA PHE A 51 15.23 11.18 -11.76
C PHE A 51 14.38 11.04 -13.03
N LEU A 52 14.62 11.83 -14.07
CA LEU A 52 13.88 11.66 -15.32
C LEU A 52 14.23 10.35 -16.01
N GLU A 53 15.48 9.92 -15.85
CA GLU A 53 15.87 8.62 -16.37
C GLU A 53 15.17 7.51 -15.59
N ILE A 54 15.05 7.69 -14.28
CA ILE A 54 14.43 6.70 -13.38
C ILE A 54 12.90 6.64 -13.53
N SER A 55 12.25 7.77 -13.76
CA SER A 55 10.78 7.84 -13.76
C SER A 55 10.11 8.47 -14.98
N PRO A 56 9.13 7.79 -15.62
CA PRO A 56 8.42 8.40 -16.75
C PRO A 56 7.44 9.54 -16.47
N GLU A 57 7.05 9.76 -15.22
CA GLU A 57 6.31 10.98 -14.81
C GLU A 57 7.24 11.96 -14.10
N GLY A 58 8.46 11.54 -13.81
CA GLY A 58 9.35 12.26 -12.91
C GLY A 58 8.92 12.14 -11.45
N LYS A 59 7.93 11.28 -11.20
CA LYS A 59 7.23 11.19 -9.92
C LYS A 59 6.50 9.83 -9.76
N VAL A 60 7.21 8.71 -9.88
CA VAL A 60 6.60 7.36 -9.76
C VAL A 60 7.44 6.51 -8.80
N PRO A 61 6.83 5.48 -8.17
CA PRO A 61 7.75 4.57 -7.48
C PRO A 61 8.50 3.63 -8.40
N VAL A 62 9.72 3.28 -8.04
CA VAL A 62 10.47 2.28 -8.79
C VAL A 62 11.06 1.29 -7.81
N VAL A 63 11.52 0.17 -8.33
CA VAL A 63 12.56 -0.59 -7.64
C VAL A 63 13.69 -0.52 -8.62
N LYS A 64 14.84 -0.01 -8.19
CA LYS A 64 16.04 0.11 -9.02
C LYS A 64 17.10 -0.82 -8.44
N ILE A 65 17.16 -2.02 -8.98
CA ILE A 65 17.97 -3.09 -8.40
C ILE A 65 19.26 -3.19 -9.20
N ASP A 66 20.40 -3.07 -8.54
CA ASP A 66 21.71 -3.13 -9.22
C ASP A 66 21.77 -2.18 -10.42
N ASP A 67 21.25 -0.97 -10.22
CA ASP A 67 21.16 0.09 -11.24
C ASP A 67 20.19 -0.11 -12.42
N LYS A 68 19.30 -1.10 -12.35
CA LYS A 68 18.26 -1.34 -13.37
C LYS A 68 16.84 -1.16 -12.78
N TRP A 69 15.99 -0.28 -13.32
CA TRP A 69 14.68 0.00 -12.71
C TRP A 69 13.43 -0.61 -13.36
N VAL A 70 12.43 -0.95 -12.56
CA VAL A 70 11.11 -1.40 -13.05
C VAL A 70 10.12 -0.45 -12.37
N ALA A 71 8.95 -0.20 -12.98
CA ALA A 71 7.97 0.77 -12.45
C ALA A 71 6.47 0.57 -12.75
N ASP A 72 5.93 -0.65 -12.76
CA ASP A 72 4.48 -0.84 -12.85
C ASP A 72 4.01 -1.50 -11.56
N SER A 73 2.76 -1.30 -11.17
CA SER A 73 2.28 -1.74 -9.87
C SER A 73 2.39 -3.23 -9.57
N ASP A 74 2.27 -4.07 -10.59
CA ASP A 74 2.35 -5.52 -10.40
C ASP A 74 3.79 -5.98 -10.23
N VAL A 75 4.70 -5.42 -11.01
CA VAL A 75 6.09 -5.91 -11.08
C VAL A 75 6.99 -5.41 -9.96
N ILE A 76 6.63 -4.31 -9.31
CA ILE A 76 7.41 -3.81 -8.17
C ILE A 76 7.24 -4.71 -6.95
N VAL A 77 6.41 -5.74 -7.04
CA VAL A 77 6.48 -6.90 -6.13
C VAL A 77 6.91 -8.14 -6.91
N GLY A 78 6.27 -8.42 -8.05
CA GLY A 78 6.57 -9.63 -8.80
C GLY A 78 7.95 -9.81 -9.42
N ILE A 79 8.57 -8.76 -9.94
CA ILE A 79 9.95 -8.88 -10.43
C ILE A 79 10.86 -8.64 -9.22
N LEU A 80 10.42 -7.81 -8.28
CA LEU A 80 11.23 -7.57 -7.07
C LEU A 80 11.55 -8.86 -6.34
N GLU A 81 10.59 -9.73 -6.05
CA GLU A 81 10.92 -10.97 -5.35
C GLU A 81 11.92 -11.84 -6.10
N GLU A 82 11.80 -11.88 -7.42
CA GLU A 82 12.68 -12.70 -8.25
C GLU A 82 14.14 -12.23 -8.27
N LYS A 83 14.37 -10.96 -7.95
CA LYS A 83 15.71 -10.38 -7.85
C LYS A 83 16.15 -9.98 -6.45
N ASN A 84 15.26 -10.07 -5.47
CA ASN A 84 15.59 -9.84 -4.07
C ASN A 84 16.32 -11.14 -3.66
N PRO A 85 17.45 -11.08 -2.93
CA PRO A 85 18.14 -12.35 -2.67
C PRO A 85 17.45 -13.31 -1.67
N GLU A 86 16.56 -12.79 -0.84
CA GLU A 86 15.85 -13.56 0.19
C GLU A 86 14.74 -14.42 -0.47
N PRO A 87 14.22 -15.47 0.20
CA PRO A 87 13.30 -16.39 -0.50
C PRO A 87 12.05 -15.74 -1.13
N PRO A 88 11.76 -16.02 -2.42
CA PRO A 88 10.68 -15.29 -3.10
C PRO A 88 9.26 -15.86 -2.92
N LEU A 89 8.31 -15.01 -2.55
CA LEU A 89 6.90 -15.34 -2.35
C LEU A 89 5.95 -14.44 -3.17
N ALA A 90 6.22 -14.25 -4.45
CA ALA A 90 5.33 -13.46 -5.31
C ALA A 90 4.21 -14.38 -5.82
N THR A 91 3.28 -14.68 -4.93
CA THR A 91 2.21 -15.65 -5.17
C THR A 91 0.83 -14.96 -5.16
N PRO A 92 0.19 -14.68 -6.32
CA PRO A 92 -1.13 -14.02 -6.40
C PRO A 92 -2.34 -14.90 -6.84
N PRO A 93 -2.85 -15.82 -5.98
CA PRO A 93 -3.96 -16.74 -6.25
C PRO A 93 -5.32 -16.05 -6.05
N GLU A 94 -6.35 -16.77 -5.63
CA GLU A 94 -7.71 -16.22 -5.43
C GLU A 94 -7.79 -14.97 -4.55
N PHE A 95 -6.88 -14.85 -3.60
CA PHE A 95 -6.85 -13.67 -2.74
C PHE A 95 -6.47 -12.39 -3.48
N ALA A 96 -5.74 -12.52 -4.58
CA ALA A 96 -5.35 -11.35 -5.36
C ALA A 96 -6.57 -10.89 -6.16
N SER A 97 -7.42 -11.80 -6.59
CA SER A 97 -8.59 -11.41 -7.37
C SER A 97 -9.59 -10.73 -6.45
N VAL A 98 -9.70 -11.19 -5.21
CA VAL A 98 -10.56 -10.50 -4.24
C VAL A 98 -9.95 -9.13 -3.98
N GLY A 99 -8.65 -9.05 -3.79
CA GLY A 99 -7.98 -7.79 -3.53
C GLY A 99 -8.19 -6.79 -4.65
N SER A 100 -8.22 -7.28 -5.89
CA SER A 100 -8.47 -6.42 -7.04
C SER A 100 -9.89 -5.87 -7.14
N LYS A 101 -10.84 -6.42 -6.38
CA LYS A 101 -12.16 -5.79 -6.27
C LYS A 101 -12.13 -4.66 -5.27
N ILE A 102 -11.43 -4.87 -4.16
CA ILE A 102 -11.47 -3.91 -3.05
C ILE A 102 -10.55 -2.73 -3.25
N PHE A 103 -9.41 -2.92 -3.90
CA PHE A 103 -8.47 -1.81 -4.11
C PHE A 103 -9.10 -0.60 -4.80
N PRO A 104 -9.79 -0.76 -5.95
CA PRO A 104 -10.45 0.46 -6.40
C PRO A 104 -11.68 0.85 -5.56
N SER A 105 -12.34 -0.09 -4.91
CA SER A 105 -13.56 0.19 -4.15
C SER A 105 -13.34 1.02 -2.89
N PHE A 106 -12.26 0.79 -2.14
CA PHE A 106 -12.05 1.62 -0.95
C PHE A 106 -11.52 3.01 -1.25
N VAL A 107 -10.80 3.19 -2.35
CA VAL A 107 -10.37 4.55 -2.70
C VAL A 107 -11.54 5.27 -3.37
N LYS A 108 -12.44 4.54 -4.02
CA LYS A 108 -13.68 5.12 -4.54
C LYS A 108 -14.53 5.69 -3.42
N PHE A 109 -14.66 4.94 -2.33
CA PHE A 109 -15.46 5.39 -1.19
C PHE A 109 -14.82 6.62 -0.54
N LEU A 110 -13.51 6.60 -0.40
CA LEU A 110 -12.79 7.76 0.13
C LEU A 110 -13.01 9.01 -0.72
N LYS A 111 -13.05 8.86 -2.04
CA LYS A 111 -13.29 9.97 -2.95
C LYS A 111 -14.78 10.19 -3.24
N SER A 112 -15.69 9.82 -2.34
CA SER A 112 -17.12 9.94 -2.60
C SER A 112 -17.90 10.81 -1.64
N LYS A 113 -18.56 11.83 -2.17
CA LYS A 113 -19.55 12.60 -1.42
C LYS A 113 -20.92 12.36 -2.06
N ASP A 114 -21.07 11.22 -2.69
CA ASP A 114 -22.35 10.81 -3.28
C ASP A 114 -23.28 10.33 -2.16
N PRO A 115 -24.58 10.13 -2.43
CA PRO A 115 -25.34 9.29 -1.49
C PRO A 115 -24.91 7.84 -1.68
N ASN A 116 -23.96 7.40 -0.86
CA ASN A 116 -23.02 6.36 -1.25
C ASN A 116 -23.14 5.14 -0.33
N ASP A 117 -24.33 4.99 0.21
CA ASP A 117 -24.63 3.98 1.22
C ASP A 117 -24.50 2.55 0.67
N GLY A 118 -24.70 2.35 -0.63
CA GLY A 118 -24.43 1.05 -1.21
C GLY A 118 -22.95 0.73 -1.34
N THR A 119 -22.09 1.74 -1.41
CA THR A 119 -20.65 1.55 -1.50
C THR A 119 -20.00 1.52 -0.12
N GLU A 120 -20.66 2.13 0.86
CA GLU A 120 -20.35 1.87 2.25
C GLU A 120 -20.59 0.36 2.46
N GLN A 121 -21.70 -0.16 1.95
CA GLN A 121 -21.97 -1.59 2.06
C GLN A 121 -21.16 -2.45 1.10
N ALA A 122 -20.51 -1.86 0.10
CA ALA A 122 -19.54 -2.61 -0.67
C ALA A 122 -18.28 -2.79 0.16
N LEU A 123 -17.93 -1.86 1.04
CA LEU A 123 -16.79 -2.10 1.93
C LEU A 123 -17.12 -3.30 2.79
N LEU A 124 -18.35 -3.34 3.27
CA LEU A 124 -18.81 -4.45 4.10
C LEU A 124 -18.79 -5.78 3.32
N GLU A 125 -19.28 -5.78 2.09
CA GLU A 125 -19.33 -7.00 1.26
C GLU A 125 -18.00 -7.46 0.65
N GLU A 126 -17.13 -6.55 0.23
CA GLU A 126 -15.88 -6.96 -0.40
C GLU A 126 -14.92 -7.42 0.68
N LEU A 127 -14.96 -6.80 1.85
CA LEU A 127 -14.15 -7.28 2.97
C LEU A 127 -14.79 -8.53 3.58
N LYS A 128 -16.07 -8.80 3.36
CA LYS A 128 -16.71 -10.05 3.81
C LYS A 128 -16.09 -11.25 3.11
N ALA A 129 -15.74 -11.09 1.85
CA ALA A 129 -15.08 -12.18 1.13
C ALA A 129 -13.76 -12.48 1.84
N LEU A 130 -12.96 -11.46 2.13
CA LEU A 130 -11.72 -11.69 2.89
C LEU A 130 -11.95 -12.23 4.30
N ASP A 131 -12.98 -11.75 4.97
CA ASP A 131 -13.27 -12.13 6.35
C ASP A 131 -13.63 -13.60 6.43
N GLY A 132 -14.44 -14.06 5.49
CA GLY A 132 -14.81 -15.45 5.43
C GLY A 132 -13.65 -16.32 5.05
N HIS A 133 -12.96 -15.95 3.97
CA HIS A 133 -11.86 -16.77 3.46
C HIS A 133 -10.73 -16.91 4.49
N LEU A 134 -10.42 -15.85 5.23
CA LEU A 134 -9.39 -15.95 6.25
C LEU A 134 -9.83 -16.76 7.46
N LYS A 135 -11.06 -16.63 7.94
CA LYS A 135 -11.46 -17.41 9.12
C LYS A 135 -11.54 -18.91 8.83
N VAL A 136 -11.60 -19.31 7.56
CA VAL A 136 -11.34 -20.71 7.21
C VAL A 136 -9.90 -21.08 7.57
N HIS A 137 -8.92 -20.32 7.07
CA HIS A 137 -7.50 -20.67 7.23
C HIS A 137 -6.83 -20.34 8.57
N GLY A 138 -6.96 -19.11 9.03
CA GLY A 138 -6.34 -18.66 10.27
C GLY A 138 -5.32 -17.53 10.12
N PRO A 139 -4.11 -17.76 9.58
CA PRO A 139 -3.10 -16.71 9.40
C PRO A 139 -3.40 -15.65 8.34
N PHE A 140 -2.53 -14.66 8.21
CA PHE A 140 -2.56 -13.59 7.18
C PHE A 140 -2.92 -14.08 5.77
N ILE A 141 -3.47 -13.22 4.93
CA ILE A 141 -4.53 -13.56 3.95
C ILE A 141 -4.12 -14.69 3.02
N ALA A 142 -2.87 -14.71 2.63
CA ALA A 142 -2.33 -15.74 1.76
C ALA A 142 -2.35 -17.19 2.27
N GLY A 143 -2.42 -17.38 3.57
CA GLY A 143 -2.59 -18.70 4.17
C GLY A 143 -1.63 -19.09 5.27
N GLU A 144 -0.40 -18.60 5.28
CA GLU A 144 0.59 -19.00 6.30
C GLU A 144 1.29 -17.83 6.98
N LYS A 145 1.65 -16.83 6.19
CA LYS A 145 2.35 -15.62 6.65
C LYS A 145 2.15 -14.53 5.60
N ILE A 146 2.70 -13.34 5.82
CA ILE A 146 2.58 -12.23 4.86
C ILE A 146 3.16 -12.64 3.50
N THR A 147 2.44 -12.41 2.42
CA THR A 147 2.85 -12.77 1.06
C THR A 147 2.30 -11.67 0.15
N ALA A 148 2.66 -11.65 -1.13
CA ALA A 148 2.24 -10.65 -2.13
C ALA A 148 0.82 -10.05 -2.08
N VAL A 149 -0.18 -10.85 -1.77
CA VAL A 149 -1.55 -10.35 -1.72
C VAL A 149 -1.70 -9.37 -0.55
N ASP A 150 -1.10 -9.69 0.59
CA ASP A 150 -1.14 -8.82 1.76
C ASP A 150 -0.30 -7.59 1.45
N LEU A 151 0.83 -7.78 0.76
CA LEU A 151 1.74 -6.68 0.44
C LEU A 151 1.16 -5.67 -0.56
N SER A 152 0.08 -6.04 -1.24
CA SER A 152 -0.65 -5.11 -2.09
C SER A 152 -1.86 -4.46 -1.41
N LEU A 153 -2.54 -5.19 -0.52
CA LEU A 153 -3.72 -4.67 0.18
C LEU A 153 -3.39 -3.85 1.42
N ALA A 154 -2.53 -4.39 2.27
CA ALA A 154 -2.18 -3.75 3.54
C ALA A 154 -1.66 -2.31 3.40
N PRO A 155 -0.80 -2.00 2.41
CA PRO A 155 -0.36 -0.61 2.44
C PRO A 155 -1.45 0.46 2.23
N LYS A 156 -2.42 0.20 1.38
CA LYS A 156 -3.48 1.20 1.19
C LYS A 156 -4.45 1.13 2.33
N LEU A 157 -4.66 -0.03 2.93
CA LEU A 157 -5.54 -0.14 4.10
C LEU A 157 -5.05 0.67 5.30
N TYR A 158 -3.75 0.88 5.47
CA TYR A 158 -3.28 1.78 6.55
C TYR A 158 -3.78 3.18 6.28
N HIS A 159 -3.53 3.61 5.06
CA HIS A 159 -3.75 5.00 4.69
C HIS A 159 -5.22 5.26 4.47
N LEU A 160 -5.97 4.20 4.25
CA LEU A 160 -7.41 4.27 4.23
C LEU A 160 -7.91 4.65 5.60
N GLU A 161 -7.51 3.97 6.67
CA GLU A 161 -8.03 4.35 7.98
C GLU A 161 -7.60 5.75 8.39
N VAL A 162 -6.41 6.14 8.00
CA VAL A 162 -5.91 7.47 8.29
C VAL A 162 -6.74 8.54 7.57
N ALA A 163 -6.93 8.41 6.26
CA ALA A 163 -7.69 9.40 5.52
C ALA A 163 -9.19 9.32 5.83
N LEU A 164 -9.74 8.12 5.78
CA LEU A 164 -11.18 7.92 5.89
C LEU A 164 -11.67 8.31 7.27
N GLY A 165 -10.95 7.93 8.32
CA GLY A 165 -11.37 8.24 9.67
C GLY A 165 -11.38 9.74 9.93
N HIS A 166 -10.45 10.46 9.33
CA HIS A 166 -10.45 11.91 9.47
C HIS A 166 -11.55 12.55 8.64
N PHE A 167 -11.68 12.16 7.38
CA PHE A 167 -12.57 12.87 6.45
C PHE A 167 -14.03 12.39 6.45
N LYS A 168 -14.24 11.09 6.28
CA LYS A 168 -15.57 10.45 6.19
C LYS A 168 -15.59 9.26 7.16
N ASN A 169 -15.72 9.49 8.46
CA ASN A 169 -15.49 8.43 9.45
C ASN A 169 -16.34 7.16 9.26
N TRP A 170 -15.64 6.04 9.10
CA TRP A 170 -16.22 4.71 9.05
C TRP A 170 -15.13 3.77 9.57
N PRO A 171 -15.13 3.49 10.88
CA PRO A 171 -14.11 2.52 11.31
C PRO A 171 -14.50 1.12 10.85
N ILE A 172 -13.58 0.16 10.85
CA ILE A 172 -13.94 -1.20 10.45
C ILE A 172 -14.85 -1.78 11.54
N PRO A 173 -16.10 -2.16 11.21
CA PRO A 173 -16.96 -2.68 12.27
C PRO A 173 -16.62 -4.12 12.62
N ASP A 174 -17.13 -4.60 13.75
CA ASP A 174 -16.81 -5.95 14.22
C ASP A 174 -17.48 -7.07 13.43
N ASN A 175 -18.22 -6.71 12.38
CA ASN A 175 -18.69 -7.67 11.40
C ASN A 175 -17.53 -8.25 10.60
N LEU A 176 -16.42 -7.53 10.56
CA LEU A 176 -15.21 -7.99 9.88
C LEU A 176 -14.13 -8.28 10.93
N THR A 177 -14.32 -9.30 11.75
CA THR A 177 -13.37 -9.69 12.80
C THR A 177 -11.96 -9.94 12.25
N HIS A 178 -11.88 -10.55 11.07
CA HIS A 178 -10.58 -10.73 10.40
C HIS A 178 -9.97 -9.37 10.30
N VAL A 179 -10.62 -8.43 9.64
CA VAL A 179 -9.97 -7.19 9.26
C VAL A 179 -9.62 -6.39 10.51
N LEU A 180 -10.45 -6.48 11.54
CA LEU A 180 -10.16 -5.79 12.79
C LEU A 180 -8.88 -6.30 13.47
N ASN A 181 -8.68 -7.60 13.55
CA ASN A 181 -7.47 -8.13 14.19
C ASN A 181 -6.27 -8.04 13.24
N TYR A 182 -6.54 -8.13 11.96
CA TYR A 182 -5.52 -8.01 10.90
C TYR A 182 -4.86 -6.64 10.95
N ILE A 183 -5.66 -5.59 11.00
CA ILE A 183 -5.09 -4.25 10.99
C ILE A 183 -4.38 -3.96 12.32
N LYS A 184 -4.82 -4.51 13.43
CA LYS A 184 -4.09 -4.40 14.69
C LYS A 184 -2.71 -5.07 14.64
N LEU A 185 -2.62 -6.22 13.98
CA LEU A 185 -1.34 -6.90 13.78
C LEU A 185 -0.47 -6.16 12.77
N LEU A 186 -1.10 -5.52 11.80
CA LEU A 186 -0.36 -4.73 10.83
C LEU A 186 0.00 -3.34 11.37
N PHE A 187 -0.55 -2.92 12.49
CA PHE A 187 -0.04 -1.79 13.28
C PHE A 187 0.95 -2.25 14.36
N SER A 188 1.58 -3.37 14.08
CA SER A 188 2.62 -3.95 14.92
C SER A 188 3.75 -4.09 13.90
N ARG A 189 4.89 -4.60 14.33
CA ARG A 189 6.08 -4.89 13.51
C ARG A 189 6.72 -3.72 12.79
N GLU A 190 8.03 -3.70 12.86
CA GLU A 190 8.89 -2.67 12.29
C GLU A 190 8.64 -2.58 10.78
N SER A 191 8.34 -3.73 10.19
CA SER A 191 7.95 -3.84 8.79
C SER A 191 6.85 -2.90 8.33
N PHE A 192 5.94 -2.54 9.22
CA PHE A 192 4.81 -1.67 8.90
C PHE A 192 4.91 -0.34 9.66
N LYS A 193 5.27 -0.45 10.93
CA LYS A 193 5.48 0.68 11.84
C LYS A 193 6.48 1.74 11.36
N LYS A 194 7.49 1.33 10.62
CA LYS A 194 8.52 2.26 10.15
C LYS A 194 8.25 2.82 8.76
N THR A 195 7.49 2.08 7.97
CA THR A 195 7.18 2.43 6.58
C THR A 195 5.91 3.27 6.41
N ARG A 196 5.02 3.21 7.40
CA ARG A 196 3.79 4.00 7.40
C ARG A 196 4.11 5.49 7.43
N ALA A 197 3.54 6.22 6.46
CA ALA A 197 3.82 7.63 6.21
C ALA A 197 3.20 8.53 7.29
N ALA A 198 3.59 9.80 7.34
CA ALA A 198 3.04 10.73 8.32
C ALA A 198 1.58 11.03 7.98
N GLU A 199 0.75 11.06 9.00
CA GLU A 199 -0.71 10.96 8.81
C GLU A 199 -1.34 12.17 8.16
N GLU A 200 -0.88 13.38 8.47
CA GLU A 200 -1.50 14.60 7.94
C GLU A 200 -1.44 14.60 6.43
N HIS A 201 -0.30 14.16 5.92
CA HIS A 201 -0.04 14.21 4.49
C HIS A 201 -0.75 13.08 3.73
N VAL A 202 -1.25 12.08 4.44
CA VAL A 202 -2.14 11.11 3.81
C VAL A 202 -3.47 11.84 3.59
N ILE A 203 -3.99 12.47 4.64
CA ILE A 203 -5.33 13.06 4.62
C ILE A 203 -5.39 14.28 3.69
N ALA A 204 -4.50 15.23 3.95
CA ALA A 204 -4.44 16.51 3.26
C ALA A 204 -3.81 16.36 1.87
N GLY A 205 -3.38 15.15 1.56
CA GLY A 205 -2.93 14.84 0.21
C GLY A 205 -4.08 14.45 -0.70
N TRP A 206 -5.15 13.85 -0.19
CA TRP A 206 -6.30 13.47 -1.04
C TRP A 206 -7.48 14.43 -0.92
N GLU A 207 -7.78 14.90 0.28
CA GLU A 207 -8.99 15.71 0.46
C GLU A 207 -9.10 17.02 -0.35
N PRO A 208 -7.99 17.73 -0.71
CA PRO A 208 -8.34 18.92 -1.50
C PRO A 208 -8.83 18.60 -2.91
N LYS A 209 -8.55 17.40 -3.43
CA LYS A 209 -9.01 16.99 -4.76
C LYS A 209 -10.45 16.49 -4.66
N VAL A 210 -10.86 16.21 -3.43
CA VAL A 210 -12.24 15.85 -3.11
C VAL A 210 -13.05 17.13 -2.83
N ASN A 211 -12.43 18.08 -2.14
CA ASN A 211 -13.08 19.31 -1.70
C ASN A 211 -13.23 20.43 -2.70
N ALA A 212 -12.17 20.73 -3.45
CA ALA A 212 -12.11 21.91 -4.34
C ALA A 212 -11.50 21.61 -5.71
N MET A 1 23.33 -6.48 -3.07
CA MET A 1 23.67 -6.48 -1.62
C MET A 1 22.96 -5.35 -0.90
N ALA A 2 22.61 -4.27 -1.59
CA ALA A 2 21.68 -3.29 -1.07
C ALA A 2 20.77 -3.02 -2.27
N LEU A 3 19.60 -2.49 -2.00
CA LEU A 3 18.69 -2.05 -3.06
C LEU A 3 18.64 -0.52 -2.93
N GLU A 4 17.88 0.16 -3.76
CA GLU A 4 17.60 1.58 -3.54
C GLU A 4 16.11 1.75 -3.76
N ILE A 5 15.49 2.55 -2.91
CA ILE A 5 14.07 2.84 -2.98
C ILE A 5 14.00 4.32 -3.34
N CYS A 6 13.21 4.68 -4.34
CA CYS A 6 12.97 6.09 -4.63
C CYS A 6 11.47 6.29 -4.63
N VAL A 7 10.92 7.00 -3.66
CA VAL A 7 9.46 7.08 -3.48
C VAL A 7 8.95 8.50 -3.34
N LYS A 8 7.67 8.68 -3.66
CA LYS A 8 7.01 9.98 -3.53
C LYS A 8 7.07 10.38 -2.07
N ALA A 9 7.59 11.56 -1.79
CA ALA A 9 7.76 12.04 -0.43
C ALA A 9 6.43 12.60 0.10
N ALA A 10 6.32 12.77 1.40
CA ALA A 10 5.13 13.33 2.03
C ALA A 10 4.84 14.73 1.46
N VAL A 11 3.61 14.90 1.00
CA VAL A 11 3.20 16.10 0.29
C VAL A 11 3.02 17.26 1.26
N GLY A 12 4.05 18.06 1.42
CA GLY A 12 4.04 19.18 2.35
C GLY A 12 5.15 19.16 3.38
N ALA A 13 5.74 17.98 3.58
CA ALA A 13 6.92 17.82 4.45
C ALA A 13 7.84 16.77 3.79
N PRO A 14 8.48 17.12 2.66
CA PRO A 14 9.18 16.10 1.89
C PRO A 14 10.54 15.64 2.43
N ASN A 15 10.52 14.86 3.49
CA ASN A 15 11.69 14.11 3.96
C ASN A 15 11.25 12.79 4.57
N ILE A 16 9.97 12.49 4.36
CA ILE A 16 9.24 11.48 5.10
C ILE A 16 8.50 10.75 3.99
N LEU A 17 8.12 9.50 4.19
CA LEU A 17 7.43 8.71 3.16
C LEU A 17 6.07 9.31 2.86
N GLY A 18 5.66 9.28 1.60
CA GLY A 18 4.39 9.88 1.19
C GLY A 18 3.30 8.98 0.67
N ASP A 19 2.14 9.61 0.57
CA ASP A 19 0.90 9.00 0.09
C ASP A 19 0.95 8.59 -1.38
N CYS A 20 1.10 7.30 -1.61
CA CYS A 20 1.10 6.71 -2.95
C CYS A 20 0.95 5.20 -2.74
N PRO A 21 0.18 4.49 -3.60
CA PRO A 21 0.08 3.05 -3.35
C PRO A 21 1.42 2.33 -3.48
N PHE A 22 2.16 2.76 -4.49
CA PHE A 22 3.39 2.10 -4.90
C PHE A 22 4.52 2.40 -3.94
N CYS A 23 4.43 3.54 -3.27
CA CYS A 23 5.44 3.96 -2.30
C CYS A 23 5.55 2.92 -1.20
N GLN A 24 4.46 2.72 -0.48
CA GLN A 24 4.51 1.76 0.61
C GLN A 24 4.59 0.32 0.09
N ARG A 25 4.08 0.02 -1.10
CA ARG A 25 4.23 -1.33 -1.64
C ARG A 25 5.69 -1.74 -1.74
N VAL A 26 6.56 -0.89 -2.26
CA VAL A 26 7.96 -1.29 -2.44
C VAL A 26 8.72 -1.26 -1.12
N LEU A 27 8.40 -0.31 -0.26
CA LEU A 27 9.03 -0.18 1.05
C LEU A 27 8.73 -1.35 1.96
N LEU A 28 7.46 -1.75 1.99
CA LEU A 28 7.01 -2.82 2.88
C LEU A 28 7.68 -4.14 2.55
N SER A 29 7.87 -4.46 1.29
CA SER A 29 8.56 -5.69 0.94
C SER A 29 9.99 -5.71 1.47
N LEU A 30 10.66 -4.58 1.39
CA LEU A 30 12.08 -4.55 1.73
C LEU A 30 12.25 -4.56 3.25
N GLU A 31 11.34 -3.93 3.97
CA GLU A 31 11.37 -3.99 5.43
C GLU A 31 10.85 -5.29 6.01
N GLU A 32 9.87 -5.94 5.40
CA GLU A 32 9.43 -7.25 5.89
C GLU A 32 10.53 -8.28 5.69
N LYS A 33 11.23 -8.20 4.57
CA LYS A 33 12.36 -9.11 4.31
C LYS A 33 13.65 -8.64 5.00
N LYS A 34 13.58 -7.45 5.59
CA LYS A 34 14.67 -6.84 6.36
C LYS A 34 15.99 -6.75 5.58
N ILE A 35 15.90 -6.39 4.31
CA ILE A 35 17.10 -6.25 3.48
C ILE A 35 17.53 -4.79 3.43
N PRO A 36 18.84 -4.50 3.36
CA PRO A 36 19.16 -3.08 3.38
C PRO A 36 18.89 -2.35 2.07
N TYR A 37 18.62 -1.06 2.18
CA TYR A 37 18.40 -0.23 1.02
C TYR A 37 18.81 1.22 1.25
N LYS A 38 19.09 1.91 0.15
CA LYS A 38 19.32 3.35 0.13
C LYS A 38 17.94 3.95 -0.13
N SER A 39 17.68 5.19 0.27
CA SER A 39 16.34 5.76 0.11
C SER A 39 16.35 7.21 -0.33
N HIS A 40 15.66 7.48 -1.43
CA HIS A 40 15.56 8.82 -2.01
C HIS A 40 14.10 9.25 -1.89
N LEU A 41 13.88 10.40 -1.28
CA LEU A 41 12.53 10.93 -1.09
C LEU A 41 12.28 11.92 -2.21
N ILE A 42 11.43 11.52 -3.14
CA ILE A 42 11.15 12.27 -4.35
C ILE A 42 10.09 13.30 -4.02
N ASN A 43 10.56 14.51 -3.73
CA ASN A 43 9.71 15.67 -3.45
C ASN A 43 8.94 16.10 -4.69
N LEU A 44 7.69 15.66 -4.81
CA LEU A 44 6.81 15.88 -5.97
C LEU A 44 7.51 15.97 -7.32
N GLY A 45 8.38 15.02 -7.61
CA GLY A 45 9.16 15.08 -8.84
C GLY A 45 10.50 15.80 -8.68
N ASP A 46 11.24 15.46 -7.63
CA ASP A 46 12.68 15.73 -7.57
C ASP A 46 13.31 14.82 -8.61
N LYS A 47 13.66 15.37 -9.77
CA LYS A 47 13.99 14.55 -10.95
C LYS A 47 15.21 15.05 -11.74
N PRO A 48 16.42 14.82 -11.20
CA PRO A 48 17.58 15.08 -12.06
C PRO A 48 17.60 14.10 -13.23
N GLN A 49 18.48 14.29 -14.20
CA GLN A 49 18.55 13.41 -15.37
C GLN A 49 18.76 11.95 -14.97
N TRP A 50 19.54 11.70 -13.93
CA TRP A 50 19.69 10.36 -13.37
C TRP A 50 18.37 9.75 -12.94
N PHE A 51 17.49 10.51 -12.31
CA PHE A 51 16.21 9.96 -11.86
C PHE A 51 15.22 9.87 -13.00
N LEU A 52 15.31 10.80 -13.95
CA LEU A 52 14.46 10.76 -15.15
C LEU A 52 14.79 9.57 -16.03
N GLU A 53 16.00 9.06 -15.94
CA GLU A 53 16.36 7.82 -16.63
C GLU A 53 15.59 6.63 -16.03
N ILE A 54 15.40 6.65 -14.72
CA ILE A 54 14.84 5.51 -13.99
C ILE A 54 13.31 5.58 -13.92
N SER A 55 12.77 6.69 -13.48
CA SER A 55 11.32 6.81 -13.23
C SER A 55 10.60 7.24 -14.50
N PRO A 56 9.68 6.42 -15.06
CA PRO A 56 9.01 6.84 -16.31
C PRO A 56 8.22 8.14 -16.31
N GLU A 57 7.74 8.62 -15.16
CA GLU A 57 7.14 9.98 -15.09
C GLU A 57 8.08 11.00 -14.46
N GLY A 58 9.17 10.53 -13.87
CA GLY A 58 9.95 11.37 -12.96
C GLY A 58 9.24 11.60 -11.63
N LYS A 59 8.06 11.04 -11.45
CA LYS A 59 7.24 11.22 -10.24
C LYS A 59 6.44 9.95 -9.94
N VAL A 60 7.02 8.79 -10.23
CA VAL A 60 6.41 7.52 -9.83
C VAL A 60 7.47 6.79 -9.03
N PRO A 61 7.07 6.10 -7.95
CA PRO A 61 8.11 5.36 -7.23
C PRO A 61 8.73 4.25 -8.04
N VAL A 62 10.01 4.01 -7.79
CA VAL A 62 10.78 2.98 -8.48
C VAL A 62 11.67 2.34 -7.44
N VAL A 63 12.19 1.17 -7.76
CA VAL A 63 13.09 0.44 -6.89
C VAL A 63 14.23 -0.06 -7.75
N LYS A 64 15.45 0.15 -7.27
CA LYS A 64 16.67 -0.23 -7.97
C LYS A 64 17.24 -1.45 -7.28
N ILE A 65 17.68 -2.42 -8.06
CA ILE A 65 18.17 -3.71 -7.59
C ILE A 65 19.53 -3.90 -8.24
N ASP A 66 20.58 -3.47 -7.54
CA ASP A 66 21.96 -3.47 -8.07
C ASP A 66 22.03 -2.81 -9.45
N ASP A 67 21.50 -1.61 -9.52
CA ASP A 67 21.48 -0.77 -10.74
C ASP A 67 20.71 -1.33 -11.94
N LYS A 68 19.75 -2.21 -11.68
CA LYS A 68 18.66 -2.51 -12.61
C LYS A 68 17.44 -1.92 -11.91
N TRP A 69 16.30 -1.70 -12.56
CA TRP A 69 15.14 -1.14 -11.85
C TRP A 69 13.78 -1.62 -12.33
N VAL A 70 12.77 -1.48 -11.49
CA VAL A 70 11.37 -1.73 -11.84
C VAL A 70 10.57 -0.57 -11.24
N ALA A 71 9.34 -0.36 -11.72
CA ALA A 71 8.46 0.69 -11.20
C ALA A 71 7.26 0.15 -10.39
N ASP A 72 6.06 0.40 -10.91
CA ASP A 72 4.79 0.20 -10.20
C ASP A 72 4.45 -1.25 -9.81
N SER A 73 3.36 -1.40 -9.06
CA SER A 73 3.11 -2.57 -8.21
C SER A 73 3.07 -3.92 -8.89
N ASP A 74 2.66 -3.99 -10.14
CA ASP A 74 2.54 -5.30 -10.79
C ASP A 74 3.90 -5.84 -11.21
N VAL A 75 4.84 -4.93 -11.45
CA VAL A 75 6.15 -5.33 -11.97
C VAL A 75 7.04 -5.78 -10.83
N ILE A 76 6.92 -5.17 -9.66
CA ILE A 76 7.69 -5.65 -8.51
C ILE A 76 7.24 -7.07 -8.16
N VAL A 77 5.95 -7.38 -8.23
CA VAL A 77 5.47 -8.75 -7.99
C VAL A 77 6.06 -9.74 -9.00
N GLY A 78 6.07 -9.37 -10.28
CA GLY A 78 6.56 -10.28 -11.30
C GLY A 78 8.06 -10.46 -11.36
N ILE A 79 8.82 -9.41 -11.09
CA ILE A 79 10.27 -9.42 -11.28
C ILE A 79 11.07 -9.20 -9.99
N LEU A 80 10.77 -8.17 -9.23
CA LEU A 80 11.62 -7.84 -8.07
C LEU A 80 11.52 -8.91 -7.00
N GLU A 81 10.34 -9.44 -6.73
CA GLU A 81 10.22 -10.47 -5.69
C GLU A 81 11.09 -11.68 -6.08
N GLU A 82 11.12 -12.04 -7.36
CA GLU A 82 11.92 -13.15 -7.82
C GLU A 82 13.43 -12.90 -7.72
N LYS A 83 13.81 -11.65 -7.89
CA LYS A 83 15.22 -11.25 -7.89
C LYS A 83 15.69 -10.72 -6.54
N ASN A 84 14.82 -10.73 -5.55
CA ASN A 84 15.15 -10.37 -4.17
C ASN A 84 16.00 -11.49 -3.57
N PRO A 85 17.09 -11.19 -2.84
CA PRO A 85 17.83 -12.33 -2.26
C PRO A 85 17.07 -13.17 -1.22
N GLU A 86 16.03 -12.62 -0.61
CA GLU A 86 15.20 -13.33 0.37
C GLU A 86 14.01 -13.93 -0.37
N PRO A 87 13.30 -14.93 0.20
CA PRO A 87 12.53 -15.85 -0.65
C PRO A 87 11.48 -15.21 -1.57
N PRO A 88 11.29 -15.75 -2.79
CA PRO A 88 10.59 -15.03 -3.87
C PRO A 88 9.07 -15.15 -3.84
N LEU A 89 8.51 -15.32 -2.66
CA LEU A 89 7.09 -15.61 -2.48
C LEU A 89 6.24 -14.42 -2.91
N ALA A 90 5.50 -14.59 -4.00
CA ALA A 90 4.74 -13.51 -4.62
C ALA A 90 3.38 -14.02 -5.08
N THR A 91 2.93 -15.07 -4.42
CA THR A 91 1.76 -15.84 -4.83
C THR A 91 0.45 -15.04 -4.98
N PRO A 92 -0.21 -15.08 -6.15
CA PRO A 92 -1.51 -14.41 -6.33
C PRO A 92 -2.74 -15.31 -6.59
N PRO A 93 -3.12 -16.21 -5.63
CA PRO A 93 -4.23 -17.14 -5.86
C PRO A 93 -5.63 -16.53 -5.58
N GLU A 94 -6.51 -17.21 -4.85
CA GLU A 94 -7.86 -16.72 -4.55
C GLU A 94 -7.80 -15.37 -3.82
N PHE A 95 -6.76 -15.23 -3.02
CA PHE A 95 -6.57 -14.02 -2.25
C PHE A 95 -6.37 -12.79 -3.13
N ALA A 96 -5.79 -12.96 -4.30
CA ALA A 96 -5.58 -11.85 -5.21
C ALA A 96 -6.82 -11.63 -6.09
N SER A 97 -7.49 -12.70 -6.49
CA SER A 97 -8.66 -12.53 -7.34
C SER A 97 -9.78 -11.87 -6.55
N VAL A 98 -9.94 -12.24 -5.29
CA VAL A 98 -10.91 -11.55 -4.43
C VAL A 98 -10.36 -10.17 -4.05
N GLY A 99 -9.11 -10.09 -3.64
CA GLY A 99 -8.56 -8.83 -3.16
C GLY A 99 -8.55 -7.69 -4.15
N SER A 100 -8.42 -8.01 -5.44
CA SER A 100 -8.48 -6.99 -6.48
C SER A 100 -9.85 -6.34 -6.62
N LYS A 101 -10.92 -6.95 -6.10
CA LYS A 101 -12.23 -6.30 -6.10
C LYS A 101 -12.35 -5.33 -4.93
N ILE A 102 -11.72 -5.68 -3.83
CA ILE A 102 -11.78 -4.88 -2.60
C ILE A 102 -11.03 -3.59 -2.84
N PHE A 103 -9.87 -3.68 -3.48
CA PHE A 103 -8.97 -2.53 -3.64
C PHE A 103 -9.65 -1.27 -4.20
N PRO A 104 -10.24 -1.30 -5.41
CA PRO A 104 -10.81 0.01 -5.77
C PRO A 104 -12.13 0.33 -5.08
N SER A 105 -12.83 -0.64 -4.50
CA SER A 105 -14.11 -0.36 -3.85
C SER A 105 -13.95 0.61 -2.69
N PHE A 106 -12.85 0.49 -1.95
CA PHE A 106 -12.63 1.43 -0.85
C PHE A 106 -11.97 2.73 -1.30
N VAL A 107 -11.24 2.71 -2.41
CA VAL A 107 -10.67 3.94 -2.95
C VAL A 107 -11.80 4.81 -3.49
N LYS A 108 -12.73 4.17 -4.19
CA LYS A 108 -13.95 4.82 -4.69
C LYS A 108 -14.69 5.47 -3.54
N PHE A 109 -14.86 4.72 -2.46
CA PHE A 109 -15.63 5.23 -1.33
C PHE A 109 -14.99 6.44 -0.68
N LEU A 110 -13.68 6.43 -0.52
CA LEU A 110 -12.98 7.52 0.15
C LEU A 110 -13.05 8.85 -0.60
N LYS A 111 -12.91 8.80 -1.91
CA LYS A 111 -12.92 10.02 -2.72
C LYS A 111 -14.34 10.47 -3.07
N SER A 112 -15.32 9.63 -2.76
CA SER A 112 -16.72 9.96 -3.02
C SER A 112 -17.31 10.71 -1.83
N LYS A 113 -18.19 11.66 -2.10
CA LYS A 113 -19.01 12.31 -1.06
C LYS A 113 -20.44 12.40 -1.58
N ASP A 114 -20.81 11.32 -2.23
CA ASP A 114 -22.15 11.07 -2.75
C ASP A 114 -23.12 10.88 -1.58
N PRO A 115 -24.42 10.64 -1.86
CA PRO A 115 -25.14 9.84 -0.85
C PRO A 115 -24.58 8.42 -0.70
N ASN A 116 -23.60 8.30 0.19
CA ASN A 116 -22.85 7.07 0.41
C ASN A 116 -23.53 6.18 1.45
N ASP A 117 -24.29 5.19 1.00
CA ASP A 117 -24.84 4.16 1.91
C ASP A 117 -24.78 2.79 1.26
N GLY A 118 -25.25 2.68 0.03
CA GLY A 118 -25.11 1.43 -0.71
C GLY A 118 -23.65 1.10 -0.94
N THR A 119 -22.83 2.13 -1.16
CA THR A 119 -21.39 1.96 -1.30
C THR A 119 -20.68 1.72 0.03
N GLU A 120 -21.30 2.05 1.15
CA GLU A 120 -20.71 1.75 2.45
C GLU A 120 -21.02 0.29 2.80
N GLN A 121 -22.21 -0.13 2.43
CA GLN A 121 -22.56 -1.54 2.52
C GLN A 121 -21.69 -2.34 1.55
N ALA A 122 -21.30 -1.76 0.43
CA ALA A 122 -20.35 -2.42 -0.46
C ALA A 122 -18.98 -2.58 0.21
N LEU A 123 -18.55 -1.67 1.06
CA LEU A 123 -17.30 -1.87 1.80
C LEU A 123 -17.46 -3.11 2.65
N LEU A 124 -18.57 -3.19 3.37
CA LEU A 124 -18.83 -4.30 4.26
C LEU A 124 -18.90 -5.61 3.47
N GLU A 125 -19.63 -5.65 2.37
CA GLU A 125 -19.77 -6.89 1.59
C GLU A 125 -18.53 -7.31 0.83
N GLU A 126 -17.76 -6.38 0.28
CA GLU A 126 -16.53 -6.77 -0.42
C GLU A 126 -15.55 -7.28 0.62
N LEU A 127 -15.42 -6.58 1.74
CA LEU A 127 -14.49 -7.04 2.77
C LEU A 127 -14.98 -8.31 3.46
N LYS A 128 -16.28 -8.58 3.41
CA LYS A 128 -16.83 -9.83 3.93
C LYS A 128 -16.29 -11.02 3.16
N ALA A 129 -16.04 -10.85 1.87
CA ALA A 129 -15.46 -11.93 1.08
C ALA A 129 -14.03 -12.24 1.55
N LEU A 130 -13.21 -11.22 1.76
CA LEU A 130 -11.85 -11.46 2.27
C LEU A 130 -11.89 -11.99 3.69
N ASP A 131 -12.80 -11.48 4.51
CA ASP A 131 -12.97 -11.92 5.89
C ASP A 131 -13.36 -13.39 5.94
N GLY A 132 -14.19 -13.81 5.01
CA GLY A 132 -14.54 -15.21 4.89
C GLY A 132 -13.33 -16.05 4.52
N HIS A 133 -12.62 -15.66 3.47
CA HIS A 133 -11.44 -16.42 3.02
C HIS A 133 -10.36 -16.49 4.08
N LEU A 134 -10.14 -15.42 4.82
CA LEU A 134 -9.07 -15.35 5.82
C LEU A 134 -9.28 -16.37 6.92
N LYS A 135 -10.46 -16.39 7.50
CA LYS A 135 -10.67 -17.10 8.76
C LYS A 135 -10.67 -18.61 8.58
N VAL A 136 -10.84 -19.04 7.34
CA VAL A 136 -10.68 -20.44 6.95
C VAL A 136 -9.22 -20.88 7.12
N HIS A 137 -8.27 -19.95 7.03
CA HIS A 137 -6.85 -20.28 7.20
C HIS A 137 -6.23 -19.81 8.51
N GLY A 138 -6.52 -18.57 8.92
CA GLY A 138 -5.99 -18.02 10.17
C GLY A 138 -4.96 -16.89 10.10
N PRO A 139 -3.77 -17.04 9.47
CA PRO A 139 -2.78 -15.95 9.36
C PRO A 139 -3.17 -14.78 8.47
N PHE A 140 -2.18 -14.08 7.94
CA PHE A 140 -2.35 -13.01 6.97
C PHE A 140 -3.07 -13.47 5.68
N ILE A 141 -3.48 -12.53 4.84
CA ILE A 141 -4.47 -12.78 3.78
C ILE A 141 -3.91 -13.83 2.81
N ALA A 142 -2.62 -13.79 2.56
CA ALA A 142 -1.97 -14.75 1.67
C ALA A 142 -1.96 -16.22 2.14
N GLY A 143 -2.46 -16.50 3.33
CA GLY A 143 -2.73 -17.86 3.77
C GLY A 143 -1.73 -18.41 4.76
N GLU A 144 -0.48 -17.98 4.67
CA GLU A 144 0.56 -18.42 5.60
C GLU A 144 1.29 -17.29 6.33
N LYS A 145 1.65 -16.25 5.60
CA LYS A 145 2.50 -15.16 6.11
C LYS A 145 2.26 -13.96 5.22
N ILE A 146 2.80 -12.80 5.57
CA ILE A 146 2.76 -11.61 4.72
C ILE A 146 3.45 -11.97 3.40
N THR A 147 2.70 -11.90 2.31
CA THR A 147 3.19 -12.25 0.97
C THR A 147 2.58 -11.21 0.04
N ALA A 148 2.76 -11.28 -1.27
CA ALA A 148 2.34 -10.22 -2.20
C ALA A 148 0.95 -9.60 -2.04
N VAL A 149 -0.09 -10.39 -1.77
CA VAL A 149 -1.43 -9.83 -1.59
C VAL A 149 -1.47 -8.92 -0.36
N ASP A 150 -0.79 -9.31 0.71
CA ASP A 150 -0.73 -8.48 1.91
C ASP A 150 0.13 -7.26 1.66
N LEU A 151 1.18 -7.43 0.87
CA LEU A 151 2.12 -6.36 0.56
C LEU A 151 1.46 -5.24 -0.24
N SER A 152 0.38 -5.53 -0.97
CA SER A 152 -0.36 -4.48 -1.67
C SER A 152 -1.60 -3.99 -0.93
N LEU A 153 -2.37 -4.90 -0.33
CA LEU A 153 -3.60 -4.48 0.35
C LEU A 153 -3.36 -3.75 1.65
N ALA A 154 -2.51 -4.26 2.53
CA ALA A 154 -2.31 -3.62 3.83
C ALA A 154 -1.86 -2.16 3.72
N PRO A 155 -0.86 -1.83 2.89
CA PRO A 155 -0.58 -0.40 2.92
C PRO A 155 -1.63 0.47 2.25
N LYS A 156 -2.41 -0.03 1.30
CA LYS A 156 -3.46 0.83 0.74
C LYS A 156 -4.57 0.99 1.75
N LEU A 157 -4.82 -0.03 2.57
CA LEU A 157 -5.76 0.08 3.69
C LEU A 157 -5.26 1.04 4.78
N TYR A 158 -3.95 1.17 4.96
CA TYR A 158 -3.44 2.25 5.82
C TYR A 158 -3.78 3.61 5.23
N HIS A 159 -3.53 3.80 3.94
CA HIS A 159 -3.82 5.08 3.30
C HIS A 159 -5.34 5.35 3.36
N LEU A 160 -6.14 4.30 3.33
CA LEU A 160 -7.58 4.44 3.50
C LEU A 160 -7.92 4.88 4.91
N GLU A 161 -7.55 4.14 5.94
CA GLU A 161 -8.11 4.37 7.27
C GLU A 161 -7.74 5.73 7.81
N VAL A 162 -6.54 6.21 7.50
CA VAL A 162 -6.08 7.52 7.96
C VAL A 162 -7.03 8.62 7.50
N ALA A 163 -7.52 8.56 6.26
CA ALA A 163 -8.46 9.57 5.78
C ALA A 163 -9.94 9.19 6.03
N LEU A 164 -10.27 7.91 5.93
CA LEU A 164 -11.65 7.45 6.09
C LEU A 164 -12.16 7.68 7.50
N GLY A 165 -11.32 7.41 8.48
CA GLY A 165 -11.68 7.62 9.88
C GLY A 165 -11.77 9.11 10.16
N HIS A 166 -10.93 9.87 9.48
CA HIS A 166 -10.86 11.32 9.69
C HIS A 166 -12.05 12.08 9.12
N PHE A 167 -12.42 11.83 7.87
CA PHE A 167 -13.47 12.61 7.21
C PHE A 167 -14.86 12.00 7.11
N LYS A 168 -14.96 10.68 7.06
CA LYS A 168 -16.24 9.99 6.79
C LYS A 168 -16.57 9.00 7.90
N ASN A 169 -15.95 9.21 9.05
CA ASN A 169 -15.68 8.15 10.04
C ASN A 169 -16.37 6.80 9.91
N TRP A 170 -15.72 5.89 9.20
CA TRP A 170 -16.16 4.50 9.13
C TRP A 170 -15.07 3.67 9.81
N PRO A 171 -15.21 3.41 11.12
CA PRO A 171 -14.29 2.38 11.62
C PRO A 171 -14.69 1.03 11.06
N ILE A 172 -13.76 0.11 10.98
CA ILE A 172 -14.07 -1.24 10.53
C ILE A 172 -14.99 -1.87 11.59
N PRO A 173 -16.17 -2.38 11.19
CA PRO A 173 -17.00 -3.03 12.21
C PRO A 173 -16.41 -4.36 12.64
N ASP A 174 -16.70 -4.81 13.85
CA ASP A 174 -16.18 -6.09 14.35
C ASP A 174 -16.86 -7.31 13.73
N ASN A 175 -17.81 -7.07 12.83
CA ASN A 175 -18.31 -8.12 11.94
C ASN A 175 -17.20 -8.59 11.01
N LEU A 176 -16.27 -7.70 10.72
CA LEU A 176 -15.12 -7.99 9.86
C LEU A 176 -13.94 -8.21 10.78
N THR A 177 -14.00 -9.29 11.54
CA THR A 177 -12.98 -9.63 12.52
C THR A 177 -11.62 -9.77 11.87
N HIS A 178 -11.57 -10.26 10.63
CA HIS A 178 -10.33 -10.25 9.85
C HIS A 178 -9.81 -8.83 9.78
N VAL A 179 -10.57 -7.93 9.19
CA VAL A 179 -9.98 -6.68 8.71
C VAL A 179 -9.59 -5.84 9.93
N LEU A 180 -10.38 -5.92 10.99
CA LEU A 180 -10.07 -5.19 12.21
C LEU A 180 -8.81 -5.74 12.89
N ASN A 181 -8.67 -7.06 12.93
CA ASN A 181 -7.45 -7.66 13.50
C ASN A 181 -6.25 -7.37 12.62
N TYR A 182 -6.46 -7.37 11.32
CA TYR A 182 -5.43 -7.16 10.33
C TYR A 182 -4.80 -5.78 10.41
N ILE A 183 -5.60 -4.75 10.61
CA ILE A 183 -5.04 -3.40 10.76
C ILE A 183 -4.31 -3.30 12.11
N LYS A 184 -4.76 -4.01 13.14
CA LYS A 184 -3.97 -4.08 14.37
C LYS A 184 -2.61 -4.74 14.12
N LEU A 185 -2.57 -5.80 13.34
CA LEU A 185 -1.30 -6.46 12.99
C LEU A 185 -0.42 -5.57 12.12
N LEU A 186 -1.02 -4.78 11.24
CA LEU A 186 -0.30 -3.79 10.43
C LEU A 186 0.39 -2.81 11.37
N PHE A 187 -0.34 -2.27 12.32
CA PHE A 187 0.27 -1.30 13.23
C PHE A 187 1.27 -1.91 14.21
N SER A 188 1.27 -3.23 14.36
CA SER A 188 2.21 -3.91 15.23
C SER A 188 3.63 -4.04 14.65
N ARG A 189 3.79 -4.49 13.41
CA ARG A 189 5.15 -4.76 12.90
C ARG A 189 5.85 -3.54 12.33
N GLU A 190 7.15 -3.48 12.54
CA GLU A 190 7.98 -2.38 12.04
C GLU A 190 7.97 -2.31 10.52
N SER A 191 7.70 -3.43 9.87
CA SER A 191 7.55 -3.51 8.42
C SER A 191 6.57 -2.48 7.87
N PHE A 192 5.51 -2.22 8.61
CA PHE A 192 4.52 -1.21 8.21
C PHE A 192 4.75 0.07 9.02
N LYS A 193 5.04 -0.10 10.31
CA LYS A 193 5.17 1.03 11.23
C LYS A 193 6.25 2.02 10.83
N LYS A 194 7.33 1.54 10.24
CA LYS A 194 8.41 2.41 9.75
C LYS A 194 8.09 3.01 8.39
N THR A 195 7.39 2.27 7.55
CA THR A 195 7.22 2.63 6.13
C THR A 195 5.95 3.44 5.85
N ARG A 196 5.08 3.51 6.85
CA ARG A 196 3.81 4.23 6.73
C ARG A 196 4.03 5.67 6.31
N ALA A 197 3.20 6.10 5.37
CA ALA A 197 3.24 7.45 4.86
C ALA A 197 2.86 8.41 5.99
N ALA A 198 3.37 9.63 5.94
CA ALA A 198 3.07 10.63 6.96
C ALA A 198 1.57 10.92 6.95
N GLU A 199 0.91 10.72 8.09
CA GLU A 199 -0.55 10.73 8.16
C GLU A 199 -1.24 12.04 7.78
N GLU A 200 -0.68 13.17 8.18
CA GLU A 200 -1.25 14.47 7.83
C GLU A 200 -1.17 14.66 6.32
N HIS A 201 -0.15 14.08 5.73
CA HIS A 201 0.07 14.20 4.30
C HIS A 201 -0.54 13.03 3.53
N VAL A 202 -1.32 12.19 4.21
CA VAL A 202 -2.23 11.26 3.54
C VAL A 202 -3.58 11.97 3.46
N ILE A 203 -4.01 12.63 4.53
CA ILE A 203 -5.26 13.37 4.45
C ILE A 203 -5.09 14.54 3.47
N ALA A 204 -3.93 15.17 3.47
CA ALA A 204 -3.61 16.21 2.49
C ALA A 204 -3.19 15.63 1.13
N GLY A 205 -3.10 14.32 1.01
CA GLY A 205 -2.82 13.71 -0.27
C GLY A 205 -4.12 13.45 -1.02
N TRP A 206 -5.19 13.17 -0.28
CA TRP A 206 -6.48 12.83 -0.85
C TRP A 206 -7.50 13.96 -0.85
N GLU A 207 -7.78 14.51 0.31
CA GLU A 207 -8.86 15.49 0.43
C GLU A 207 -8.75 16.81 -0.31
N PRO A 208 -7.54 17.38 -0.52
CA PRO A 208 -7.66 18.63 -1.27
C PRO A 208 -8.17 18.47 -2.70
N LYS A 209 -7.92 17.32 -3.34
CA LYS A 209 -8.46 17.07 -4.68
C LYS A 209 -9.97 16.90 -4.62
N VAL A 210 -10.47 16.32 -3.54
CA VAL A 210 -11.91 16.14 -3.37
C VAL A 210 -12.55 17.50 -3.11
N ASN A 211 -11.87 18.33 -2.33
CA ASN A 211 -12.37 19.68 -2.02
C ASN A 211 -12.38 20.61 -3.24
N ALA A 212 -11.32 20.61 -4.03
CA ALA A 212 -11.18 21.43 -5.24
C ALA A 212 -9.93 21.04 -6.03
N MET A 1 24.90 -5.40 -6.11
CA MET A 1 25.18 -4.98 -4.72
C MET A 1 24.06 -4.09 -4.20
N ALA A 2 23.25 -4.63 -3.31
CA ALA A 2 22.07 -3.97 -2.76
C ALA A 2 21.12 -3.39 -3.82
N LEU A 3 20.26 -2.48 -3.39
CA LEU A 3 19.28 -1.84 -4.25
C LEU A 3 18.96 -0.47 -3.65
N GLU A 4 18.25 0.36 -4.41
CA GLU A 4 17.88 1.71 -3.99
C GLU A 4 16.40 1.87 -4.30
N ILE A 5 15.80 2.95 -3.81
CA ILE A 5 14.36 3.18 -3.90
C ILE A 5 14.18 4.63 -4.34
N CYS A 6 13.20 4.90 -5.20
CA CYS A 6 12.73 6.27 -5.39
C CYS A 6 11.24 6.17 -5.09
N VAL A 7 10.66 7.07 -4.31
CA VAL A 7 9.23 7.02 -3.95
C VAL A 7 8.69 8.44 -3.78
N LYS A 8 7.38 8.61 -3.87
CA LYS A 8 6.76 9.93 -3.69
C LYS A 8 6.93 10.43 -2.26
N ALA A 9 7.32 11.68 -2.12
CA ALA A 9 7.48 12.31 -0.81
C ALA A 9 6.11 12.58 -0.19
N ALA A 10 6.10 12.86 1.11
CA ALA A 10 4.90 13.35 1.77
C ALA A 10 4.53 14.70 1.20
N VAL A 11 3.28 14.84 0.78
CA VAL A 11 2.81 16.13 0.27
C VAL A 11 2.89 17.10 1.45
N GLY A 12 3.51 18.24 1.20
CA GLY A 12 3.66 19.28 2.22
C GLY A 12 4.96 19.23 2.99
N ALA A 13 5.65 18.08 3.01
CA ALA A 13 6.90 17.93 3.76
C ALA A 13 7.88 16.92 3.11
N PRO A 14 8.66 17.36 2.11
CA PRO A 14 9.63 16.46 1.47
C PRO A 14 10.88 16.13 2.28
N ASN A 15 10.67 15.35 3.33
CA ASN A 15 11.74 14.65 4.06
C ASN A 15 11.29 13.26 4.52
N ILE A 16 10.00 12.98 4.42
CA ILE A 16 9.38 11.73 4.85
C ILE A 16 8.48 11.20 3.73
N LEU A 17 8.04 9.96 3.89
CA LEU A 17 7.31 9.21 2.87
C LEU A 17 5.85 9.63 2.68
N GLY A 18 5.33 9.53 1.46
CA GLY A 18 3.93 9.87 1.20
C GLY A 18 3.01 8.71 0.90
N ASP A 19 1.72 9.00 0.84
CA ASP A 19 0.72 8.01 0.43
C ASP A 19 0.67 7.92 -1.09
N CYS A 20 1.39 6.95 -1.60
CA CYS A 20 1.28 6.51 -2.99
C CYS A 20 1.24 4.99 -2.82
N PRO A 21 0.30 4.29 -3.48
CA PRO A 21 0.16 2.89 -3.06
C PRO A 21 1.34 1.98 -3.40
N PHE A 22 1.84 2.14 -4.61
CA PHE A 22 2.94 1.33 -5.10
C PHE A 22 4.21 1.69 -4.35
N CYS A 23 4.26 2.92 -3.85
CA CYS A 23 5.38 3.36 -3.01
C CYS A 23 5.42 2.55 -1.72
N GLN A 24 4.27 2.37 -1.10
CA GLN A 24 4.23 1.55 0.12
C GLN A 24 4.56 0.10 -0.20
N ARG A 25 4.02 -0.41 -1.30
CA ARG A 25 4.27 -1.78 -1.71
C ARG A 25 5.75 -2.08 -1.93
N VAL A 26 6.51 -1.17 -2.55
CA VAL A 26 7.93 -1.42 -2.75
C VAL A 26 8.73 -1.41 -1.45
N LEU A 27 8.43 -0.46 -0.57
CA LEU A 27 9.19 -0.28 0.67
C LEU A 27 8.98 -1.45 1.61
N LEU A 28 7.75 -1.93 1.66
CA LEU A 28 7.38 -2.97 2.61
C LEU A 28 8.11 -4.28 2.42
N SER A 29 8.27 -4.71 1.17
CA SER A 29 8.96 -5.97 0.92
C SER A 29 10.40 -5.86 1.37
N LEU A 30 11.01 -4.72 1.10
CA LEU A 30 12.43 -4.57 1.39
C LEU A 30 12.65 -4.49 2.88
N GLU A 31 11.78 -3.79 3.58
CA GLU A 31 11.89 -3.67 5.03
C GLU A 31 11.55 -4.99 5.72
N GLU A 32 10.58 -5.74 5.22
CA GLU A 32 10.23 -7.04 5.82
C GLU A 32 11.35 -8.04 5.60
N LYS A 33 11.96 -8.03 4.43
CA LYS A 33 13.12 -8.89 4.14
C LYS A 33 14.42 -8.33 4.73
N LYS A 34 14.34 -7.14 5.30
CA LYS A 34 15.48 -6.43 5.92
C LYS A 34 16.67 -6.21 4.98
N ILE A 35 16.39 -5.99 3.70
CA ILE A 35 17.45 -5.74 2.73
C ILE A 35 17.61 -4.22 2.61
N PRO A 36 18.86 -3.70 2.59
CA PRO A 36 18.96 -2.25 2.75
C PRO A 36 18.65 -1.45 1.49
N TYR A 37 18.11 -0.25 1.68
CA TYR A 37 17.80 0.64 0.56
C TYR A 37 18.02 2.10 0.92
N LYS A 38 18.28 2.87 -0.12
CA LYS A 38 18.48 4.32 -0.01
C LYS A 38 17.29 4.94 -0.71
N SER A 39 16.50 5.68 0.04
CA SER A 39 15.26 6.27 -0.46
C SER A 39 15.55 7.65 -1.03
N HIS A 40 15.19 7.83 -2.30
CA HIS A 40 15.34 9.10 -3.01
C HIS A 40 13.95 9.65 -3.26
N LEU A 41 13.49 10.50 -2.35
CA LEU A 41 12.13 11.00 -2.40
C LEU A 41 11.90 11.92 -3.59
N ILE A 42 10.77 11.71 -4.27
CA ILE A 42 10.34 12.58 -5.35
C ILE A 42 9.58 13.74 -4.71
N ASN A 43 10.16 14.93 -4.77
CA ASN A 43 9.58 16.18 -4.24
C ASN A 43 8.53 16.77 -5.18
N LEU A 44 7.55 15.94 -5.53
CA LEU A 44 6.40 16.30 -6.38
C LEU A 44 6.81 16.99 -7.68
N GLY A 45 7.90 16.50 -8.27
CA GLY A 45 8.55 17.16 -9.38
C GLY A 45 10.00 17.34 -8.98
N ASP A 46 10.73 16.24 -8.98
CA ASP A 46 12.10 16.23 -8.45
C ASP A 46 13.11 16.61 -9.53
N LYS A 47 14.38 16.60 -9.16
CA LYS A 47 15.46 17.19 -9.93
C LYS A 47 15.68 16.52 -11.29
N PRO A 48 16.17 17.26 -12.32
CA PRO A 48 16.42 16.85 -13.71
C PRO A 48 16.60 15.39 -14.20
N GLN A 49 17.59 15.20 -15.07
CA GLN A 49 17.65 14.00 -15.92
C GLN A 49 17.90 12.72 -15.15
N TRP A 50 18.54 12.76 -13.98
CA TRP A 50 18.82 11.53 -13.27
C TRP A 50 17.52 10.82 -12.89
N PHE A 51 16.54 11.58 -12.41
CA PHE A 51 15.27 10.98 -12.04
C PHE A 51 14.41 10.70 -13.28
N LEU A 52 14.51 11.54 -14.30
CA LEU A 52 13.73 11.32 -15.53
C LEU A 52 14.17 10.11 -16.35
N GLU A 53 15.44 9.74 -16.29
CA GLU A 53 15.89 8.54 -16.98
C GLU A 53 15.34 7.29 -16.30
N ILE A 54 15.15 7.37 -14.99
CA ILE A 54 14.70 6.21 -14.21
C ILE A 54 13.17 6.14 -14.15
N SER A 55 12.52 7.17 -13.62
CA SER A 55 11.07 7.11 -13.38
C SER A 55 10.35 7.46 -14.68
N PRO A 56 9.49 6.57 -15.21
CA PRO A 56 8.91 6.91 -16.52
C PRO A 56 7.90 8.06 -16.54
N GLU A 57 7.26 8.39 -15.42
CA GLU A 57 6.45 9.61 -15.36
C GLU A 57 7.28 10.77 -14.81
N GLY A 58 8.46 10.43 -14.32
CA GLY A 58 9.21 11.32 -13.43
C GLY A 58 8.71 11.25 -11.99
N LYS A 59 7.41 10.99 -11.81
CA LYS A 59 6.75 11.00 -10.51
C LYS A 59 6.12 9.70 -10.04
N VAL A 60 6.71 8.58 -10.43
CA VAL A 60 6.27 7.27 -9.94
C VAL A 60 7.45 6.60 -9.26
N PRO A 61 7.18 5.66 -8.32
CA PRO A 61 8.33 5.03 -7.68
C PRO A 61 9.08 4.07 -8.58
N VAL A 62 10.22 3.61 -8.08
CA VAL A 62 10.90 2.43 -8.61
C VAL A 62 11.49 1.68 -7.42
N VAL A 63 11.79 0.40 -7.58
CA VAL A 63 12.91 -0.21 -6.89
C VAL A 63 14.01 -0.22 -7.93
N LYS A 64 15.18 0.27 -7.58
CA LYS A 64 16.34 0.33 -8.47
C LYS A 64 17.28 -0.79 -8.02
N ILE A 65 17.11 -1.97 -8.59
CA ILE A 65 17.79 -3.19 -8.17
C ILE A 65 18.97 -3.44 -9.11
N ASP A 66 20.20 -3.35 -8.62
CA ASP A 66 21.40 -3.57 -9.45
C ASP A 66 21.38 -2.71 -10.73
N ASP A 67 20.96 -1.46 -10.56
CA ASP A 67 20.81 -0.47 -11.62
C ASP A 67 19.80 -0.83 -12.73
N LYS A 68 18.71 -1.46 -12.34
CA LYS A 68 17.59 -1.81 -13.24
C LYS A 68 16.34 -1.47 -12.46
N TRP A 69 15.23 -1.05 -13.08
CA TRP A 69 14.08 -0.59 -12.28
C TRP A 69 12.68 -1.09 -12.63
N VAL A 70 11.88 -1.36 -11.61
CA VAL A 70 10.46 -1.75 -11.72
C VAL A 70 9.70 -1.18 -10.50
N ALA A 71 8.49 -0.66 -10.67
CA ALA A 71 7.49 -0.60 -9.60
C ALA A 71 6.01 -0.55 -10.04
N ASP A 72 5.69 -0.89 -11.28
CA ASP A 72 4.28 -0.92 -11.69
C ASP A 72 3.58 -1.99 -10.87
N SER A 73 2.35 -1.72 -10.41
CA SER A 73 1.83 -2.38 -9.21
C SER A 73 1.62 -3.89 -9.32
N ASP A 74 1.33 -4.40 -10.51
CA ASP A 74 1.22 -5.84 -10.69
C ASP A 74 2.59 -6.44 -10.99
N VAL A 75 3.39 -5.71 -11.76
CA VAL A 75 4.67 -6.23 -12.25
C VAL A 75 5.66 -6.40 -11.10
N ILE A 76 5.60 -5.49 -10.15
CA ILE A 76 6.48 -5.51 -8.97
C ILE A 76 6.23 -6.74 -8.11
N VAL A 77 5.03 -7.31 -8.16
CA VAL A 77 4.73 -8.52 -7.37
C VAL A 77 5.64 -9.64 -7.86
N GLY A 78 5.83 -9.72 -9.18
CA GLY A 78 6.69 -10.76 -9.73
C GLY A 78 8.17 -10.40 -9.77
N ILE A 79 8.51 -9.33 -10.46
CA ILE A 79 9.93 -9.04 -10.74
C ILE A 79 10.73 -8.72 -9.49
N LEU A 80 10.19 -7.97 -8.53
CA LEU A 80 10.98 -7.69 -7.33
C LEU A 80 11.30 -9.00 -6.64
N GLU A 81 10.33 -9.88 -6.50
CA GLU A 81 10.58 -11.12 -5.79
C GLU A 81 11.54 -12.02 -6.55
N GLU A 82 11.50 -12.01 -7.87
CA GLU A 82 12.44 -12.78 -8.68
C GLU A 82 13.87 -12.22 -8.64
N LYS A 83 14.01 -10.97 -8.21
CA LYS A 83 15.33 -10.35 -8.03
C LYS A 83 15.67 -10.17 -6.55
N ASN A 84 14.81 -10.64 -5.68
CA ASN A 84 14.98 -10.49 -4.24
C ASN A 84 16.03 -11.50 -3.76
N PRO A 85 17.08 -11.05 -3.04
CA PRO A 85 18.01 -12.06 -2.54
C PRO A 85 17.48 -12.89 -1.37
N GLU A 86 16.34 -12.51 -0.80
CA GLU A 86 15.66 -13.25 0.25
C GLU A 86 14.44 -13.90 -0.41
N PRO A 87 13.80 -14.92 0.20
CA PRO A 87 12.99 -15.83 -0.63
C PRO A 87 11.86 -15.22 -1.47
N PRO A 88 11.68 -15.68 -2.73
CA PRO A 88 10.68 -15.09 -3.63
C PRO A 88 9.22 -15.51 -3.36
N LEU A 89 8.54 -14.78 -2.48
CA LEU A 89 7.19 -15.15 -2.05
C LEU A 89 6.12 -14.35 -2.80
N ALA A 90 6.22 -14.41 -4.12
CA ALA A 90 5.24 -13.82 -5.03
C ALA A 90 4.05 -14.76 -5.18
N THR A 91 3.17 -14.81 -4.22
CA THR A 91 1.95 -15.62 -4.34
C THR A 91 0.70 -14.74 -4.18
N PRO A 92 0.11 -14.27 -5.28
CA PRO A 92 -1.21 -13.60 -5.29
C PRO A 92 -2.42 -14.47 -5.72
N PRO A 93 -2.89 -15.41 -4.88
CA PRO A 93 -3.98 -16.31 -5.30
C PRO A 93 -5.38 -15.70 -5.10
N GLU A 94 -6.34 -16.48 -4.62
CA GLU A 94 -7.69 -15.99 -4.30
C GLU A 94 -7.73 -14.78 -3.38
N PHE A 95 -6.81 -14.72 -2.44
CA PHE A 95 -6.81 -13.62 -1.49
C PHE A 95 -6.48 -12.29 -2.20
N ALA A 96 -5.75 -12.37 -3.31
CA ALA A 96 -5.47 -11.21 -4.14
C ALA A 96 -6.60 -10.92 -5.12
N SER A 97 -7.32 -11.93 -5.60
CA SER A 97 -8.42 -11.66 -6.54
C SER A 97 -9.57 -11.03 -5.78
N VAL A 98 -9.82 -11.48 -4.56
CA VAL A 98 -10.77 -10.82 -3.67
C VAL A 98 -10.22 -9.43 -3.32
N GLY A 99 -8.91 -9.35 -3.09
CA GLY A 99 -8.27 -8.08 -2.85
C GLY A 99 -8.46 -7.07 -3.97
N SER A 100 -8.54 -7.52 -5.22
CA SER A 100 -8.75 -6.64 -6.37
C SER A 100 -10.15 -6.04 -6.43
N LYS A 101 -11.07 -6.57 -5.63
CA LYS A 101 -12.44 -6.08 -5.56
C LYS A 101 -12.58 -5.11 -4.39
N ILE A 102 -11.72 -5.31 -3.40
CA ILE A 102 -11.65 -4.45 -2.22
C ILE A 102 -10.88 -3.16 -2.55
N PHE A 103 -9.66 -3.32 -3.03
CA PHE A 103 -8.68 -2.23 -3.09
C PHE A 103 -9.10 -1.02 -3.94
N PRO A 104 -9.46 -1.19 -5.22
CA PRO A 104 -9.77 0.07 -5.91
C PRO A 104 -11.11 0.66 -5.47
N SER A 105 -11.99 -0.15 -4.91
CA SER A 105 -13.29 0.34 -4.46
C SER A 105 -13.11 1.24 -3.25
N PHE A 106 -12.16 0.93 -2.37
CA PHE A 106 -11.87 1.83 -1.27
C PHE A 106 -11.23 3.13 -1.73
N VAL A 107 -10.39 3.08 -2.76
CA VAL A 107 -9.80 4.30 -3.30
C VAL A 107 -10.91 5.13 -3.97
N LYS A 108 -11.80 4.48 -4.69
CA LYS A 108 -12.93 5.13 -5.36
C LYS A 108 -13.81 5.88 -4.35
N PHE A 109 -14.19 5.25 -3.26
CA PHE A 109 -15.09 5.91 -2.33
C PHE A 109 -14.40 6.88 -1.36
N LEU A 110 -13.07 6.86 -1.30
CA LEU A 110 -12.34 7.94 -0.65
C LEU A 110 -12.26 9.18 -1.55
N LYS A 111 -12.10 8.97 -2.86
CA LYS A 111 -12.12 10.08 -3.82
C LYS A 111 -13.52 10.67 -3.95
N SER A 112 -14.54 9.88 -3.68
CA SER A 112 -15.93 10.32 -3.78
C SER A 112 -16.44 10.95 -2.48
N LYS A 113 -17.35 11.91 -2.58
CA LYS A 113 -18.20 12.30 -1.44
C LYS A 113 -19.66 12.37 -1.91
N ASP A 114 -19.98 11.38 -2.73
CA ASP A 114 -21.36 11.06 -3.10
C ASP A 114 -22.04 10.60 -1.80
N PRO A 115 -23.37 10.38 -1.77
CA PRO A 115 -23.96 9.82 -0.54
C PRO A 115 -23.63 8.34 -0.29
N ASN A 116 -22.38 8.11 0.07
CA ASN A 116 -21.79 6.80 0.23
C ASN A 116 -22.09 6.25 1.61
N ASP A 117 -23.07 5.36 1.68
CA ASP A 117 -23.42 4.70 2.93
C ASP A 117 -23.81 3.27 2.62
N GLY A 118 -24.72 3.09 1.67
CA GLY A 118 -24.97 1.77 1.11
C GLY A 118 -23.75 1.25 0.37
N THR A 119 -22.94 2.13 -0.20
CA THR A 119 -21.68 1.71 -0.79
C THR A 119 -20.58 1.45 0.25
N GLU A 120 -20.66 2.06 1.43
CA GLU A 120 -19.69 1.73 2.49
C GLU A 120 -20.05 0.35 3.02
N GLN A 121 -21.34 0.06 3.08
CA GLN A 121 -21.81 -1.27 3.39
C GLN A 121 -21.46 -2.25 2.26
N ALA A 122 -21.40 -1.80 1.02
CA ALA A 122 -20.95 -2.67 -0.08
C ALA A 122 -19.45 -3.00 0.07
N LEU A 123 -18.65 -2.05 0.55
CA LEU A 123 -17.24 -2.31 0.84
C LEU A 123 -17.11 -3.32 1.97
N LEU A 124 -18.00 -3.23 2.95
CA LEU A 124 -18.08 -4.26 4.01
C LEU A 124 -18.39 -5.62 3.39
N GLU A 125 -19.27 -5.71 2.40
CA GLU A 125 -19.53 -7.00 1.75
C GLU A 125 -18.32 -7.48 0.93
N GLU A 126 -17.55 -6.60 0.32
CA GLU A 126 -16.35 -7.02 -0.40
C GLU A 126 -15.34 -7.63 0.58
N LEU A 127 -15.23 -6.98 1.74
CA LEU A 127 -14.34 -7.45 2.79
C LEU A 127 -14.86 -8.71 3.46
N LYS A 128 -16.17 -8.95 3.41
CA LYS A 128 -16.73 -10.19 3.99
C LYS A 128 -16.27 -11.40 3.20
N ALA A 129 -15.96 -11.24 1.92
CA ALA A 129 -15.40 -12.35 1.18
C ALA A 129 -13.99 -12.65 1.72
N LEU A 130 -13.17 -11.63 1.92
CA LEU A 130 -11.81 -11.88 2.41
C LEU A 130 -11.83 -12.42 3.83
N ASP A 131 -12.70 -11.86 4.67
CA ASP A 131 -12.89 -12.34 6.04
C ASP A 131 -13.35 -13.78 6.02
N GLY A 132 -14.23 -14.11 5.08
CA GLY A 132 -14.70 -15.48 4.93
C GLY A 132 -13.59 -16.43 4.53
N HIS A 133 -12.77 -16.08 3.55
CA HIS A 133 -11.67 -16.95 3.15
C HIS A 133 -10.69 -17.07 4.30
N LEU A 134 -10.41 -15.98 4.99
CA LEU A 134 -9.41 -16.00 6.06
C LEU A 134 -9.84 -16.86 7.23
N LYS A 135 -11.08 -16.75 7.69
CA LYS A 135 -11.48 -17.54 8.85
C LYS A 135 -11.64 -19.03 8.60
N VAL A 136 -11.67 -19.45 7.33
CA VAL A 136 -11.67 -20.89 7.03
C VAL A 136 -10.27 -21.41 6.72
N HIS A 137 -9.28 -20.54 6.58
CA HIS A 137 -7.90 -20.96 6.33
C HIS A 137 -6.97 -20.73 7.53
N GLY A 138 -7.05 -19.57 8.17
CA GLY A 138 -6.32 -19.31 9.41
C GLY A 138 -5.23 -18.23 9.40
N PRO A 139 -4.02 -18.48 8.86
CA PRO A 139 -2.93 -17.50 8.95
C PRO A 139 -3.06 -16.19 8.17
N PHE A 140 -2.00 -15.39 8.22
CA PHE A 140 -1.87 -14.16 7.43
C PHE A 140 -2.02 -14.32 5.92
N ILE A 141 -2.27 -13.20 5.26
CA ILE A 141 -3.52 -12.97 4.52
C ILE A 141 -3.58 -13.86 3.29
N ALA A 142 -2.44 -14.20 2.70
CA ALA A 142 -2.43 -15.17 1.60
C ALA A 142 -2.67 -16.64 2.04
N GLY A 143 -3.22 -16.85 3.22
CA GLY A 143 -3.57 -18.16 3.71
C GLY A 143 -2.43 -18.93 4.36
N GLU A 144 -1.30 -18.26 4.55
CA GLU A 144 -0.08 -18.93 5.02
C GLU A 144 0.82 -18.11 5.96
N LYS A 145 1.11 -16.88 5.58
CA LYS A 145 2.17 -16.07 6.20
C LYS A 145 2.02 -14.70 5.56
N ILE A 146 2.80 -13.72 6.01
CA ILE A 146 2.89 -12.44 5.29
C ILE A 146 3.44 -12.79 3.92
N THR A 147 2.69 -12.45 2.88
CA THR A 147 3.04 -12.76 1.50
C THR A 147 2.73 -11.47 0.75
N ALA A 148 2.99 -11.41 -0.55
CA ALA A 148 2.76 -10.21 -1.34
C ALA A 148 1.35 -9.60 -1.26
N VAL A 149 0.34 -10.40 -0.98
CA VAL A 149 -1.03 -9.90 -0.82
C VAL A 149 -1.13 -8.95 0.36
N ASP A 150 -0.49 -9.31 1.46
CA ASP A 150 -0.55 -8.55 2.71
C ASP A 150 0.06 -7.18 2.45
N LEU A 151 1.13 -7.20 1.67
CA LEU A 151 1.91 -5.99 1.39
C LEU A 151 1.19 -5.03 0.46
N SER A 152 0.23 -5.53 -0.31
CA SER A 152 -0.52 -4.66 -1.22
C SER A 152 -1.72 -4.02 -0.52
N LEU A 153 -2.37 -4.77 0.35
CA LEU A 153 -3.63 -4.30 0.95
C LEU A 153 -3.45 -3.53 2.25
N ALA A 154 -2.64 -4.07 3.16
CA ALA A 154 -2.52 -3.46 4.49
C ALA A 154 -2.06 -2.00 4.54
N PRO A 155 -1.05 -1.59 3.73
CA PRO A 155 -0.72 -0.18 3.94
C PRO A 155 -1.77 0.78 3.38
N LYS A 156 -2.47 0.39 2.32
CA LYS A 156 -3.47 1.26 1.74
C LYS A 156 -4.73 1.22 2.58
N LEU A 157 -4.99 0.13 3.30
CA LEU A 157 -6.04 0.14 4.32
C LEU A 157 -5.67 1.06 5.49
N TYR A 158 -4.39 1.13 5.85
CA TYR A 158 -3.99 2.06 6.91
C TYR A 158 -4.24 3.49 6.45
N HIS A 159 -3.82 3.80 5.23
CA HIS A 159 -4.07 5.12 4.66
C HIS A 159 -5.56 5.41 4.49
N LEU A 160 -6.34 4.39 4.16
CA LEU A 160 -7.78 4.55 4.01
C LEU A 160 -8.43 4.87 5.35
N GLU A 161 -8.17 4.10 6.39
CA GLU A 161 -8.86 4.34 7.65
C GLU A 161 -8.49 5.70 8.22
N VAL A 162 -7.27 6.16 7.97
CA VAL A 162 -6.87 7.51 8.36
C VAL A 162 -7.67 8.55 7.55
N ALA A 163 -7.58 8.51 6.23
CA ALA A 163 -8.15 9.58 5.42
C ALA A 163 -9.68 9.56 5.41
N LEU A 164 -10.27 8.38 5.25
CA LEU A 164 -11.73 8.25 5.24
C LEU A 164 -12.23 8.52 6.63
N GLY A 165 -11.49 8.11 7.66
CA GLY A 165 -11.91 8.36 9.02
C GLY A 165 -11.96 9.84 9.33
N HIS A 166 -11.01 10.60 8.80
CA HIS A 166 -11.02 12.05 8.98
C HIS A 166 -12.22 12.69 8.28
N PHE A 167 -12.51 12.22 7.08
CA PHE A 167 -13.39 12.92 6.15
C PHE A 167 -14.85 12.44 6.02
N LYS A 168 -15.05 11.13 5.96
CA LYS A 168 -16.33 10.50 5.68
C LYS A 168 -16.44 9.27 6.58
N ASN A 169 -16.33 9.53 7.88
CA ASN A 169 -15.82 8.56 8.86
C ASN A 169 -16.41 7.15 8.76
N TRP A 170 -15.53 6.18 8.58
CA TRP A 170 -15.89 4.76 8.53
C TRP A 170 -14.67 3.93 8.92
N PRO A 171 -14.53 3.57 10.20
CA PRO A 171 -13.55 2.53 10.48
C PRO A 171 -14.08 1.17 10.01
N ILE A 172 -13.21 0.19 9.92
CA ILE A 172 -13.64 -1.16 9.54
C ILE A 172 -14.57 -1.69 10.64
N PRO A 173 -15.82 -2.05 10.31
CA PRO A 173 -16.67 -2.54 11.41
C PRO A 173 -16.30 -3.94 11.87
N ASP A 174 -16.75 -4.30 13.06
CA ASP A 174 -16.42 -5.58 13.69
C ASP A 174 -17.13 -6.79 13.08
N ASN A 175 -17.92 -6.52 12.06
CA ASN A 175 -18.47 -7.55 11.18
C ASN A 175 -17.34 -8.23 10.41
N LEU A 176 -16.20 -7.56 10.29
CA LEU A 176 -15.02 -8.11 9.64
C LEU A 176 -13.96 -8.39 10.69
N THR A 177 -14.11 -9.49 11.41
CA THR A 177 -13.17 -9.84 12.46
C THR A 177 -11.74 -9.98 11.96
N HIS A 178 -11.56 -10.59 10.79
CA HIS A 178 -10.23 -10.68 10.21
C HIS A 178 -9.70 -9.29 9.95
N VAL A 179 -10.47 -8.48 9.21
CA VAL A 179 -9.89 -7.25 8.68
C VAL A 179 -9.56 -6.34 9.85
N LEU A 180 -10.48 -6.24 10.81
CA LEU A 180 -10.26 -5.42 11.99
C LEU A 180 -9.08 -5.90 12.82
N ASN A 181 -8.99 -7.18 13.10
CA ASN A 181 -7.95 -7.68 14.00
C ASN A 181 -6.58 -7.72 13.35
N TYR A 182 -6.51 -7.99 12.05
CA TYR A 182 -5.22 -8.11 11.39
C TYR A 182 -4.68 -6.72 11.11
N ILE A 183 -5.53 -5.71 11.10
CA ILE A 183 -5.05 -4.33 11.14
C ILE A 183 -4.34 -4.11 12.47
N LYS A 184 -4.86 -4.59 13.60
CA LYS A 184 -4.17 -4.37 14.88
C LYS A 184 -2.81 -5.05 14.90
N LEU A 185 -2.70 -6.18 14.22
CA LEU A 185 -1.43 -6.89 14.15
C LEU A 185 -0.42 -6.12 13.30
N LEU A 186 -0.84 -5.57 12.18
CA LEU A 186 0.08 -4.93 11.24
C LEU A 186 0.28 -3.42 11.43
N PHE A 187 -0.63 -2.75 12.13
CA PHE A 187 -0.49 -1.33 12.45
C PHE A 187 0.81 -1.12 13.22
N SER A 188 1.14 -2.10 14.04
CA SER A 188 2.47 -2.23 14.61
C SER A 188 3.03 -3.64 14.39
N ARG A 189 3.31 -3.96 13.13
CA ARG A 189 4.30 -5.00 12.80
C ARG A 189 5.47 -4.14 12.36
N GLU A 190 6.70 -4.49 12.71
CA GLU A 190 7.85 -3.59 12.53
C GLU A 190 8.04 -3.03 11.12
N SER A 191 7.94 -3.84 10.08
CA SER A 191 8.07 -3.34 8.71
C SER A 191 6.99 -2.32 8.36
N PHE A 192 5.76 -2.65 8.71
CA PHE A 192 4.61 -1.83 8.33
C PHE A 192 4.61 -0.53 9.13
N LYS A 193 4.94 -0.64 10.41
CA LYS A 193 5.06 0.52 11.30
C LYS A 193 6.10 1.51 10.80
N LYS A 194 7.21 1.01 10.29
CA LYS A 194 8.29 1.88 9.83
C LYS A 194 8.04 2.51 8.46
N THR A 195 7.40 1.78 7.56
CA THR A 195 7.23 2.27 6.18
C THR A 195 5.98 3.11 5.94
N ARG A 196 5.01 3.07 6.85
CA ARG A 196 3.77 3.84 6.68
C ARG A 196 4.03 5.35 6.70
N ALA A 197 3.20 6.09 5.97
CA ALA A 197 3.27 7.55 5.97
C ALA A 197 2.70 8.08 7.29
N ALA A 198 3.04 9.31 7.64
CA ALA A 198 2.46 9.96 8.82
C ALA A 198 1.00 10.29 8.51
N GLU A 199 0.12 10.18 9.49
CA GLU A 199 -1.33 10.29 9.28
C GLU A 199 -1.75 11.60 8.62
N GLU A 200 -1.18 12.71 9.08
CA GLU A 200 -1.53 14.03 8.56
C GLU A 200 -1.24 14.10 7.06
N HIS A 201 -0.13 13.53 6.63
CA HIS A 201 0.29 13.64 5.23
C HIS A 201 -0.46 12.68 4.32
N VAL A 202 -1.18 11.72 4.89
CA VAL A 202 -2.08 10.91 4.07
C VAL A 202 -3.27 11.80 3.71
N ILE A 203 -3.81 12.46 4.72
CA ILE A 203 -5.04 13.25 4.58
C ILE A 203 -4.73 14.47 3.70
N ALA A 204 -3.68 15.17 4.07
CA ALA A 204 -3.27 16.40 3.39
C ALA A 204 -2.60 16.11 2.04
N GLY A 205 -2.39 14.83 1.75
CA GLY A 205 -1.90 14.42 0.45
C GLY A 205 -2.99 14.12 -0.56
N TRP A 206 -4.16 13.69 -0.12
CA TRP A 206 -5.26 13.39 -1.03
C TRP A 206 -6.38 14.42 -1.02
N GLU A 207 -6.56 15.14 0.07
CA GLU A 207 -7.51 16.26 0.07
C GLU A 207 -7.22 17.49 -0.81
N PRO A 208 -5.99 17.76 -1.30
CA PRO A 208 -5.99 18.82 -2.32
C PRO A 208 -6.73 18.51 -3.62
N LYS A 209 -7.07 17.24 -3.86
CA LYS A 209 -7.89 16.86 -5.01
C LYS A 209 -9.36 16.67 -4.61
N VAL A 210 -9.67 17.02 -3.38
CA VAL A 210 -11.05 16.99 -2.86
C VAL A 210 -11.52 18.41 -2.64
N ASN A 211 -10.65 19.27 -2.13
CA ASN A 211 -10.99 20.66 -1.88
C ASN A 211 -11.01 21.54 -3.14
N ALA A 212 -10.53 21.03 -4.26
CA ALA A 212 -10.52 21.75 -5.52
C ALA A 212 -10.51 20.66 -6.58
N MET A 1 22.40 -7.35 -0.84
CA MET A 1 22.85 -6.18 -1.62
C MET A 1 22.09 -4.95 -1.17
N ALA A 2 22.79 -3.89 -0.79
CA ALA A 2 22.14 -2.62 -0.50
C ALA A 2 21.67 -2.06 -1.86
N LEU A 3 20.54 -1.38 -1.84
CA LEU A 3 19.91 -0.90 -3.07
C LEU A 3 19.22 0.42 -2.71
N GLU A 4 18.77 1.21 -3.68
CA GLU A 4 18.15 2.50 -3.35
C GLU A 4 16.68 2.55 -3.73
N ILE A 5 15.90 3.20 -2.88
CA ILE A 5 14.45 3.26 -2.98
C ILE A 5 14.04 4.73 -3.12
N CYS A 6 13.82 5.17 -4.36
CA CYS A 6 13.48 6.56 -4.61
C CYS A 6 11.96 6.64 -4.70
N VAL A 7 11.35 7.40 -3.80
CA VAL A 7 9.90 7.36 -3.58
C VAL A 7 9.30 8.75 -3.41
N LYS A 8 7.98 8.86 -3.53
CA LYS A 8 7.32 10.16 -3.45
C LYS A 8 7.39 10.78 -2.07
N ALA A 9 7.79 12.04 -2.01
CA ALA A 9 7.80 12.80 -0.78
C ALA A 9 6.38 13.31 -0.46
N ALA A 10 6.19 13.78 0.76
CA ALA A 10 4.92 14.37 1.19
C ALA A 10 4.59 15.70 0.52
N VAL A 11 3.31 15.87 0.18
CA VAL A 11 2.84 17.06 -0.53
C VAL A 11 3.01 18.29 0.36
N GLY A 12 3.67 19.32 -0.16
CA GLY A 12 3.91 20.55 0.58
C GLY A 12 5.07 20.53 1.55
N ALA A 13 5.56 19.36 1.91
CA ALA A 13 6.65 19.21 2.86
C ALA A 13 7.52 18.03 2.44
N PRO A 14 8.36 18.18 1.40
CA PRO A 14 9.06 17.03 0.83
C PRO A 14 10.24 16.43 1.61
N ASN A 15 10.14 16.29 2.93
CA ASN A 15 11.19 15.67 3.74
C ASN A 15 10.81 14.32 4.36
N ILE A 16 9.53 13.96 4.34
CA ILE A 16 9.04 12.71 4.93
C ILE A 16 8.28 12.02 3.80
N LEU A 17 8.10 10.71 3.93
CA LEU A 17 7.41 9.86 2.95
C LEU A 17 5.95 10.30 2.77
N GLY A 18 5.50 10.36 1.52
CA GLY A 18 4.18 10.89 1.22
C GLY A 18 3.01 9.94 1.12
N ASP A 19 1.94 10.45 0.51
CA ASP A 19 0.71 9.72 0.24
C ASP A 19 0.91 8.79 -0.96
N CYS A 20 1.58 7.69 -0.72
CA CYS A 20 2.00 6.81 -1.81
C CYS A 20 1.89 5.33 -1.47
N PRO A 21 0.70 4.74 -1.61
CA PRO A 21 0.65 3.30 -1.37
C PRO A 21 1.53 2.44 -2.29
N PHE A 22 1.88 2.94 -3.47
CA PHE A 22 2.76 2.20 -4.37
C PHE A 22 4.16 2.17 -3.74
N CYS A 23 4.53 3.29 -3.13
CA CYS A 23 5.85 3.43 -2.50
C CYS A 23 5.88 2.53 -1.29
N GLN A 24 4.79 2.51 -0.55
CA GLN A 24 4.69 1.60 0.58
C GLN A 24 4.78 0.13 0.16
N ARG A 25 4.25 -0.27 -0.99
CA ARG A 25 4.41 -1.66 -1.44
C ARG A 25 5.90 -2.03 -1.54
N VAL A 26 6.70 -1.09 -2.05
CA VAL A 26 8.14 -1.28 -2.14
C VAL A 26 8.75 -1.35 -0.73
N LEU A 27 8.46 -0.36 0.08
CA LEU A 27 9.08 -0.22 1.40
C LEU A 27 8.71 -1.37 2.34
N LEU A 28 7.48 -1.84 2.29
CA LEU A 28 7.06 -2.98 3.09
C LEU A 28 7.84 -4.21 2.67
N SER A 29 8.04 -4.42 1.38
CA SER A 29 8.73 -5.62 0.91
C SER A 29 10.19 -5.62 1.35
N LEU A 30 10.79 -4.44 1.42
CA LEU A 30 12.18 -4.32 1.85
C LEU A 30 12.30 -4.55 3.35
N GLU A 31 11.44 -3.94 4.14
CA GLU A 31 11.51 -4.08 5.59
C GLU A 31 11.05 -5.45 6.08
N GLU A 32 10.08 -6.07 5.45
CA GLU A 32 9.62 -7.39 5.90
C GLU A 32 10.73 -8.43 5.71
N LYS A 33 11.49 -8.29 4.64
CA LYS A 33 12.65 -9.16 4.42
C LYS A 33 13.91 -8.65 5.10
N LYS A 34 13.83 -7.45 5.66
CA LYS A 34 14.92 -6.79 6.42
C LYS A 34 16.20 -6.56 5.61
N ILE A 35 16.04 -6.41 4.31
CA ILE A 35 17.16 -6.18 3.38
C ILE A 35 17.50 -4.68 3.49
N PRO A 36 18.80 -4.31 3.55
CA PRO A 36 19.08 -2.88 3.70
C PRO A 36 18.83 -2.06 2.45
N TYR A 37 18.54 -0.79 2.62
CA TYR A 37 18.35 0.12 1.50
C TYR A 37 18.59 1.57 1.91
N LYS A 38 18.61 2.45 0.93
CA LYS A 38 18.70 3.89 1.14
C LYS A 38 17.45 4.51 0.57
N SER A 39 16.69 5.26 1.34
CA SER A 39 15.51 5.96 0.82
C SER A 39 16.02 7.26 0.19
N HIS A 40 15.37 7.69 -0.89
CA HIS A 40 15.70 8.94 -1.56
C HIS A 40 14.32 9.50 -1.91
N LEU A 41 14.12 10.81 -1.90
CA LEU A 41 12.78 11.36 -2.11
C LEU A 41 12.62 12.17 -3.39
N ILE A 42 11.56 11.87 -4.12
CA ILE A 42 11.18 12.62 -5.30
C ILE A 42 10.37 13.82 -4.80
N ASN A 43 10.83 15.03 -5.07
CA ASN A 43 10.11 16.25 -4.67
C ASN A 43 8.98 16.53 -5.66
N LEU A 44 7.95 15.71 -5.56
CA LEU A 44 6.65 15.90 -6.20
C LEU A 44 6.67 16.05 -7.73
N GLY A 45 7.67 15.48 -8.38
CA GLY A 45 7.77 15.55 -9.82
C GLY A 45 8.81 16.54 -10.30
N ASP A 46 9.64 17.02 -9.39
CA ASP A 46 10.97 17.51 -9.76
C ASP A 46 11.74 16.26 -10.19
N LYS A 47 12.15 16.22 -11.44
CA LYS A 47 12.67 14.98 -12.06
C LYS A 47 13.88 15.23 -12.96
N PRO A 48 15.10 14.95 -12.48
CA PRO A 48 16.25 15.05 -13.38
C PRO A 48 16.22 13.94 -14.43
N GLN A 49 17.16 13.96 -15.37
CA GLN A 49 17.23 12.94 -16.41
C GLN A 49 17.32 11.54 -15.81
N TRP A 50 18.03 11.38 -14.70
CA TRP A 50 18.11 10.09 -14.02
C TRP A 50 16.74 9.52 -13.62
N PHE A 51 15.84 10.36 -13.14
CA PHE A 51 14.51 9.87 -12.75
C PHE A 51 13.73 9.51 -14.00
N LEU A 52 13.97 10.20 -15.09
CA LEU A 52 13.27 9.94 -16.35
C LEU A 52 13.83 8.71 -17.06
N GLU A 53 15.06 8.32 -16.80
CA GLU A 53 15.59 7.07 -17.34
C GLU A 53 14.87 5.89 -16.70
N ILE A 54 14.53 6.03 -15.43
CA ILE A 54 14.01 4.91 -14.65
C ILE A 54 12.49 4.88 -14.52
N SER A 55 11.88 5.98 -14.08
CA SER A 55 10.44 6.03 -13.83
C SER A 55 9.69 6.48 -15.08
N PRO A 56 8.52 5.88 -15.39
CA PRO A 56 7.80 6.38 -16.56
C PRO A 56 7.23 7.79 -16.44
N GLU A 57 7.00 8.28 -15.23
CA GLU A 57 6.50 9.65 -15.02
C GLU A 57 7.57 10.56 -14.44
N GLY A 58 8.72 9.98 -14.10
CA GLY A 58 9.69 10.64 -13.24
C GLY A 58 9.23 10.80 -11.79
N LYS A 59 8.06 10.26 -11.47
CA LYS A 59 7.43 10.41 -10.15
C LYS A 59 6.62 9.15 -9.80
N VAL A 60 7.26 7.99 -9.76
CA VAL A 60 6.59 6.76 -9.31
C VAL A 60 7.67 6.16 -8.45
N PRO A 61 7.34 5.25 -7.52
CA PRO A 61 8.49 4.70 -6.77
C PRO A 61 9.36 3.84 -7.65
N VAL A 62 10.66 3.81 -7.40
CA VAL A 62 11.57 2.96 -8.17
C VAL A 62 12.53 2.25 -7.24
N VAL A 63 13.04 1.12 -7.71
CA VAL A 63 13.93 0.26 -6.93
C VAL A 63 15.21 0.08 -7.71
N LYS A 64 16.30 0.68 -7.26
CA LYS A 64 17.59 0.60 -7.94
C LYS A 64 18.38 -0.59 -7.37
N ILE A 65 18.13 -1.78 -7.91
CA ILE A 65 18.73 -3.04 -7.43
C ILE A 65 20.12 -3.17 -8.03
N ASP A 66 21.16 -2.78 -7.30
CA ASP A 66 22.55 -2.88 -7.79
C ASP A 66 22.72 -2.25 -9.19
N ASP A 67 22.16 -1.05 -9.31
CA ASP A 67 22.08 -0.26 -10.55
C ASP A 67 21.34 -0.92 -11.73
N LYS A 68 20.37 -1.75 -11.40
CA LYS A 68 19.36 -2.25 -12.35
C LYS A 68 18.10 -1.63 -11.79
N TRP A 69 16.98 -1.59 -12.49
CA TRP A 69 15.79 -0.98 -11.89
C TRP A 69 14.42 -1.47 -12.31
N VAL A 70 13.49 -1.38 -11.36
CA VAL A 70 12.09 -1.77 -11.54
C VAL A 70 11.33 -0.55 -10.97
N ALA A 71 10.08 -0.36 -11.36
CA ALA A 71 9.32 0.85 -11.03
C ALA A 71 8.09 0.66 -10.12
N ASP A 72 6.92 1.05 -10.62
CA ASP A 72 5.70 1.21 -9.83
C ASP A 72 5.13 -0.06 -9.20
N SER A 73 3.99 0.03 -8.54
CA SER A 73 3.43 -1.07 -7.75
C SER A 73 3.24 -2.37 -8.51
N ASP A 74 2.88 -2.28 -9.79
CA ASP A 74 2.60 -3.47 -10.59
C ASP A 74 3.91 -4.11 -11.02
N VAL A 75 4.99 -3.33 -10.99
CA VAL A 75 6.30 -3.78 -11.46
C VAL A 75 7.08 -4.36 -10.28
N ILE A 76 7.05 -3.70 -9.14
CA ILE A 76 7.78 -4.21 -7.96
C ILE A 76 7.26 -5.57 -7.54
N VAL A 77 5.95 -5.76 -7.54
CA VAL A 77 5.34 -6.98 -7.01
C VAL A 77 5.63 -8.20 -7.88
N GLY A 78 6.11 -7.95 -9.09
CA GLY A 78 6.55 -9.02 -9.97
C GLY A 78 8.05 -9.12 -10.01
N ILE A 79 8.70 -8.09 -10.51
CA ILE A 79 10.13 -8.16 -10.83
C ILE A 79 11.01 -8.15 -9.58
N LEU A 80 10.79 -7.26 -8.61
CA LEU A 80 11.69 -7.26 -7.44
C LEU A 80 11.51 -8.56 -6.69
N GLU A 81 10.27 -9.01 -6.57
CA GLU A 81 10.01 -10.24 -5.84
C GLU A 81 10.69 -11.43 -6.53
N GLU A 82 10.62 -11.51 -7.85
CA GLU A 82 11.27 -12.59 -8.58
C GLU A 82 12.79 -12.55 -8.47
N LYS A 83 13.37 -11.36 -8.52
CA LYS A 83 14.83 -11.19 -8.51
C LYS A 83 15.37 -11.12 -7.09
N ASN A 84 14.52 -11.32 -6.10
CA ASN A 84 14.94 -11.17 -4.71
C ASN A 84 15.94 -12.26 -4.31
N PRO A 85 17.04 -11.91 -3.59
CA PRO A 85 17.97 -12.96 -3.18
C PRO A 85 17.52 -13.80 -1.98
N GLU A 86 16.40 -13.45 -1.37
CA GLU A 86 15.84 -14.18 -0.24
C GLU A 86 14.54 -14.77 -0.81
N PRO A 87 13.93 -15.79 -0.18
CA PRO A 87 12.96 -16.56 -0.97
C PRO A 87 11.78 -15.79 -1.56
N PRO A 88 11.50 -15.96 -2.87
CA PRO A 88 10.35 -15.23 -3.41
C PRO A 88 9.02 -15.85 -2.96
N LEU A 89 8.02 -15.00 -2.74
CA LEU A 89 6.71 -15.39 -2.24
C LEU A 89 5.66 -14.74 -3.14
N ALA A 90 5.89 -14.84 -4.44
CA ALA A 90 4.99 -14.25 -5.42
C ALA A 90 3.79 -15.18 -5.64
N THR A 91 2.82 -15.12 -4.74
CA THR A 91 1.60 -15.91 -4.85
C THR A 91 0.40 -14.97 -5.05
N PRO A 92 -0.18 -14.89 -6.27
CA PRO A 92 -1.52 -14.30 -6.49
C PRO A 92 -2.73 -15.27 -6.63
N PRO A 93 -3.05 -16.12 -5.62
CA PRO A 93 -4.17 -17.05 -5.80
C PRO A 93 -5.54 -16.41 -5.55
N GLU A 94 -6.49 -17.16 -5.02
CA GLU A 94 -7.84 -16.70 -4.70
C GLU A 94 -7.88 -15.43 -3.86
N PHE A 95 -6.90 -15.27 -3.00
CA PHE A 95 -6.85 -14.12 -2.10
C PHE A 95 -6.61 -12.83 -2.87
N ALA A 96 -5.88 -12.91 -3.97
CA ALA A 96 -5.60 -11.73 -4.79
C ALA A 96 -6.81 -11.37 -5.64
N SER A 97 -7.55 -12.36 -6.14
CA SER A 97 -8.71 -12.08 -6.99
C SER A 97 -9.91 -11.57 -6.20
N VAL A 98 -10.04 -11.99 -4.95
CA VAL A 98 -11.04 -11.41 -4.06
C VAL A 98 -10.54 -10.04 -3.62
N GLY A 99 -9.25 -9.94 -3.34
CA GLY A 99 -8.68 -8.67 -2.94
C GLY A 99 -8.84 -7.58 -3.99
N SER A 100 -8.75 -7.92 -5.27
CA SER A 100 -8.89 -6.94 -6.33
C SER A 100 -10.30 -6.42 -6.53
N LYS A 101 -11.31 -7.04 -5.93
CA LYS A 101 -12.67 -6.49 -5.96
C LYS A 101 -12.81 -5.39 -4.90
N ILE A 102 -12.08 -5.60 -3.82
CA ILE A 102 -12.12 -4.72 -2.65
C ILE A 102 -11.25 -3.49 -2.93
N PHE A 103 -10.09 -3.75 -3.50
CA PHE A 103 -9.02 -2.75 -3.65
C PHE A 103 -9.40 -1.41 -4.30
N PRO A 104 -9.96 -1.39 -5.53
CA PRO A 104 -10.32 -0.05 -6.00
C PRO A 104 -11.63 0.48 -5.41
N SER A 105 -12.40 -0.41 -4.79
CA SER A 105 -13.72 -0.07 -4.28
C SER A 105 -13.58 0.87 -3.09
N PHE A 106 -12.74 0.51 -2.13
CA PHE A 106 -12.61 1.40 -0.99
C PHE A 106 -11.88 2.68 -1.35
N VAL A 107 -11.03 2.66 -2.37
CA VAL A 107 -10.35 3.89 -2.77
C VAL A 107 -11.39 4.85 -3.32
N LYS A 108 -12.30 4.36 -4.16
CA LYS A 108 -13.32 5.25 -4.72
C LYS A 108 -14.24 5.77 -3.64
N PHE A 109 -14.68 4.92 -2.73
CA PHE A 109 -15.62 5.36 -1.70
C PHE A 109 -14.99 6.20 -0.59
N LEU A 110 -13.71 6.05 -0.31
CA LEU A 110 -13.05 6.93 0.67
C LEU A 110 -12.77 8.30 0.07
N LYS A 111 -12.39 8.35 -1.21
CA LYS A 111 -12.07 9.60 -1.88
C LYS A 111 -13.34 10.21 -2.46
N SER A 112 -14.42 10.11 -1.70
CA SER A 112 -15.72 10.55 -2.15
C SER A 112 -16.55 10.96 -0.94
N LYS A 113 -17.36 11.98 -1.13
CA LYS A 113 -18.34 12.45 -0.15
C LYS A 113 -19.64 12.59 -0.90
N ASP A 114 -19.80 11.67 -1.83
CA ASP A 114 -21.09 11.35 -2.44
C ASP A 114 -21.92 10.76 -1.30
N PRO A 115 -23.25 10.57 -1.45
CA PRO A 115 -24.03 10.00 -0.34
C PRO A 115 -23.82 8.49 -0.08
N ASN A 116 -22.57 8.05 -0.10
CA ASN A 116 -22.18 6.67 0.11
C ASN A 116 -22.64 6.17 1.47
N ASP A 117 -23.50 5.17 1.45
CA ASP A 117 -23.97 4.54 2.68
C ASP A 117 -24.32 3.10 2.34
N GLY A 118 -25.19 2.92 1.35
CA GLY A 118 -25.40 1.60 0.79
C GLY A 118 -24.15 1.10 0.11
N THR A 119 -23.44 1.94 -0.62
CA THR A 119 -22.19 1.53 -1.27
C THR A 119 -21.07 1.26 -0.28
N GLU A 120 -21.11 1.92 0.87
CA GLU A 120 -20.11 1.71 1.91
C GLU A 120 -20.36 0.36 2.57
N GLN A 121 -21.62 -0.06 2.57
CA GLN A 121 -22.00 -1.38 3.03
C GLN A 121 -21.86 -2.45 1.93
N ALA A 122 -21.91 -2.08 0.66
CA ALA A 122 -21.55 -3.00 -0.41
C ALA A 122 -20.04 -3.29 -0.32
N LEU A 123 -19.26 -2.27 0.02
CA LEU A 123 -17.85 -2.49 0.33
C LEU A 123 -17.67 -3.39 1.55
N LEU A 124 -18.50 -3.23 2.57
CA LEU A 124 -18.46 -4.12 3.73
C LEU A 124 -18.72 -5.56 3.28
N GLU A 125 -19.64 -5.78 2.35
CA GLU A 125 -19.87 -7.13 1.80
C GLU A 125 -18.69 -7.64 0.97
N GLU A 126 -17.99 -6.78 0.25
CA GLU A 126 -16.80 -7.20 -0.49
C GLU A 126 -15.71 -7.63 0.49
N LEU A 127 -15.56 -6.86 1.57
CA LEU A 127 -14.60 -7.17 2.63
C LEU A 127 -15.02 -8.45 3.34
N LYS A 128 -16.32 -8.65 3.49
CA LYS A 128 -16.86 -9.85 4.14
C LYS A 128 -16.55 -11.11 3.35
N ALA A 129 -16.42 -11.02 2.03
CA ALA A 129 -16.01 -12.20 1.28
C ALA A 129 -14.60 -12.61 1.72
N LEU A 130 -13.68 -11.66 1.85
CA LEU A 130 -12.35 -12.02 2.34
C LEU A 130 -12.39 -12.45 3.79
N ASP A 131 -13.19 -11.83 4.65
CA ASP A 131 -13.30 -12.27 6.04
C ASP A 131 -13.80 -13.71 6.14
N GLY A 132 -14.80 -14.03 5.33
CA GLY A 132 -15.36 -15.37 5.29
C GLY A 132 -14.36 -16.39 4.81
N HIS A 133 -13.47 -16.01 3.90
CA HIS A 133 -12.44 -16.93 3.45
C HIS A 133 -11.33 -17.03 4.50
N LEU A 134 -10.92 -15.89 5.04
CA LEU A 134 -9.76 -15.83 5.91
C LEU A 134 -9.98 -16.49 7.25
N LYS A 135 -11.15 -16.33 7.88
CA LYS A 135 -11.32 -16.93 9.20
C LYS A 135 -11.43 -18.46 9.12
N VAL A 136 -11.77 -18.98 7.95
CA VAL A 136 -11.64 -20.42 7.68
C VAL A 136 -10.16 -20.81 7.65
N HIS A 137 -9.31 -20.06 6.95
CA HIS A 137 -7.89 -20.41 6.87
C HIS A 137 -7.10 -20.14 8.14
N GLY A 138 -7.28 -18.97 8.74
CA GLY A 138 -6.56 -18.57 9.95
C GLY A 138 -5.56 -17.43 9.82
N PRO A 139 -4.37 -17.59 9.21
CA PRO A 139 -3.29 -16.58 9.08
C PRO A 139 -3.60 -15.28 8.30
N PHE A 140 -2.54 -14.56 7.95
CA PHE A 140 -2.61 -13.39 7.06
C PHE A 140 -3.20 -13.73 5.67
N ILE A 141 -3.44 -12.71 4.84
CA ILE A 141 -4.36 -12.81 3.70
C ILE A 141 -3.96 -13.90 2.72
N ALA A 142 -2.68 -14.08 2.48
CA ALA A 142 -2.21 -15.13 1.57
C ALA A 142 -2.36 -16.58 2.07
N GLY A 143 -2.97 -16.79 3.22
CA GLY A 143 -3.27 -18.12 3.73
C GLY A 143 -2.22 -18.70 4.66
N GLU A 144 -1.04 -18.08 4.68
CA GLU A 144 0.07 -18.56 5.51
C GLU A 144 0.81 -17.48 6.29
N LYS A 145 1.19 -16.41 5.61
CA LYS A 145 2.04 -15.36 6.16
C LYS A 145 1.91 -14.22 5.18
N ILE A 146 2.57 -13.10 5.43
CA ILE A 146 2.63 -11.99 4.48
C ILE A 146 3.35 -12.50 3.23
N THR A 147 2.69 -12.47 2.08
CA THR A 147 3.33 -12.76 0.79
C THR A 147 2.93 -11.60 -0.13
N ALA A 148 3.10 -11.73 -1.44
CA ALA A 148 2.70 -10.70 -2.40
C ALA A 148 1.29 -10.11 -2.20
N VAL A 149 0.28 -10.90 -1.85
CA VAL A 149 -1.07 -10.34 -1.67
C VAL A 149 -1.13 -9.37 -0.49
N ASP A 150 -0.44 -9.72 0.58
CA ASP A 150 -0.43 -8.89 1.77
C ASP A 150 0.40 -7.65 1.53
N LEU A 151 1.45 -7.77 0.72
CA LEU A 151 2.28 -6.61 0.36
C LEU A 151 1.50 -5.67 -0.55
N SER A 152 0.63 -6.22 -1.38
CA SER A 152 -0.11 -5.40 -2.33
C SER A 152 -1.31 -4.69 -1.72
N LEU A 153 -2.12 -5.40 -0.94
CA LEU A 153 -3.36 -4.82 -0.41
C LEU A 153 -3.15 -3.96 0.83
N ALA A 154 -2.32 -4.42 1.75
CA ALA A 154 -2.20 -3.75 3.05
C ALA A 154 -1.80 -2.26 3.04
N PRO A 155 -0.90 -1.79 2.15
CA PRO A 155 -0.68 -0.36 2.30
C PRO A 155 -1.83 0.52 1.84
N LYS A 156 -2.69 0.04 0.97
CA LYS A 156 -3.89 0.80 0.62
C LYS A 156 -4.88 0.72 1.78
N LEU A 157 -4.89 -0.39 2.50
CA LEU A 157 -5.71 -0.48 3.73
C LEU A 157 -5.18 0.41 4.85
N TYR A 158 -3.87 0.63 4.92
CA TYR A 158 -3.30 1.59 5.86
C TYR A 158 -3.81 2.98 5.53
N HIS A 159 -3.68 3.38 4.26
CA HIS A 159 -4.13 4.69 3.82
C HIS A 159 -5.64 4.84 3.92
N LEU A 160 -6.38 3.73 3.80
CA LEU A 160 -7.82 3.73 3.95
C LEU A 160 -8.21 4.21 5.33
N GLU A 161 -7.67 3.63 6.37
CA GLU A 161 -8.07 4.04 7.70
C GLU A 161 -7.59 5.47 7.98
N VAL A 162 -6.41 5.81 7.53
CA VAL A 162 -5.86 7.14 7.79
C VAL A 162 -6.78 8.18 7.16
N ALA A 163 -7.16 8.05 5.89
CA ALA A 163 -8.03 9.07 5.30
C ALA A 163 -9.50 8.95 5.69
N LEU A 164 -10.10 7.77 5.56
CA LEU A 164 -11.54 7.63 5.80
C LEU A 164 -11.85 7.91 7.28
N GLY A 165 -10.96 7.47 8.15
CA GLY A 165 -11.13 7.65 9.57
C GLY A 165 -11.14 9.09 10.04
N HIS A 166 -10.43 9.97 9.36
CA HIS A 166 -10.48 11.39 9.70
C HIS A 166 -11.64 12.08 8.98
N PHE A 167 -11.94 11.70 7.74
CA PHE A 167 -12.94 12.43 6.96
C PHE A 167 -14.39 12.03 6.99
N LYS A 168 -14.68 10.73 7.03
CA LYS A 168 -16.04 10.23 6.93
C LYS A 168 -16.00 8.93 7.74
N ASN A 169 -15.71 9.13 9.02
CA ASN A 169 -15.21 8.07 9.90
C ASN A 169 -16.07 6.81 9.89
N TRP A 170 -15.41 5.69 9.67
CA TRP A 170 -16.02 4.37 9.59
C TRP A 170 -15.08 3.43 10.34
N PRO A 171 -15.38 3.13 11.61
CA PRO A 171 -14.63 2.00 12.16
C PRO A 171 -15.00 0.71 11.46
N ILE A 172 -14.06 -0.23 11.39
CA ILE A 172 -14.29 -1.52 10.79
C ILE A 172 -15.22 -2.27 11.76
N PRO A 173 -16.36 -2.80 11.30
CA PRO A 173 -17.20 -3.50 12.27
C PRO A 173 -16.61 -4.84 12.71
N ASP A 174 -17.07 -5.36 13.83
CA ASP A 174 -16.56 -6.63 14.36
C ASP A 174 -17.04 -7.86 13.59
N ASN A 175 -17.88 -7.64 12.60
CA ASN A 175 -18.31 -8.72 11.69
C ASN A 175 -17.29 -8.88 10.56
N LEU A 176 -16.28 -8.02 10.60
CA LEU A 176 -15.12 -8.09 9.73
C LEU A 176 -13.91 -8.21 10.65
N THR A 177 -13.93 -9.22 11.50
CA THR A 177 -12.86 -9.46 12.47
C THR A 177 -11.53 -9.66 11.75
N HIS A 178 -11.55 -10.25 10.56
CA HIS A 178 -10.34 -10.35 9.74
C HIS A 178 -9.79 -8.95 9.57
N VAL A 179 -10.54 -8.03 8.99
CA VAL A 179 -10.00 -6.76 8.54
C VAL A 179 -9.57 -5.95 9.76
N LEU A 180 -10.36 -6.04 10.82
CA LEU A 180 -10.07 -5.33 12.07
C LEU A 180 -8.78 -5.81 12.73
N ASN A 181 -8.60 -7.13 12.80
CA ASN A 181 -7.44 -7.68 13.50
C ASN A 181 -6.23 -7.68 12.59
N TYR A 182 -6.44 -7.71 11.29
CA TYR A 182 -5.35 -7.60 10.31
C TYR A 182 -4.67 -6.25 10.49
N ILE A 183 -5.46 -5.20 10.57
CA ILE A 183 -4.93 -3.88 10.88
C ILE A 183 -4.25 -3.94 12.24
N LYS A 184 -4.88 -4.51 13.26
CA LYS A 184 -4.31 -4.47 14.61
C LYS A 184 -2.96 -5.20 14.71
N LEU A 185 -2.79 -6.28 13.98
CA LEU A 185 -1.51 -6.97 13.94
C LEU A 185 -0.47 -6.16 13.19
N LEU A 186 -0.82 -5.60 12.04
CA LEU A 186 0.15 -4.86 11.24
C LEU A 186 0.48 -3.49 11.81
N PHE A 187 -0.40 -2.96 12.65
CA PHE A 187 -0.18 -1.69 13.34
C PHE A 187 1.09 -1.71 14.19
N SER A 188 1.52 -2.90 14.57
CA SER A 188 2.87 -3.11 15.09
C SER A 188 3.55 -4.24 14.34
N ARG A 189 3.81 -3.99 13.07
CA ARG A 189 4.86 -4.68 12.34
C ARG A 189 5.83 -3.59 11.96
N GLU A 190 7.12 -3.90 12.00
CA GLU A 190 8.15 -2.93 11.68
C GLU A 190 7.99 -2.42 10.26
N SER A 191 7.64 -3.27 9.32
CA SER A 191 7.43 -2.83 7.94
C SER A 191 6.39 -1.73 7.86
N PHE A 192 5.26 -1.94 8.54
CA PHE A 192 4.17 -0.99 8.52
C PHE A 192 4.51 0.30 9.25
N LYS A 193 5.03 0.16 10.46
CA LYS A 193 5.29 1.32 11.31
C LYS A 193 6.46 2.17 10.85
N LYS A 194 7.59 1.54 10.54
CA LYS A 194 8.83 2.27 10.28
C LYS A 194 8.81 3.02 8.97
N THR A 195 7.99 2.58 8.03
CA THR A 195 7.92 3.20 6.71
C THR A 195 6.52 3.73 6.42
N ARG A 196 5.80 4.07 7.48
CA ARG A 196 4.45 4.62 7.35
C ARG A 196 4.48 5.97 6.62
N ALA A 197 3.36 6.33 6.03
CA ALA A 197 3.24 7.62 5.36
C ALA A 197 3.14 8.72 6.42
N ALA A 198 3.41 9.96 6.03
CA ALA A 198 3.07 11.11 6.87
C ALA A 198 1.55 11.23 6.82
N GLU A 199 0.86 10.94 7.90
CA GLU A 199 -0.61 10.86 7.89
C GLU A 199 -1.27 12.16 7.51
N GLU A 200 -0.70 13.29 7.92
CA GLU A 200 -1.28 14.60 7.60
C GLU A 200 -1.33 14.77 6.09
N HIS A 201 -0.33 14.26 5.41
CA HIS A 201 -0.19 14.48 3.98
C HIS A 201 -0.90 13.39 3.19
N VAL A 202 -1.37 12.35 3.86
CA VAL A 202 -2.34 11.44 3.24
C VAL A 202 -3.68 12.16 3.28
N ILE A 203 -4.06 12.66 4.45
CA ILE A 203 -5.40 13.21 4.58
C ILE A 203 -5.55 14.51 3.78
N ALA A 204 -4.62 15.44 3.96
CA ALA A 204 -4.66 16.72 3.27
C ALA A 204 -4.05 16.63 1.87
N GLY A 205 -3.58 15.45 1.49
CA GLY A 205 -3.16 15.22 0.12
C GLY A 205 -4.34 14.76 -0.71
N TRP A 206 -5.27 14.04 -0.10
CA TRP A 206 -6.39 13.48 -0.84
C TRP A 206 -7.65 14.33 -0.80
N GLU A 207 -8.03 14.88 0.34
CA GLU A 207 -9.24 15.70 0.36
C GLU A 207 -9.29 17.03 -0.40
N PRO A 208 -8.16 17.68 -0.77
CA PRO A 208 -8.47 18.84 -1.61
C PRO A 208 -9.06 18.47 -2.97
N LYS A 209 -8.84 17.24 -3.43
CA LYS A 209 -9.47 16.77 -4.67
C LYS A 209 -10.91 16.37 -4.44
N VAL A 210 -11.21 15.84 -3.27
CA VAL A 210 -12.58 15.46 -2.93
C VAL A 210 -13.42 16.73 -2.75
N ASN A 211 -12.84 17.74 -2.14
CA ASN A 211 -13.51 19.03 -1.92
C ASN A 211 -13.60 19.90 -3.17
N ALA A 212 -12.86 19.56 -4.22
CA ALA A 212 -12.91 20.29 -5.50
C ALA A 212 -12.75 19.29 -6.65
N MET A 1 23.02 -7.37 -6.08
CA MET A 1 23.61 -7.06 -4.74
C MET A 1 22.71 -6.13 -3.92
N ALA A 2 22.43 -4.94 -4.42
CA ALA A 2 21.65 -3.92 -3.70
C ALA A 2 20.52 -3.42 -4.61
N LEU A 3 19.59 -2.69 -4.01
CA LEU A 3 18.44 -2.10 -4.68
C LEU A 3 18.15 -0.81 -3.90
N GLU A 4 17.35 0.10 -4.42
CA GLU A 4 17.06 1.38 -3.75
C GLU A 4 15.60 1.77 -3.99
N ILE A 5 15.03 2.57 -3.11
CA ILE A 5 13.62 2.93 -3.21
C ILE A 5 13.38 4.41 -3.47
N CYS A 6 13.01 4.74 -4.69
CA CYS A 6 12.73 6.13 -5.08
C CYS A 6 11.29 6.54 -4.81
N VAL A 7 10.90 6.57 -3.54
CA VAL A 7 9.52 6.80 -3.17
C VAL A 7 9.04 8.24 -3.38
N LYS A 8 7.74 8.41 -3.62
CA LYS A 8 7.17 9.74 -3.82
C LYS A 8 7.07 10.36 -2.43
N ALA A 9 7.48 11.61 -2.31
CA ALA A 9 7.48 12.32 -1.03
C ALA A 9 6.03 12.68 -0.65
N ALA A 10 5.85 13.17 0.57
CA ALA A 10 4.55 13.62 1.05
C ALA A 10 3.99 14.78 0.19
N VAL A 11 2.70 14.71 -0.09
CA VAL A 11 2.02 15.76 -0.86
C VAL A 11 2.05 17.03 0.00
N GLY A 12 2.69 18.08 -0.51
CA GLY A 12 2.84 19.33 0.23
C GLY A 12 4.07 19.44 1.12
N ALA A 13 4.85 18.39 1.29
CA ALA A 13 6.01 18.40 2.18
C ALA A 13 7.24 17.59 1.75
N PRO A 14 8.27 18.22 1.17
CA PRO A 14 9.53 17.50 0.98
C PRO A 14 10.32 17.25 2.27
N ASN A 15 9.89 16.24 3.01
CA ASN A 15 10.44 15.92 4.33
C ASN A 15 10.42 14.43 4.65
N ILE A 16 9.43 13.73 4.11
CA ILE A 16 9.15 12.36 4.47
C ILE A 16 8.38 11.80 3.27
N LEU A 17 8.28 10.48 3.15
CA LEU A 17 7.50 9.83 2.10
C LEU A 17 5.97 9.98 2.24
N GLY A 18 5.27 9.82 1.12
CA GLY A 18 3.84 9.99 1.05
C GLY A 18 3.03 8.84 0.48
N ASP A 19 1.72 9.02 0.40
CA ASP A 19 0.78 7.97 0.01
C ASP A 19 0.71 7.71 -1.49
N CYS A 20 1.31 6.60 -1.90
CA CYS A 20 0.84 5.87 -3.07
C CYS A 20 0.68 4.44 -2.59
N PRO A 21 -0.22 3.64 -3.20
CA PRO A 21 -0.22 2.22 -2.80
C PRO A 21 1.14 1.61 -3.09
N PHE A 22 1.68 2.01 -4.23
CA PHE A 22 2.94 1.53 -4.76
C PHE A 22 4.14 1.99 -3.93
N CYS A 23 3.92 2.96 -3.06
CA CYS A 23 4.99 3.46 -2.20
C CYS A 23 5.17 2.48 -1.05
N GLN A 24 4.12 2.21 -0.27
CA GLN A 24 4.27 1.21 0.79
C GLN A 24 4.46 -0.22 0.26
N ARG A 25 3.98 -0.57 -0.94
CA ARG A 25 4.12 -1.96 -1.46
C ARG A 25 5.53 -2.52 -1.32
N VAL A 26 6.51 -1.70 -1.68
CA VAL A 26 7.91 -2.08 -1.56
C VAL A 26 8.51 -1.80 -0.19
N LEU A 27 8.09 -0.73 0.48
CA LEU A 27 8.68 -0.40 1.77
C LEU A 27 8.42 -1.51 2.78
N LEU A 28 7.21 -2.06 2.73
CA LEU A 28 6.79 -3.14 3.61
C LEU A 28 7.49 -4.46 3.32
N SER A 29 7.81 -4.74 2.07
CA SER A 29 8.50 -5.98 1.73
C SER A 29 9.96 -5.87 2.15
N LEU A 30 10.62 -4.77 1.81
CA LEU A 30 12.04 -4.61 2.06
C LEU A 30 12.39 -4.48 3.54
N GLU A 31 11.62 -3.74 4.31
CA GLU A 31 11.90 -3.63 5.75
C GLU A 31 11.57 -4.93 6.47
N GLU A 32 10.65 -5.76 5.96
CA GLU A 32 10.38 -7.06 6.58
C GLU A 32 11.60 -7.95 6.36
N LYS A 33 12.10 -7.89 5.13
CA LYS A 33 13.26 -8.68 4.71
C LYS A 33 14.58 -8.15 5.25
N LYS A 34 14.57 -6.94 5.80
CA LYS A 34 15.70 -6.31 6.50
C LYS A 34 16.95 -6.27 5.62
N ILE A 35 16.75 -5.92 4.36
CA ILE A 35 17.83 -5.87 3.36
C ILE A 35 18.39 -4.44 3.23
N PRO A 36 19.64 -4.28 2.74
CA PRO A 36 20.12 -2.90 2.60
C PRO A 36 19.46 -2.12 1.47
N TYR A 37 18.80 -1.03 1.80
CA TYR A 37 18.25 -0.12 0.81
C TYR A 37 18.54 1.31 1.22
N LYS A 38 18.59 2.19 0.22
CA LYS A 38 18.73 3.63 0.38
C LYS A 38 17.45 4.19 -0.16
N SER A 39 17.00 5.33 0.34
CA SER A 39 15.75 5.93 -0.14
C SER A 39 15.96 7.33 -0.74
N HIS A 40 15.24 7.55 -1.83
CA HIS A 40 15.30 8.77 -2.65
C HIS A 40 13.92 9.43 -2.77
N LEU A 41 13.65 10.44 -1.96
CA LEU A 41 12.35 11.10 -1.99
C LEU A 41 12.13 11.93 -3.26
N ILE A 42 11.03 11.70 -3.94
CA ILE A 42 10.65 12.48 -5.12
C ILE A 42 9.59 13.51 -4.74
N ASN A 43 9.98 14.78 -4.70
CA ASN A 43 9.07 15.90 -4.41
C ASN A 43 8.24 16.25 -5.64
N LEU A 44 7.34 15.33 -5.97
CA LEU A 44 6.29 15.51 -6.98
C LEU A 44 6.82 15.86 -8.37
N GLY A 45 7.90 15.19 -8.79
CA GLY A 45 8.51 15.46 -10.07
C GLY A 45 9.58 16.52 -9.89
N ASP A 46 10.76 16.06 -9.52
CA ASP A 46 11.73 16.88 -8.81
C ASP A 46 13.12 16.86 -9.45
N LYS A 47 13.87 15.79 -9.24
CA LYS A 47 15.19 15.65 -9.84
C LYS A 47 15.02 15.41 -11.35
N PRO A 48 15.99 15.81 -12.19
CA PRO A 48 15.95 15.85 -13.67
C PRO A 48 15.67 14.61 -14.54
N GLN A 49 16.06 14.71 -15.82
CA GLN A 49 15.74 13.71 -16.85
C GLN A 49 16.20 12.27 -16.58
N TRP A 50 17.07 12.08 -15.60
CA TRP A 50 17.41 10.75 -15.10
C TRP A 50 16.15 9.97 -14.74
N PHE A 51 15.24 10.61 -14.01
CA PHE A 51 13.99 9.96 -13.59
C PHE A 51 12.94 9.98 -14.68
N LEU A 52 12.87 11.08 -15.43
CA LEU A 52 11.76 11.27 -16.37
C LEU A 52 11.82 10.28 -17.53
N GLU A 53 13.03 9.81 -17.83
CA GLU A 53 13.27 8.82 -18.87
C GLU A 53 12.74 7.43 -18.55
N ILE A 54 12.78 7.08 -17.27
CA ILE A 54 12.47 5.72 -16.82
C ILE A 54 11.02 5.61 -16.34
N SER A 55 10.58 6.56 -15.53
CA SER A 55 9.23 6.49 -14.93
C SER A 55 8.10 6.85 -15.89
N PRO A 56 7.06 6.00 -16.02
CA PRO A 56 6.05 6.39 -17.03
C PRO A 56 5.16 7.59 -16.68
N GLU A 57 4.85 7.80 -15.41
CA GLU A 57 4.06 8.97 -15.03
C GLU A 57 4.96 10.17 -14.81
N GLY A 58 6.24 9.90 -14.55
CA GLY A 58 7.16 10.95 -14.15
C GLY A 58 6.99 11.33 -12.69
N LYS A 59 6.11 10.62 -12.00
CA LYS A 59 5.79 10.86 -10.58
C LYS A 59 5.46 9.55 -9.84
N VAL A 60 5.98 8.43 -10.30
CA VAL A 60 5.61 7.12 -9.73
C VAL A 60 6.72 6.64 -8.80
N PRO A 61 6.39 5.97 -7.67
CA PRO A 61 7.48 5.51 -6.80
C PRO A 61 8.34 4.40 -7.45
N VAL A 62 9.56 4.26 -6.91
CA VAL A 62 10.58 3.21 -7.21
C VAL A 62 11.29 3.54 -8.54
N VAL A 63 12.53 3.10 -8.73
CA VAL A 63 13.13 2.72 -10.04
C VAL A 63 14.43 1.87 -9.91
N LYS A 64 14.63 0.98 -8.93
CA LYS A 64 15.93 0.26 -8.86
C LYS A 64 15.98 -1.12 -8.20
N ILE A 65 16.51 -2.11 -8.92
CA ILE A 65 16.90 -3.43 -8.36
C ILE A 65 18.11 -3.97 -9.12
N ASP A 66 19.11 -4.48 -8.43
CA ASP A 66 20.34 -5.06 -9.03
C ASP A 66 21.00 -4.13 -10.04
N ASP A 67 21.02 -2.84 -9.72
CA ASP A 67 21.65 -1.77 -10.51
C ASP A 67 21.00 -1.52 -11.87
N LYS A 68 19.75 -1.96 -12.01
CA LYS A 68 18.91 -1.79 -13.20
C LYS A 68 17.63 -1.11 -12.75
N TRP A 69 16.84 -0.60 -13.68
CA TRP A 69 15.73 0.29 -13.33
C TRP A 69 14.32 -0.25 -13.56
N VAL A 70 13.52 -0.38 -12.50
CA VAL A 70 12.21 -1.03 -12.55
C VAL A 70 11.19 -0.30 -11.67
N ALA A 71 10.02 0.03 -12.23
CA ALA A 71 8.89 0.63 -11.51
C ALA A 71 7.55 0.43 -12.25
N ASP A 72 6.65 -0.36 -11.67
CA ASP A 72 5.23 -0.36 -12.05
C ASP A 72 4.58 -1.08 -10.89
N SER A 73 3.33 -0.82 -10.55
CA SER A 73 2.70 -1.48 -9.41
C SER A 73 2.73 -3.02 -9.41
N ASP A 74 2.57 -3.65 -10.55
CA ASP A 74 2.54 -5.11 -10.61
C ASP A 74 3.96 -5.66 -10.63
N VAL A 75 4.85 -4.91 -11.26
CA VAL A 75 6.22 -5.38 -11.44
C VAL A 75 6.95 -5.32 -10.09
N ILE A 76 6.71 -4.26 -9.31
CA ILE A 76 7.38 -4.12 -8.02
C ILE A 76 6.86 -5.06 -6.92
N VAL A 77 5.76 -5.74 -7.13
CA VAL A 77 5.25 -6.71 -6.14
C VAL A 77 5.56 -8.15 -6.56
N GLY A 78 6.11 -8.34 -7.75
CA GLY A 78 6.44 -9.69 -8.24
C GLY A 78 7.85 -9.89 -8.75
N ILE A 79 8.23 -9.27 -9.85
CA ILE A 79 9.61 -9.38 -10.36
C ILE A 79 10.60 -8.79 -9.36
N LEU A 80 10.22 -7.72 -8.65
CA LEU A 80 11.11 -7.20 -7.61
C LEU A 80 11.36 -8.23 -6.50
N GLU A 81 10.33 -8.98 -6.15
CA GLU A 81 10.45 -10.00 -5.10
C GLU A 81 11.31 -11.16 -5.57
N GLU A 82 11.26 -11.46 -6.86
CA GLU A 82 12.08 -12.50 -7.47
C GLU A 82 13.57 -12.15 -7.42
N LYS A 83 13.85 -10.86 -7.40
CA LYS A 83 15.21 -10.33 -7.37
C LYS A 83 15.64 -9.85 -5.99
N ASN A 84 14.80 -10.11 -5.00
CA ASN A 84 15.15 -9.84 -3.61
C ASN A 84 16.21 -10.89 -3.21
N PRO A 85 17.22 -10.56 -2.39
CA PRO A 85 18.11 -11.65 -1.99
C PRO A 85 17.50 -12.69 -1.05
N GLU A 86 16.55 -12.27 -0.22
CA GLU A 86 15.79 -13.13 0.70
C GLU A 86 14.81 -13.97 -0.14
N PRO A 87 14.20 -15.05 0.40
CA PRO A 87 13.43 -15.92 -0.51
C PRO A 87 12.34 -15.26 -1.37
N PRO A 88 12.17 -15.71 -2.62
CA PRO A 88 11.22 -15.07 -3.54
C PRO A 88 9.77 -15.55 -3.41
N LEU A 89 8.98 -14.89 -2.57
CA LEU A 89 7.61 -15.35 -2.29
C LEU A 89 6.57 -14.42 -2.91
N ALA A 90 6.38 -14.60 -4.21
CA ALA A 90 5.54 -13.73 -5.02
C ALA A 90 4.35 -14.52 -5.56
N THR A 91 3.40 -14.82 -4.69
CA THR A 91 2.21 -15.59 -5.03
C THR A 91 0.93 -14.75 -4.89
N PRO A 92 0.18 -14.47 -5.97
CA PRO A 92 -1.21 -13.97 -5.99
C PRO A 92 -2.38 -14.98 -6.20
N PRO A 93 -2.74 -15.79 -5.18
CA PRO A 93 -3.79 -16.80 -5.35
C PRO A 93 -5.22 -16.25 -5.12
N GLU A 94 -6.18 -17.03 -4.64
CA GLU A 94 -7.61 -16.63 -4.52
C GLU A 94 -7.86 -15.27 -3.89
N PHE A 95 -7.09 -14.91 -2.88
CA PHE A 95 -7.28 -13.65 -2.18
C PHE A 95 -6.99 -12.44 -3.08
N ALA A 96 -6.13 -12.62 -4.08
CA ALA A 96 -5.76 -11.52 -4.97
C ALA A 96 -6.91 -11.17 -5.91
N SER A 97 -7.73 -12.13 -6.31
CA SER A 97 -8.82 -11.83 -7.23
C SER A 97 -9.91 -11.12 -6.45
N VAL A 98 -10.09 -11.49 -5.20
CA VAL A 98 -11.02 -10.80 -4.30
C VAL A 98 -10.47 -9.39 -4.07
N GLY A 99 -9.17 -9.29 -3.93
CA GLY A 99 -8.50 -8.01 -3.74
C GLY A 99 -8.70 -7.04 -4.89
N SER A 100 -8.79 -7.56 -6.11
CA SER A 100 -9.03 -6.74 -7.30
C SER A 100 -10.44 -6.13 -7.37
N LYS A 101 -11.32 -6.52 -6.44
CA LYS A 101 -12.64 -5.89 -6.28
C LYS A 101 -12.66 -4.97 -5.06
N ILE A 102 -11.94 -5.37 -4.01
CA ILE A 102 -11.83 -4.57 -2.78
C ILE A 102 -11.04 -3.28 -3.03
N PHE A 103 -9.86 -3.39 -3.61
CA PHE A 103 -8.99 -2.22 -3.78
C PHE A 103 -9.60 -1.06 -4.53
N PRO A 104 -10.17 -1.28 -5.74
CA PRO A 104 -10.68 -0.05 -6.36
C PRO A 104 -11.87 0.54 -5.62
N SER A 105 -12.65 -0.29 -4.93
CA SER A 105 -13.79 0.19 -4.16
C SER A 105 -13.36 1.08 -2.99
N PHE A 106 -12.31 0.72 -2.27
CA PHE A 106 -11.93 1.55 -1.12
C PHE A 106 -11.15 2.80 -1.48
N VAL A 107 -10.58 2.88 -2.67
CA VAL A 107 -10.06 4.15 -3.17
C VAL A 107 -11.21 5.00 -3.71
N LYS A 108 -12.19 4.39 -4.37
CA LYS A 108 -13.33 5.12 -4.96
C LYS A 108 -14.12 5.87 -3.90
N PHE A 109 -14.30 5.23 -2.76
CA PHE A 109 -15.02 5.82 -1.64
C PHE A 109 -14.31 7.05 -1.07
N LEU A 110 -12.99 6.98 -0.98
CA LEU A 110 -12.20 8.09 -0.46
C LEU A 110 -12.29 9.33 -1.36
N LYS A 111 -12.34 9.11 -2.67
CA LYS A 111 -12.49 10.20 -3.65
C LYS A 111 -13.90 10.75 -3.75
N SER A 112 -14.83 10.21 -2.97
CA SER A 112 -16.26 10.44 -3.18
C SER A 112 -16.99 11.35 -2.19
N LYS A 113 -17.68 12.35 -2.76
CA LYS A 113 -18.65 13.17 -2.04
C LYS A 113 -20.04 12.96 -2.64
N ASP A 114 -20.27 11.73 -3.08
CA ASP A 114 -21.61 11.25 -3.42
C ASP A 114 -22.41 11.16 -2.10
N PRO A 115 -23.74 10.97 -2.16
CA PRO A 115 -24.48 10.45 -0.99
C PRO A 115 -24.22 8.95 -0.71
N ASN A 116 -22.96 8.66 -0.39
CA ASN A 116 -22.41 7.30 -0.34
C ASN A 116 -22.66 6.42 0.90
N ASP A 117 -23.90 5.99 1.09
CA ASP A 117 -24.19 4.85 1.97
C ASP A 117 -23.98 3.52 1.23
N GLY A 118 -24.39 3.46 -0.03
CA GLY A 118 -24.27 2.23 -0.80
C GLY A 118 -22.83 1.86 -1.10
N THR A 119 -22.01 2.86 -1.38
CA THR A 119 -20.58 2.62 -1.56
C THR A 119 -19.91 2.29 -0.22
N GLU A 120 -20.43 2.78 0.89
CA GLU A 120 -19.88 2.40 2.21
C GLU A 120 -20.18 0.93 2.49
N GLN A 121 -21.37 0.46 2.10
CA GLN A 121 -21.70 -0.95 2.25
C GLN A 121 -21.09 -1.82 1.14
N ALA A 122 -20.59 -1.20 0.09
CA ALA A 122 -19.77 -1.93 -0.87
C ALA A 122 -18.46 -2.28 -0.17
N LEU A 123 -17.92 -1.36 0.63
CA LEU A 123 -16.68 -1.65 1.37
C LEU A 123 -16.90 -2.84 2.28
N LEU A 124 -18.04 -2.81 2.96
CA LEU A 124 -18.43 -3.86 3.89
C LEU A 124 -18.54 -5.24 3.22
N GLU A 125 -19.28 -5.33 2.14
CA GLU A 125 -19.50 -6.64 1.50
C GLU A 125 -18.32 -7.12 0.66
N GLU A 126 -17.52 -6.24 0.08
CA GLU A 126 -16.34 -6.73 -0.68
C GLU A 126 -15.35 -7.25 0.37
N LEU A 127 -15.20 -6.57 1.49
CA LEU A 127 -14.28 -7.04 2.54
C LEU A 127 -14.77 -8.33 3.20
N LYS A 128 -16.08 -8.58 3.19
CA LYS A 128 -16.64 -9.83 3.73
C LYS A 128 -16.12 -11.06 3.00
N ALA A 129 -15.85 -10.95 1.71
CA ALA A 129 -15.31 -12.08 0.98
C ALA A 129 -13.91 -12.40 1.50
N LEU A 130 -13.11 -11.37 1.73
CA LEU A 130 -11.78 -11.57 2.30
C LEU A 130 -11.86 -11.97 3.78
N ASP A 131 -12.91 -11.57 4.47
CA ASP A 131 -13.13 -11.95 5.87
C ASP A 131 -13.37 -13.46 6.02
N GLY A 132 -14.24 -14.00 5.20
CA GLY A 132 -14.48 -15.44 5.21
C GLY A 132 -13.27 -16.21 4.74
N HIS A 133 -12.55 -15.64 3.77
CA HIS A 133 -11.32 -16.26 3.28
C HIS A 133 -10.26 -16.31 4.37
N LEU A 134 -10.20 -15.30 5.23
CA LEU A 134 -9.22 -15.31 6.30
C LEU A 134 -9.55 -16.40 7.32
N LYS A 135 -10.77 -16.39 7.84
CA LYS A 135 -11.05 -17.13 9.08
C LYS A 135 -11.10 -18.64 8.94
N VAL A 136 -11.10 -19.15 7.72
CA VAL A 136 -10.94 -20.60 7.49
C VAL A 136 -9.46 -21.04 7.53
N HIS A 137 -8.53 -20.08 7.50
CA HIS A 137 -7.10 -20.36 7.59
C HIS A 137 -6.46 -19.83 8.88
N GLY A 138 -6.73 -18.57 9.22
CA GLY A 138 -6.21 -17.95 10.43
C GLY A 138 -5.20 -16.80 10.31
N PRO A 139 -4.01 -17.00 9.71
CA PRO A 139 -3.01 -15.94 9.56
C PRO A 139 -3.24 -14.93 8.42
N PHE A 140 -2.29 -14.00 8.29
CA PHE A 140 -2.16 -13.04 7.19
C PHE A 140 -2.47 -13.60 5.80
N ILE A 141 -2.93 -12.75 4.88
CA ILE A 141 -3.98 -13.12 3.93
C ILE A 141 -3.57 -14.03 2.76
N ALA A 142 -2.33 -14.49 2.69
CA ALA A 142 -2.01 -15.64 1.84
C ALA A 142 -2.55 -16.92 2.49
N GLY A 143 -3.01 -16.78 3.73
CA GLY A 143 -3.50 -17.86 4.55
C GLY A 143 -2.38 -18.43 5.39
N GLU A 144 -1.21 -17.79 5.36
CA GLU A 144 -0.03 -18.28 6.08
C GLU A 144 0.83 -17.16 6.67
N LYS A 145 1.19 -16.15 5.87
CA LYS A 145 2.06 -15.04 6.28
C LYS A 145 1.94 -13.93 5.23
N ILE A 146 2.74 -12.86 5.35
CA ILE A 146 2.68 -11.75 4.40
C ILE A 146 3.53 -12.13 3.17
N THR A 147 2.88 -12.10 2.02
CA THR A 147 3.38 -12.63 0.75
C THR A 147 2.95 -11.57 -0.24
N ALA A 148 3.37 -11.61 -1.51
CA ALA A 148 2.91 -10.63 -2.50
C ALA A 148 1.40 -10.29 -2.49
N VAL A 149 0.53 -11.28 -2.30
CA VAL A 149 -0.90 -11.01 -2.21
C VAL A 149 -1.28 -10.07 -1.05
N ASP A 150 -0.61 -10.21 0.08
CA ASP A 150 -0.90 -9.39 1.25
C ASP A 150 -0.28 -8.03 1.06
N LEU A 151 0.93 -8.05 0.51
CA LEU A 151 1.69 -6.84 0.18
C LEU A 151 0.99 -6.02 -0.89
N SER A 152 0.03 -6.60 -1.61
CA SER A 152 -0.74 -5.84 -2.58
C SER A 152 -1.81 -4.96 -1.94
N LEU A 153 -2.42 -5.42 -0.85
CA LEU A 153 -3.58 -4.73 -0.26
C LEU A 153 -3.28 -4.00 1.05
N ALA A 154 -2.45 -4.60 1.90
CA ALA A 154 -2.00 -3.96 3.14
C ALA A 154 -1.50 -2.51 3.00
N PRO A 155 -0.71 -2.19 1.95
CA PRO A 155 -0.23 -0.81 1.88
C PRO A 155 -1.28 0.30 1.86
N LYS A 156 -2.39 0.07 1.18
CA LYS A 156 -3.40 1.12 1.06
C LYS A 156 -4.50 0.88 2.07
N LEU A 157 -4.61 -0.34 2.61
CA LEU A 157 -5.51 -0.57 3.73
C LEU A 157 -5.01 0.13 4.99
N TYR A 158 -3.69 0.25 5.16
CA TYR A 158 -3.13 1.07 6.23
C TYR A 158 -3.64 2.50 6.06
N HIS A 159 -3.44 3.05 4.87
CA HIS A 159 -3.85 4.40 4.59
C HIS A 159 -5.36 4.63 4.54
N LEU A 160 -6.15 3.58 4.38
CA LEU A 160 -7.61 3.71 4.37
C LEU A 160 -8.05 4.11 5.76
N GLU A 161 -7.55 3.44 6.79
CA GLU A 161 -7.96 3.74 8.16
C GLU A 161 -7.46 5.12 8.57
N VAL A 162 -6.28 5.50 8.12
CA VAL A 162 -5.75 6.82 8.43
C VAL A 162 -6.62 7.89 7.77
N ALA A 163 -6.90 7.75 6.49
CA ALA A 163 -7.65 8.78 5.79
C ALA A 163 -9.10 8.82 6.28
N LEU A 164 -9.76 7.67 6.29
CA LEU A 164 -11.19 7.64 6.65
C LEU A 164 -11.38 7.97 8.11
N GLY A 165 -10.54 7.46 9.00
CA GLY A 165 -10.77 7.65 10.43
C GLY A 165 -10.81 9.12 10.82
N HIS A 166 -10.04 9.95 10.13
CA HIS A 166 -10.09 11.40 10.36
C HIS A 166 -11.12 12.14 9.48
N PHE A 167 -11.22 11.78 8.20
CA PHE A 167 -12.06 12.53 7.23
C PHE A 167 -13.49 12.03 6.96
N LYS A 168 -13.65 10.71 6.86
CA LYS A 168 -14.90 10.05 6.45
C LYS A 168 -15.13 8.84 7.35
N ASN A 169 -15.48 9.09 8.60
CA ASN A 169 -15.23 8.18 9.72
C ASN A 169 -16.02 6.86 9.71
N TRP A 170 -15.48 5.86 9.02
CA TRP A 170 -16.04 4.49 8.99
C TRP A 170 -15.00 3.47 9.48
N PRO A 171 -15.09 3.04 10.75
CA PRO A 171 -14.19 1.95 11.18
C PRO A 171 -14.63 0.59 10.68
N ILE A 172 -13.77 -0.41 10.81
CA ILE A 172 -14.14 -1.79 10.49
C ILE A 172 -15.10 -2.28 11.57
N PRO A 173 -16.33 -2.70 11.20
CA PRO A 173 -17.19 -3.22 12.26
C PRO A 173 -16.70 -4.58 12.77
N ASP A 174 -17.15 -5.00 13.94
CA ASP A 174 -16.76 -6.30 14.51
C ASP A 174 -17.37 -7.46 13.72
N ASN A 175 -18.36 -7.14 12.90
CA ASN A 175 -18.97 -8.10 11.97
C ASN A 175 -17.94 -8.58 10.95
N LEU A 176 -16.93 -7.75 10.70
CA LEU A 176 -15.81 -8.05 9.81
C LEU A 176 -14.53 -8.23 10.65
N THR A 177 -14.55 -9.22 11.51
CA THR A 177 -13.48 -9.41 12.50
C THR A 177 -12.11 -9.67 11.90
N HIS A 178 -12.03 -10.17 10.67
CA HIS A 178 -10.72 -10.33 10.02
C HIS A 178 -10.03 -8.99 9.94
N VAL A 179 -10.71 -7.96 9.45
CA VAL A 179 -9.96 -6.75 9.13
C VAL A 179 -9.65 -6.02 10.42
N LEU A 180 -10.44 -6.24 11.45
CA LEU A 180 -10.10 -5.74 12.78
C LEU A 180 -8.79 -6.36 13.27
N ASN A 181 -8.64 -7.67 13.16
CA ASN A 181 -7.39 -8.33 13.57
C ASN A 181 -6.21 -7.95 12.69
N TYR A 182 -6.46 -7.87 11.39
CA TYR A 182 -5.44 -7.58 10.40
C TYR A 182 -4.89 -6.16 10.54
N ILE A 183 -5.77 -5.17 10.63
CA ILE A 183 -5.34 -3.78 10.80
C ILE A 183 -4.67 -3.63 12.19
N LYS A 184 -5.14 -4.36 13.20
CA LYS A 184 -4.48 -4.33 14.51
C LYS A 184 -3.04 -4.80 14.43
N LEU A 185 -2.79 -5.91 13.74
CA LEU A 185 -1.43 -6.44 13.59
C LEU A 185 -0.57 -5.50 12.74
N LEU A 186 -1.17 -5.02 11.66
CA LEU A 186 -0.51 -4.14 10.68
C LEU A 186 -0.04 -2.84 11.31
N PHE A 187 -0.75 -2.36 12.32
CA PHE A 187 -0.32 -1.16 13.02
C PHE A 187 1.03 -1.32 13.73
N SER A 188 1.37 -2.54 14.16
CA SER A 188 2.66 -2.78 14.83
C SER A 188 3.29 -4.13 14.50
N ARG A 189 3.51 -4.36 13.21
CA ARG A 189 4.60 -5.21 12.75
C ARG A 189 5.75 -4.24 12.57
N GLU A 190 6.97 -4.68 12.86
CA GLU A 190 8.13 -3.78 12.85
C GLU A 190 8.35 -3.14 11.50
N SER A 191 8.15 -3.93 10.46
CA SER A 191 8.30 -3.44 9.10
C SER A 191 7.37 -2.27 8.82
N PHE A 192 6.14 -2.43 9.27
CA PHE A 192 5.07 -1.49 8.96
C PHE A 192 5.28 -0.22 9.77
N LYS A 193 5.64 -0.41 11.03
CA LYS A 193 5.80 0.71 11.96
C LYS A 193 6.93 1.63 11.57
N LYS A 194 8.04 1.09 11.10
CA LYS A 194 9.17 1.94 10.70
C LYS A 194 8.94 2.67 9.39
N THR A 195 8.22 2.07 8.45
CA THR A 195 8.10 2.62 7.10
C THR A 195 6.82 3.38 6.75
N ARG A 196 5.90 3.52 7.69
CA ARG A 196 4.63 4.21 7.40
C ARG A 196 4.80 5.65 6.90
N ALA A 197 3.85 6.08 6.09
CA ALA A 197 3.81 7.46 5.61
C ALA A 197 3.38 8.42 6.72
N ALA A 198 3.56 9.71 6.48
CA ALA A 198 3.11 10.74 7.41
C ALA A 198 1.58 10.78 7.41
N GLU A 199 0.96 10.70 8.58
CA GLU A 199 -0.51 10.66 8.67
C GLU A 199 -1.13 11.95 8.16
N GLU A 200 -0.48 13.08 8.46
CA GLU A 200 -0.97 14.40 8.04
C GLU A 200 -1.14 14.40 6.53
N HIS A 201 -0.18 13.80 5.86
CA HIS A 201 -0.15 13.86 4.41
C HIS A 201 -0.82 12.67 3.74
N VAL A 202 -1.32 11.72 4.52
CA VAL A 202 -2.27 10.75 3.96
C VAL A 202 -3.59 11.51 3.91
N ILE A 203 -3.99 12.08 5.04
CA ILE A 203 -5.33 12.67 5.16
C ILE A 203 -5.44 13.92 4.27
N ALA A 204 -4.54 14.87 4.49
CA ALA A 204 -4.58 16.15 3.81
C ALA A 204 -4.05 16.05 2.37
N GLY A 205 -3.58 14.86 2.01
CA GLY A 205 -3.18 14.59 0.64
C GLY A 205 -4.34 14.08 -0.20
N TRP A 206 -5.36 13.49 0.42
CA TRP A 206 -6.56 13.03 -0.31
C TRP A 206 -7.77 13.93 -0.20
N GLU A 207 -8.00 14.57 0.95
CA GLU A 207 -9.15 15.46 1.05
C GLU A 207 -9.21 16.73 0.16
N PRO A 208 -8.08 17.29 -0.34
CA PRO A 208 -8.35 18.54 -1.08
C PRO A 208 -9.01 18.36 -2.44
N LYS A 209 -8.95 17.16 -3.02
CA LYS A 209 -9.70 16.90 -4.26
C LYS A 209 -11.17 16.69 -3.96
N VAL A 210 -11.53 16.57 -2.69
CA VAL A 210 -12.92 16.41 -2.30
C VAL A 210 -13.46 17.78 -1.90
N ASN A 211 -12.70 18.51 -1.10
CA ASN A 211 -13.14 19.80 -0.57
C ASN A 211 -12.97 21.00 -1.48
N ALA A 212 -12.05 20.90 -2.43
CA ALA A 212 -11.62 22.00 -3.27
C ALA A 212 -11.34 21.46 -4.67
N MET A 1 24.52 -7.41 -2.89
CA MET A 1 23.24 -6.82 -3.37
C MET A 1 22.88 -5.60 -2.54
N ALA A 2 22.57 -4.50 -3.20
CA ALA A 2 22.18 -3.24 -2.56
C ALA A 2 21.17 -2.58 -3.52
N LEU A 3 20.37 -1.64 -3.05
CA LEU A 3 19.34 -1.03 -3.90
C LEU A 3 18.98 0.38 -3.41
N GLU A 4 18.24 1.11 -4.24
CA GLU A 4 17.76 2.44 -3.87
C GLU A 4 16.24 2.44 -4.00
N ILE A 5 15.58 3.03 -3.02
CA ILE A 5 14.13 3.20 -3.04
C ILE A 5 14.00 4.66 -3.39
N CYS A 6 13.24 4.97 -4.43
CA CYS A 6 13.06 6.35 -4.86
C CYS A 6 11.56 6.56 -5.01
N VAL A 7 10.96 7.28 -4.07
CA VAL A 7 9.50 7.36 -3.97
C VAL A 7 9.00 8.79 -3.95
N LYS A 8 7.72 8.96 -4.26
CA LYS A 8 7.08 10.27 -4.19
C LYS A 8 7.08 10.72 -2.72
N ALA A 9 7.52 11.95 -2.48
CA ALA A 9 7.56 12.52 -1.14
C ALA A 9 6.18 13.02 -0.71
N ALA A 10 6.08 13.40 0.56
CA ALA A 10 4.86 13.99 1.10
C ALA A 10 4.42 15.29 0.41
N VAL A 11 3.12 15.38 0.21
CA VAL A 11 2.45 16.55 -0.37
C VAL A 11 2.49 17.66 0.68
N GLY A 12 2.69 18.90 0.27
CA GLY A 12 2.72 20.03 1.19
C GLY A 12 4.06 20.29 1.85
N ALA A 13 4.78 19.24 2.19
CA ALA A 13 6.08 19.34 2.85
C ALA A 13 6.96 18.12 2.49
N PRO A 14 7.62 18.13 1.32
CA PRO A 14 8.32 16.91 0.93
C PRO A 14 9.61 16.55 1.68
N ASN A 15 9.50 15.79 2.77
CA ASN A 15 10.65 15.17 3.43
C ASN A 15 10.40 13.79 4.04
N ILE A 16 9.20 13.56 4.56
CA ILE A 16 8.78 12.22 4.99
C ILE A 16 8.17 11.61 3.71
N LEU A 17 7.99 10.29 3.73
CA LEU A 17 7.45 9.49 2.63
C LEU A 17 6.01 9.92 2.29
N GLY A 18 5.61 9.86 1.03
CA GLY A 18 4.31 10.38 0.61
C GLY A 18 3.10 9.48 0.33
N ASP A 19 1.97 10.11 0.10
CA ASP A 19 0.70 9.43 -0.16
C ASP A 19 0.56 8.96 -1.62
N CYS A 20 1.20 7.86 -1.97
CA CYS A 20 1.06 7.24 -3.29
C CYS A 20 0.74 5.78 -2.99
N PRO A 21 -0.23 5.16 -3.68
CA PRO A 21 -0.59 3.78 -3.32
C PRO A 21 0.58 2.81 -3.42
N PHE A 22 1.34 2.95 -4.50
CA PHE A 22 2.42 2.01 -4.80
C PHE A 22 3.67 2.23 -3.97
N CYS A 23 3.76 3.36 -3.28
CA CYS A 23 4.97 3.72 -2.54
C CYS A 23 5.28 2.69 -1.46
N GLN A 24 4.28 2.27 -0.71
CA GLN A 24 4.53 1.27 0.32
C GLN A 24 4.56 -0.16 -0.19
N ARG A 25 4.22 -0.42 -1.44
CA ARG A 25 4.35 -1.78 -1.99
C ARG A 25 5.83 -2.12 -1.95
N VAL A 26 6.61 -1.14 -2.37
CA VAL A 26 8.05 -1.30 -2.45
C VAL A 26 8.68 -1.32 -1.05
N LEU A 27 8.22 -0.43 -0.19
CA LEU A 27 8.80 -0.29 1.13
C LEU A 27 8.55 -1.50 2.01
N LEU A 28 7.33 -2.03 1.99
CA LEU A 28 7.01 -3.16 2.86
C LEU A 28 7.77 -4.41 2.44
N SER A 29 7.87 -4.60 1.13
CA SER A 29 8.57 -5.78 0.59
C SER A 29 10.03 -5.76 1.01
N LEU A 30 10.63 -4.57 1.08
CA LEU A 30 12.00 -4.46 1.55
C LEU A 30 12.12 -4.63 3.06
N GLU A 31 11.25 -3.97 3.80
CA GLU A 31 11.43 -3.86 5.25
C GLU A 31 11.14 -5.18 5.94
N GLU A 32 10.33 -6.04 5.34
CA GLU A 32 10.16 -7.39 5.87
C GLU A 32 11.44 -8.22 5.72
N LYS A 33 12.23 -8.00 4.68
CA LYS A 33 13.48 -8.76 4.46
C LYS A 33 14.74 -8.08 4.99
N LYS A 34 14.66 -6.78 5.27
CA LYS A 34 15.74 -5.96 5.85
C LYS A 34 17.10 -6.05 5.18
N ILE A 35 17.06 -5.97 3.86
CA ILE A 35 18.25 -5.67 3.06
C ILE A 35 18.44 -4.17 3.23
N PRO A 36 19.68 -3.68 3.42
CA PRO A 36 19.79 -2.23 3.57
C PRO A 36 19.48 -1.46 2.28
N TYR A 37 18.93 -0.27 2.44
CA TYR A 37 18.61 0.58 1.29
C TYR A 37 18.88 2.06 1.55
N LYS A 38 19.16 2.73 0.45
CA LYS A 38 19.23 4.19 0.41
C LYS A 38 17.86 4.70 0.00
N SER A 39 17.21 5.46 0.85
CA SER A 39 15.87 5.97 0.55
C SER A 39 15.97 7.41 0.05
N HIS A 40 15.48 7.63 -1.15
CA HIS A 40 15.51 8.94 -1.81
C HIS A 40 14.06 9.40 -1.98
N LEU A 41 13.85 10.68 -1.75
CA LEU A 41 12.52 11.27 -1.82
C LEU A 41 12.50 12.14 -3.07
N ILE A 42 11.52 11.90 -3.92
CA ILE A 42 11.27 12.70 -5.11
C ILE A 42 10.32 13.76 -4.59
N ASN A 43 10.84 14.95 -4.40
CA ASN A 43 10.08 16.10 -3.87
C ASN A 43 9.09 16.69 -4.89
N LEU A 44 8.03 15.93 -5.13
CA LEU A 44 6.85 16.36 -5.88
C LEU A 44 7.18 16.88 -7.29
N GLY A 45 7.90 16.05 -8.03
CA GLY A 45 8.37 16.40 -9.37
C GLY A 45 9.64 17.21 -9.29
N ASP A 46 10.76 16.52 -9.10
CA ASP A 46 11.89 17.09 -8.36
C ASP A 46 13.14 17.25 -9.24
N LYS A 47 13.96 16.22 -9.30
CA LYS A 47 15.29 16.29 -9.90
C LYS A 47 15.21 16.35 -11.44
N PRO A 48 16.26 16.84 -12.10
CA PRO A 48 16.37 16.85 -13.57
C PRO A 48 16.33 15.49 -14.30
N GLN A 49 16.73 15.51 -15.57
CA GLN A 49 16.68 14.38 -16.50
C GLN A 49 17.10 13.00 -15.98
N TRP A 50 18.12 12.94 -15.12
CA TRP A 50 18.53 11.68 -14.50
C TRP A 50 17.35 10.95 -13.88
N PHE A 51 16.49 11.65 -13.15
CA PHE A 51 15.33 11.03 -12.54
C PHE A 51 14.16 10.87 -13.52
N LEU A 52 14.12 11.65 -14.58
CA LEU A 52 13.07 11.51 -15.60
C LEU A 52 13.29 10.25 -16.43
N GLU A 53 14.52 9.79 -16.47
CA GLU A 53 14.83 8.48 -17.07
C GLU A 53 14.43 7.35 -16.13
N ILE A 54 14.70 7.51 -14.84
CA ILE A 54 14.39 6.53 -13.82
C ILE A 54 12.88 6.33 -13.61
N SER A 55 12.07 7.38 -13.60
CA SER A 55 10.63 7.24 -13.31
C SER A 55 9.76 7.64 -14.51
N PRO A 56 8.81 6.78 -14.95
CA PRO A 56 8.12 7.15 -16.20
C PRO A 56 7.14 8.34 -16.12
N GLU A 57 6.71 8.74 -14.94
CA GLU A 57 6.01 10.02 -14.75
C GLU A 57 6.94 11.11 -14.22
N GLY A 58 8.16 10.74 -13.89
CA GLY A 58 9.08 11.62 -13.17
C GLY A 58 8.88 11.61 -11.66
N LYS A 59 7.65 11.32 -11.22
CA LYS A 59 7.34 11.21 -9.78
C LYS A 59 6.44 10.05 -9.35
N VAL A 60 6.52 8.90 -10.02
CA VAL A 60 5.92 7.68 -9.47
C VAL A 60 7.04 6.88 -8.83
N PRO A 61 6.72 6.12 -7.76
CA PRO A 61 7.81 5.42 -7.09
C PRO A 61 8.42 4.30 -7.91
N VAL A 62 9.70 4.07 -7.65
CA VAL A 62 10.45 2.97 -8.24
C VAL A 62 11.24 2.30 -7.12
N VAL A 63 11.83 1.15 -7.44
CA VAL A 63 13.02 0.69 -6.73
C VAL A 63 14.02 0.47 -7.85
N LYS A 64 15.24 0.88 -7.58
CA LYS A 64 16.40 0.69 -8.45
C LYS A 64 17.22 -0.43 -7.81
N ILE A 65 17.05 -1.68 -8.23
CA ILE A 65 17.82 -2.79 -7.66
C ILE A 65 18.90 -3.07 -8.69
N ASP A 66 20.16 -3.16 -8.29
CA ASP A 66 21.25 -3.58 -9.20
C ASP A 66 21.38 -2.63 -10.40
N ASP A 67 21.10 -1.36 -10.07
CA ASP A 67 21.10 -0.19 -10.96
C ASP A 67 20.05 -0.23 -12.05
N LYS A 68 19.02 -1.03 -11.83
CA LYS A 68 17.92 -1.24 -12.80
C LYS A 68 16.59 -1.01 -12.12
N TRP A 69 15.78 -0.16 -12.72
CA TRP A 69 14.54 0.33 -12.10
C TRP A 69 13.25 -0.23 -12.69
N VAL A 70 12.28 -0.44 -11.81
CA VAL A 70 11.00 -1.06 -12.11
C VAL A 70 9.98 -0.10 -11.47
N ALA A 71 8.85 0.18 -12.12
CA ALA A 71 7.85 1.15 -11.64
C ALA A 71 6.37 0.72 -11.74
N ASP A 72 6.08 -0.47 -12.25
CA ASP A 72 4.68 -0.89 -12.44
C ASP A 72 4.17 -1.68 -11.22
N SER A 73 2.93 -1.44 -10.82
CA SER A 73 2.55 -1.64 -9.41
C SER A 73 2.37 -3.07 -8.91
N ASP A 74 2.04 -4.01 -9.78
CA ASP A 74 1.91 -5.41 -9.36
C ASP A 74 3.30 -6.03 -9.28
N VAL A 75 4.16 -5.61 -10.19
CA VAL A 75 5.48 -6.25 -10.35
C VAL A 75 6.55 -5.57 -9.50
N ILE A 76 6.23 -4.43 -8.92
CA ILE A 76 7.06 -3.86 -7.85
C ILE A 76 6.82 -4.60 -6.53
N VAL A 77 5.99 -5.63 -6.59
CA VAL A 77 6.11 -6.75 -5.65
C VAL A 77 6.82 -7.93 -6.32
N GLY A 78 6.34 -8.45 -7.44
CA GLY A 78 6.91 -9.68 -7.99
C GLY A 78 8.36 -9.70 -8.46
N ILE A 79 8.82 -8.67 -9.16
CA ILE A 79 10.22 -8.60 -9.62
C ILE A 79 11.07 -8.19 -8.43
N LEU A 80 10.53 -7.31 -7.60
CA LEU A 80 11.26 -6.86 -6.43
C LEU A 80 11.55 -8.03 -5.48
N GLU A 81 10.60 -8.93 -5.28
CA GLU A 81 10.84 -10.14 -4.49
C GLU A 81 11.92 -11.01 -5.14
N GLU A 82 11.88 -11.16 -6.45
CA GLU A 82 12.83 -12.01 -7.16
C GLU A 82 14.27 -11.50 -6.97
N LYS A 83 14.41 -10.19 -6.90
CA LYS A 83 15.70 -9.54 -6.71
C LYS A 83 16.01 -9.18 -5.26
N ASN A 84 15.28 -9.78 -4.32
CA ASN A 84 15.52 -9.61 -2.89
C ASN A 84 16.07 -10.95 -2.35
N PRO A 85 17.31 -11.00 -1.84
CA PRO A 85 17.97 -12.30 -1.55
C PRO A 85 17.42 -13.31 -0.53
N GLU A 86 16.50 -12.97 0.36
CA GLU A 86 15.86 -13.97 1.24
C GLU A 86 14.77 -14.66 0.41
N PRO A 87 14.35 -15.90 0.73
CA PRO A 87 13.50 -16.59 -0.27
C PRO A 87 12.18 -15.90 -0.63
N PRO A 88 11.93 -15.65 -1.93
CA PRO A 88 10.72 -14.91 -2.33
C PRO A 88 9.43 -15.71 -2.42
N LEU A 89 8.31 -15.02 -2.23
CA LEU A 89 6.97 -15.63 -2.20
C LEU A 89 5.93 -14.92 -3.09
N ALA A 90 6.21 -14.79 -4.38
CA ALA A 90 5.31 -14.08 -5.30
C ALA A 90 4.13 -14.92 -5.81
N THR A 91 3.19 -15.21 -4.92
CA THR A 91 1.97 -15.98 -5.24
C THR A 91 0.70 -15.17 -4.91
N PRO A 92 0.07 -14.52 -5.90
CA PRO A 92 -1.26 -13.90 -5.74
C PRO A 92 -2.46 -14.71 -6.27
N PRO A 93 -2.96 -15.71 -5.51
CA PRO A 93 -4.06 -16.57 -5.97
C PRO A 93 -5.45 -15.95 -5.78
N GLU A 94 -6.43 -16.74 -5.36
CA GLU A 94 -7.84 -16.35 -5.21
C GLU A 94 -7.99 -15.17 -4.27
N PHE A 95 -7.17 -15.09 -3.25
CA PHE A 95 -7.28 -14.00 -2.28
C PHE A 95 -6.97 -12.65 -2.93
N ALA A 96 -6.13 -12.65 -3.95
CA ALA A 96 -5.80 -11.43 -4.67
C ALA A 96 -6.83 -11.15 -5.78
N SER A 97 -7.59 -12.15 -6.21
CA SER A 97 -8.69 -11.85 -7.13
C SER A 97 -9.77 -11.13 -6.32
N VAL A 98 -9.98 -11.56 -5.08
CA VAL A 98 -10.86 -10.86 -4.15
C VAL A 98 -10.28 -9.48 -3.86
N GLY A 99 -8.96 -9.42 -3.66
CA GLY A 99 -8.27 -8.16 -3.44
C GLY A 99 -8.49 -7.15 -4.56
N SER A 100 -8.54 -7.62 -5.79
CA SER A 100 -8.76 -6.73 -6.94
C SER A 100 -10.19 -6.21 -7.06
N LYS A 101 -11.12 -6.74 -6.27
CA LYS A 101 -12.47 -6.18 -6.20
C LYS A 101 -12.57 -5.09 -5.14
N ILE A 102 -11.92 -5.29 -4.00
CA ILE A 102 -11.99 -4.33 -2.89
C ILE A 102 -11.02 -3.16 -3.07
N PHE A 103 -9.87 -3.39 -3.67
CA PHE A 103 -8.87 -2.33 -3.83
C PHE A 103 -9.38 -1.07 -4.54
N PRO A 104 -10.00 -1.17 -5.73
CA PRO A 104 -10.52 0.11 -6.24
C PRO A 104 -11.83 0.56 -5.57
N SER A 105 -12.48 -0.32 -4.82
CA SER A 105 -13.76 0.02 -4.18
C SER A 105 -13.54 0.93 -2.97
N PHE A 106 -12.55 0.64 -2.14
CA PHE A 106 -12.30 1.54 -1.01
C PHE A 106 -11.67 2.84 -1.48
N VAL A 107 -11.05 2.86 -2.66
CA VAL A 107 -10.57 4.12 -3.23
C VAL A 107 -11.76 4.98 -3.60
N LYS A 108 -12.80 4.38 -4.18
CA LYS A 108 -13.99 5.14 -4.57
C LYS A 108 -14.68 5.69 -3.33
N PHE A 109 -14.81 4.87 -2.30
CA PHE A 109 -15.45 5.30 -1.07
C PHE A 109 -14.67 6.41 -0.35
N LEU A 110 -13.35 6.39 -0.46
CA LEU A 110 -12.53 7.50 0.04
C LEU A 110 -12.72 8.83 -0.69
N LYS A 111 -12.82 8.79 -2.01
CA LYS A 111 -12.73 10.03 -2.80
C LYS A 111 -14.06 10.63 -3.21
N SER A 112 -15.14 9.87 -3.13
CA SER A 112 -16.42 10.30 -3.64
C SER A 112 -17.36 10.85 -2.57
N LYS A 113 -17.96 12.01 -2.80
CA LYS A 113 -18.95 12.58 -1.87
C LYS A 113 -20.35 12.50 -2.44
N ASP A 114 -20.55 11.45 -3.24
CA ASP A 114 -21.87 11.00 -3.71
C ASP A 114 -22.65 10.51 -2.48
N PRO A 115 -23.99 10.31 -2.56
CA PRO A 115 -24.77 9.82 -1.39
C PRO A 115 -24.56 8.33 -1.09
N ASN A 116 -23.38 8.00 -0.60
CA ASN A 116 -22.88 6.63 -0.59
C ASN A 116 -23.27 5.77 0.61
N ASP A 117 -24.46 5.21 0.61
CA ASP A 117 -24.81 4.20 1.61
C ASP A 117 -24.67 2.83 0.95
N GLY A 118 -25.04 2.74 -0.32
CA GLY A 118 -24.88 1.51 -1.07
C GLY A 118 -23.43 1.13 -1.24
N THR A 119 -22.59 2.12 -1.50
CA THR A 119 -21.14 1.90 -1.62
C THR A 119 -20.53 1.61 -0.24
N GLU A 120 -21.06 2.19 0.82
CA GLU A 120 -20.59 1.84 2.16
C GLU A 120 -20.90 0.36 2.45
N GLN A 121 -22.07 -0.09 2.06
CA GLN A 121 -22.44 -1.49 2.25
C GLN A 121 -21.75 -2.39 1.24
N ALA A 122 -21.18 -1.82 0.18
CA ALA A 122 -20.37 -2.60 -0.75
C ALA A 122 -19.08 -2.95 -0.03
N LEU A 123 -18.50 -2.01 0.70
CA LEU A 123 -17.26 -2.32 1.43
C LEU A 123 -17.54 -3.38 2.49
N LEU A 124 -18.68 -3.25 3.16
CA LEU A 124 -19.09 -4.23 4.15
C LEU A 124 -19.22 -5.64 3.54
N GLU A 125 -19.67 -5.76 2.30
CA GLU A 125 -19.74 -7.06 1.63
C GLU A 125 -18.41 -7.53 1.04
N GLU A 126 -17.62 -6.64 0.47
CA GLU A 126 -16.34 -7.02 -0.11
C GLU A 126 -15.37 -7.44 0.99
N LEU A 127 -15.41 -6.77 2.13
CA LEU A 127 -14.56 -7.17 3.25
C LEU A 127 -15.11 -8.43 3.91
N LYS A 128 -16.38 -8.77 3.70
CA LYS A 128 -16.91 -10.03 4.22
C LYS A 128 -16.26 -11.21 3.51
N ALA A 129 -15.91 -11.03 2.25
CA ALA A 129 -15.24 -12.09 1.50
C ALA A 129 -13.86 -12.31 2.09
N LEU A 130 -13.15 -11.23 2.40
CA LEU A 130 -11.86 -11.35 3.05
C LEU A 130 -12.02 -12.00 4.43
N ASP A 131 -13.06 -11.63 5.19
CA ASP A 131 -13.30 -12.18 6.54
C ASP A 131 -13.50 -13.68 6.46
N GLY A 132 -14.19 -14.11 5.41
CA GLY A 132 -14.42 -15.53 5.18
C GLY A 132 -13.14 -16.29 4.93
N HIS A 133 -12.34 -15.87 3.96
CA HIS A 133 -11.10 -16.58 3.65
C HIS A 133 -10.16 -16.57 4.85
N LEU A 134 -10.10 -15.44 5.55
CA LEU A 134 -9.20 -15.31 6.70
C LEU A 134 -9.68 -16.17 7.87
N LYS A 135 -10.98 -16.32 8.08
CA LYS A 135 -11.45 -17.22 9.16
C LYS A 135 -11.27 -18.70 8.83
N VAL A 136 -11.26 -19.05 7.55
CA VAL A 136 -11.00 -20.43 7.15
C VAL A 136 -9.54 -20.75 7.45
N HIS A 137 -8.62 -19.89 7.03
CA HIS A 137 -7.20 -20.20 7.20
C HIS A 137 -6.60 -19.95 8.56
N GLY A 138 -6.91 -18.81 9.18
CA GLY A 138 -6.34 -18.44 10.47
C GLY A 138 -5.41 -17.23 10.47
N PRO A 139 -4.19 -17.28 9.87
CA PRO A 139 -3.25 -16.14 9.78
C PRO A 139 -3.67 -15.05 8.79
N PHE A 140 -2.71 -14.25 8.35
CA PHE A 140 -2.92 -13.20 7.34
C PHE A 140 -3.55 -13.73 6.04
N ILE A 141 -4.09 -12.83 5.21
CA ILE A 141 -5.05 -13.20 4.16
C ILE A 141 -4.49 -14.11 3.06
N ALA A 142 -3.17 -14.13 2.86
CA ALA A 142 -2.57 -15.11 1.95
C ALA A 142 -2.78 -16.57 2.40
N GLY A 143 -3.11 -16.75 3.68
CA GLY A 143 -3.38 -18.05 4.26
C GLY A 143 -2.31 -18.53 5.23
N GLU A 144 -1.15 -17.89 5.23
CA GLU A 144 -0.02 -18.32 6.07
C GLU A 144 0.85 -17.21 6.68
N LYS A 145 1.23 -16.24 5.85
CA LYS A 145 2.14 -15.16 6.23
C LYS A 145 1.97 -14.08 5.17
N ILE A 146 2.68 -12.97 5.31
CA ILE A 146 2.62 -11.89 4.32
C ILE A 146 3.31 -12.34 3.04
N THR A 147 2.55 -12.48 1.97
CA THR A 147 3.08 -12.81 0.64
C THR A 147 2.49 -11.78 -0.32
N ALA A 148 2.62 -11.95 -1.63
CA ALA A 148 2.15 -10.98 -2.61
C ALA A 148 0.71 -10.44 -2.44
N VAL A 149 -0.21 -11.25 -1.92
CA VAL A 149 -1.58 -10.79 -1.67
C VAL A 149 -1.60 -9.65 -0.66
N ASP A 150 -0.91 -9.88 0.45
CA ASP A 150 -0.85 -8.93 1.56
C ASP A 150 0.00 -7.76 1.16
N LEU A 151 1.08 -8.02 0.42
CA LEU A 151 1.97 -6.95 -0.04
C LEU A 151 1.26 -6.03 -1.04
N SER A 152 0.19 -6.50 -1.66
CA SER A 152 -0.65 -5.63 -2.50
C SER A 152 -1.69 -4.84 -1.70
N LEU A 153 -2.42 -5.52 -0.83
CA LEU A 153 -3.53 -4.90 -0.09
C LEU A 153 -3.11 -4.04 1.10
N ALA A 154 -2.24 -4.56 1.95
CA ALA A 154 -1.87 -3.88 3.20
C ALA A 154 -1.31 -2.46 3.03
N PRO A 155 -0.44 -2.20 2.04
CA PRO A 155 0.01 -0.81 2.02
C PRO A 155 -1.10 0.22 1.75
N LYS A 156 -2.07 -0.08 0.89
CA LYS A 156 -3.13 0.89 0.64
C LYS A 156 -4.15 0.86 1.76
N LEU A 157 -4.33 -0.27 2.45
CA LEU A 157 -5.20 -0.29 3.62
C LEU A 157 -4.75 0.70 4.68
N TYR A 158 -3.45 0.94 4.84
CA TYR A 158 -3.06 2.01 5.75
C TYR A 158 -3.46 3.39 5.28
N HIS A 159 -3.37 3.63 3.98
CA HIS A 159 -3.69 4.95 3.44
C HIS A 159 -5.19 5.20 3.61
N LEU A 160 -5.96 4.14 3.46
CA LEU A 160 -7.40 4.18 3.70
C LEU A 160 -7.69 4.50 5.15
N GLU A 161 -7.08 3.76 6.06
CA GLU A 161 -7.44 3.87 7.47
C GLU A 161 -7.12 5.23 8.07
N VAL A 162 -6.13 5.94 7.54
CA VAL A 162 -5.87 7.31 7.98
C VAL A 162 -6.81 8.31 7.30
N ALA A 163 -6.91 8.25 5.99
CA ALA A 163 -7.64 9.26 5.26
C ALA A 163 -9.15 9.17 5.54
N LEU A 164 -9.67 7.95 5.55
CA LEU A 164 -11.09 7.75 5.81
C LEU A 164 -11.38 8.02 7.27
N GLY A 165 -10.50 7.56 8.17
CA GLY A 165 -10.74 7.78 9.58
C GLY A 165 -10.74 9.24 10.00
N HIS A 166 -9.90 10.06 9.40
CA HIS A 166 -9.98 11.51 9.67
C HIS A 166 -11.13 12.18 8.94
N PHE A 167 -11.28 11.98 7.64
CA PHE A 167 -12.26 12.73 6.85
C PHE A 167 -13.69 12.18 6.78
N LYS A 168 -13.86 10.86 6.70
CA LYS A 168 -15.18 10.22 6.53
C LYS A 168 -15.32 9.01 7.46
N ASN A 169 -15.27 9.22 8.77
CA ASN A 169 -14.99 8.15 9.74
C ASN A 169 -15.89 6.90 9.63
N TRP A 170 -15.30 5.80 9.19
CA TRP A 170 -15.96 4.49 9.07
C TRP A 170 -14.89 3.44 9.35
N PRO A 171 -14.79 2.98 10.61
CA PRO A 171 -13.74 1.98 10.82
C PRO A 171 -14.19 0.64 10.23
N ILE A 172 -13.27 -0.30 10.12
CA ILE A 172 -13.64 -1.66 9.72
C ILE A 172 -14.53 -2.14 10.87
N PRO A 173 -15.80 -2.49 10.60
CA PRO A 173 -16.62 -2.84 11.77
C PRO A 173 -16.34 -4.24 12.30
N ASP A 174 -16.76 -4.49 13.53
CA ASP A 174 -16.60 -5.82 14.14
C ASP A 174 -17.58 -6.86 13.57
N ASN A 175 -18.32 -6.47 12.55
CA ASN A 175 -19.08 -7.40 11.72
C ASN A 175 -18.11 -8.24 10.88
N LEU A 176 -16.92 -7.68 10.67
CA LEU A 176 -15.83 -8.34 9.94
C LEU A 176 -14.67 -8.46 10.94
N THR A 177 -14.90 -9.18 12.03
CA THR A 177 -13.91 -9.31 13.11
C THR A 177 -12.57 -9.81 12.59
N HIS A 178 -12.55 -10.72 11.64
CA HIS A 178 -11.26 -11.23 11.16
C HIS A 178 -10.51 -10.20 10.32
N VAL A 179 -11.20 -9.27 9.68
CA VAL A 179 -10.51 -8.19 8.94
C VAL A 179 -10.11 -7.06 9.90
N LEU A 180 -10.92 -6.81 10.92
CA LEU A 180 -10.55 -5.80 11.92
C LEU A 180 -9.30 -6.25 12.66
N ASN A 181 -9.25 -7.52 13.04
CA ASN A 181 -8.06 -8.06 13.71
C ASN A 181 -6.87 -8.17 12.77
N TYR A 182 -7.12 -8.42 11.51
CA TYR A 182 -6.06 -8.43 10.51
C TYR A 182 -5.35 -7.10 10.44
N ILE A 183 -6.08 -5.99 10.41
CA ILE A 183 -5.43 -4.67 10.35
C ILE A 183 -4.64 -4.38 11.64
N LYS A 184 -5.09 -4.91 12.78
CA LYS A 184 -4.33 -4.81 14.03
C LYS A 184 -3.05 -5.64 14.00
N LEU A 185 -3.10 -6.80 13.38
CA LEU A 185 -1.92 -7.66 13.22
C LEU A 185 -0.95 -7.01 12.24
N LEU A 186 -1.46 -6.31 11.23
CA LEU A 186 -0.61 -5.58 10.31
C LEU A 186 0.12 -4.47 11.09
N PHE A 187 -0.56 -3.79 12.00
CA PHE A 187 0.07 -2.77 12.87
C PHE A 187 1.13 -3.28 13.88
N SER A 188 1.66 -4.50 13.79
CA SER A 188 2.54 -5.03 14.84
C SER A 188 4.07 -4.92 14.63
N ARG A 189 4.62 -5.37 13.52
CA ARG A 189 6.08 -5.39 13.33
C ARG A 189 6.59 -4.16 12.61
N GLU A 190 7.87 -3.86 12.81
CA GLU A 190 8.55 -2.74 12.20
C GLU A 190 8.53 -2.75 10.68
N SER A 191 8.31 -3.92 10.07
CA SER A 191 8.11 -4.02 8.63
C SER A 191 7.01 -3.08 8.15
N PHE A 192 6.03 -2.86 9.02
CA PHE A 192 4.96 -1.90 8.78
C PHE A 192 5.15 -0.61 9.56
N LYS A 193 5.52 -0.73 10.83
CA LYS A 193 5.61 0.43 11.73
C LYS A 193 6.63 1.48 11.27
N LYS A 194 7.66 1.03 10.57
CA LYS A 194 8.65 1.91 9.97
C LYS A 194 8.27 2.44 8.57
N THR A 195 7.52 1.66 7.81
CA THR A 195 7.20 2.01 6.42
C THR A 195 5.99 2.91 6.23
N ARG A 196 5.11 3.03 7.22
CA ARG A 196 3.97 3.93 7.08
C ARG A 196 4.41 5.38 6.87
N ALA A 197 3.71 6.07 6.00
CA ALA A 197 3.98 7.46 5.65
C ALA A 197 3.53 8.37 6.79
N ALA A 198 3.88 9.65 6.71
CA ALA A 198 3.42 10.63 7.70
C ALA A 198 1.90 10.76 7.59
N GLU A 199 1.19 10.41 8.66
CA GLU A 199 -0.28 10.31 8.65
C GLU A 199 -0.99 11.62 8.31
N GLU A 200 -0.46 12.75 8.74
CA GLU A 200 -1.07 14.03 8.41
C GLU A 200 -0.99 14.23 6.90
N HIS A 201 0.12 13.86 6.30
CA HIS A 201 0.30 14.00 4.86
C HIS A 201 -0.40 12.91 4.07
N VAL A 202 -0.83 11.83 4.70
CA VAL A 202 -1.68 10.86 4.01
C VAL A 202 -3.03 11.50 3.80
N ILE A 203 -3.64 12.07 4.84
CA ILE A 203 -4.97 12.63 4.66
C ILE A 203 -4.88 13.93 3.88
N ALA A 204 -3.95 14.81 4.24
CA ALA A 204 -3.84 16.11 3.58
C ALA A 204 -3.39 15.98 2.12
N GLY A 205 -2.72 14.89 1.78
CA GLY A 205 -2.35 14.62 0.41
C GLY A 205 -3.38 13.86 -0.41
N TRP A 206 -4.34 13.23 0.25
CA TRP A 206 -5.45 12.58 -0.44
C TRP A 206 -6.62 13.54 -0.67
N GLU A 207 -6.83 14.44 0.30
CA GLU A 207 -7.99 15.33 0.27
C GLU A 207 -8.17 16.31 -0.90
N PRO A 208 -7.13 16.73 -1.66
CA PRO A 208 -7.58 17.59 -2.76
C PRO A 208 -8.48 16.92 -3.81
N LYS A 209 -8.43 15.60 -3.94
CA LYS A 209 -9.34 14.92 -4.86
C LYS A 209 -10.73 14.70 -4.28
N VAL A 210 -10.89 14.94 -2.99
CA VAL A 210 -12.22 14.84 -2.36
C VAL A 210 -12.83 16.23 -2.25
N ASN A 211 -11.98 17.24 -2.17
CA ASN A 211 -12.41 18.64 -2.09
C ASN A 211 -12.71 19.28 -3.45
N ALA A 212 -11.99 18.88 -4.47
CA ALA A 212 -12.06 19.50 -5.80
C ALA A 212 -11.79 18.44 -6.87
N MET A 1 22.83 -7.79 -0.92
CA MET A 1 22.94 -6.94 -2.15
C MET A 1 22.17 -5.65 -1.97
N ALA A 2 22.85 -4.52 -1.90
CA ALA A 2 22.18 -3.24 -1.66
C ALA A 2 21.40 -2.80 -2.89
N LEU A 3 20.28 -2.13 -2.67
CA LEU A 3 19.45 -1.59 -3.75
C LEU A 3 19.03 -0.18 -3.34
N GLU A 4 18.47 0.60 -4.25
CA GLU A 4 18.03 1.95 -3.92
C GLU A 4 16.54 2.01 -4.20
N ILE A 5 15.82 2.74 -3.38
CA ILE A 5 14.36 2.84 -3.46
C ILE A 5 14.07 4.32 -3.62
N CYS A 6 13.49 4.71 -4.74
CA CYS A 6 13.25 6.12 -5.05
C CYS A 6 11.75 6.35 -5.14
N VAL A 7 11.19 7.15 -4.23
CA VAL A 7 9.73 7.27 -4.11
C VAL A 7 9.22 8.70 -4.04
N LYS A 8 7.95 8.91 -4.31
CA LYS A 8 7.33 10.24 -4.20
C LYS A 8 7.23 10.58 -2.72
N ALA A 9 7.80 11.73 -2.36
CA ALA A 9 7.80 12.23 -0.99
C ALA A 9 6.41 12.78 -0.62
N ALA A 10 6.17 12.97 0.66
CA ALA A 10 4.93 13.58 1.11
C ALA A 10 4.77 15.02 0.63
N VAL A 11 3.55 15.38 0.28
CA VAL A 11 3.25 16.73 -0.19
C VAL A 11 3.33 17.69 1.00
N GLY A 12 4.11 18.75 0.87
CA GLY A 12 4.20 19.77 1.90
C GLY A 12 5.43 19.62 2.77
N ALA A 13 5.97 18.41 2.88
CA ALA A 13 7.17 18.14 3.68
C ALA A 13 7.90 16.88 3.17
N PRO A 14 8.97 17.04 2.38
CA PRO A 14 9.71 15.85 1.90
C PRO A 14 10.66 15.23 2.94
N ASN A 15 10.13 14.86 4.11
CA ASN A 15 10.91 14.20 5.17
C ASN A 15 10.34 12.82 5.52
N ILE A 16 9.27 12.42 4.84
CA ILE A 16 8.65 11.12 5.08
C ILE A 16 8.07 10.66 3.74
N LEU A 17 7.82 9.37 3.67
CA LEU A 17 7.23 8.71 2.53
C LEU A 17 5.84 9.30 2.32
N GLY A 18 5.40 9.42 1.07
CA GLY A 18 4.13 10.07 0.80
C GLY A 18 2.86 9.25 0.75
N ASP A 19 1.82 9.99 0.42
CA ASP A 19 0.48 9.51 0.08
C ASP A 19 0.50 8.97 -1.35
N CYS A 20 1.29 7.90 -1.47
CA CYS A 20 1.61 7.25 -2.73
C CYS A 20 1.39 5.74 -2.54
N PRO A 21 0.28 5.20 -3.04
CA PRO A 21 0.01 3.77 -2.75
C PRO A 21 1.06 2.82 -3.29
N PHE A 22 1.57 3.10 -4.48
CA PHE A 22 2.54 2.21 -5.11
C PHE A 22 3.88 2.30 -4.38
N CYS A 23 4.21 3.47 -3.86
CA CYS A 23 5.49 3.68 -3.17
C CYS A 23 5.62 2.81 -1.94
N GLN A 24 4.54 2.76 -1.18
CA GLN A 24 4.55 2.02 0.07
C GLN A 24 4.62 0.50 -0.14
N ARG A 25 4.23 0.01 -1.31
CA ARG A 25 4.39 -1.42 -1.61
C ARG A 25 5.86 -1.80 -1.57
N VAL A 26 6.74 -0.89 -1.95
CA VAL A 26 8.16 -1.20 -2.08
C VAL A 26 8.82 -1.22 -0.71
N LEU A 27 8.60 -0.18 0.09
CA LEU A 27 9.28 -0.09 1.37
C LEU A 27 8.86 -1.22 2.28
N LEU A 28 7.59 -1.62 2.23
CA LEU A 28 7.10 -2.70 3.08
C LEU A 28 7.81 -4.03 2.83
N SER A 29 8.07 -4.37 1.59
CA SER A 29 8.69 -5.66 1.31
C SER A 29 10.16 -5.68 1.71
N LEU A 30 10.88 -4.59 1.45
CA LEU A 30 12.31 -4.58 1.77
C LEU A 30 12.55 -4.34 3.26
N GLU A 31 11.64 -3.66 3.95
CA GLU A 31 11.68 -3.66 5.41
C GLU A 31 11.29 -5.00 6.00
N GLU A 32 10.35 -5.72 5.41
CA GLU A 32 10.00 -7.04 5.92
C GLU A 32 11.16 -8.02 5.71
N LYS A 33 11.88 -7.88 4.60
CA LYS A 33 13.14 -8.60 4.41
C LYS A 33 14.28 -8.07 5.27
N LYS A 34 14.19 -6.84 5.77
CA LYS A 34 15.25 -6.18 6.54
C LYS A 34 16.56 -6.15 5.73
N ILE A 35 16.41 -5.97 4.42
CA ILE A 35 17.53 -6.00 3.46
C ILE A 35 18.10 -4.58 3.43
N PRO A 36 19.42 -4.39 3.20
CA PRO A 36 19.82 -2.98 3.20
C PRO A 36 19.39 -2.21 1.95
N TYR A 37 19.08 -0.94 2.13
CA TYR A 37 18.73 -0.08 1.01
C TYR A 37 18.99 1.41 1.25
N LYS A 38 19.05 2.16 0.16
CA LYS A 38 19.19 3.62 0.21
C LYS A 38 17.87 4.26 -0.21
N SER A 39 17.21 4.96 0.71
CA SER A 39 15.97 5.66 0.43
C SER A 39 16.25 7.04 -0.16
N HIS A 40 15.67 7.30 -1.34
CA HIS A 40 15.74 8.60 -2.00
C HIS A 40 14.30 9.14 -2.08
N LEU A 41 14.08 10.34 -1.55
CA LEU A 41 12.76 10.96 -1.60
C LEU A 41 12.71 11.94 -2.75
N ILE A 42 11.81 11.72 -3.67
CA ILE A 42 11.58 12.58 -4.82
C ILE A 42 10.57 13.62 -4.33
N ASN A 43 11.01 14.84 -4.11
CA ASN A 43 10.13 15.94 -3.69
C ASN A 43 9.30 16.45 -4.88
N LEU A 44 8.23 15.71 -5.16
CA LEU A 44 7.15 16.11 -6.05
C LEU A 44 7.63 16.50 -7.45
N GLY A 45 8.38 15.58 -8.07
CA GLY A 45 8.93 15.82 -9.40
C GLY A 45 10.26 16.54 -9.36
N ASP A 46 11.03 16.21 -8.34
CA ASP A 46 12.44 16.59 -8.19
C ASP A 46 13.20 15.74 -9.20
N LYS A 47 13.78 16.38 -10.21
CA LYS A 47 14.17 15.66 -11.42
C LYS A 47 15.45 16.20 -12.09
N PRO A 48 16.62 15.75 -11.63
CA PRO A 48 17.80 15.85 -12.49
C PRO A 48 17.63 14.92 -13.68
N GLN A 49 18.47 15.05 -14.70
CA GLN A 49 18.40 14.22 -15.90
C GLN A 49 18.54 12.73 -15.55
N TRP A 50 19.32 12.43 -14.52
CA TRP A 50 19.43 11.08 -13.98
C TRP A 50 18.08 10.49 -13.61
N PHE A 51 17.25 11.26 -12.92
CA PHE A 51 15.93 10.76 -12.52
C PHE A 51 14.95 10.78 -13.69
N LEU A 52 15.14 11.66 -14.65
CA LEU A 52 14.35 11.63 -15.88
C LEU A 52 14.64 10.37 -16.70
N GLU A 53 15.87 9.89 -16.70
CA GLU A 53 16.20 8.62 -17.35
C GLU A 53 15.54 7.46 -16.59
N ILE A 54 15.62 7.51 -15.27
CA ILE A 54 15.11 6.45 -14.40
C ILE A 54 13.57 6.36 -14.37
N SER A 55 12.84 7.44 -14.10
CA SER A 55 11.41 7.36 -13.79
C SER A 55 10.48 7.79 -14.93
N PRO A 56 9.58 6.90 -15.40
CA PRO A 56 8.82 7.32 -16.59
C PRO A 56 7.79 8.43 -16.45
N GLU A 57 7.22 8.69 -15.27
CA GLU A 57 6.35 9.87 -15.06
C GLU A 57 7.12 10.99 -14.35
N GLY A 58 8.34 10.68 -13.95
CA GLY A 58 9.08 11.47 -12.99
C GLY A 58 8.72 11.12 -11.55
N LYS A 59 7.43 11.04 -11.27
CA LYS A 59 6.90 10.77 -9.92
C LYS A 59 6.06 9.50 -9.84
N VAL A 60 6.72 8.38 -10.07
CA VAL A 60 6.19 7.05 -9.75
C VAL A 60 7.30 6.46 -8.92
N PRO A 61 7.02 5.47 -8.05
CA PRO A 61 8.19 4.90 -7.39
C PRO A 61 8.99 4.05 -8.36
N VAL A 62 10.28 3.94 -8.06
CA VAL A 62 11.18 3.09 -8.82
C VAL A 62 11.97 2.29 -7.80
N VAL A 63 12.26 1.04 -8.12
CA VAL A 63 13.26 0.29 -7.37
C VAL A 63 14.45 0.09 -8.31
N LYS A 64 15.63 0.50 -7.84
CA LYS A 64 16.90 0.33 -8.54
C LYS A 64 17.56 -0.89 -7.94
N ILE A 65 17.24 -2.04 -8.52
CA ILE A 65 17.66 -3.34 -8.02
C ILE A 65 19.00 -3.66 -8.67
N ASP A 66 20.09 -3.47 -7.94
CA ASP A 66 21.45 -3.66 -8.46
C ASP A 66 21.70 -2.94 -9.78
N ASP A 67 21.28 -1.67 -9.80
CA ASP A 67 21.27 -0.81 -10.99
C ASP A 67 20.33 -1.21 -12.14
N LYS A 68 19.30 -2.00 -11.86
CA LYS A 68 18.23 -2.27 -12.84
C LYS A 68 16.96 -1.57 -12.37
N TRP A 69 16.34 -0.78 -13.22
CA TRP A 69 15.30 0.14 -12.79
C TRP A 69 13.89 -0.34 -13.18
N VAL A 70 13.02 -0.63 -12.21
CA VAL A 70 11.65 -1.06 -12.49
C VAL A 70 10.63 -0.15 -11.79
N ALA A 71 9.54 0.20 -12.47
CA ALA A 71 8.66 1.30 -12.06
C ALA A 71 7.14 1.19 -12.32
N ASP A 72 6.61 -0.01 -12.54
CA ASP A 72 5.16 -0.22 -12.73
C ASP A 72 4.60 -0.89 -11.48
N SER A 73 3.35 -0.64 -11.12
CA SER A 73 2.87 -1.00 -9.79
C SER A 73 2.84 -2.50 -9.50
N ASP A 74 2.74 -3.31 -10.53
CA ASP A 74 2.81 -4.77 -10.36
C ASP A 74 4.26 -5.25 -10.28
N VAL A 75 5.17 -4.63 -11.01
CA VAL A 75 6.54 -5.17 -11.11
C VAL A 75 7.43 -4.73 -9.95
N ILE A 76 7.04 -3.66 -9.27
CA ILE A 76 7.71 -3.22 -8.04
C ILE A 76 7.31 -4.09 -6.84
N VAL A 77 6.52 -5.13 -7.12
CA VAL A 77 6.32 -6.22 -6.18
C VAL A 77 6.91 -7.50 -6.83
N GLY A 78 6.52 -7.80 -8.06
CA GLY A 78 6.96 -9.03 -8.71
C GLY A 78 8.39 -9.18 -9.19
N ILE A 79 8.90 -8.27 -10.01
CA ILE A 79 10.29 -8.35 -10.46
C ILE A 79 11.17 -8.08 -9.25
N LEU A 80 10.66 -7.30 -8.31
CA LEU A 80 11.39 -7.05 -7.07
C LEU A 80 11.67 -8.35 -6.30
N GLU A 81 10.70 -9.24 -6.19
CA GLU A 81 10.95 -10.55 -5.56
C GLU A 81 11.85 -11.41 -6.44
N GLU A 82 11.61 -11.35 -7.75
CA GLU A 82 12.29 -12.24 -8.68
C GLU A 82 13.82 -12.04 -8.70
N LYS A 83 14.25 -10.78 -8.54
CA LYS A 83 15.67 -10.44 -8.49
C LYS A 83 16.19 -10.33 -7.05
N ASN A 84 15.35 -10.62 -6.07
CA ASN A 84 15.75 -10.58 -4.65
C ASN A 84 16.72 -11.74 -4.33
N PRO A 85 17.89 -11.47 -3.71
CA PRO A 85 18.77 -12.57 -3.33
C PRO A 85 18.35 -13.38 -2.08
N GLU A 86 17.30 -12.96 -1.40
CA GLU A 86 16.75 -13.67 -0.24
C GLU A 86 15.47 -14.35 -0.71
N PRO A 87 15.03 -15.44 -0.04
CA PRO A 87 14.04 -16.28 -0.73
C PRO A 87 12.72 -15.61 -1.12
N PRO A 88 12.36 -15.62 -2.42
CA PRO A 88 11.12 -14.93 -2.77
C PRO A 88 9.83 -15.68 -2.47
N LEU A 89 8.78 -14.91 -2.22
CA LEU A 89 7.44 -15.36 -1.87
C LEU A 89 6.41 -14.54 -2.65
N ALA A 90 6.61 -14.43 -3.95
CA ALA A 90 5.61 -13.81 -4.81
C ALA A 90 4.49 -14.82 -5.06
N THR A 91 3.59 -15.00 -4.11
CA THR A 91 2.46 -15.90 -4.27
C THR A 91 1.16 -15.08 -4.25
N PRO A 92 0.53 -14.80 -5.42
CA PRO A 92 -0.80 -14.21 -5.56
C PRO A 92 -2.03 -15.15 -5.79
N PRO A 93 -2.42 -15.99 -4.82
CA PRO A 93 -3.50 -16.93 -5.13
C PRO A 93 -4.93 -16.36 -4.90
N GLU A 94 -5.69 -16.88 -3.95
CA GLU A 94 -7.08 -16.48 -3.75
C GLU A 94 -7.29 -15.02 -3.34
N PHE A 95 -6.35 -14.44 -2.62
CA PHE A 95 -6.44 -13.02 -2.26
C PHE A 95 -6.17 -12.11 -3.46
N ALA A 96 -5.67 -12.61 -4.58
CA ALA A 96 -5.51 -11.75 -5.76
C ALA A 96 -6.87 -11.49 -6.40
N SER A 97 -7.69 -12.52 -6.50
CA SER A 97 -9.00 -12.38 -7.12
C SER A 97 -9.91 -11.56 -6.20
N VAL A 98 -9.94 -11.92 -4.92
CA VAL A 98 -10.79 -11.21 -3.95
C VAL A 98 -10.28 -9.79 -3.75
N GLY A 99 -8.97 -9.60 -3.70
CA GLY A 99 -8.41 -8.27 -3.54
C GLY A 99 -8.78 -7.37 -4.70
N SER A 100 -8.86 -7.89 -5.91
CA SER A 100 -9.28 -7.08 -7.06
C SER A 100 -10.75 -6.66 -7.08
N LYS A 101 -11.54 -7.12 -6.11
CA LYS A 101 -12.92 -6.64 -5.93
C LYS A 101 -12.97 -5.58 -4.83
N ILE A 102 -12.16 -5.77 -3.81
CA ILE A 102 -12.09 -4.86 -2.67
C ILE A 102 -11.41 -3.57 -3.13
N PHE A 103 -10.25 -3.71 -3.77
CA PHE A 103 -9.39 -2.57 -4.10
C PHE A 103 -10.05 -1.48 -4.94
N PRO A 104 -10.66 -1.80 -6.10
CA PRO A 104 -11.21 -0.64 -6.79
C PRO A 104 -12.44 -0.05 -6.11
N SER A 105 -13.09 -0.79 -5.21
CA SER A 105 -14.22 -0.24 -4.46
C SER A 105 -13.76 0.83 -3.48
N PHE A 106 -12.82 0.53 -2.58
CA PHE A 106 -12.51 1.54 -1.56
C PHE A 106 -11.64 2.67 -2.07
N VAL A 107 -10.86 2.43 -3.11
CA VAL A 107 -10.07 3.49 -3.72
C VAL A 107 -11.02 4.51 -4.34
N LYS A 108 -12.10 4.01 -4.94
CA LYS A 108 -13.13 4.87 -5.51
C LYS A 108 -13.98 5.55 -4.47
N PHE A 109 -14.42 4.85 -3.44
CA PHE A 109 -15.28 5.47 -2.42
C PHE A 109 -14.53 6.49 -1.58
N LEU A 110 -13.24 6.32 -1.35
CA LEU A 110 -12.47 7.35 -0.64
C LEU A 110 -12.36 8.63 -1.48
N LYS A 111 -12.19 8.47 -2.79
CA LYS A 111 -12.13 9.60 -3.71
C LYS A 111 -13.49 10.28 -3.89
N SER A 112 -14.56 9.52 -3.68
CA SER A 112 -15.92 9.94 -3.99
C SER A 112 -16.64 10.64 -2.86
N LYS A 113 -16.86 11.93 -3.03
CA LYS A 113 -17.71 12.69 -2.12
C LYS A 113 -19.10 12.68 -2.74
N ASP A 114 -19.66 11.49 -2.73
CA ASP A 114 -20.99 11.17 -3.29
C ASP A 114 -21.90 11.08 -2.05
N PRO A 115 -23.22 10.87 -2.21
CA PRO A 115 -23.99 10.37 -1.05
C PRO A 115 -23.69 8.90 -0.71
N ASN A 116 -22.44 8.65 -0.37
CA ASN A 116 -21.92 7.30 -0.08
C ASN A 116 -22.40 6.91 1.31
N ASP A 117 -23.21 5.87 1.35
CA ASP A 117 -23.68 5.28 2.61
C ASP A 117 -23.97 3.82 2.33
N GLY A 118 -24.84 3.58 1.36
CA GLY A 118 -25.05 2.23 0.86
C GLY A 118 -23.78 1.69 0.24
N THR A 119 -22.96 2.52 -0.38
CA THR A 119 -21.69 2.06 -0.93
C THR A 119 -20.59 1.78 0.11
N GLU A 120 -20.58 2.47 1.24
CA GLU A 120 -19.61 2.12 2.29
C GLU A 120 -20.04 0.77 2.88
N GLN A 121 -21.34 0.54 2.89
CA GLN A 121 -21.88 -0.77 3.26
C GLN A 121 -21.75 -1.81 2.12
N ALA A 122 -21.44 -1.40 0.91
CA ALA A 122 -21.13 -2.35 -0.16
C ALA A 122 -19.68 -2.78 0.01
N LEU A 123 -18.83 -1.87 0.46
CA LEU A 123 -17.46 -2.22 0.85
C LEU A 123 -17.51 -3.17 2.05
N LEU A 124 -18.46 -2.96 2.95
CA LEU A 124 -18.67 -3.90 4.05
C LEU A 124 -18.95 -5.31 3.52
N GLU A 125 -19.72 -5.46 2.44
CA GLU A 125 -19.95 -6.77 1.81
C GLU A 125 -18.67 -7.31 1.15
N GLU A 126 -17.84 -6.45 0.56
CA GLU A 126 -16.61 -6.93 -0.07
C GLU A 126 -15.66 -7.50 0.96
N LEU A 127 -15.63 -6.83 2.10
CA LEU A 127 -14.80 -7.24 3.23
C LEU A 127 -15.46 -8.39 3.99
N LYS A 128 -16.77 -8.60 3.86
CA LYS A 128 -17.44 -9.77 4.44
C LYS A 128 -16.98 -11.04 3.74
N ALA A 129 -16.77 -10.95 2.43
CA ALA A 129 -16.20 -12.09 1.71
C ALA A 129 -14.83 -12.41 2.31
N LEU A 130 -14.00 -11.38 2.48
CA LEU A 130 -12.65 -11.57 3.03
C LEU A 130 -12.63 -12.07 4.47
N ASP A 131 -13.55 -11.57 5.28
CA ASP A 131 -13.63 -11.91 6.70
C ASP A 131 -13.89 -13.39 6.90
N GLY A 132 -14.89 -13.93 6.23
CA GLY A 132 -15.18 -15.35 6.36
C GLY A 132 -14.12 -16.20 5.70
N HIS A 133 -13.56 -15.72 4.59
CA HIS A 133 -12.49 -16.42 3.89
C HIS A 133 -11.31 -16.65 4.83
N LEU A 134 -10.97 -15.64 5.60
CA LEU A 134 -9.83 -15.75 6.49
C LEU A 134 -10.09 -16.63 7.70
N LYS A 135 -11.31 -16.61 8.21
CA LYS A 135 -11.62 -17.45 9.37
C LYS A 135 -11.74 -18.94 9.01
N VAL A 136 -11.92 -19.26 7.73
CA VAL A 136 -11.80 -20.65 7.26
C VAL A 136 -10.38 -21.03 6.83
N HIS A 137 -9.43 -20.12 7.00
CA HIS A 137 -8.01 -20.39 6.68
C HIS A 137 -7.01 -20.24 7.84
N GLY A 138 -7.08 -19.17 8.63
CA GLY A 138 -6.20 -19.00 9.78
C GLY A 138 -5.14 -17.88 9.81
N PRO A 139 -4.03 -17.90 9.05
CA PRO A 139 -2.94 -16.90 9.02
C PRO A 139 -3.19 -15.55 8.35
N PHE A 140 -2.13 -14.79 8.05
CA PHE A 140 -2.21 -13.57 7.21
C PHE A 140 -2.64 -13.86 5.77
N ILE A 141 -3.00 -12.82 5.03
CA ILE A 141 -4.26 -12.75 4.29
C ILE A 141 -4.16 -13.56 2.99
N ALA A 142 -2.94 -13.73 2.50
CA ALA A 142 -2.67 -14.66 1.42
C ALA A 142 -2.89 -16.14 1.76
N GLY A 143 -3.19 -16.46 3.01
CA GLY A 143 -3.51 -17.81 3.43
C GLY A 143 -2.41 -18.47 4.22
N GLU A 144 -1.19 -17.95 4.17
CA GLU A 144 -0.07 -18.52 4.93
C GLU A 144 0.72 -17.49 5.74
N LYS A 145 1.03 -16.36 5.11
CA LYS A 145 1.89 -15.32 5.67
C LYS A 145 1.69 -14.10 4.78
N ILE A 146 2.33 -12.99 5.09
CA ILE A 146 2.42 -11.85 4.17
C ILE A 146 3.09 -12.38 2.91
N THR A 147 2.47 -12.19 1.76
CA THR A 147 3.10 -12.40 0.46
C THR A 147 2.82 -11.17 -0.42
N ALA A 148 3.15 -11.27 -1.71
CA ALA A 148 2.87 -10.24 -2.70
C ALA A 148 1.48 -9.60 -2.69
N VAL A 149 0.43 -10.35 -2.40
CA VAL A 149 -0.91 -9.76 -2.38
C VAL A 149 -1.17 -8.95 -1.12
N ASP A 150 -0.64 -9.36 0.02
CA ASP A 150 -0.74 -8.55 1.24
C ASP A 150 0.03 -7.26 0.99
N LEU A 151 1.20 -7.38 0.38
CA LEU A 151 2.03 -6.22 0.06
C LEU A 151 1.36 -5.26 -0.92
N SER A 152 0.56 -5.77 -1.84
CA SER A 152 -0.11 -4.90 -2.79
C SER A 152 -1.25 -4.10 -2.15
N LEU A 153 -1.98 -4.75 -1.24
CA LEU A 153 -3.25 -4.20 -0.78
C LEU A 153 -3.13 -3.44 0.54
N ALA A 154 -2.36 -3.99 1.47
CA ALA A 154 -2.24 -3.40 2.81
C ALA A 154 -1.76 -1.93 2.86
N PRO A 155 -0.83 -1.47 2.00
CA PRO A 155 -0.55 -0.04 2.22
C PRO A 155 -1.65 0.93 1.78
N LYS A 156 -2.45 0.60 0.76
CA LYS A 156 -3.57 1.49 0.42
C LYS A 156 -4.68 1.27 1.43
N LEU A 157 -4.79 0.08 2.01
CA LEU A 157 -5.73 -0.14 3.11
C LEU A 157 -5.33 0.65 4.37
N TYR A 158 -4.04 0.81 4.62
CA TYR A 158 -3.57 1.71 5.67
C TYR A 158 -3.95 3.15 5.34
N HIS A 159 -3.72 3.57 4.11
CA HIS A 159 -4.12 4.91 3.71
C HIS A 159 -5.64 5.09 3.82
N LEU A 160 -6.41 4.04 3.58
CA LEU A 160 -7.86 4.07 3.77
C LEU A 160 -8.20 4.20 5.25
N GLU A 161 -7.64 3.39 6.14
CA GLU A 161 -8.05 3.44 7.55
C GLU A 161 -7.68 4.78 8.19
N VAL A 162 -6.62 5.41 7.72
CA VAL A 162 -6.33 6.79 8.14
C VAL A 162 -7.29 7.78 7.49
N ALA A 163 -7.36 7.81 6.16
CA ALA A 163 -8.02 8.90 5.49
C ALA A 163 -9.54 8.83 5.68
N LEU A 164 -10.11 7.65 5.53
CA LEU A 164 -11.55 7.47 5.69
C LEU A 164 -11.88 7.60 7.17
N GLY A 165 -10.97 7.14 8.02
CA GLY A 165 -11.19 7.27 9.45
C GLY A 165 -11.25 8.70 9.92
N HIS A 166 -10.44 9.58 9.34
CA HIS A 166 -10.58 10.99 9.66
C HIS A 166 -11.78 11.63 8.95
N PHE A 167 -11.94 11.39 7.65
CA PHE A 167 -12.95 12.09 6.83
C PHE A 167 -14.39 11.58 6.89
N LYS A 168 -14.60 10.27 6.77
CA LYS A 168 -15.93 9.64 6.75
C LYS A 168 -15.91 8.52 7.78
N ASN A 169 -15.74 8.88 9.06
CA ASN A 169 -15.30 7.97 10.12
C ASN A 169 -15.93 6.56 10.10
N TRP A 170 -15.09 5.57 9.82
CA TRP A 170 -15.51 4.19 9.55
C TRP A 170 -14.50 3.17 10.08
N PRO A 171 -14.55 2.86 11.40
CA PRO A 171 -13.70 1.72 11.76
C PRO A 171 -14.35 0.41 11.31
N ILE A 172 -13.56 -0.62 11.07
CA ILE A 172 -14.10 -1.93 10.69
C ILE A 172 -14.83 -2.49 11.93
N PRO A 173 -16.09 -2.95 11.79
CA PRO A 173 -16.72 -3.48 13.01
C PRO A 173 -16.24 -4.88 13.40
N ASP A 174 -16.51 -5.29 14.63
CA ASP A 174 -16.17 -6.64 15.10
C ASP A 174 -17.14 -7.71 14.59
N ASN A 175 -18.03 -7.28 13.71
CA ASN A 175 -18.87 -8.18 12.93
C ASN A 175 -18.12 -8.64 11.68
N LEU A 176 -17.05 -7.95 11.33
CA LEU A 176 -16.09 -8.36 10.30
C LEU A 176 -14.71 -8.50 10.95
N THR A 177 -14.66 -9.19 12.08
CA THR A 177 -13.54 -9.02 13.00
C THR A 177 -12.19 -9.45 12.43
N HIS A 178 -12.10 -10.26 11.37
CA HIS A 178 -10.78 -10.53 10.80
C HIS A 178 -10.17 -9.21 10.35
N VAL A 179 -10.89 -8.38 9.63
CA VAL A 179 -10.21 -7.26 8.99
C VAL A 179 -9.82 -6.26 10.08
N LEU A 180 -10.64 -6.18 11.12
CA LEU A 180 -10.31 -5.36 12.28
C LEU A 180 -9.07 -5.86 13.02
N ASN A 181 -9.05 -7.14 13.37
CA ASN A 181 -7.99 -7.70 14.21
C ASN A 181 -6.65 -7.59 13.48
N TYR A 182 -6.67 -7.83 12.18
CA TYR A 182 -5.44 -7.78 11.40
C TYR A 182 -5.00 -6.35 11.10
N ILE A 183 -5.90 -5.38 11.14
CA ILE A 183 -5.48 -3.98 11.04
C ILE A 183 -4.67 -3.63 12.31
N LYS A 184 -5.01 -4.19 13.46
CA LYS A 184 -4.21 -3.96 14.67
C LYS A 184 -2.83 -4.59 14.53
N LEU A 185 -2.75 -5.72 13.84
CA LEU A 185 -1.46 -6.35 13.57
C LEU A 185 -0.65 -5.47 12.61
N LEU A 186 -1.28 -4.98 11.54
CA LEU A 186 -0.61 -4.13 10.56
C LEU A 186 -0.18 -2.77 11.15
N PHE A 187 -0.91 -2.26 12.12
CA PHE A 187 -0.54 -1.02 12.81
C PHE A 187 0.73 -1.22 13.64
N SER A 188 1.01 -2.46 14.02
CA SER A 188 2.13 -2.77 14.90
C SER A 188 2.78 -4.11 14.52
N ARG A 189 3.43 -4.09 13.38
CA ARG A 189 4.27 -5.19 12.87
C ARG A 189 5.50 -4.42 12.48
N GLU A 190 6.69 -4.98 12.63
CA GLU A 190 7.93 -4.20 12.55
C GLU A 190 8.21 -3.47 11.23
N SER A 191 7.86 -4.06 10.09
CA SER A 191 7.90 -3.33 8.83
C SER A 191 6.77 -2.32 8.75
N PHE A 192 5.57 -2.80 9.03
CA PHE A 192 4.33 -2.09 8.71
C PHE A 192 4.09 -0.87 9.59
N LYS A 193 4.61 -0.91 10.81
CA LYS A 193 4.64 0.23 11.74
C LYS A 193 5.66 1.28 11.30
N LYS A 194 6.85 0.84 10.89
CA LYS A 194 7.92 1.78 10.53
C LYS A 194 7.60 2.54 9.25
N THR A 195 6.98 1.86 8.30
CA THR A 195 6.68 2.47 7.00
C THR A 195 5.44 3.33 6.98
N ARG A 196 4.73 3.46 8.09
CA ARG A 196 3.55 4.33 8.16
C ARG A 196 3.90 5.75 7.72
N ALA A 197 3.25 6.22 6.65
CA ALA A 197 3.34 7.62 6.27
C ALA A 197 2.64 8.43 7.37
N ALA A 198 3.05 9.68 7.52
CA ALA A 198 2.48 10.59 8.50
C ALA A 198 1.00 10.73 8.17
N GLU A 199 0.13 10.57 9.14
CA GLU A 199 -1.31 10.54 8.88
C GLU A 199 -1.82 11.85 8.28
N GLU A 200 -1.26 12.97 8.71
CA GLU A 200 -1.68 14.25 8.17
C GLU A 200 -1.36 14.36 6.69
N HIS A 201 -0.29 13.72 6.26
CA HIS A 201 0.10 13.76 4.85
C HIS A 201 -0.69 12.72 4.07
N VAL A 202 -1.13 11.66 4.73
CA VAL A 202 -2.06 10.75 4.07
C VAL A 202 -3.36 11.52 3.80
N ILE A 203 -3.99 12.04 4.84
CA ILE A 203 -5.35 12.55 4.66
C ILE A 203 -5.35 13.86 3.87
N ALA A 204 -4.45 14.78 4.17
CA ALA A 204 -4.43 16.06 3.47
C ALA A 204 -3.67 15.96 2.14
N GLY A 205 -3.16 14.79 1.80
CA GLY A 205 -2.65 14.55 0.46
C GLY A 205 -3.72 14.00 -0.45
N TRP A 206 -4.62 13.17 0.10
CA TRP A 206 -5.77 12.68 -0.67
C TRP A 206 -6.88 13.73 -0.79
N GLU A 207 -7.20 14.47 0.27
CA GLU A 207 -8.30 15.45 0.23
C GLU A 207 -8.33 16.57 -0.81
N PRO A 208 -7.18 17.17 -1.20
CA PRO A 208 -7.34 18.16 -2.27
C PRO A 208 -7.82 17.60 -3.61
N LYS A 209 -7.67 16.30 -3.84
CA LYS A 209 -8.28 15.71 -5.03
C LYS A 209 -9.73 15.32 -4.78
N VAL A 210 -10.09 14.97 -3.55
CA VAL A 210 -11.47 14.64 -3.22
C VAL A 210 -12.36 15.89 -3.34
N ASN A 211 -11.91 16.98 -2.72
CA ASN A 211 -12.72 18.18 -2.49
C ASN A 211 -12.80 19.19 -3.64
N ALA A 212 -11.74 19.32 -4.41
CA ALA A 212 -11.56 20.46 -5.31
C ALA A 212 -11.59 20.00 -6.77
N MET A 1 26.61 -3.89 -3.16
CA MET A 1 25.87 -4.03 -1.88
C MET A 1 24.86 -2.90 -1.71
N ALA A 2 23.70 -3.24 -1.17
CA ALA A 2 22.54 -2.36 -0.93
C ALA A 2 21.92 -1.66 -2.16
N LEU A 3 20.78 -1.02 -1.92
CA LEU A 3 19.97 -0.38 -2.96
C LEU A 3 19.38 0.94 -2.45
N GLU A 4 18.87 1.75 -3.36
CA GLU A 4 18.32 3.07 -3.04
C GLU A 4 16.87 3.03 -3.51
N ILE A 5 15.97 3.65 -2.77
CA ILE A 5 14.56 3.67 -3.13
C ILE A 5 14.28 5.15 -3.30
N CYS A 6 13.36 5.53 -4.16
CA CYS A 6 12.86 6.90 -4.18
C CYS A 6 11.38 6.76 -4.42
N VAL A 7 10.56 7.42 -3.62
CA VAL A 7 9.11 7.30 -3.72
C VAL A 7 8.54 8.70 -3.69
N LYS A 8 7.27 8.86 -4.05
CA LYS A 8 6.61 10.16 -3.93
C LYS A 8 6.67 10.57 -2.45
N ALA A 9 7.33 11.68 -2.18
CA ALA A 9 7.42 12.19 -0.82
C ALA A 9 6.10 12.89 -0.55
N ALA A 10 5.90 13.31 0.69
CA ALA A 10 4.70 14.03 1.07
C ALA A 10 4.51 15.27 0.20
N VAL A 11 3.26 15.49 -0.19
CA VAL A 11 2.87 16.67 -0.94
C VAL A 11 3.04 17.82 0.05
N GLY A 12 3.81 18.84 -0.31
CA GLY A 12 4.04 19.96 0.59
C GLY A 12 5.05 19.75 1.71
N ALA A 13 5.58 18.55 1.90
CA ALA A 13 6.58 18.31 2.95
C ALA A 13 7.65 17.30 2.51
N PRO A 14 8.46 17.62 1.50
CA PRO A 14 9.37 16.57 1.06
C PRO A 14 10.52 16.22 2.03
N ASN A 15 10.41 15.05 2.65
CA ASN A 15 11.40 14.45 3.56
C ASN A 15 10.90 13.04 3.88
N ILE A 16 9.66 12.95 4.32
CA ILE A 16 8.97 11.69 4.64
C ILE A 16 8.06 11.32 3.45
N LEU A 17 7.95 10.02 3.18
CA LEU A 17 7.13 9.46 2.12
C LEU A 17 5.63 9.81 2.20
N GLY A 18 4.98 9.86 1.05
CA GLY A 18 3.59 10.31 0.93
C GLY A 18 2.57 9.26 0.51
N ASP A 19 1.47 9.72 -0.06
CA ASP A 19 0.43 8.80 -0.55
C ASP A 19 0.76 8.33 -1.96
N CYS A 20 0.98 7.04 -2.13
CA CYS A 20 1.16 6.43 -3.45
C CYS A 20 1.01 4.93 -3.19
N PRO A 21 0.35 4.18 -4.09
CA PRO A 21 0.23 2.75 -3.73
C PRO A 21 1.59 2.03 -3.76
N PHE A 22 2.26 2.11 -4.91
CA PHE A 22 3.44 1.30 -5.15
C PHE A 22 4.58 1.68 -4.23
N CYS A 23 4.61 2.95 -3.82
CA CYS A 23 5.56 3.44 -2.82
C CYS A 23 5.73 2.52 -1.61
N GLN A 24 4.63 2.27 -0.91
CA GLN A 24 4.72 1.47 0.30
C GLN A 24 4.64 -0.02 -0.01
N ARG A 25 4.28 -0.42 -1.23
CA ARG A 25 4.38 -1.85 -1.59
C ARG A 25 5.86 -2.23 -1.49
N VAL A 26 6.73 -1.43 -2.08
CA VAL A 26 8.16 -1.73 -2.03
C VAL A 26 8.70 -1.56 -0.62
N LEU A 27 8.31 -0.50 0.09
CA LEU A 27 8.93 -0.25 1.38
C LEU A 27 8.55 -1.34 2.37
N LEU A 28 7.29 -1.76 2.35
CA LEU A 28 6.86 -2.79 3.27
C LEU A 28 7.54 -4.11 2.95
N SER A 29 7.60 -4.52 1.68
CA SER A 29 8.20 -5.82 1.38
C SER A 29 9.69 -5.87 1.69
N LEU A 30 10.43 -4.83 1.37
CA LEU A 30 11.87 -4.87 1.58
C LEU A 30 12.23 -4.81 3.07
N GLU A 31 11.47 -4.06 3.86
CA GLU A 31 11.70 -4.03 5.31
C GLU A 31 11.15 -5.27 6.00
N GLU A 32 10.10 -5.88 5.47
CA GLU A 32 9.60 -7.16 6.00
C GLU A 32 10.61 -8.28 5.80
N LYS A 33 11.41 -8.17 4.74
CA LYS A 33 12.56 -9.06 4.52
C LYS A 33 13.83 -8.59 5.22
N LYS A 34 13.76 -7.38 5.77
CA LYS A 34 14.83 -6.72 6.50
C LYS A 34 16.11 -6.54 5.68
N ILE A 35 16.00 -6.25 4.39
CA ILE A 35 17.20 -6.09 3.53
C ILE A 35 17.77 -4.67 3.67
N PRO A 36 19.07 -4.48 3.34
CA PRO A 36 19.60 -3.11 3.45
C PRO A 36 19.19 -2.13 2.36
N TYR A 37 18.65 -1.00 2.78
CA TYR A 37 18.38 0.12 1.89
C TYR A 37 18.56 1.47 2.62
N LYS A 38 18.59 2.56 1.87
CA LYS A 38 18.66 3.92 2.42
C LYS A 38 17.95 4.80 1.40
N SER A 39 17.31 5.87 1.87
CA SER A 39 16.56 6.86 1.09
C SER A 39 15.22 6.35 0.56
N HIS A 40 14.24 7.24 0.55
CA HIS A 40 12.94 7.05 -0.09
C HIS A 40 12.21 8.40 -0.27
N LEU A 41 12.67 9.26 -1.18
CA LEU A 41 11.99 10.54 -1.44
C LEU A 41 12.24 11.16 -2.84
N ILE A 42 11.20 11.78 -3.41
CA ILE A 42 11.30 12.81 -4.49
C ILE A 42 10.23 13.87 -4.22
N ASN A 43 10.50 15.12 -4.56
CA ASN A 43 9.50 16.19 -4.48
C ASN A 43 8.74 16.24 -5.81
N LEU A 44 7.77 15.34 -5.98
CA LEU A 44 6.93 15.30 -7.20
C LEU A 44 7.76 15.23 -8.50
N GLY A 45 8.88 14.52 -8.44
CA GLY A 45 9.78 14.38 -9.58
C GLY A 45 10.86 15.44 -9.77
N ASP A 46 10.97 16.43 -8.89
CA ASP A 46 11.97 17.49 -9.07
C ASP A 46 13.37 17.11 -8.57
N LYS A 47 14.08 16.32 -9.37
CA LYS A 47 15.46 15.92 -9.10
C LYS A 47 16.17 16.12 -10.44
N PRO A 48 17.52 16.25 -10.46
CA PRO A 48 18.28 16.42 -11.71
C PRO A 48 18.16 15.26 -12.70
N GLN A 49 18.90 15.35 -13.79
CA GLN A 49 18.90 14.33 -14.85
C GLN A 49 19.17 12.93 -14.31
N TRP A 50 19.91 12.79 -13.22
CA TRP A 50 20.06 11.52 -12.51
C TRP A 50 18.75 10.75 -12.27
N PHE A 51 17.66 11.44 -11.93
CA PHE A 51 16.40 10.74 -11.72
C PHE A 51 15.61 10.55 -13.01
N LEU A 52 15.79 11.45 -13.96
CA LEU A 52 15.13 11.36 -15.27
C LEU A 52 15.70 10.18 -16.08
N GLU A 53 16.91 9.79 -15.74
CA GLU A 53 17.61 8.62 -16.27
C GLU A 53 17.06 7.31 -15.68
N ILE A 54 16.15 7.44 -14.74
CA ILE A 54 15.50 6.29 -14.11
C ILE A 54 13.99 6.32 -14.42
N SER A 55 13.26 7.29 -13.89
CA SER A 55 11.81 7.18 -13.73
C SER A 55 11.01 7.30 -15.04
N PRO A 56 10.14 6.32 -15.37
CA PRO A 56 9.46 6.42 -16.67
C PRO A 56 8.41 7.51 -16.84
N GLU A 57 7.81 7.99 -15.75
CA GLU A 57 6.90 9.15 -15.80
C GLU A 57 7.61 10.42 -15.34
N GLY A 58 8.84 10.26 -14.86
CA GLY A 58 9.55 11.33 -14.19
C GLY A 58 9.14 11.52 -12.74
N LYS A 59 7.89 11.22 -12.40
CA LYS A 59 7.37 11.38 -11.03
C LYS A 59 6.66 10.12 -10.51
N VAL A 60 7.26 8.96 -10.71
CA VAL A 60 6.75 7.72 -10.08
C VAL A 60 7.84 7.09 -9.23
N PRO A 61 7.45 6.29 -8.21
CA PRO A 61 8.49 5.64 -7.41
C PRO A 61 9.32 4.62 -8.18
N VAL A 62 10.56 4.42 -7.74
CA VAL A 62 11.50 3.49 -8.35
C VAL A 62 12.23 2.73 -7.25
N VAL A 63 12.80 1.57 -7.58
CA VAL A 63 13.76 0.88 -6.71
C VAL A 63 15.01 0.71 -7.54
N LYS A 64 16.16 1.18 -7.09
CA LYS A 64 17.42 1.04 -7.84
C LYS A 64 18.13 -0.24 -7.39
N ILE A 65 17.74 -1.39 -7.90
CA ILE A 65 18.25 -2.67 -7.39
C ILE A 65 19.58 -2.97 -8.06
N ASP A 66 20.66 -2.81 -7.31
CA ASP A 66 22.02 -3.12 -7.79
C ASP A 66 22.27 -2.38 -9.11
N ASP A 67 21.90 -1.10 -9.07
CA ASP A 67 21.99 -0.14 -10.18
C ASP A 67 21.07 -0.37 -11.39
N LYS A 68 20.11 -1.29 -11.32
CA LYS A 68 19.13 -1.52 -12.40
C LYS A 68 17.73 -1.32 -11.81
N TRP A 69 16.88 -0.51 -12.40
CA TRP A 69 15.62 -0.16 -11.73
C TRP A 69 14.38 -1.00 -12.07
N VAL A 70 13.58 -1.21 -11.05
CA VAL A 70 12.31 -1.94 -11.14
C VAL A 70 11.32 -1.05 -10.38
N ALA A 71 10.12 -0.78 -10.92
CA ALA A 71 8.85 -0.54 -10.19
C ALA A 71 7.65 -0.18 -11.09
N ASP A 72 6.52 -0.83 -10.83
CA ASP A 72 5.15 -0.59 -11.34
C ASP A 72 4.44 -1.67 -10.51
N SER A 73 3.11 -1.83 -10.58
CA SER A 73 2.43 -2.80 -9.72
C SER A 73 2.81 -4.28 -9.86
N ASP A 74 2.77 -4.83 -11.06
CA ASP A 74 2.77 -6.30 -11.18
C ASP A 74 4.20 -6.85 -11.12
N VAL A 75 5.15 -6.00 -11.48
CA VAL A 75 6.57 -6.33 -11.32
C VAL A 75 7.05 -6.25 -9.87
N ILE A 76 6.38 -5.49 -9.02
CA ILE A 76 6.84 -5.37 -7.63
C ILE A 76 6.36 -6.58 -6.84
N VAL A 77 5.43 -7.31 -7.45
CA VAL A 77 4.97 -8.60 -6.95
C VAL A 77 5.93 -9.69 -7.40
N GLY A 78 6.46 -9.62 -8.63
CA GLY A 78 7.30 -10.68 -9.17
C GLY A 78 8.79 -10.48 -9.32
N ILE A 79 9.21 -9.43 -10.03
CA ILE A 79 10.62 -9.14 -10.25
C ILE A 79 11.29 -8.70 -8.95
N LEU A 80 10.61 -7.90 -8.14
CA LEU A 80 11.19 -7.46 -6.87
C LEU A 80 11.50 -8.68 -6.00
N GLU A 81 10.62 -9.68 -6.03
CA GLU A 81 10.89 -10.90 -5.28
C GLU A 81 12.06 -11.67 -5.88
N GLU A 82 12.08 -11.83 -7.20
CA GLU A 82 13.11 -12.63 -7.86
C GLU A 82 14.52 -12.06 -7.64
N LYS A 83 14.63 -10.74 -7.63
CA LYS A 83 15.92 -10.06 -7.40
C LYS A 83 16.27 -9.85 -5.93
N ASN A 84 15.51 -10.46 -5.03
CA ASN A 84 15.82 -10.43 -3.61
C ASN A 84 16.52 -11.72 -3.14
N PRO A 85 17.61 -11.61 -2.36
CA PRO A 85 18.26 -12.85 -1.90
C PRO A 85 17.47 -13.73 -0.94
N GLU A 86 16.54 -13.15 -0.19
CA GLU A 86 15.71 -13.88 0.75
C GLU A 86 14.67 -14.66 -0.08
N PRO A 87 14.09 -15.76 0.43
CA PRO A 87 13.19 -16.56 -0.42
C PRO A 87 12.03 -15.78 -1.05
N PRO A 88 11.86 -15.84 -2.38
CA PRO A 88 10.76 -15.06 -2.98
C PRO A 88 9.40 -15.73 -2.77
N LEU A 89 8.34 -14.94 -2.68
CA LEU A 89 6.99 -15.51 -2.60
C LEU A 89 5.96 -14.69 -3.38
N ALA A 90 6.18 -14.69 -4.70
CA ALA A 90 5.31 -13.99 -5.65
C ALA A 90 4.09 -14.85 -5.99
N THR A 91 3.17 -15.00 -5.04
CA THR A 91 1.97 -15.83 -5.26
C THR A 91 0.70 -14.97 -5.15
N PRO A 92 0.03 -14.67 -6.28
CA PRO A 92 -1.35 -14.14 -6.34
C PRO A 92 -2.53 -15.13 -6.55
N PRO A 93 -2.92 -15.92 -5.53
CA PRO A 93 -4.05 -16.86 -5.72
C PRO A 93 -5.40 -16.19 -5.45
N GLU A 94 -6.12 -16.60 -4.41
CA GLU A 94 -7.44 -16.04 -4.09
C GLU A 94 -7.38 -14.56 -3.77
N PHE A 95 -6.38 -14.14 -3.00
CA PHE A 95 -6.32 -12.75 -2.57
C PHE A 95 -6.07 -11.76 -3.72
N ALA A 96 -5.71 -12.24 -4.89
CA ALA A 96 -5.64 -11.37 -6.06
C ALA A 96 -7.03 -11.11 -6.65
N SER A 97 -7.79 -12.17 -6.86
CA SER A 97 -9.06 -12.10 -7.58
C SER A 97 -10.16 -11.53 -6.70
N VAL A 98 -10.07 -11.78 -5.40
CA VAL A 98 -11.02 -11.22 -4.44
C VAL A 98 -10.54 -9.82 -4.04
N GLY A 99 -9.23 -9.63 -3.94
CA GLY A 99 -8.69 -8.33 -3.59
C GLY A 99 -9.02 -7.23 -4.59
N SER A 100 -9.12 -7.58 -5.87
CA SER A 100 -9.52 -6.60 -6.89
C SER A 100 -11.01 -6.28 -6.88
N LYS A 101 -11.81 -6.92 -6.04
CA LYS A 101 -13.21 -6.50 -5.84
C LYS A 101 -13.27 -5.37 -4.82
N ILE A 102 -12.39 -5.43 -3.83
CA ILE A 102 -12.39 -4.48 -2.71
C ILE A 102 -11.47 -3.29 -2.96
N PHE A 103 -10.30 -3.50 -3.57
CA PHE A 103 -9.35 -2.41 -3.79
C PHE A 103 -9.94 -1.18 -4.49
N PRO A 104 -10.60 -1.34 -5.65
CA PRO A 104 -11.17 -0.09 -6.18
C PRO A 104 -12.41 0.39 -5.42
N SER A 105 -13.12 -0.50 -4.72
CA SER A 105 -14.32 -0.09 -3.98
C SER A 105 -13.97 0.83 -2.82
N PHE A 106 -12.89 0.56 -2.10
CA PHE A 106 -12.59 1.41 -0.95
C PHE A 106 -12.04 2.78 -1.34
N VAL A 107 -11.28 2.84 -2.42
CA VAL A 107 -10.78 4.12 -2.89
C VAL A 107 -11.95 4.92 -3.46
N LYS A 108 -12.95 4.23 -4.01
CA LYS A 108 -14.18 4.88 -4.46
C LYS A 108 -14.95 5.42 -3.28
N PHE A 109 -15.06 4.67 -2.20
CA PHE A 109 -15.81 5.13 -1.03
C PHE A 109 -15.14 6.32 -0.34
N LEU A 110 -13.82 6.32 -0.30
CA LEU A 110 -13.06 7.46 0.24
C LEU A 110 -13.25 8.74 -0.60
N LYS A 111 -13.35 8.58 -1.91
CA LYS A 111 -13.48 9.72 -2.83
C LYS A 111 -14.91 10.19 -3.14
N SER A 112 -15.87 9.28 -3.12
CA SER A 112 -17.24 9.59 -3.53
C SER A 112 -18.11 10.07 -2.38
N LYS A 113 -18.46 11.35 -2.44
CA LYS A 113 -19.33 11.99 -1.45
C LYS A 113 -20.75 12.02 -2.00
N ASP A 114 -21.14 10.91 -2.58
CA ASP A 114 -22.51 10.67 -3.03
C ASP A 114 -23.35 10.47 -1.75
N PRO A 115 -24.69 10.35 -1.87
CA PRO A 115 -25.42 9.72 -0.77
C PRO A 115 -25.18 8.19 -0.67
N ASN A 116 -23.93 7.80 -0.47
CA ASN A 116 -23.52 6.39 -0.47
C ASN A 116 -23.88 5.67 0.82
N ASP A 117 -25.04 5.04 0.85
CA ASP A 117 -25.36 4.01 1.84
C ASP A 117 -24.96 2.68 1.19
N GLY A 118 -25.20 2.57 -0.12
CA GLY A 118 -24.92 1.34 -0.82
C GLY A 118 -23.44 1.02 -0.93
N THR A 119 -22.60 2.00 -1.22
CA THR A 119 -21.16 1.79 -1.30
C THR A 119 -20.57 1.60 0.10
N GLU A 120 -21.22 2.16 1.11
CA GLU A 120 -20.77 1.95 2.48
C GLU A 120 -20.97 0.48 2.83
N GLN A 121 -22.10 -0.07 2.41
CA GLN A 121 -22.35 -1.50 2.56
C GLN A 121 -21.62 -2.33 1.51
N ALA A 122 -21.06 -1.74 0.47
CA ALA A 122 -20.22 -2.48 -0.47
C ALA A 122 -18.88 -2.74 0.21
N LEU A 123 -18.38 -1.80 1.00
CA LEU A 123 -17.12 -2.04 1.70
C LEU A 123 -17.32 -3.18 2.66
N LEU A 124 -18.46 -3.14 3.34
CA LEU A 124 -18.86 -4.22 4.23
C LEU A 124 -19.01 -5.54 3.48
N GLU A 125 -19.60 -5.51 2.30
CA GLU A 125 -19.81 -6.72 1.50
C GLU A 125 -18.52 -7.36 1.01
N GLU A 126 -17.63 -6.54 0.49
CA GLU A 126 -16.40 -7.07 -0.07
C GLU A 126 -15.46 -7.50 1.04
N LEU A 127 -15.46 -6.78 2.16
CA LEU A 127 -14.63 -7.20 3.29
C LEU A 127 -15.26 -8.36 4.05
N LYS A 128 -16.56 -8.62 3.93
CA LYS A 128 -17.15 -9.82 4.54
C LYS A 128 -16.62 -11.06 3.83
N ALA A 129 -16.37 -10.94 2.52
CA ALA A 129 -15.74 -12.03 1.78
C ALA A 129 -14.31 -12.22 2.31
N LEU A 130 -13.59 -11.12 2.51
CA LEU A 130 -12.23 -11.23 3.06
C LEU A 130 -12.17 -11.77 4.48
N ASP A 131 -13.15 -11.44 5.30
CA ASP A 131 -13.30 -11.96 6.66
C ASP A 131 -13.48 -13.48 6.58
N GLY A 132 -14.24 -13.93 5.59
CA GLY A 132 -14.37 -15.35 5.33
C GLY A 132 -13.05 -16.00 4.94
N HIS A 133 -12.40 -15.44 3.93
CA HIS A 133 -11.10 -15.97 3.49
C HIS A 133 -10.05 -15.92 4.59
N LEU A 134 -10.13 -14.98 5.52
CA LEU A 134 -9.25 -14.98 6.68
C LEU A 134 -9.59 -16.21 7.53
N LYS A 135 -10.85 -16.30 7.96
CA LYS A 135 -11.20 -17.26 9.01
C LYS A 135 -11.25 -18.71 8.54
N VAL A 136 -11.21 -18.97 7.23
CA VAL A 136 -11.01 -20.34 6.74
C VAL A 136 -9.65 -20.88 7.20
N HIS A 137 -8.59 -20.11 7.00
CA HIS A 137 -7.23 -20.60 7.31
C HIS A 137 -6.67 -20.12 8.64
N GLY A 138 -6.90 -18.87 9.00
CA GLY A 138 -6.39 -18.27 10.24
C GLY A 138 -5.28 -17.23 10.18
N PRO A 139 -4.18 -17.39 9.40
CA PRO A 139 -3.20 -16.32 9.17
C PRO A 139 -3.73 -15.14 8.36
N PHE A 140 -2.83 -14.32 7.82
CA PHE A 140 -3.19 -13.21 6.93
C PHE A 140 -3.96 -13.75 5.71
N ILE A 141 -4.63 -12.88 4.98
CA ILE A 141 -5.64 -13.28 3.99
C ILE A 141 -4.98 -13.96 2.78
N ALA A 142 -3.70 -13.64 2.59
CA ALA A 142 -2.85 -14.39 1.67
C ALA A 142 -2.84 -15.90 1.93
N GLY A 143 -2.91 -16.32 3.19
CA GLY A 143 -2.97 -17.73 3.54
C GLY A 143 -1.91 -18.23 4.51
N GLU A 144 -0.71 -17.66 4.50
CA GLU A 144 0.33 -18.01 5.47
C GLU A 144 0.99 -16.83 6.21
N LYS A 145 1.32 -15.77 5.47
CA LYS A 145 2.00 -14.58 6.01
C LYS A 145 1.74 -13.46 5.01
N ILE A 146 2.20 -12.24 5.26
CA ILE A 146 2.22 -11.20 4.21
C ILE A 146 3.11 -11.66 3.04
N THR A 147 2.49 -12.14 1.97
CA THR A 147 3.17 -12.52 0.73
C THR A 147 2.99 -11.36 -0.20
N ALA A 148 3.59 -11.39 -1.38
CA ALA A 148 3.57 -10.27 -2.31
C ALA A 148 2.18 -9.73 -2.66
N VAL A 149 1.16 -10.58 -2.74
CA VAL A 149 -0.20 -10.11 -2.99
C VAL A 149 -0.79 -9.36 -1.78
N ASP A 150 -0.41 -9.72 -0.57
CA ASP A 150 -0.94 -9.09 0.63
C ASP A 150 -0.21 -7.78 0.86
N LEU A 151 1.09 -7.83 0.56
CA LEU A 151 2.01 -6.68 0.57
C LEU A 151 1.60 -5.69 -0.51
N SER A 152 0.80 -6.13 -1.47
CA SER A 152 0.25 -5.22 -2.47
C SER A 152 -0.96 -4.43 -1.99
N LEU A 153 -1.83 -5.01 -1.18
CA LEU A 153 -3.06 -4.32 -0.79
C LEU A 153 -2.95 -3.58 0.54
N ALA A 154 -2.21 -4.16 1.48
CA ALA A 154 -2.01 -3.57 2.80
C ALA A 154 -1.56 -2.09 2.82
N PRO A 155 -0.61 -1.67 1.94
CA PRO A 155 -0.27 -0.25 2.08
C PRO A 155 -1.35 0.76 1.69
N LYS A 156 -2.32 0.37 0.88
CA LYS A 156 -3.43 1.28 0.59
C LYS A 156 -4.60 1.06 1.53
N LEU A 157 -4.71 -0.12 2.11
CA LEU A 157 -5.65 -0.33 3.22
C LEU A 157 -5.22 0.52 4.43
N TYR A 158 -3.92 0.65 4.65
CA TYR A 158 -3.41 1.59 5.65
C TYR A 158 -3.80 3.04 5.37
N HIS A 159 -3.70 3.46 4.12
CA HIS A 159 -4.06 4.84 3.78
C HIS A 159 -5.55 5.09 3.85
N LEU A 160 -6.36 4.07 3.60
CA LEU A 160 -7.79 4.18 3.83
C LEU A 160 -8.00 4.41 5.31
N GLU A 161 -7.37 3.59 6.15
CA GLU A 161 -7.64 3.63 7.58
C GLU A 161 -7.32 4.94 8.31
N VAL A 162 -6.25 5.61 7.92
CA VAL A 162 -5.93 6.88 8.56
C VAL A 162 -6.76 8.04 7.99
N ALA A 163 -7.21 7.97 6.74
CA ALA A 163 -7.94 9.07 6.13
C ALA A 163 -9.46 8.95 6.23
N LEU A 164 -9.99 7.77 5.97
CA LEU A 164 -11.42 7.53 6.01
C LEU A 164 -11.88 7.74 7.44
N GLY A 165 -11.12 7.27 8.41
CA GLY A 165 -11.46 7.54 9.80
C GLY A 165 -11.39 9.01 10.16
N HIS A 166 -10.41 9.75 9.67
CA HIS A 166 -10.28 11.16 10.02
C HIS A 166 -11.32 12.06 9.35
N PHE A 167 -11.59 11.81 8.07
CA PHE A 167 -12.47 12.66 7.27
C PHE A 167 -13.86 12.11 6.92
N LYS A 168 -13.92 10.86 6.47
CA LYS A 168 -15.11 10.28 5.83
C LYS A 168 -15.60 9.14 6.71
N ASN A 169 -15.97 9.50 7.93
CA ASN A 169 -15.72 8.71 9.14
C ASN A 169 -16.33 7.30 9.19
N TRP A 170 -15.48 6.29 9.01
CA TRP A 170 -15.90 4.89 9.03
C TRP A 170 -14.76 3.99 9.51
N PRO A 171 -14.81 3.55 10.79
CA PRO A 171 -13.84 2.52 11.14
C PRO A 171 -14.28 1.17 10.55
N ILE A 172 -13.35 0.24 10.44
CA ILE A 172 -13.65 -1.11 9.96
C ILE A 172 -14.48 -1.73 11.08
N PRO A 173 -15.64 -2.35 10.75
CA PRO A 173 -16.51 -2.83 11.84
C PRO A 173 -16.03 -4.10 12.52
N ASP A 174 -16.50 -4.31 13.75
CA ASP A 174 -16.17 -5.52 14.51
C ASP A 174 -17.11 -6.71 14.26
N ASN A 175 -18.06 -6.56 13.34
CA ASN A 175 -18.69 -7.72 12.72
C ASN A 175 -17.65 -8.38 11.84
N LEU A 176 -16.65 -7.61 11.44
CA LEU A 176 -15.56 -8.08 10.60
C LEU A 176 -14.26 -8.01 11.39
N THR A 177 -14.34 -8.42 12.66
CA THR A 177 -13.18 -8.53 13.55
C THR A 177 -12.05 -9.36 12.93
N HIS A 178 -12.34 -10.36 12.11
CA HIS A 178 -11.26 -11.11 11.47
C HIS A 178 -10.37 -10.24 10.56
N VAL A 179 -10.96 -9.27 9.86
CA VAL A 179 -10.18 -8.30 9.07
C VAL A 179 -9.62 -7.23 10.00
N LEU A 180 -10.41 -6.78 10.96
CA LEU A 180 -9.94 -5.73 11.88
C LEU A 180 -8.70 -6.17 12.66
N ASN A 181 -8.65 -7.43 13.08
CA ASN A 181 -7.48 -7.97 13.76
C ASN A 181 -6.31 -8.19 12.81
N TYR A 182 -6.57 -8.35 11.52
CA TYR A 182 -5.51 -8.48 10.51
C TYR A 182 -4.91 -7.10 10.29
N ILE A 183 -5.75 -6.07 10.29
CA ILE A 183 -5.27 -4.68 10.25
C ILE A 183 -4.53 -4.37 11.56
N LYS A 184 -5.00 -4.84 12.70
CA LYS A 184 -4.28 -4.63 13.98
C LYS A 184 -2.93 -5.35 14.01
N LEU A 185 -2.86 -6.54 13.43
CA LEU A 185 -1.62 -7.29 13.33
C LEU A 185 -0.65 -6.53 12.44
N LEU A 186 -1.17 -6.02 11.32
CA LEU A 186 -0.38 -5.20 10.40
C LEU A 186 0.18 -3.98 11.10
N PHE A 187 -0.65 -3.31 11.90
CA PHE A 187 -0.30 -2.03 12.54
C PHE A 187 0.95 -2.06 13.42
N SER A 188 1.35 -3.24 13.87
CA SER A 188 2.60 -3.41 14.60
C SER A 188 3.39 -4.62 14.11
N ARG A 189 3.40 -4.84 12.80
CA ARG A 189 4.52 -5.60 12.21
C ARG A 189 5.63 -4.56 12.32
N GLU A 190 6.87 -4.95 12.60
CA GLU A 190 7.94 -3.97 12.77
C GLU A 190 8.18 -3.22 11.46
N SER A 191 8.02 -3.93 10.35
CA SER A 191 8.18 -3.32 9.04
C SER A 191 7.17 -2.20 8.84
N PHE A 192 5.94 -2.45 9.23
CA PHE A 192 4.85 -1.50 9.05
C PHE A 192 5.04 -0.31 9.98
N LYS A 193 5.51 -0.58 11.19
CA LYS A 193 5.81 0.46 12.15
C LYS A 193 6.81 1.45 11.56
N LYS A 194 7.85 0.97 10.91
CA LYS A 194 8.86 1.87 10.33
C LYS A 194 8.55 2.49 8.97
N THR A 195 7.80 1.80 8.13
CA THR A 195 7.63 2.20 6.72
C THR A 195 6.29 2.84 6.39
N ARG A 196 5.52 3.18 7.41
CA ARG A 196 4.26 3.91 7.19
C ARG A 196 4.50 5.38 6.89
N ALA A 197 3.58 6.02 6.18
CA ALA A 197 3.62 7.47 5.96
C ALA A 197 3.12 8.20 7.21
N ALA A 198 3.57 9.43 7.44
CA ALA A 198 2.97 10.27 8.49
C ALA A 198 1.56 10.66 8.04
N GLU A 199 0.60 10.52 8.95
CA GLU A 199 -0.82 10.45 8.58
C GLU A 199 -1.37 11.75 8.00
N GLU A 200 -0.87 12.87 8.50
CA GLU A 200 -1.35 14.21 8.15
C GLU A 200 -1.33 14.60 6.67
N HIS A 201 -0.53 13.91 5.86
CA HIS A 201 -0.46 14.20 4.42
C HIS A 201 -0.93 13.01 3.61
N VAL A 202 -1.61 12.08 4.26
CA VAL A 202 -2.53 11.22 3.57
C VAL A 202 -3.79 12.07 3.51
N ILE A 203 -4.16 12.67 4.64
CA ILE A 203 -5.32 13.57 4.71
C ILE A 203 -5.13 14.79 3.81
N ALA A 204 -4.11 15.61 4.02
CA ALA A 204 -3.95 16.80 3.18
C ALA A 204 -3.46 16.50 1.75
N GLY A 205 -2.79 15.37 1.56
CA GLY A 205 -2.12 15.08 0.29
C GLY A 205 -2.88 14.29 -0.75
N TRP A 206 -3.80 13.42 -0.34
CA TRP A 206 -4.59 12.63 -1.30
C TRP A 206 -5.99 13.22 -1.49
N GLU A 207 -6.49 13.97 -0.51
CA GLU A 207 -7.80 14.60 -0.66
C GLU A 207 -8.01 15.81 -1.60
N PRO A 208 -6.97 16.40 -2.24
CA PRO A 208 -7.48 17.49 -3.10
C PRO A 208 -8.30 17.02 -4.30
N LYS A 209 -8.15 15.77 -4.71
CA LYS A 209 -8.98 15.22 -5.78
C LYS A 209 -10.36 14.81 -5.26
N VAL A 210 -10.52 14.76 -3.95
CA VAL A 210 -11.79 14.37 -3.34
C VAL A 210 -12.76 15.55 -3.28
N ASN A 211 -12.31 16.74 -2.88
CA ASN A 211 -13.24 17.90 -2.76
C ASN A 211 -12.98 19.05 -3.75
N ALA A 212 -11.78 19.12 -4.32
CA ALA A 212 -11.43 20.16 -5.29
C ALA A 212 -11.15 19.51 -6.65
N MET A 1 22.72 -1.85 0.90
CA MET A 1 23.11 -3.24 0.52
C MET A 1 22.17 -3.77 -0.53
N ALA A 2 20.86 -3.75 -0.28
CA ALA A 2 19.88 -4.00 -1.32
C ALA A 2 19.73 -2.68 -2.08
N LEU A 3 19.01 -2.72 -3.18
CA LEU A 3 18.88 -1.57 -4.08
C LEU A 3 17.40 -1.26 -4.23
N GLU A 4 17.10 0.03 -4.23
CA GLU A 4 15.77 0.60 -4.41
C GLU A 4 16.24 2.04 -4.68
N ILE A 5 15.40 2.92 -5.21
CA ILE A 5 15.81 4.30 -5.42
C ILE A 5 14.70 5.36 -5.36
N CYS A 6 13.40 5.03 -5.35
CA CYS A 6 12.39 6.07 -5.61
C CYS A 6 11.03 5.88 -4.95
N VAL A 7 10.58 6.86 -4.17
CA VAL A 7 9.19 6.92 -3.70
C VAL A 7 8.64 8.35 -3.77
N LYS A 8 7.32 8.49 -3.80
CA LYS A 8 6.67 9.81 -3.75
C LYS A 8 6.80 10.37 -2.34
N ALA A 9 7.18 11.63 -2.22
CA ALA A 9 7.32 12.27 -0.91
C ALA A 9 5.96 12.75 -0.39
N ALA A 10 5.91 13.09 0.89
CA ALA A 10 4.72 13.66 1.50
C ALA A 10 4.31 15.00 0.89
N VAL A 11 3.01 15.16 0.70
CA VAL A 11 2.45 16.41 0.17
C VAL A 11 2.70 17.49 1.22
N GLY A 12 3.19 18.64 0.78
CA GLY A 12 3.40 19.78 1.67
C GLY A 12 4.72 19.80 2.41
N ALA A 13 5.06 18.70 3.07
CA ALA A 13 6.31 18.58 3.81
C ALA A 13 7.11 17.35 3.36
N PRO A 14 7.78 17.42 2.20
CA PRO A 14 8.56 16.28 1.75
C PRO A 14 9.73 15.98 2.69
N ASN A 15 9.64 14.82 3.34
CA ASN A 15 10.57 14.45 4.40
C ASN A 15 10.35 12.95 4.65
N ILE A 16 9.07 12.60 4.73
CA ILE A 16 8.63 11.22 4.90
C ILE A 16 8.03 10.85 3.54
N LEU A 17 7.93 9.55 3.26
CA LEU A 17 7.04 8.98 2.23
C LEU A 17 5.64 9.59 2.28
N GLY A 18 5.03 9.80 1.11
CA GLY A 18 3.67 10.30 1.04
C GLY A 18 2.59 9.27 0.80
N ASP A 19 1.38 9.74 0.52
CA ASP A 19 0.28 8.86 0.14
C ASP A 19 0.53 8.35 -1.27
N CYS A 20 1.07 7.14 -1.33
CA CYS A 20 1.49 6.51 -2.57
C CYS A 20 1.17 5.02 -2.50
N PRO A 21 0.12 4.57 -3.22
CA PRO A 21 -0.25 3.15 -3.12
C PRO A 21 0.87 2.16 -3.45
N PHE A 22 1.61 2.41 -4.51
CA PHE A 22 2.58 1.42 -4.96
C PHE A 22 3.83 1.48 -4.09
N CYS A 23 4.14 2.66 -3.55
CA CYS A 23 5.42 2.87 -2.89
C CYS A 23 5.58 2.04 -1.64
N GLN A 24 4.56 2.03 -0.81
CA GLN A 24 4.72 1.31 0.45
C GLN A 24 4.63 -0.20 0.23
N ARG A 25 4.18 -0.66 -0.93
CA ARG A 25 4.26 -2.10 -1.24
C ARG A 25 5.73 -2.50 -1.26
N VAL A 26 6.52 -1.67 -1.91
CA VAL A 26 7.96 -1.87 -2.06
C VAL A 26 8.66 -1.74 -0.72
N LEU A 27 8.32 -0.69 0.02
CA LEU A 27 9.02 -0.45 1.27
C LEU A 27 8.70 -1.55 2.28
N LEU A 28 7.46 -2.01 2.34
CA LEU A 28 7.12 -3.10 3.23
C LEU A 28 7.81 -4.40 2.85
N SER A 29 7.90 -4.69 1.57
CA SER A 29 8.48 -5.96 1.16
C SER A 29 9.97 -6.02 1.44
N LEU A 30 10.67 -4.89 1.32
CA LEU A 30 12.09 -4.85 1.64
C LEU A 30 12.31 -4.82 3.14
N GLU A 31 11.50 -4.06 3.86
CA GLU A 31 11.66 -3.94 5.31
C GLU A 31 11.22 -5.21 6.05
N GLU A 32 10.27 -5.97 5.55
CA GLU A 32 9.93 -7.26 6.17
C GLU A 32 11.09 -8.25 6.03
N LYS A 33 11.82 -8.14 4.93
CA LYS A 33 12.99 -8.97 4.68
C LYS A 33 14.25 -8.33 5.29
N LYS A 34 14.04 -7.18 5.92
CA LYS A 34 15.04 -6.41 6.67
C LYS A 34 16.31 -6.10 5.91
N ILE A 35 16.19 -5.92 4.61
CA ILE A 35 17.34 -5.61 3.76
C ILE A 35 17.46 -4.08 3.63
N PRO A 36 18.60 -3.50 4.04
CA PRO A 36 18.63 -2.03 3.94
C PRO A 36 18.77 -1.55 2.50
N TYR A 37 18.08 -0.47 2.17
CA TYR A 37 17.89 -0.01 0.80
C TYR A 37 17.99 1.52 0.76
N LYS A 38 17.92 2.13 -0.42
CA LYS A 38 17.99 3.58 -0.57
C LYS A 38 16.65 4.05 -1.12
N SER A 39 16.26 5.28 -0.90
CA SER A 39 15.10 5.82 -1.61
C SER A 39 15.18 7.33 -1.72
N HIS A 40 14.82 7.85 -2.89
CA HIS A 40 14.80 9.29 -3.13
C HIS A 40 13.38 9.75 -2.93
N LEU A 41 13.24 10.88 -2.25
CA LEU A 41 11.92 11.48 -2.01
C LEU A 41 11.55 12.33 -3.22
N ILE A 42 10.64 11.84 -4.03
CA ILE A 42 10.15 12.60 -5.18
C ILE A 42 9.13 13.60 -4.66
N ASN A 43 9.63 14.81 -4.41
CA ASN A 43 8.81 15.95 -4.01
C ASN A 43 8.10 16.55 -5.22
N LEU A 44 7.00 15.92 -5.61
CA LEU A 44 5.93 16.58 -6.37
C LEU A 44 6.43 17.31 -7.63
N GLY A 45 7.17 16.62 -8.47
CA GLY A 45 7.85 17.27 -9.58
C GLY A 45 9.28 17.67 -9.25
N ASP A 46 9.96 16.89 -8.43
CA ASP A 46 11.30 17.26 -7.95
C ASP A 46 12.40 17.31 -9.01
N LYS A 47 12.63 16.20 -9.69
CA LYS A 47 13.88 15.98 -10.39
C LYS A 47 13.65 16.12 -11.90
N PRO A 48 14.61 16.70 -12.66
CA PRO A 48 14.52 16.68 -14.13
C PRO A 48 14.56 15.29 -14.78
N GLN A 49 14.76 15.31 -16.09
CA GLN A 49 14.73 14.13 -16.97
C GLN A 49 15.40 12.85 -16.49
N TRP A 50 16.47 12.92 -15.71
CA TRP A 50 17.11 11.71 -15.17
C TRP A 50 16.13 10.78 -14.47
N PHE A 51 15.20 11.32 -13.69
CA PHE A 51 14.21 10.45 -13.04
C PHE A 51 12.99 10.24 -13.92
N LEU A 52 12.70 11.17 -14.82
CA LEU A 52 11.53 11.03 -15.70
C LEU A 52 11.75 9.91 -16.72
N GLU A 53 13.01 9.63 -17.03
CA GLU A 53 13.38 8.48 -17.85
C GLU A 53 13.08 7.16 -17.15
N ILE A 54 13.16 7.17 -15.83
CA ILE A 54 13.10 5.97 -15.02
C ILE A 54 11.67 5.74 -14.53
N SER A 55 11.01 6.78 -14.05
CA SER A 55 9.63 6.68 -13.56
C SER A 55 8.63 6.89 -14.70
N PRO A 56 7.78 5.91 -15.03
CA PRO A 56 6.88 6.12 -16.19
C PRO A 56 5.94 7.32 -16.09
N GLU A 57 5.46 7.64 -14.90
CA GLU A 57 4.58 8.80 -14.70
C GLU A 57 5.37 9.96 -14.09
N GLY A 58 6.67 9.78 -13.92
CA GLY A 58 7.53 10.80 -13.34
C GLY A 58 7.48 10.94 -11.82
N LYS A 59 6.45 10.36 -11.21
CA LYS A 59 6.16 10.52 -9.78
C LYS A 59 5.64 9.25 -9.11
N VAL A 60 5.95 8.12 -9.71
CA VAL A 60 5.53 6.80 -9.19
C VAL A 60 6.81 6.08 -8.82
N PRO A 61 6.73 5.09 -7.90
CA PRO A 61 7.99 4.50 -7.46
C PRO A 61 8.63 3.60 -8.49
N VAL A 62 9.94 3.44 -8.36
CA VAL A 62 10.70 2.60 -9.25
C VAL A 62 11.81 1.95 -8.48
N VAL A 63 11.87 0.62 -8.48
CA VAL A 63 13.01 -0.03 -7.87
C VAL A 63 14.05 -0.15 -8.97
N LYS A 64 15.21 0.46 -8.77
CA LYS A 64 16.37 0.06 -9.55
C LYS A 64 17.00 -1.06 -8.77
N ILE A 65 17.30 -2.16 -9.45
CA ILE A 65 18.10 -3.24 -8.89
C ILE A 65 19.31 -3.21 -9.81
N ASP A 66 20.40 -2.67 -9.29
CA ASP A 66 21.69 -2.62 -9.95
C ASP A 66 21.67 -1.83 -11.27
N ASP A 67 20.91 -0.75 -11.22
CA ASP A 67 20.66 0.17 -12.35
C ASP A 67 20.03 -0.51 -13.56
N LYS A 68 19.14 -1.45 -13.26
CA LYS A 68 18.17 -2.00 -14.22
C LYS A 68 16.90 -1.76 -13.42
N TRP A 69 15.77 -1.45 -14.02
CA TRP A 69 14.62 -1.02 -13.21
C TRP A 69 13.29 -1.72 -13.46
N VAL A 70 12.44 -1.68 -12.44
CA VAL A 70 11.14 -2.37 -12.43
C VAL A 70 10.09 -1.34 -11.96
N ALA A 71 9.04 -1.11 -12.76
CA ALA A 71 7.99 -0.12 -12.44
C ALA A 71 6.61 -0.34 -13.09
N ASP A 72 5.80 -1.22 -12.51
CA ASP A 72 4.35 -1.29 -12.74
C ASP A 72 3.94 -1.91 -11.42
N SER A 73 2.76 -1.61 -10.89
CA SER A 73 2.43 -1.93 -9.49
C SER A 73 2.48 -3.40 -9.10
N ASP A 74 2.23 -4.31 -10.03
CA ASP A 74 2.24 -5.74 -9.70
C ASP A 74 3.62 -6.37 -9.91
N VAL A 75 4.42 -5.85 -10.84
CA VAL A 75 5.77 -6.42 -11.05
C VAL A 75 6.74 -5.84 -10.04
N ILE A 76 6.42 -4.67 -9.50
CA ILE A 76 7.21 -4.05 -8.44
C ILE A 76 6.93 -4.79 -7.12
N VAL A 77 6.06 -5.78 -7.20
CA VAL A 77 5.91 -6.79 -6.16
C VAL A 77 6.49 -8.13 -6.62
N GLY A 78 5.98 -8.70 -7.70
CA GLY A 78 6.40 -10.05 -8.09
C GLY A 78 7.82 -10.22 -8.60
N ILE A 79 8.22 -9.37 -9.53
CA ILE A 79 9.58 -9.44 -10.08
C ILE A 79 10.51 -8.84 -9.03
N LEU A 80 10.01 -7.95 -8.18
CA LEU A 80 10.82 -7.52 -7.05
C LEU A 80 11.11 -8.68 -6.10
N GLU A 81 10.17 -9.58 -5.83
CA GLU A 81 10.48 -10.75 -5.00
C GLU A 81 11.52 -11.64 -5.68
N GLU A 82 11.48 -11.73 -7.00
CA GLU A 82 12.45 -12.52 -7.75
C GLU A 82 13.87 -11.95 -7.60
N LYS A 83 13.95 -10.63 -7.57
CA LYS A 83 15.24 -9.92 -7.43
C LYS A 83 15.61 -9.62 -5.98
N ASN A 84 14.73 -9.96 -5.07
CA ASN A 84 14.97 -9.79 -3.63
C ASN A 84 16.04 -10.82 -3.29
N PRO A 85 17.10 -10.47 -2.55
CA PRO A 85 18.03 -11.55 -2.22
C PRO A 85 17.52 -12.56 -1.18
N GLU A 86 16.47 -12.20 -0.45
CA GLU A 86 15.85 -13.07 0.56
C GLU A 86 14.80 -13.92 -0.17
N PRO A 87 14.19 -14.95 0.48
CA PRO A 87 13.38 -15.87 -0.34
C PRO A 87 12.24 -15.25 -1.16
N PRO A 88 12.04 -15.70 -2.41
CA PRO A 88 11.00 -15.09 -3.26
C PRO A 88 9.58 -15.60 -2.97
N LEU A 89 8.74 -14.76 -2.40
CA LEU A 89 7.41 -15.20 -1.94
C LEU A 89 6.25 -14.48 -2.65
N ALA A 90 6.22 -14.56 -3.97
CA ALA A 90 5.13 -14.00 -4.76
C ALA A 90 4.28 -15.06 -5.45
N THR A 91 3.27 -15.58 -4.76
CA THR A 91 2.22 -16.37 -5.39
C THR A 91 0.96 -15.54 -5.19
N PRO A 92 0.23 -15.17 -6.25
CA PRO A 92 -1.12 -14.57 -6.12
C PRO A 92 -2.37 -15.48 -6.21
N PRO A 93 -2.61 -16.39 -5.23
CA PRO A 93 -3.84 -17.17 -5.31
C PRO A 93 -5.03 -16.40 -4.72
N GLU A 94 -6.14 -17.09 -4.50
CA GLU A 94 -7.30 -16.64 -3.70
C GLU A 94 -7.50 -15.19 -3.30
N PHE A 95 -6.74 -14.71 -2.33
CA PHE A 95 -6.94 -13.39 -1.76
C PHE A 95 -6.59 -12.28 -2.74
N ALA A 96 -5.76 -12.56 -3.74
CA ALA A 96 -5.40 -11.56 -4.73
C ALA A 96 -6.63 -11.21 -5.58
N SER A 97 -7.50 -12.18 -5.81
CA SER A 97 -8.74 -11.94 -6.53
C SER A 97 -9.63 -10.98 -5.74
N VAL A 98 -9.73 -11.23 -4.44
CA VAL A 98 -10.54 -10.37 -3.58
C VAL A 98 -9.90 -8.98 -3.47
N GLY A 99 -8.59 -8.93 -3.36
CA GLY A 99 -7.87 -7.67 -3.26
C GLY A 99 -8.08 -6.80 -4.48
N SER A 100 -8.16 -7.42 -5.65
CA SER A 100 -8.41 -6.68 -6.89
C SER A 100 -9.83 -6.12 -7.00
N LYS A 101 -10.71 -6.49 -6.09
CA LYS A 101 -12.05 -5.88 -5.99
C LYS A 101 -12.11 -4.87 -4.85
N ILE A 102 -11.38 -5.15 -3.78
CA ILE A 102 -11.30 -4.25 -2.62
C ILE A 102 -10.57 -2.96 -3.01
N PHE A 103 -9.50 -3.05 -3.78
CA PHE A 103 -8.74 -1.86 -4.14
C PHE A 103 -9.56 -0.81 -4.90
N PRO A 104 -10.22 -1.17 -6.03
CA PRO A 104 -11.07 -0.14 -6.61
C PRO A 104 -12.21 0.32 -5.71
N SER A 105 -12.73 -0.55 -4.86
CA SER A 105 -13.83 -0.19 -3.97
C SER A 105 -13.42 0.93 -3.02
N PHE A 106 -12.33 0.78 -2.28
CA PHE A 106 -12.01 1.80 -1.30
C PHE A 106 -11.54 3.11 -1.92
N VAL A 107 -10.93 3.10 -3.10
CA VAL A 107 -10.52 4.38 -3.68
C VAL A 107 -11.77 5.08 -4.19
N LYS A 108 -12.73 4.32 -4.71
CA LYS A 108 -13.95 4.90 -5.24
C LYS A 108 -14.68 5.59 -4.12
N PHE A 109 -14.91 4.91 -3.01
CA PHE A 109 -15.71 5.50 -1.94
C PHE A 109 -14.99 6.59 -1.16
N LEU A 110 -13.67 6.57 -1.00
CA LEU A 110 -12.99 7.72 -0.40
C LEU A 110 -13.06 8.97 -1.29
N LYS A 111 -12.87 8.80 -2.59
CA LYS A 111 -12.92 9.94 -3.52
C LYS A 111 -14.34 10.45 -3.70
N SER A 112 -15.30 9.55 -3.59
CA SER A 112 -16.69 9.89 -3.82
C SER A 112 -17.37 10.55 -2.62
N LYS A 113 -18.15 11.57 -2.92
CA LYS A 113 -18.98 12.28 -1.94
C LYS A 113 -20.41 12.24 -2.45
N ASP A 114 -20.69 11.16 -3.17
CA ASP A 114 -22.04 10.81 -3.64
C ASP A 114 -22.74 10.28 -2.38
N PRO A 115 -24.05 9.97 -2.39
CA PRO A 115 -24.68 9.51 -1.13
C PRO A 115 -24.36 8.06 -0.71
N ASN A 116 -23.08 7.70 -0.66
CA ASN A 116 -22.66 6.35 -0.35
C ASN A 116 -22.81 6.10 1.14
N ASP A 117 -23.81 5.31 1.52
CA ASP A 117 -23.93 4.84 2.90
C ASP A 117 -24.18 3.35 2.82
N GLY A 118 -25.17 2.96 2.03
CA GLY A 118 -25.28 1.59 1.56
C GLY A 118 -24.11 1.26 0.66
N THR A 119 -23.70 2.17 -0.21
CA THR A 119 -22.50 1.91 -1.00
C THR A 119 -21.20 2.07 -0.24
N GLU A 120 -21.17 2.75 0.90
CA GLU A 120 -19.94 2.72 1.72
C GLU A 120 -19.84 1.30 2.28
N GLN A 121 -21.00 0.69 2.53
CA GLN A 121 -21.06 -0.71 2.93
C GLN A 121 -20.92 -1.68 1.75
N ALA A 122 -20.68 -1.19 0.54
CA ALA A 122 -20.23 -2.09 -0.53
C ALA A 122 -18.76 -2.43 -0.26
N LEU A 123 -18.01 -1.51 0.35
CA LEU A 123 -16.66 -1.82 0.80
C LEU A 123 -16.72 -2.81 1.96
N LEU A 124 -17.71 -2.64 2.84
CA LEU A 124 -17.92 -3.60 3.92
C LEU A 124 -18.13 -5.00 3.33
N GLU A 125 -18.91 -5.14 2.26
CA GLU A 125 -19.10 -6.45 1.65
C GLU A 125 -17.86 -6.99 0.95
N GLU A 126 -17.03 -6.17 0.31
CA GLU A 126 -15.80 -6.69 -0.27
C GLU A 126 -14.83 -7.14 0.82
N LEU A 127 -14.78 -6.40 1.91
CA LEU A 127 -13.95 -6.80 3.04
C LEU A 127 -14.60 -7.96 3.79
N LYS A 128 -15.91 -8.17 3.65
CA LYS A 128 -16.57 -9.36 4.21
C LYS A 128 -16.18 -10.60 3.42
N ALA A 129 -15.94 -10.44 2.13
CA ALA A 129 -15.46 -11.55 1.33
C ALA A 129 -14.05 -11.91 1.84
N LEU A 130 -13.24 -10.90 2.11
CA LEU A 130 -11.90 -11.10 2.66
C LEU A 130 -11.96 -11.74 4.05
N ASP A 131 -12.90 -11.30 4.88
CA ASP A 131 -13.13 -11.84 6.22
C ASP A 131 -13.50 -13.30 6.15
N GLY A 132 -14.27 -13.67 5.13
CA GLY A 132 -14.64 -15.05 4.89
C GLY A 132 -13.44 -15.91 4.54
N HIS A 133 -12.65 -15.47 3.57
CA HIS A 133 -11.46 -16.25 3.19
C HIS A 133 -10.45 -16.28 4.32
N LEU A 134 -10.38 -15.22 5.12
CA LEU A 134 -9.50 -15.21 6.28
C LEU A 134 -9.96 -16.23 7.32
N LYS A 135 -11.23 -16.30 7.66
CA LYS A 135 -11.64 -17.28 8.68
C LYS A 135 -11.55 -18.72 8.18
N VAL A 136 -11.63 -18.92 6.88
CA VAL A 136 -11.42 -20.25 6.31
C VAL A 136 -9.93 -20.63 6.28
N HIS A 137 -9.07 -19.75 5.78
CA HIS A 137 -7.65 -20.10 5.64
C HIS A 137 -6.81 -19.90 6.90
N GLY A 138 -7.22 -19.00 7.78
CA GLY A 138 -6.55 -18.71 9.03
C GLY A 138 -5.69 -17.46 9.04
N PRO A 139 -4.37 -17.52 8.77
CA PRO A 139 -3.52 -16.33 8.86
C PRO A 139 -3.67 -15.23 7.80
N PHE A 140 -2.82 -14.23 7.97
CA PHE A 140 -2.56 -13.13 7.02
C PHE A 140 -2.61 -13.53 5.56
N ILE A 141 -3.02 -12.62 4.68
CA ILE A 141 -3.74 -12.97 3.43
C ILE A 141 -2.89 -13.52 2.27
N ALA A 142 -1.74 -14.07 2.57
CA ALA A 142 -1.20 -15.16 1.75
C ALA A 142 -1.99 -16.45 2.04
N GLY A 143 -2.65 -16.47 3.19
CA GLY A 143 -3.26 -17.66 3.73
C GLY A 143 -2.24 -18.42 4.55
N GLU A 144 -1.12 -17.79 4.85
CA GLU A 144 0.01 -18.41 5.57
C GLU A 144 0.74 -17.44 6.51
N LYS A 145 1.21 -16.33 5.96
CA LYS A 145 1.92 -15.29 6.70
C LYS A 145 1.88 -14.06 5.81
N ILE A 146 2.57 -12.98 6.17
CA ILE A 146 2.58 -11.79 5.33
C ILE A 146 3.54 -12.04 4.15
N THR A 147 3.02 -12.08 2.92
CA THR A 147 3.84 -12.24 1.70
C THR A 147 3.25 -11.31 0.66
N ALA A 148 3.69 -11.40 -0.60
CA ALA A 148 3.30 -10.48 -1.67
C ALA A 148 1.86 -9.98 -1.76
N VAL A 149 0.85 -10.83 -1.62
CA VAL A 149 -0.54 -10.38 -1.74
C VAL A 149 -0.90 -9.46 -0.58
N ASP A 150 -0.41 -9.81 0.60
CA ASP A 150 -0.68 -9.05 1.80
C ASP A 150 0.08 -7.73 1.72
N LEU A 151 1.33 -7.81 1.30
CA LEU A 151 2.20 -6.65 1.13
C LEU A 151 1.73 -5.73 0.00
N SER A 152 0.89 -6.22 -0.89
CA SER A 152 0.27 -5.38 -1.91
C SER A 152 -0.95 -4.62 -1.40
N LEU A 153 -1.83 -5.28 -0.65
CA LEU A 153 -3.09 -4.67 -0.24
C LEU A 153 -2.99 -3.89 1.07
N ALA A 154 -2.35 -4.49 2.06
CA ALA A 154 -2.24 -3.89 3.39
C ALA A 154 -1.69 -2.46 3.49
N PRO A 155 -0.68 -2.08 2.67
CA PRO A 155 -0.30 -0.68 2.91
C PRO A 155 -1.38 0.31 2.55
N LYS A 156 -2.13 0.07 1.48
CA LYS A 156 -3.15 1.04 1.11
C LYS A 156 -4.36 0.89 2.03
N LEU A 157 -4.58 -0.29 2.63
CA LEU A 157 -5.63 -0.40 3.65
C LEU A 157 -5.36 0.50 4.86
N TYR A 158 -4.10 0.69 5.25
CA TYR A 158 -3.78 1.65 6.31
C TYR A 158 -4.10 3.07 5.87
N HIS A 159 -3.72 3.42 4.65
CA HIS A 159 -3.96 4.77 4.14
C HIS A 159 -5.46 5.00 3.99
N LEU A 160 -6.21 3.95 3.67
CA LEU A 160 -7.67 3.99 3.63
C LEU A 160 -8.16 4.32 5.03
N GLU A 161 -7.77 3.58 6.05
CA GLU A 161 -8.44 3.74 7.34
C GLU A 161 -8.08 5.07 7.99
N VAL A 162 -6.86 5.54 7.81
CA VAL A 162 -6.51 6.85 8.39
C VAL A 162 -7.20 7.96 7.61
N ALA A 163 -7.35 7.85 6.30
CA ALA A 163 -8.02 8.91 5.54
C ALA A 163 -9.51 8.89 5.82
N LEU A 164 -10.14 7.73 5.64
CA LEU A 164 -11.58 7.61 5.75
C LEU A 164 -12.02 7.87 7.18
N GLY A 165 -11.20 7.44 8.14
CA GLY A 165 -11.50 7.70 9.54
C GLY A 165 -11.48 9.18 9.89
N HIS A 166 -10.58 9.95 9.30
CA HIS A 166 -10.54 11.39 9.56
C HIS A 166 -11.49 12.20 8.70
N PHE A 167 -11.85 11.69 7.53
CA PHE A 167 -12.67 12.45 6.57
C PHE A 167 -14.16 12.07 6.52
N LYS A 168 -14.49 10.79 6.60
CA LYS A 168 -15.85 10.28 6.42
C LYS A 168 -16.14 9.17 7.44
N ASN A 169 -15.80 9.45 8.69
CA ASN A 169 -15.37 8.44 9.67
C ASN A 169 -15.98 7.03 9.62
N TRP A 170 -15.21 6.08 9.12
CA TRP A 170 -15.54 4.65 9.15
C TRP A 170 -14.24 3.86 9.31
N PRO A 171 -13.98 3.28 10.50
CA PRO A 171 -12.97 2.23 10.56
C PRO A 171 -13.52 0.87 10.13
N ILE A 172 -12.65 -0.11 9.92
CA ILE A 172 -13.08 -1.47 9.61
C ILE A 172 -13.79 -2.02 10.87
N PRO A 173 -15.05 -2.48 10.74
CA PRO A 173 -15.78 -2.95 11.92
C PRO A 173 -15.36 -4.30 12.51
N ASP A 174 -15.78 -4.58 13.74
CA ASP A 174 -15.62 -5.90 14.35
C ASP A 174 -16.64 -6.88 13.78
N ASN A 175 -17.58 -6.39 12.99
CA ASN A 175 -18.41 -7.27 12.17
C ASN A 175 -17.54 -8.02 11.18
N LEU A 176 -16.39 -7.46 10.86
CA LEU A 176 -15.42 -8.02 9.92
C LEU A 176 -14.13 -8.28 10.69
N THR A 177 -14.24 -8.85 11.89
CA THR A 177 -13.12 -8.84 12.82
C THR A 177 -11.90 -9.60 12.33
N HIS A 178 -12.02 -10.48 11.33
CA HIS A 178 -10.82 -11.17 10.87
C HIS A 178 -9.96 -10.20 10.06
N VAL A 179 -10.62 -9.29 9.34
CA VAL A 179 -9.90 -8.24 8.61
C VAL A 179 -9.30 -7.30 9.65
N LEU A 180 -10.11 -6.94 10.62
CA LEU A 180 -9.68 -5.99 11.65
C LEU A 180 -8.51 -6.53 12.47
N ASN A 181 -8.54 -7.80 12.84
CA ASN A 181 -7.42 -8.38 13.59
C ASN A 181 -6.15 -8.40 12.76
N TYR A 182 -6.19 -8.88 11.52
CA TYR A 182 -4.93 -8.98 10.78
C TYR A 182 -4.39 -7.59 10.43
N ILE A 183 -5.23 -6.59 10.21
CA ILE A 183 -4.71 -5.23 10.01
C ILE A 183 -4.16 -4.64 11.32
N LYS A 184 -4.71 -4.98 12.48
CA LYS A 184 -4.12 -4.50 13.74
C LYS A 184 -2.78 -5.20 14.02
N LEU A 185 -2.67 -6.46 13.64
CA LEU A 185 -1.40 -7.18 13.77
C LEU A 185 -0.37 -6.54 12.86
N LEU A 186 -0.79 -6.18 11.65
CA LEU A 186 0.06 -5.48 10.70
C LEU A 186 0.44 -4.08 11.15
N PHE A 187 -0.47 -3.36 11.78
CA PHE A 187 -0.23 -1.99 12.24
C PHE A 187 1.01 -1.92 13.13
N SER A 188 1.14 -2.91 14.00
CA SER A 188 2.27 -2.96 14.93
C SER A 188 3.48 -3.74 14.39
N ARG A 189 3.39 -4.28 13.18
CA ARG A 189 4.48 -5.07 12.60
C ARG A 189 5.66 -4.15 12.42
N GLU A 190 6.86 -4.66 12.63
CA GLU A 190 8.08 -3.86 12.59
C GLU A 190 8.23 -3.17 11.24
N SER A 191 7.96 -3.91 10.17
CA SER A 191 8.01 -3.36 8.82
C SER A 191 7.03 -2.21 8.64
N PHE A 192 5.79 -2.40 9.07
CA PHE A 192 4.77 -1.39 8.87
C PHE A 192 5.05 -0.13 9.66
N LYS A 193 5.46 -0.32 10.91
CA LYS A 193 5.74 0.79 11.80
C LYS A 193 6.81 1.70 11.21
N LYS A 194 7.84 1.11 10.62
CA LYS A 194 8.93 1.90 10.02
C LYS A 194 8.57 2.51 8.67
N THR A 195 7.74 1.85 7.88
CA THR A 195 7.47 2.30 6.51
C THR A 195 6.18 3.09 6.28
N ARG A 196 5.29 3.17 7.27
CA ARG A 196 4.03 3.89 7.07
C ARG A 196 4.24 5.38 6.84
N ALA A 197 3.42 5.95 5.97
CA ALA A 197 3.44 7.39 5.72
C ALA A 197 2.86 8.08 6.95
N ALA A 198 3.12 9.38 7.11
CA ALA A 198 2.57 10.14 8.23
C ALA A 198 1.08 10.33 7.95
N GLU A 199 0.25 10.09 8.96
CA GLU A 199 -1.20 10.17 8.82
C GLU A 199 -1.60 11.59 8.45
N GLU A 200 -0.87 12.55 9.01
CA GLU A 200 -1.09 13.98 8.76
C GLU A 200 -1.11 14.32 7.28
N HIS A 201 -0.24 13.70 6.51
CA HIS A 201 -0.13 14.03 5.09
C HIS A 201 -1.04 13.17 4.23
N VAL A 202 -1.54 12.06 4.78
CA VAL A 202 -2.59 11.32 4.09
C VAL A 202 -3.89 12.12 4.25
N ILE A 203 -4.08 12.74 5.41
CA ILE A 203 -5.23 13.63 5.65
C ILE A 203 -5.09 14.87 4.75
N ALA A 204 -3.87 15.35 4.58
CA ALA A 204 -3.59 16.44 3.65
C ALA A 204 -3.82 16.05 2.18
N GLY A 205 -4.11 14.79 1.92
CA GLY A 205 -4.53 14.35 0.60
C GLY A 205 -5.95 14.77 0.28
N TRP A 206 -6.80 14.99 1.27
CA TRP A 206 -8.14 15.49 0.99
C TRP A 206 -8.17 17.01 1.08
N GLU A 207 -7.23 17.59 1.81
CA GLU A 207 -7.08 19.04 1.89
C GLU A 207 -6.69 19.66 0.54
N PRO A 208 -7.40 20.69 0.05
CA PRO A 208 -8.80 20.73 -0.39
C PRO A 208 -9.05 19.86 -1.63
N LYS A 209 -8.01 19.14 -2.05
CA LYS A 209 -8.00 18.30 -3.25
C LYS A 209 -9.10 17.25 -3.34
N VAL A 210 -9.55 16.78 -2.18
CA VAL A 210 -10.50 15.66 -1.96
C VAL A 210 -10.26 14.37 -2.73
N ASN A 211 -9.07 14.27 -3.33
CA ASN A 211 -8.59 13.24 -4.25
C ASN A 211 -9.49 12.83 -5.44
N ALA A 212 -10.65 13.45 -5.57
CA ALA A 212 -11.65 13.08 -6.56
C ALA A 212 -11.20 13.40 -7.99
N MET A 1 18.68 -5.33 -3.61
CA MET A 1 19.45 -5.27 -2.34
C MET A 1 20.27 -3.99 -2.30
N ALA A 2 20.15 -3.24 -1.21
CA ALA A 2 20.98 -2.08 -0.91
C ALA A 2 20.90 -0.85 -1.83
N LEU A 3 20.04 -0.83 -2.85
CA LEU A 3 20.02 0.26 -3.83
C LEU A 3 18.66 0.90 -4.16
N GLU A 4 17.59 0.18 -3.89
CA GLU A 4 16.39 0.27 -4.73
C GLU A 4 15.25 1.29 -4.53
N ILE A 5 15.22 2.13 -3.50
CA ILE A 5 14.08 3.05 -3.36
C ILE A 5 14.30 4.36 -4.12
N CYS A 6 13.33 4.71 -4.96
CA CYS A 6 13.06 6.11 -5.30
C CYS A 6 11.56 6.29 -5.10
N VAL A 7 11.12 7.19 -4.23
CA VAL A 7 9.68 7.33 -3.90
C VAL A 7 9.21 8.77 -3.84
N LYS A 8 7.91 8.95 -4.04
CA LYS A 8 7.24 10.24 -3.81
C LYS A 8 7.43 10.55 -2.34
N ALA A 9 7.83 11.78 -2.03
CA ALA A 9 7.94 12.27 -0.67
C ALA A 9 6.60 12.91 -0.31
N ALA A 10 6.37 13.17 0.98
CA ALA A 10 5.09 13.64 1.43
C ALA A 10 4.67 15.02 0.91
N VAL A 11 3.37 15.17 0.66
CA VAL A 11 2.79 16.47 0.32
C VAL A 11 3.02 17.36 1.53
N GLY A 12 3.54 18.57 1.32
CA GLY A 12 3.89 19.45 2.42
C GLY A 12 5.28 19.23 2.99
N ALA A 13 5.68 17.99 3.23
CA ALA A 13 6.96 17.67 3.88
C ALA A 13 7.92 16.77 3.10
N PRO A 14 8.75 17.32 2.20
CA PRO A 14 9.77 16.53 1.49
C PRO A 14 10.99 16.11 2.35
N ASN A 15 10.70 15.32 3.38
CA ASN A 15 11.71 14.69 4.26
C ASN A 15 11.28 13.27 4.64
N ILE A 16 10.05 12.90 4.33
CA ILE A 16 9.51 11.60 4.68
C ILE A 16 8.80 11.14 3.41
N LEU A 17 8.64 9.84 3.24
CA LEU A 17 7.90 9.25 2.14
C LEU A 17 6.44 9.72 2.10
N GLY A 18 5.82 9.63 0.93
CA GLY A 18 4.43 9.99 0.75
C GLY A 18 3.63 8.84 0.16
N ASP A 19 2.33 8.85 0.40
CA ASP A 19 1.44 7.80 -0.08
C ASP A 19 1.09 7.95 -1.57
N CYS A 20 1.85 7.27 -2.40
CA CYS A 20 1.27 6.58 -3.56
C CYS A 20 1.18 5.14 -3.05
N PRO A 21 0.21 4.33 -3.52
CA PRO A 21 0.16 2.96 -2.98
C PRO A 21 1.43 2.16 -3.23
N PHE A 22 2.06 2.40 -4.36
CA PHE A 22 3.29 1.71 -4.75
C PHE A 22 4.42 1.95 -3.79
N CYS A 23 4.45 3.12 -3.17
CA CYS A 23 5.52 3.49 -2.24
C CYS A 23 5.50 2.48 -1.10
N GLN A 24 4.31 2.31 -0.53
CA GLN A 24 4.17 1.41 0.59
C GLN A 24 4.22 -0.07 0.21
N ARG A 25 3.81 -0.42 -1.01
CA ARG A 25 3.94 -1.81 -1.47
C ARG A 25 5.40 -2.26 -1.48
N VAL A 26 6.28 -1.36 -1.90
CA VAL A 26 7.70 -1.69 -1.96
C VAL A 26 8.26 -1.67 -0.55
N LEU A 27 8.01 -0.59 0.20
CA LEU A 27 8.64 -0.42 1.49
C LEU A 27 8.29 -1.52 2.49
N LEU A 28 7.05 -1.99 2.50
CA LEU A 28 6.71 -3.12 3.36
C LEU A 28 7.57 -4.33 3.04
N SER A 29 7.77 -4.67 1.77
CA SER A 29 8.57 -5.86 1.45
C SER A 29 10.03 -5.67 1.86
N LEU A 30 10.54 -4.46 1.70
CA LEU A 30 11.94 -4.19 2.01
C LEU A 30 12.19 -4.21 3.51
N GLU A 31 11.30 -3.64 4.29
CA GLU A 31 11.45 -3.67 5.74
C GLU A 31 11.10 -5.04 6.33
N GLU A 32 10.16 -5.77 5.75
CA GLU A 32 9.81 -7.10 6.26
C GLU A 32 10.96 -8.09 6.05
N LYS A 33 11.65 -7.97 4.93
CA LYS A 33 12.82 -8.81 4.65
C LYS A 33 14.11 -8.16 5.13
N LYS A 34 13.93 -7.00 5.73
CA LYS A 34 14.97 -6.22 6.44
C LYS A 34 16.19 -5.86 5.59
N ILE A 35 16.00 -5.76 4.28
CA ILE A 35 17.12 -5.51 3.38
C ILE A 35 17.43 -4.01 3.35
N PRO A 36 18.72 -3.64 3.30
CA PRO A 36 18.97 -2.19 3.17
C PRO A 36 18.51 -1.67 1.82
N TYR A 37 18.39 -0.36 1.71
CA TYR A 37 18.18 0.29 0.42
C TYR A 37 18.71 1.73 0.49
N LYS A 38 19.13 2.24 -0.65
CA LYS A 38 19.34 3.68 -0.80
C LYS A 38 17.94 4.21 -1.04
N SER A 39 17.66 5.43 -0.61
CA SER A 39 16.35 6.04 -0.80
C SER A 39 16.50 7.42 -1.42
N HIS A 40 15.80 7.65 -2.53
CA HIS A 40 15.74 8.96 -3.16
C HIS A 40 14.32 9.51 -3.02
N LEU A 41 14.19 10.56 -2.22
CA LEU A 41 12.90 11.21 -2.04
C LEU A 41 12.65 12.14 -3.22
N ILE A 42 11.46 12.10 -3.77
CA ILE A 42 11.07 12.91 -4.92
C ILE A 42 10.00 13.89 -4.46
N ASN A 43 10.28 15.19 -4.53
CA ASN A 43 9.37 16.21 -4.04
C ASN A 43 8.23 16.51 -5.02
N LEU A 44 7.23 15.64 -5.02
CA LEU A 44 5.96 15.83 -5.73
C LEU A 44 6.09 16.07 -7.23
N GLY A 45 7.00 15.35 -7.85
CA GLY A 45 7.24 15.55 -9.27
C GLY A 45 8.09 16.76 -9.60
N ASP A 46 8.85 17.24 -8.63
CA ASP A 46 10.12 17.90 -8.93
C ASP A 46 11.06 16.78 -9.37
N LYS A 47 11.52 16.85 -10.60
CA LYS A 47 12.29 15.76 -11.19
C LYS A 47 13.41 16.28 -12.09
N PRO A 48 14.67 15.91 -11.80
CA PRO A 48 15.69 16.25 -12.80
C PRO A 48 15.56 15.33 -14.00
N GLN A 49 16.37 15.56 -15.03
CA GLN A 49 16.40 14.68 -16.21
C GLN A 49 16.69 13.24 -15.80
N TRP A 50 17.55 13.02 -14.81
CA TRP A 50 17.78 11.68 -14.28
C TRP A 50 16.50 10.97 -13.86
N PHE A 51 15.61 11.64 -13.14
CA PHE A 51 14.38 10.97 -12.71
C PHE A 51 13.34 10.90 -13.82
N LEU A 52 13.41 11.79 -14.81
CA LEU A 52 12.58 11.65 -16.01
C LEU A 52 12.98 10.43 -16.82
N GLU A 53 14.27 10.09 -16.84
CA GLU A 53 14.78 8.90 -17.49
C GLU A 53 14.38 7.62 -16.76
N ILE A 54 13.85 7.76 -15.56
CA ILE A 54 13.47 6.64 -14.71
C ILE A 54 11.95 6.46 -14.62
N SER A 55 11.26 7.46 -14.12
CA SER A 55 9.87 7.29 -13.71
C SER A 55 8.95 7.53 -14.91
N PRO A 56 8.01 6.61 -15.20
CA PRO A 56 7.18 6.88 -16.38
C PRO A 56 6.27 8.10 -16.23
N GLU A 57 5.84 8.43 -15.03
CA GLU A 57 5.07 9.65 -14.80
C GLU A 57 5.98 10.84 -14.51
N GLY A 58 7.26 10.57 -14.29
CA GLY A 58 8.19 11.57 -13.78
C GLY A 58 8.04 11.81 -12.28
N LYS A 59 7.01 11.21 -11.69
CA LYS A 59 6.64 11.47 -10.30
C LYS A 59 6.10 10.27 -9.53
N VAL A 60 6.32 9.07 -10.04
CA VAL A 60 5.77 7.86 -9.42
C VAL A 60 6.94 7.04 -8.89
N PRO A 61 6.80 6.37 -7.72
CA PRO A 61 7.90 5.52 -7.25
C PRO A 61 8.29 4.41 -8.20
N VAL A 62 9.52 3.95 -8.07
CA VAL A 62 10.04 2.81 -8.84
C VAL A 62 10.78 1.92 -7.86
N VAL A 63 11.15 0.72 -8.28
CA VAL A 63 12.19 -0.03 -7.59
C VAL A 63 13.39 0.05 -8.53
N LYS A 64 14.59 0.17 -7.98
CA LYS A 64 15.81 0.33 -8.77
C LYS A 64 16.86 -0.71 -8.37
N ILE A 65 16.43 -1.96 -8.42
CA ILE A 65 17.25 -3.09 -7.96
C ILE A 65 18.40 -3.20 -8.95
N ASP A 66 19.63 -3.20 -8.45
CA ASP A 66 20.87 -3.23 -9.26
C ASP A 66 20.92 -2.04 -10.24
N ASP A 67 20.31 -0.94 -9.80
CA ASP A 67 20.19 0.32 -10.53
C ASP A 67 19.37 0.21 -11.81
N LYS A 68 18.57 -0.84 -11.94
CA LYS A 68 17.68 -1.05 -13.09
C LYS A 68 16.24 -0.77 -12.67
N TRP A 69 15.63 0.30 -13.17
CA TRP A 69 14.30 0.65 -12.72
C TRP A 69 13.18 -0.24 -13.25
N VAL A 70 12.23 -0.53 -12.38
CA VAL A 70 11.02 -1.32 -12.68
C VAL A 70 9.89 -0.57 -11.96
N ALA A 71 8.79 -0.28 -12.65
CA ALA A 71 7.88 0.82 -12.26
C ALA A 71 6.36 0.63 -12.44
N ASP A 72 5.80 -0.52 -12.13
CA ASP A 72 4.34 -0.73 -12.24
C ASP A 72 3.88 -1.53 -11.03
N SER A 73 2.69 -1.24 -10.52
CA SER A 73 2.21 -1.87 -9.29
C SER A 73 2.15 -3.39 -9.35
N ASP A 74 1.86 -3.95 -10.51
CA ASP A 74 1.74 -5.40 -10.64
C ASP A 74 3.10 -6.07 -10.62
N VAL A 75 4.14 -5.41 -11.14
CA VAL A 75 5.47 -6.03 -11.15
C VAL A 75 6.22 -5.73 -9.86
N ILE A 76 5.67 -4.82 -9.08
CA ILE A 76 6.08 -4.65 -7.69
C ILE A 76 5.61 -5.89 -6.90
N VAL A 77 4.55 -6.56 -7.34
CA VAL A 77 4.18 -7.83 -6.71
C VAL A 77 5.15 -8.94 -7.14
N GLY A 78 5.50 -9.01 -8.42
CA GLY A 78 6.34 -10.10 -8.91
C GLY A 78 7.82 -9.88 -9.12
N ILE A 79 8.20 -9.02 -10.04
CA ILE A 79 9.62 -8.77 -10.38
C ILE A 79 10.41 -8.24 -9.19
N LEU A 80 9.79 -7.37 -8.38
CA LEU A 80 10.49 -6.89 -7.18
C LEU A 80 10.91 -8.06 -6.30
N GLU A 81 10.04 -9.03 -6.07
CA GLU A 81 10.44 -10.15 -5.24
C GLU A 81 11.37 -11.12 -5.96
N GLU A 82 11.26 -11.21 -7.28
CA GLU A 82 12.15 -12.07 -8.05
C GLU A 82 13.59 -11.59 -7.91
N LYS A 83 13.76 -10.28 -7.96
CA LYS A 83 15.11 -9.68 -7.94
C LYS A 83 15.54 -9.22 -6.56
N ASN A 84 14.66 -9.24 -5.57
CA ASN A 84 15.07 -9.24 -4.17
C ASN A 84 15.75 -10.61 -3.96
N PRO A 85 17.05 -10.65 -3.59
CA PRO A 85 17.71 -11.96 -3.47
C PRO A 85 17.37 -12.78 -2.21
N GLU A 86 16.52 -12.26 -1.34
CA GLU A 86 15.88 -13.09 -0.30
C GLU A 86 14.90 -14.00 -1.04
N PRO A 87 14.41 -15.11 -0.44
CA PRO A 87 13.58 -16.01 -1.26
C PRO A 87 12.39 -15.36 -1.97
N PRO A 88 12.19 -15.63 -3.27
CA PRO A 88 11.05 -14.98 -3.93
C PRO A 88 9.74 -15.68 -3.54
N LEU A 89 8.68 -14.92 -3.31
CA LEU A 89 7.41 -15.49 -2.83
C LEU A 89 6.21 -14.87 -3.57
N ALA A 90 6.33 -14.71 -4.88
CA ALA A 90 5.26 -14.14 -5.69
C ALA A 90 4.17 -15.19 -5.94
N THR A 91 3.32 -15.37 -4.95
CA THR A 91 2.15 -16.24 -5.05
C THR A 91 0.89 -15.38 -4.89
N PRO A 92 0.29 -14.90 -5.99
CA PRO A 92 -1.09 -14.34 -6.00
C PRO A 92 -2.25 -15.33 -6.29
N PRO A 93 -2.73 -16.10 -5.30
CA PRO A 93 -3.83 -17.03 -5.59
C PRO A 93 -5.22 -16.39 -5.43
N GLU A 94 -6.19 -17.08 -4.83
CA GLU A 94 -7.56 -16.56 -4.65
C GLU A 94 -7.60 -15.27 -3.85
N PHE A 95 -6.66 -15.12 -2.93
CA PHE A 95 -6.63 -13.93 -2.10
C PHE A 95 -6.40 -12.68 -2.97
N ALA A 96 -5.68 -12.85 -4.08
CA ALA A 96 -5.41 -11.75 -4.99
C ALA A 96 -6.54 -11.53 -5.99
N SER A 97 -7.29 -12.58 -6.34
CA SER A 97 -8.44 -12.38 -7.23
C SER A 97 -9.57 -11.70 -6.46
N VAL A 98 -9.67 -11.99 -5.17
CA VAL A 98 -10.56 -11.23 -4.28
C VAL A 98 -9.99 -9.82 -4.13
N GLY A 99 -8.69 -9.71 -3.83
CA GLY A 99 -8.06 -8.42 -3.62
C GLY A 99 -8.18 -7.45 -4.78
N SER A 100 -8.19 -7.98 -5.99
CA SER A 100 -8.35 -7.18 -7.20
C SER A 100 -9.67 -6.41 -7.23
N LYS A 101 -10.69 -6.90 -6.55
CA LYS A 101 -11.97 -6.18 -6.45
C LYS A 101 -11.90 -5.11 -5.37
N ILE A 102 -11.30 -5.48 -4.24
CA ILE A 102 -11.41 -4.68 -3.03
C ILE A 102 -10.63 -3.40 -3.21
N PHE A 103 -9.46 -3.52 -3.83
CA PHE A 103 -8.55 -2.39 -3.98
C PHE A 103 -9.18 -1.17 -4.69
N PRO A 104 -9.71 -1.30 -5.92
CA PRO A 104 -10.32 -0.06 -6.43
C PRO A 104 -11.63 0.32 -5.74
N SER A 105 -12.31 -0.61 -5.09
CA SER A 105 -13.53 -0.23 -4.37
C SER A 105 -13.18 0.69 -3.22
N PHE A 106 -12.20 0.35 -2.39
CA PHE A 106 -11.95 1.19 -1.23
C PHE A 106 -11.29 2.52 -1.60
N VAL A 107 -10.49 2.52 -2.66
CA VAL A 107 -9.89 3.77 -3.12
C VAL A 107 -11.00 4.66 -3.69
N LYS A 108 -11.96 4.10 -4.42
CA LYS A 108 -13.06 4.92 -4.92
C LYS A 108 -13.97 5.41 -3.80
N PHE A 109 -14.27 4.59 -2.81
CA PHE A 109 -15.12 5.04 -1.71
C PHE A 109 -14.46 6.12 -0.87
N LEU A 110 -13.13 6.14 -0.83
CA LEU A 110 -12.41 7.28 -0.25
C LEU A 110 -12.57 8.55 -1.11
N LYS A 111 -12.31 8.47 -2.41
CA LYS A 111 -12.35 9.66 -3.27
C LYS A 111 -13.75 10.20 -3.47
N SER A 112 -14.75 9.35 -3.34
CA SER A 112 -16.14 9.76 -3.51
C SER A 112 -16.62 10.54 -2.29
N LYS A 113 -17.41 11.57 -2.54
CA LYS A 113 -18.10 12.34 -1.51
C LYS A 113 -19.57 12.44 -1.90
N ASP A 114 -20.03 11.39 -2.55
CA ASP A 114 -21.46 11.11 -2.72
C ASP A 114 -22.04 10.95 -1.30
N PRO A 115 -23.38 10.93 -1.14
CA PRO A 115 -23.89 10.46 0.17
C PRO A 115 -23.58 8.97 0.40
N ASN A 116 -22.45 8.71 1.05
CA ASN A 116 -21.89 7.36 1.15
C ASN A 116 -22.36 6.70 2.44
N ASP A 117 -23.26 5.74 2.29
CA ASP A 117 -23.73 4.92 3.40
C ASP A 117 -24.08 3.53 2.87
N GLY A 118 -24.85 3.46 1.79
CA GLY A 118 -25.04 2.20 1.09
C GLY A 118 -23.75 1.73 0.48
N THR A 119 -22.90 2.65 0.05
CA THR A 119 -21.56 2.33 -0.42
C THR A 119 -20.57 2.03 0.70
N GLU A 120 -20.85 2.47 1.93
CA GLU A 120 -20.01 2.08 3.07
C GLU A 120 -20.36 0.64 3.42
N GLN A 121 -21.61 0.27 3.18
CA GLN A 121 -22.03 -1.12 3.33
C GLN A 121 -21.52 -1.96 2.15
N ALA A 122 -21.34 -1.37 0.98
CA ALA A 122 -20.63 -2.06 -0.10
C ALA A 122 -19.18 -2.32 0.30
N LEU A 123 -18.54 -1.36 0.95
CA LEU A 123 -17.19 -1.57 1.49
C LEU A 123 -17.19 -2.66 2.56
N LEU A 124 -18.22 -2.69 3.40
CA LEU A 124 -18.37 -3.79 4.36
C LEU A 124 -18.47 -5.13 3.63
N GLU A 125 -19.24 -5.23 2.56
CA GLU A 125 -19.34 -6.48 1.81
C GLU A 125 -18.04 -6.86 1.11
N GLU A 126 -17.31 -5.88 0.59
CA GLU A 126 -16.03 -6.17 -0.04
C GLU A 126 -15.05 -6.69 1.01
N LEU A 127 -15.00 -6.03 2.16
CA LEU A 127 -14.10 -6.48 3.22
C LEU A 127 -14.63 -7.77 3.85
N LYS A 128 -15.92 -8.08 3.71
CA LYS A 128 -16.45 -9.37 4.16
C LYS A 128 -15.92 -10.52 3.33
N ALA A 129 -15.58 -10.28 2.08
CA ALA A 129 -14.94 -11.32 1.26
C ALA A 129 -13.56 -11.62 1.85
N LEU A 130 -12.84 -10.58 2.23
CA LEU A 130 -11.55 -10.75 2.89
C LEU A 130 -11.72 -11.41 4.26
N ASP A 131 -12.75 -11.03 5.00
CA ASP A 131 -13.03 -11.58 6.33
C ASP A 131 -13.29 -13.08 6.21
N GLY A 132 -13.98 -13.46 5.15
CA GLY A 132 -14.22 -14.86 4.85
C GLY A 132 -12.94 -15.61 4.52
N HIS A 133 -12.19 -15.10 3.55
CA HIS A 133 -10.93 -15.76 3.17
C HIS A 133 -9.91 -15.78 4.31
N LEU A 134 -9.97 -14.80 5.21
CA LEU A 134 -9.13 -14.82 6.41
C LEU A 134 -9.59 -15.93 7.35
N LYS A 135 -10.87 -15.96 7.72
CA LYS A 135 -11.32 -16.88 8.77
C LYS A 135 -11.27 -18.35 8.40
N VAL A 136 -11.29 -18.67 7.11
CA VAL A 136 -11.19 -20.07 6.69
C VAL A 136 -9.75 -20.59 6.75
N HIS A 137 -8.77 -19.72 6.96
CA HIS A 137 -7.37 -20.16 7.13
C HIS A 137 -6.77 -19.76 8.48
N GLY A 138 -6.98 -18.52 8.91
CA GLY A 138 -6.44 -18.01 10.16
C GLY A 138 -5.30 -16.99 10.12
N PRO A 139 -4.21 -17.13 9.34
CA PRO A 139 -3.14 -16.13 9.29
C PRO A 139 -3.50 -14.78 8.65
N PHE A 140 -2.47 -14.13 8.11
CA PHE A 140 -2.60 -12.95 7.26
C PHE A 140 -3.46 -13.22 6.02
N ILE A 141 -3.75 -12.20 5.20
CA ILE A 141 -4.60 -12.35 4.00
C ILE A 141 -4.02 -13.39 3.06
N ALA A 142 -2.71 -13.53 2.99
CA ALA A 142 -2.11 -14.61 2.19
C ALA A 142 -2.37 -16.04 2.67
N GLY A 143 -3.05 -16.21 3.79
CA GLY A 143 -3.52 -17.52 4.22
C GLY A 143 -2.49 -18.42 4.88
N GLU A 144 -1.22 -18.02 4.92
CA GLU A 144 -0.18 -18.87 5.51
C GLU A 144 0.80 -18.08 6.38
N LYS A 145 1.38 -17.02 5.83
CA LYS A 145 2.38 -16.16 6.46
C LYS A 145 2.40 -14.98 5.50
N ILE A 146 3.16 -13.93 5.74
CA ILE A 146 3.24 -12.82 4.78
C ILE A 146 3.76 -13.33 3.44
N THR A 147 2.99 -13.05 2.40
CA THR A 147 3.31 -13.47 1.03
C THR A 147 2.86 -12.31 0.15
N ALA A 148 3.13 -12.38 -1.15
CA ALA A 148 2.82 -11.33 -2.11
C ALA A 148 1.48 -10.58 -2.05
N VAL A 149 0.36 -11.23 -1.78
CA VAL A 149 -0.90 -10.47 -1.71
C VAL A 149 -0.89 -9.50 -0.52
N ASP A 150 -0.24 -9.84 0.58
CA ASP A 150 -0.20 -8.94 1.73
C ASP A 150 0.63 -7.74 1.32
N LEU A 151 1.69 -8.00 0.59
CA LEU A 151 2.60 -6.93 0.18
C LEU A 151 1.91 -5.97 -0.78
N SER A 152 1.03 -6.49 -1.62
CA SER A 152 0.25 -5.64 -2.52
C SER A 152 -0.88 -4.86 -1.85
N LEU A 153 -1.55 -5.46 -0.88
CA LEU A 153 -2.80 -4.91 -0.36
C LEU A 153 -2.71 -4.30 1.03
N ALA A 154 -2.08 -4.99 1.96
CA ALA A 154 -2.00 -4.58 3.36
C ALA A 154 -1.41 -3.18 3.62
N PRO A 155 -0.32 -2.79 2.92
CA PRO A 155 0.21 -1.51 3.40
C PRO A 155 -0.62 -0.32 2.95
N LYS A 156 -1.51 -0.51 1.98
CA LYS A 156 -2.49 0.51 1.60
C LYS A 156 -3.78 0.33 2.39
N LEU A 157 -4.08 -0.89 2.82
CA LEU A 157 -5.22 -1.12 3.71
C LEU A 157 -5.02 -0.39 5.05
N TYR A 158 -3.79 -0.29 5.51
CA TYR A 158 -3.44 0.55 6.67
C TYR A 158 -3.98 1.95 6.44
N HIS A 159 -3.67 2.51 5.28
CA HIS A 159 -4.01 3.87 4.97
C HIS A 159 -5.51 4.07 4.70
N LEU A 160 -6.26 3.00 4.47
CA LEU A 160 -7.71 3.15 4.28
C LEU A 160 -8.36 3.64 5.56
N GLU A 161 -8.13 2.95 6.66
CA GLU A 161 -8.85 3.32 7.88
C GLU A 161 -8.31 4.65 8.41
N VAL A 162 -7.06 4.95 8.09
CA VAL A 162 -6.52 6.28 8.38
C VAL A 162 -7.26 7.34 7.57
N ALA A 163 -7.27 7.24 6.25
CA ALA A 163 -7.75 8.33 5.44
C ALA A 163 -9.27 8.48 5.54
N LEU A 164 -9.96 7.36 5.41
CA LEU A 164 -11.41 7.36 5.43
C LEU A 164 -11.85 7.74 6.84
N GLY A 165 -11.12 7.26 7.83
CA GLY A 165 -11.46 7.57 9.21
C GLY A 165 -11.32 9.04 9.55
N HIS A 166 -10.30 9.73 9.05
CA HIS A 166 -10.19 11.16 9.33
C HIS A 166 -11.23 12.01 8.58
N PHE A 167 -11.61 11.63 7.38
CA PHE A 167 -12.47 12.49 6.55
C PHE A 167 -13.94 12.11 6.39
N LYS A 168 -14.26 10.83 6.37
CA LYS A 168 -15.62 10.36 6.10
C LYS A 168 -15.81 9.09 6.91
N ASN A 169 -15.69 9.26 8.22
CA ASN A 169 -15.39 8.14 9.12
C ASN A 169 -16.31 6.94 9.00
N TRP A 170 -15.71 5.85 8.56
CA TRP A 170 -16.31 4.52 8.61
C TRP A 170 -15.19 3.64 9.15
N PRO A 171 -15.19 3.37 10.47
CA PRO A 171 -14.12 2.47 10.95
C PRO A 171 -14.47 1.04 10.53
N ILE A 172 -13.49 0.16 10.49
CA ILE A 172 -13.77 -1.25 10.19
C ILE A 172 -14.46 -1.79 11.47
N PRO A 173 -15.69 -2.32 11.35
CA PRO A 173 -16.39 -2.77 12.56
C PRO A 173 -15.92 -4.12 13.09
N ASP A 174 -16.29 -4.44 14.32
CA ASP A 174 -16.00 -5.75 14.91
C ASP A 174 -16.90 -6.85 14.35
N ASN A 175 -17.88 -6.47 13.53
CA ASN A 175 -18.62 -7.41 12.70
C ASN A 175 -17.73 -7.99 11.60
N LEU A 176 -16.64 -7.30 11.27
CA LEU A 176 -15.64 -7.78 10.32
C LEU A 176 -14.41 -8.05 11.18
N THR A 177 -14.59 -8.93 12.15
CA THR A 177 -13.63 -9.12 13.23
C THR A 177 -12.26 -9.53 12.71
N HIS A 178 -12.22 -10.31 11.64
CA HIS A 178 -10.95 -10.82 11.16
C HIS A 178 -10.22 -9.74 10.40
N VAL A 179 -10.93 -8.90 9.67
CA VAL A 179 -10.29 -7.77 8.98
C VAL A 179 -9.85 -6.74 10.00
N LEU A 180 -10.66 -6.52 11.04
CA LEU A 180 -10.29 -5.59 12.09
C LEU A 180 -9.07 -6.10 12.86
N ASN A 181 -9.02 -7.38 13.18
CA ASN A 181 -7.86 -7.92 13.88
C ASN A 181 -6.64 -7.88 12.96
N TYR A 182 -6.84 -8.10 11.67
CA TYR A 182 -5.77 -8.00 10.69
C TYR A 182 -5.24 -6.57 10.58
N ILE A 183 -6.09 -5.55 10.54
CA ILE A 183 -5.56 -4.18 10.45
C ILE A 183 -4.85 -3.80 11.75
N LYS A 184 -5.20 -4.39 12.88
CA LYS A 184 -4.41 -4.17 14.11
C LYS A 184 -3.01 -4.78 13.99
N LEU A 185 -2.83 -5.81 13.17
CA LEU A 185 -1.49 -6.37 12.92
C LEU A 185 -0.69 -5.38 12.08
N LEU A 186 -1.38 -4.63 11.23
CA LEU A 186 -0.75 -3.63 10.37
C LEU A 186 -0.44 -2.36 11.16
N PHE A 187 -1.23 -2.08 12.19
CA PHE A 187 -0.90 -1.00 13.13
C PHE A 187 0.17 -1.45 14.14
N SER A 188 0.81 -2.57 13.90
CA SER A 188 1.80 -3.17 14.77
C SER A 188 2.96 -3.57 13.87
N ARG A 189 4.06 -3.98 14.48
CA ARG A 189 5.31 -4.42 13.83
C ARG A 189 5.99 -3.40 12.93
N GLU A 190 7.31 -3.32 13.05
CA GLU A 190 8.08 -2.31 12.32
C GLU A 190 7.90 -2.41 10.81
N SER A 191 7.68 -3.61 10.30
CA SER A 191 7.48 -3.82 8.87
C SER A 191 6.34 -2.99 8.28
N PHE A 192 5.29 -2.75 9.05
CA PHE A 192 4.19 -1.89 8.62
C PHE A 192 4.31 -0.51 9.26
N LYS A 193 4.56 -0.49 10.56
CA LYS A 193 4.56 0.74 11.35
C LYS A 193 5.64 1.74 10.96
N LYS A 194 6.80 1.26 10.55
CA LYS A 194 7.89 2.16 10.15
C LYS A 194 7.67 2.70 8.74
N THR A 195 7.06 1.88 7.90
CA THR A 195 6.94 2.15 6.46
C THR A 195 5.68 2.91 6.05
N ARG A 196 4.70 2.94 6.93
CA ARG A 196 3.48 3.70 6.69
C ARG A 196 3.75 5.20 6.56
N ALA A 197 2.93 5.85 5.76
CA ALA A 197 3.05 7.29 5.56
C ALA A 197 2.48 8.03 6.78
N ALA A 198 2.97 9.23 7.04
CA ALA A 198 2.49 10.03 8.17
C ALA A 198 1.05 10.45 7.86
N GLU A 199 0.15 10.34 8.85
CA GLU A 199 -1.28 10.31 8.58
C GLU A 199 -1.85 11.61 8.05
N GLU A 200 -1.30 12.73 8.50
CA GLU A 200 -1.75 14.05 8.05
C GLU A 200 -1.46 14.20 6.57
N HIS A 201 -0.36 13.61 6.15
CA HIS A 201 0.06 13.72 4.76
C HIS A 201 -0.68 12.74 3.87
N VAL A 202 -1.22 11.67 4.46
CA VAL A 202 -2.08 10.77 3.68
C VAL A 202 -3.30 11.59 3.28
N ILE A 203 -3.95 12.25 4.22
CA ILE A 203 -5.16 13.00 3.88
C ILE A 203 -4.87 14.28 3.11
N ALA A 204 -3.77 14.97 3.41
CA ALA A 204 -3.40 16.17 2.69
C ALA A 204 -3.03 15.89 1.22
N GLY A 205 -2.69 14.64 0.92
CA GLY A 205 -2.42 14.24 -0.46
C GLY A 205 -3.61 13.64 -1.21
N TRP A 206 -4.57 13.03 -0.53
CA TRP A 206 -5.71 12.42 -1.22
C TRP A 206 -6.95 13.29 -1.31
N GLU A 207 -7.13 14.22 -0.39
CA GLU A 207 -8.30 15.12 -0.42
C GLU A 207 -8.24 16.51 -1.10
N PRO A 208 -7.07 17.05 -1.50
CA PRO A 208 -7.17 18.43 -1.96
C PRO A 208 -7.83 18.67 -3.31
N LYS A 209 -7.94 17.66 -4.15
CA LYS A 209 -8.60 17.80 -5.45
C LYS A 209 -10.00 17.21 -5.39
N VAL A 210 -10.39 16.78 -4.20
CA VAL A 210 -11.69 16.13 -3.98
C VAL A 210 -12.70 17.13 -3.42
N ASN A 211 -12.31 17.91 -2.42
CA ASN A 211 -13.24 18.83 -1.76
C ASN A 211 -13.04 20.26 -2.25
N ALA A 212 -12.19 20.39 -3.25
CA ALA A 212 -11.84 21.65 -3.89
C ALA A 212 -11.49 21.15 -5.29
N MET A 1 24.98 -3.82 -5.26
CA MET A 1 25.13 -2.39 -4.85
C MET A 1 23.89 -1.90 -4.12
N ALA A 2 23.44 -2.65 -3.11
CA ALA A 2 22.25 -2.36 -2.32
C ALA A 2 21.00 -2.10 -3.19
N LEU A 3 20.02 -1.41 -2.62
CA LEU A 3 18.83 -0.97 -3.34
C LEU A 3 18.70 0.53 -3.07
N GLU A 4 17.95 1.25 -3.89
CA GLU A 4 17.65 2.66 -3.63
C GLU A 4 16.20 2.91 -3.96
N ILE A 5 15.49 3.46 -2.99
CA ILE A 5 14.04 3.49 -3.02
C ILE A 5 13.62 4.94 -3.22
N CYS A 6 13.21 5.25 -4.44
CA CYS A 6 13.03 6.61 -4.92
C CYS A 6 11.57 7.02 -4.84
N VAL A 7 11.10 7.21 -3.62
CA VAL A 7 9.68 7.41 -3.34
C VAL A 7 9.32 8.89 -3.31
N LYS A 8 8.05 9.18 -3.54
CA LYS A 8 7.57 10.55 -3.51
C LYS A 8 7.81 11.07 -2.11
N ALA A 9 8.18 12.33 -1.98
CA ALA A 9 8.25 12.98 -0.68
C ALA A 9 6.82 13.43 -0.38
N ALA A 10 6.50 13.72 0.87
CA ALA A 10 5.16 14.12 1.26
C ALA A 10 4.69 15.41 0.59
N VAL A 11 3.40 15.42 0.29
CA VAL A 11 2.73 16.57 -0.31
C VAL A 11 2.82 17.70 0.72
N GLY A 12 3.26 18.88 0.33
CA GLY A 12 3.38 19.99 1.27
C GLY A 12 4.57 19.94 2.21
N ALA A 13 5.36 18.86 2.17
CA ALA A 13 6.45 18.63 3.12
C ALA A 13 7.54 17.70 2.54
N PRO A 14 8.44 18.20 1.67
CA PRO A 14 9.47 17.35 1.05
C PRO A 14 10.64 16.86 1.91
N ASN A 15 10.32 16.39 3.12
CA ASN A 15 11.27 15.81 4.06
C ASN A 15 10.83 14.46 4.65
N ILE A 16 9.61 14.02 4.36
CA ILE A 16 8.98 12.84 4.97
C ILE A 16 8.54 11.99 3.78
N LEU A 17 8.34 10.69 3.99
CA LEU A 17 7.85 9.78 2.95
C LEU A 17 6.47 10.25 2.48
N GLY A 18 6.17 10.15 1.20
CA GLY A 18 4.87 10.55 0.71
C GLY A 18 3.83 9.46 0.67
N ASP A 19 2.57 9.84 0.76
CA ASP A 19 1.49 8.88 0.67
C ASP A 19 1.22 8.58 -0.81
N CYS A 20 1.71 7.42 -1.23
CA CYS A 20 1.39 6.86 -2.52
C CYS A 20 1.05 5.44 -2.14
N PRO A 21 -0.02 4.85 -2.72
CA PRO A 21 -0.27 3.46 -2.31
C PRO A 21 0.87 2.53 -2.70
N PHE A 22 1.56 2.87 -3.78
CA PHE A 22 2.65 2.04 -4.28
C PHE A 22 3.94 2.29 -3.50
N CYS A 23 4.02 3.40 -2.76
CA CYS A 23 5.22 3.69 -1.98
C CYS A 23 5.27 2.71 -0.83
N GLN A 24 4.18 2.59 -0.08
CA GLN A 24 4.16 1.55 0.94
C GLN A 24 4.13 0.13 0.36
N ARG A 25 3.74 -0.10 -0.90
CA ARG A 25 3.99 -1.42 -1.51
C ARG A 25 5.48 -1.75 -1.57
N VAL A 26 6.29 -0.78 -1.97
CA VAL A 26 7.73 -1.02 -2.03
C VAL A 26 8.26 -1.19 -0.61
N LEU A 27 7.98 -0.20 0.23
CA LEU A 27 8.65 -0.11 1.52
C LEU A 27 8.28 -1.27 2.45
N LEU A 28 7.03 -1.71 2.43
CA LEU A 28 6.61 -2.83 3.28
C LEU A 28 7.41 -4.08 2.92
N SER A 29 7.65 -4.29 1.64
CA SER A 29 8.40 -5.47 1.20
C SER A 29 9.88 -5.39 1.57
N LEU A 30 10.43 -4.20 1.41
CA LEU A 30 11.85 -3.92 1.65
C LEU A 30 12.18 -4.14 3.12
N GLU A 31 11.37 -3.56 3.98
CA GLU A 31 11.61 -3.63 5.42
C GLU A 31 11.28 -5.01 6.00
N GLU A 32 10.34 -5.74 5.40
CA GLU A 32 10.00 -7.08 5.91
C GLU A 32 11.12 -8.07 5.60
N LYS A 33 11.77 -7.95 4.46
CA LYS A 33 12.89 -8.83 4.12
C LYS A 33 14.22 -8.35 4.70
N LYS A 34 14.19 -7.17 5.31
CA LYS A 34 15.32 -6.55 6.02
C LYS A 34 16.59 -6.44 5.16
N ILE A 35 16.39 -6.17 3.88
CA ILE A 35 17.48 -6.02 2.92
C ILE A 35 18.04 -4.59 2.99
N PRO A 36 19.33 -4.40 2.63
CA PRO A 36 19.84 -3.03 2.71
C PRO A 36 19.33 -2.09 1.62
N TYR A 37 18.99 -0.87 2.01
CA TYR A 37 18.65 0.16 1.03
C TYR A 37 18.92 1.59 1.44
N LYS A 38 18.97 2.45 0.44
CA LYS A 38 19.11 3.89 0.60
C LYS A 38 17.76 4.52 0.29
N SER A 39 17.22 5.32 1.18
CA SER A 39 15.94 5.99 0.98
C SER A 39 16.26 7.31 0.27
N HIS A 40 15.49 7.64 -0.76
CA HIS A 40 15.70 8.83 -1.59
C HIS A 40 14.33 9.46 -1.83
N LEU A 41 14.17 10.74 -1.57
CA LEU A 41 12.88 11.42 -1.64
C LEU A 41 12.73 12.33 -2.86
N ILE A 42 11.60 12.17 -3.54
CA ILE A 42 11.25 12.90 -4.77
C ILE A 42 10.20 13.98 -4.49
N ASN A 43 10.62 15.25 -4.38
CA ASN A 43 9.73 16.40 -4.17
C ASN A 43 8.88 16.73 -5.40
N LEU A 44 7.76 16.01 -5.51
CA LEU A 44 6.70 16.25 -6.51
C LEU A 44 7.23 16.34 -7.95
N GLY A 45 8.06 15.38 -8.29
CA GLY A 45 8.75 15.40 -9.56
C GLY A 45 10.06 16.16 -9.47
N ASP A 46 10.91 15.70 -8.57
CA ASP A 46 12.30 16.15 -8.47
C ASP A 46 13.07 15.31 -9.47
N LYS A 47 13.09 15.76 -10.72
CA LYS A 47 13.34 14.88 -11.85
C LYS A 47 14.43 15.42 -12.77
N PRO A 48 15.69 15.08 -12.46
CA PRO A 48 16.73 15.45 -13.43
C PRO A 48 16.69 14.44 -14.58
N GLN A 49 17.60 14.54 -15.54
CA GLN A 49 17.67 13.62 -16.68
C GLN A 49 17.59 12.15 -16.25
N TRP A 50 18.25 11.80 -15.17
CA TRP A 50 18.20 10.45 -14.62
C TRP A 50 16.78 9.94 -14.31
N PHE A 51 15.97 10.74 -13.64
CA PHE A 51 14.65 10.27 -13.20
C PHE A 51 13.59 10.52 -14.26
N LEU A 52 13.88 11.47 -15.15
CA LEU A 52 13.06 11.69 -16.33
C LEU A 52 13.14 10.45 -17.22
N GLU A 53 14.33 9.91 -17.39
CA GLU A 53 14.50 8.67 -18.15
C GLU A 53 13.95 7.47 -17.40
N ILE A 54 14.13 7.42 -16.09
CA ILE A 54 13.79 6.25 -15.27
C ILE A 54 12.59 6.51 -14.35
N SER A 55 11.41 6.28 -14.90
CA SER A 55 10.12 6.30 -14.20
C SER A 55 9.03 6.12 -15.26
N PRO A 56 7.92 5.43 -14.94
CA PRO A 56 6.74 5.51 -15.83
C PRO A 56 6.10 6.90 -16.00
N GLU A 57 6.25 7.81 -15.05
CA GLU A 57 5.66 9.16 -15.13
C GLU A 57 6.63 10.34 -14.95
N GLY A 58 7.84 10.09 -14.46
CA GLY A 58 8.76 11.13 -14.02
C GLY A 58 8.66 11.35 -12.51
N LYS A 59 7.65 10.73 -11.91
CA LYS A 59 7.40 10.78 -10.47
C LYS A 59 6.61 9.55 -10.01
N VAL A 60 7.29 8.47 -9.66
CA VAL A 60 6.63 7.23 -9.24
C VAL A 60 7.56 6.75 -8.14
N PRO A 61 7.09 6.02 -7.12
CA PRO A 61 8.08 5.27 -6.35
C PRO A 61 8.74 4.14 -7.15
N VAL A 62 9.93 4.44 -7.66
CA VAL A 62 10.73 3.52 -8.47
C VAL A 62 11.67 2.76 -7.54
N VAL A 63 11.79 1.46 -7.78
CA VAL A 63 12.66 0.59 -7.00
C VAL A 63 13.95 0.36 -7.77
N LYS A 64 15.07 0.85 -7.27
CA LYS A 64 16.36 0.48 -7.87
C LYS A 64 16.73 -0.82 -7.17
N ILE A 65 17.01 -1.83 -7.96
CA ILE A 65 17.36 -3.16 -7.49
C ILE A 65 18.67 -3.49 -8.20
N ASP A 66 19.80 -3.13 -7.60
CA ASP A 66 21.13 -3.40 -8.15
C ASP A 66 21.28 -2.97 -9.61
N ASP A 67 21.01 -1.70 -9.84
CA ASP A 67 21.10 -1.05 -11.16
C ASP A 67 20.08 -1.56 -12.19
N LYS A 68 18.97 -2.11 -11.74
CA LYS A 68 17.83 -2.43 -12.62
C LYS A 68 16.70 -1.70 -11.94
N TRP A 69 15.77 -1.15 -12.69
CA TRP A 69 14.71 -0.33 -12.10
C TRP A 69 13.33 -0.86 -12.46
N VAL A 70 12.49 -0.97 -11.44
CA VAL A 70 11.17 -1.65 -11.51
C VAL A 70 10.18 -0.67 -10.89
N ALA A 71 9.02 -0.43 -11.50
CA ALA A 71 8.10 0.55 -10.96
C ALA A 71 6.58 0.35 -11.15
N ASP A 72 6.10 -0.42 -12.13
CA ASP A 72 4.66 -0.63 -12.26
C ASP A 72 4.21 -1.34 -10.99
N SER A 73 3.07 -0.95 -10.47
CA SER A 73 2.70 -1.33 -9.12
C SER A 73 2.55 -2.82 -8.90
N ASP A 74 2.15 -3.55 -9.93
CA ASP A 74 1.96 -4.99 -9.82
C ASP A 74 3.24 -5.78 -10.04
N VAL A 75 4.33 -5.14 -10.44
CA VAL A 75 5.61 -5.85 -10.53
C VAL A 75 6.50 -5.45 -9.37
N ILE A 76 6.10 -4.43 -8.64
CA ILE A 76 6.60 -4.22 -7.28
C ILE A 76 6.11 -5.42 -6.47
N VAL A 77 4.92 -5.89 -6.76
CA VAL A 77 4.42 -7.12 -6.13
C VAL A 77 5.10 -8.36 -6.73
N GLY A 78 5.34 -8.38 -8.04
CA GLY A 78 5.92 -9.56 -8.68
C GLY A 78 7.42 -9.63 -8.94
N ILE A 79 7.92 -8.88 -9.92
CA ILE A 79 9.33 -8.92 -10.33
C ILE A 79 10.27 -8.53 -9.17
N LEU A 80 9.90 -7.56 -8.35
CA LEU A 80 10.74 -7.19 -7.20
C LEU A 80 10.89 -8.39 -6.27
N GLU A 81 9.81 -9.12 -6.04
CA GLU A 81 9.92 -10.30 -5.18
C GLU A 81 10.71 -11.43 -5.83
N GLU A 82 10.63 -11.60 -7.14
CA GLU A 82 11.40 -12.67 -7.80
C GLU A 82 12.89 -12.36 -7.77
N LYS A 83 13.25 -11.09 -7.88
CA LYS A 83 14.65 -10.64 -7.93
C LYS A 83 15.20 -10.23 -6.57
N ASN A 84 14.41 -10.46 -5.54
CA ASN A 84 14.83 -10.22 -4.16
C ASN A 84 16.01 -11.15 -3.83
N PRO A 85 17.07 -10.66 -3.14
CA PRO A 85 18.09 -11.63 -2.70
C PRO A 85 17.59 -12.72 -1.73
N GLU A 86 16.57 -12.39 -0.94
CA GLU A 86 16.01 -13.27 0.08
C GLU A 86 15.03 -14.27 -0.57
N PRO A 87 14.55 -15.32 0.14
CA PRO A 87 13.65 -16.24 -0.57
C PRO A 87 12.38 -15.62 -1.19
N PRO A 88 12.03 -15.96 -2.45
CA PRO A 88 10.94 -15.28 -3.16
C PRO A 88 9.51 -15.84 -3.00
N LEU A 89 8.52 -14.96 -2.79
CA LEU A 89 7.11 -15.37 -2.60
C LEU A 89 6.04 -14.56 -3.35
N ALA A 90 6.25 -14.24 -4.63
CA ALA A 90 5.20 -13.64 -5.45
C ALA A 90 4.16 -14.68 -5.88
N THR A 91 3.20 -14.98 -5.01
CA THR A 91 2.17 -16.00 -5.22
C THR A 91 0.73 -15.43 -5.20
N PRO A 92 0.14 -15.10 -6.37
CA PRO A 92 -1.18 -14.44 -6.47
C PRO A 92 -2.47 -15.20 -6.92
N PRO A 93 -2.89 -16.28 -6.23
CA PRO A 93 -4.08 -17.02 -6.64
C PRO A 93 -5.41 -16.40 -6.16
N GLU A 94 -6.26 -17.15 -5.48
CA GLU A 94 -7.59 -16.68 -5.07
C GLU A 94 -7.52 -15.43 -4.20
N PHE A 95 -6.47 -15.28 -3.40
CA PHE A 95 -6.39 -14.11 -2.52
C PHE A 95 -6.26 -12.81 -3.30
N ALA A 96 -5.59 -12.89 -4.44
CA ALA A 96 -5.38 -11.73 -5.28
C ALA A 96 -6.67 -11.39 -6.03
N SER A 97 -7.46 -12.39 -6.37
CA SER A 97 -8.68 -12.13 -7.12
C SER A 97 -9.68 -11.45 -6.19
N VAL A 98 -9.68 -11.82 -4.93
CA VAL A 98 -10.49 -11.15 -3.91
C VAL A 98 -9.99 -9.73 -3.68
N GLY A 99 -8.68 -9.54 -3.54
CA GLY A 99 -8.17 -8.20 -3.29
C GLY A 99 -8.53 -7.22 -4.39
N SER A 100 -8.54 -7.71 -5.62
CA SER A 100 -8.92 -6.90 -6.78
C SER A 100 -10.41 -6.59 -6.90
N LYS A 101 -11.22 -7.08 -5.95
CA LYS A 101 -12.60 -6.63 -5.83
C LYS A 101 -12.77 -5.50 -4.81
N ILE A 102 -11.95 -5.54 -3.76
CA ILE A 102 -12.04 -4.54 -2.69
C ILE A 102 -11.30 -3.27 -3.08
N PHE A 103 -10.15 -3.44 -3.72
CA PHE A 103 -9.32 -2.31 -4.12
C PHE A 103 -10.02 -1.20 -4.90
N PRO A 104 -10.78 -1.51 -5.98
CA PRO A 104 -11.31 -0.33 -6.63
C PRO A 104 -12.39 0.41 -5.83
N SER A 105 -13.22 -0.32 -5.10
CA SER A 105 -14.32 0.30 -4.38
C SER A 105 -13.81 1.10 -3.18
N PHE A 106 -12.81 0.61 -2.46
CA PHE A 106 -12.38 1.38 -1.29
C PHE A 106 -11.69 2.68 -1.63
N VAL A 107 -11.01 2.74 -2.76
CA VAL A 107 -10.42 4.01 -3.18
C VAL A 107 -11.56 4.93 -3.56
N LYS A 108 -12.48 4.40 -4.37
CA LYS A 108 -13.55 5.21 -4.94
C LYS A 108 -14.47 5.80 -3.87
N PHE A 109 -14.86 5.03 -2.88
CA PHE A 109 -15.83 5.52 -1.90
C PHE A 109 -15.22 6.52 -0.92
N LEU A 110 -13.98 6.31 -0.49
CA LEU A 110 -13.34 7.24 0.45
C LEU A 110 -13.15 8.61 -0.20
N LYS A 111 -12.88 8.60 -1.50
CA LYS A 111 -12.65 9.80 -2.31
C LYS A 111 -13.96 10.53 -2.64
N SER A 112 -15.09 10.01 -2.17
CA SER A 112 -16.40 10.43 -2.67
C SER A 112 -17.37 11.00 -1.63
N LYS A 113 -17.70 12.29 -1.76
CA LYS A 113 -18.75 12.92 -0.94
C LYS A 113 -20.12 12.75 -1.61
N ASP A 114 -20.40 11.50 -1.97
CA ASP A 114 -21.69 11.07 -2.49
C ASP A 114 -22.48 10.69 -1.23
N PRO A 115 -23.81 10.43 -1.31
CA PRO A 115 -24.54 9.93 -0.14
C PRO A 115 -24.30 8.44 0.21
N ASN A 116 -23.02 8.08 0.29
CA ASN A 116 -22.55 6.72 0.54
C ASN A 116 -22.72 6.29 1.99
N ASP A 117 -23.77 5.53 2.26
CA ASP A 117 -23.88 4.81 3.53
C ASP A 117 -24.27 3.37 3.22
N GLY A 118 -25.26 3.20 2.34
CA GLY A 118 -25.50 1.90 1.77
C GLY A 118 -24.34 1.46 0.88
N THR A 119 -23.76 2.40 0.16
CA THR A 119 -22.57 2.15 -0.65
C THR A 119 -21.33 1.91 0.22
N GLU A 120 -21.24 2.50 1.40
CA GLU A 120 -20.13 2.15 2.29
C GLU A 120 -20.34 0.75 2.86
N GLN A 121 -21.59 0.33 3.00
CA GLN A 121 -21.90 -1.06 3.33
C GLN A 121 -21.71 -1.99 2.11
N ALA A 122 -21.52 -1.46 0.90
CA ALA A 122 -21.10 -2.31 -0.20
C ALA A 122 -19.61 -2.63 -0.03
N LEU A 123 -18.84 -1.68 0.50
CA LEU A 123 -17.46 -1.96 0.88
C LEU A 123 -17.39 -2.93 2.07
N LEU A 124 -18.35 -2.84 2.99
CA LEU A 124 -18.45 -3.81 4.09
C LEU A 124 -18.54 -5.21 3.49
N GLU A 125 -19.37 -5.38 2.48
CA GLU A 125 -19.53 -6.66 1.79
C GLU A 125 -18.30 -7.11 0.99
N GLU A 126 -17.45 -6.21 0.52
CA GLU A 126 -16.21 -6.63 -0.14
C GLU A 126 -15.20 -7.07 0.91
N LEU A 127 -15.20 -6.39 2.04
CA LEU A 127 -14.32 -6.75 3.14
C LEU A 127 -14.85 -8.01 3.82
N LYS A 128 -16.12 -8.34 3.66
CA LYS A 128 -16.65 -9.62 4.12
C LYS A 128 -16.09 -10.77 3.33
N ALA A 129 -15.75 -10.57 2.06
CA ALA A 129 -15.15 -11.65 1.28
C ALA A 129 -13.78 -11.95 1.87
N LEU A 130 -13.06 -10.88 2.21
CA LEU A 130 -11.76 -11.02 2.86
C LEU A 130 -11.90 -11.67 4.22
N ASP A 131 -12.89 -11.24 4.99
CA ASP A 131 -13.15 -11.78 6.33
C ASP A 131 -13.46 -13.27 6.27
N GLY A 132 -14.14 -13.67 5.21
CA GLY A 132 -14.44 -15.07 4.97
C GLY A 132 -13.22 -15.93 4.71
N HIS A 133 -12.35 -15.53 3.80
CA HIS A 133 -11.15 -16.34 3.52
C HIS A 133 -10.22 -16.34 4.73
N LEU A 134 -10.15 -15.22 5.43
CA LEU A 134 -9.36 -15.15 6.66
C LEU A 134 -9.91 -16.09 7.75
N LYS A 135 -11.21 -16.16 7.95
CA LYS A 135 -11.75 -17.07 8.98
C LYS A 135 -11.70 -18.55 8.58
N VAL A 136 -11.76 -18.84 7.30
CA VAL A 136 -11.66 -20.21 6.81
C VAL A 136 -10.21 -20.71 7.02
N HIS A 137 -9.21 -19.89 6.68
CA HIS A 137 -7.81 -20.30 6.87
C HIS A 137 -7.22 -20.14 8.27
N GLY A 138 -7.30 -18.94 8.83
CA GLY A 138 -6.67 -18.62 10.12
C GLY A 138 -5.61 -17.51 10.11
N PRO A 139 -4.46 -17.62 9.41
CA PRO A 139 -3.39 -16.63 9.27
C PRO A 139 -3.72 -15.28 8.59
N PHE A 140 -2.68 -14.58 8.17
CA PHE A 140 -2.77 -13.47 7.21
C PHE A 140 -3.47 -13.88 5.89
N ILE A 141 -3.70 -12.93 4.99
CA ILE A 141 -4.49 -13.14 3.77
C ILE A 141 -3.99 -14.31 2.91
N ALA A 142 -2.68 -14.54 2.90
CA ALA A 142 -2.09 -15.62 2.12
C ALA A 142 -2.38 -17.03 2.65
N GLY A 143 -2.93 -17.13 3.85
CA GLY A 143 -3.20 -18.42 4.43
C GLY A 143 -2.03 -19.12 5.09
N GLU A 144 -0.84 -18.50 5.16
CA GLU A 144 0.23 -18.98 6.05
C GLU A 144 0.94 -17.85 6.81
N LYS A 145 1.41 -16.82 6.10
CA LYS A 145 2.19 -15.71 6.67
C LYS A 145 2.20 -14.52 5.71
N ILE A 146 2.88 -13.42 6.01
CA ILE A 146 3.00 -12.28 5.08
C ILE A 146 3.68 -12.72 3.77
N THR A 147 2.95 -12.59 2.68
CA THR A 147 3.35 -13.05 1.34
C THR A 147 3.06 -11.89 0.38
N ALA A 148 3.36 -11.97 -0.90
CA ALA A 148 3.08 -10.87 -1.83
C ALA A 148 1.62 -10.41 -1.95
N VAL A 149 0.64 -11.21 -1.57
CA VAL A 149 -0.76 -10.78 -1.54
C VAL A 149 -1.04 -9.85 -0.35
N ASP A 150 -0.17 -9.89 0.66
CA ASP A 150 -0.24 -8.89 1.73
C ASP A 150 0.42 -7.62 1.22
N LEU A 151 1.50 -7.78 0.46
CA LEU A 151 2.24 -6.62 -0.05
C LEU A 151 1.38 -5.84 -1.03
N SER A 152 0.47 -6.51 -1.71
CA SER A 152 -0.43 -5.83 -2.63
C SER A 152 -1.57 -5.09 -1.96
N LEU A 153 -2.10 -5.63 -0.86
CA LEU A 153 -3.30 -5.07 -0.21
C LEU A 153 -3.08 -4.32 1.10
N ALA A 154 -2.32 -4.87 2.03
CA ALA A 154 -2.09 -4.23 3.33
C ALA A 154 -1.56 -2.78 3.29
N PRO A 155 -0.63 -2.44 2.37
CA PRO A 155 -0.26 -1.03 2.43
C PRO A 155 -1.34 -0.08 1.93
N LYS A 156 -2.18 -0.54 1.01
CA LYS A 156 -3.27 0.29 0.51
C LYS A 156 -4.33 0.41 1.59
N LEU A 157 -4.45 -0.61 2.42
CA LEU A 157 -5.35 -0.57 3.58
C LEU A 157 -4.89 0.41 4.67
N TYR A 158 -3.60 0.71 4.75
CA TYR A 158 -3.16 1.80 5.63
C TYR A 158 -3.67 3.15 5.12
N HIS A 159 -3.45 3.41 3.83
CA HIS A 159 -3.94 4.63 3.18
C HIS A 159 -5.45 4.76 3.35
N LEU A 160 -6.15 3.64 3.20
CA LEU A 160 -7.59 3.63 3.33
C LEU A 160 -8.03 4.14 4.70
N GLU A 161 -7.64 3.47 5.78
CA GLU A 161 -8.22 3.81 7.08
C GLU A 161 -7.81 5.18 7.60
N VAL A 162 -6.61 5.64 7.30
CA VAL A 162 -6.20 6.97 7.77
C VAL A 162 -7.01 8.05 7.05
N ALA A 163 -7.20 7.93 5.74
CA ALA A 163 -7.94 8.95 5.00
C ALA A 163 -9.46 8.84 5.21
N LEU A 164 -9.98 7.61 5.17
CA LEU A 164 -11.41 7.36 5.34
C LEU A 164 -11.82 7.81 6.74
N GLY A 165 -10.97 7.56 7.72
CA GLY A 165 -11.24 7.98 9.08
C GLY A 165 -11.38 9.49 9.23
N HIS A 166 -10.67 10.26 8.43
CA HIS A 166 -10.82 11.71 8.51
C HIS A 166 -12.02 12.22 7.74
N PHE A 167 -12.16 11.79 6.50
CA PHE A 167 -13.13 12.40 5.59
C PHE A 167 -14.54 11.81 5.68
N LYS A 168 -14.64 10.48 5.75
CA LYS A 168 -15.91 9.75 5.66
C LYS A 168 -15.94 8.68 6.75
N ASN A 169 -15.83 9.11 8.00
CA ASN A 169 -15.31 8.31 9.12
C ASN A 169 -15.93 6.91 9.27
N TRP A 170 -15.16 5.91 8.86
CA TRP A 170 -15.52 4.49 8.88
C TRP A 170 -14.20 3.72 9.11
N PRO A 171 -13.91 3.30 10.36
CA PRO A 171 -12.82 2.35 10.46
C PRO A 171 -13.28 0.97 10.00
N ILE A 172 -12.39 -0.01 9.87
CA ILE A 172 -12.85 -1.37 9.58
C ILE A 172 -13.57 -1.85 10.86
N PRO A 173 -14.89 -2.16 10.76
CA PRO A 173 -15.65 -2.46 11.99
C PRO A 173 -15.52 -3.90 12.49
N ASP A 174 -15.97 -4.15 13.72
CA ASP A 174 -15.91 -5.50 14.32
C ASP A 174 -16.91 -6.51 13.76
N ASN A 175 -17.66 -6.11 12.75
CA ASN A 175 -18.45 -7.04 11.97
C ASN A 175 -17.52 -7.92 11.13
N LEU A 176 -16.32 -7.39 10.89
CA LEU A 176 -15.28 -8.04 10.10
C LEU A 176 -14.09 -8.24 11.05
N THR A 177 -14.30 -8.99 12.13
CA THR A 177 -13.31 -9.06 13.21
C THR A 177 -12.02 -9.74 12.75
N HIS A 178 -12.05 -10.52 11.68
CA HIS A 178 -10.82 -11.14 11.22
C HIS A 178 -10.01 -10.12 10.43
N VAL A 179 -10.68 -9.21 9.72
CA VAL A 179 -9.97 -8.13 9.01
C VAL A 179 -9.47 -7.10 10.03
N LEU A 180 -10.26 -6.87 11.06
CA LEU A 180 -9.88 -6.00 12.16
C LEU A 180 -8.61 -6.52 12.84
N ASN A 181 -8.56 -7.81 13.17
CA ASN A 181 -7.34 -8.41 13.70
C ASN A 181 -6.18 -8.41 12.70
N TYR A 182 -6.46 -8.68 11.43
CA TYR A 182 -5.43 -8.68 10.38
C TYR A 182 -4.70 -7.34 10.32
N ILE A 183 -5.43 -6.25 10.22
CA ILE A 183 -4.78 -4.95 10.14
C ILE A 183 -4.23 -4.51 11.51
N LYS A 184 -4.80 -4.98 12.62
CA LYS A 184 -4.28 -4.66 13.97
C LYS A 184 -2.89 -5.25 14.18
N LEU A 185 -2.71 -6.49 13.74
CA LEU A 185 -1.41 -7.14 13.87
C LEU A 185 -0.39 -6.38 13.03
N LEU A 186 -0.79 -5.96 11.85
CA LEU A 186 0.09 -5.19 10.98
C LEU A 186 0.41 -3.81 11.57
N PHE A 187 -0.55 -3.17 12.22
CA PHE A 187 -0.33 -1.87 12.84
C PHE A 187 0.79 -1.86 13.89
N SER A 188 1.05 -3.02 14.48
CA SER A 188 2.18 -3.21 15.39
C SER A 188 3.09 -4.34 14.89
N ARG A 189 3.30 -4.40 13.58
CA ARG A 189 4.33 -5.26 12.96
C ARG A 189 5.44 -4.31 12.59
N GLU A 190 6.69 -4.66 12.84
CA GLU A 190 7.81 -3.75 12.67
C GLU A 190 7.97 -3.15 11.27
N SER A 191 7.84 -3.95 10.22
CA SER A 191 7.92 -3.41 8.86
C SER A 191 6.85 -2.35 8.61
N PHE A 192 5.62 -2.65 8.97
CA PHE A 192 4.51 -1.76 8.67
C PHE A 192 4.59 -0.50 9.53
N LYS A 193 4.88 -0.68 10.82
CA LYS A 193 5.02 0.43 11.75
C LYS A 193 6.16 1.38 11.36
N LYS A 194 7.24 0.87 10.77
CA LYS A 194 8.32 1.74 10.31
C LYS A 194 7.98 2.49 9.02
N THR A 195 7.35 1.79 8.08
CA THR A 195 7.18 2.30 6.72
C THR A 195 5.93 3.13 6.49
N ARG A 196 5.10 3.24 7.53
CA ARG A 196 3.83 3.97 7.44
C ARG A 196 3.97 5.42 7.01
N ALA A 197 3.06 5.86 6.15
CA ALA A 197 3.03 7.25 5.71
C ALA A 197 2.53 8.12 6.87
N ALA A 198 2.93 9.38 6.88
CA ALA A 198 2.57 10.29 7.96
C ALA A 198 1.10 10.69 7.85
N GLU A 199 0.34 10.61 8.93
CA GLU A 199 -1.11 10.78 8.82
C GLU A 199 -1.59 12.13 8.31
N GLU A 200 -0.95 13.23 8.68
CA GLU A 200 -1.42 14.53 8.18
C GLU A 200 -1.15 14.66 6.69
N HIS A 201 -0.20 13.89 6.19
CA HIS A 201 0.19 13.94 4.78
C HIS A 201 -0.50 12.85 3.96
N VAL A 202 -1.08 11.86 4.63
CA VAL A 202 -2.07 11.00 3.99
C VAL A 202 -3.29 11.87 3.72
N ILE A 203 -3.78 12.55 4.74
CA ILE A 203 -5.04 13.28 4.65
C ILE A 203 -4.92 14.51 3.73
N ALA A 204 -3.95 15.39 4.00
CA ALA A 204 -3.79 16.58 3.19
C ALA A 204 -3.10 16.30 1.85
N GLY A 205 -2.70 15.05 1.63
CA GLY A 205 -2.23 14.60 0.33
C GLY A 205 -3.33 14.02 -0.53
N TRP A 206 -4.45 13.65 0.06
CA TRP A 206 -5.57 13.06 -0.66
C TRP A 206 -6.74 14.04 -0.82
N GLU A 207 -7.13 14.67 0.28
CA GLU A 207 -8.25 15.59 0.28
C GLU A 207 -8.18 16.82 -0.65
N PRO A 208 -6.99 17.35 -1.04
CA PRO A 208 -7.15 18.43 -2.04
C PRO A 208 -7.68 17.98 -3.40
N LYS A 209 -7.63 16.70 -3.73
CA LYS A 209 -8.20 16.24 -5.00
C LYS A 209 -9.67 15.87 -4.82
N VAL A 210 -10.05 15.64 -3.57
CA VAL A 210 -11.41 15.28 -3.18
C VAL A 210 -12.28 16.53 -3.07
N ASN A 211 -11.80 17.56 -2.39
CA ASN A 211 -12.59 18.78 -2.13
C ASN A 211 -12.16 20.04 -2.88
N ALA A 212 -11.20 19.92 -3.79
CA ALA A 212 -10.73 21.04 -4.59
C ALA A 212 -10.25 20.46 -5.93
N MET A 1 22.60 -6.97 -4.51
CA MET A 1 23.50 -6.43 -3.46
C MET A 1 22.86 -5.26 -2.74
N ALA A 2 22.57 -4.16 -3.43
CA ALA A 2 22.01 -2.98 -2.78
C ALA A 2 21.05 -2.34 -3.77
N LEU A 3 19.95 -1.81 -3.25
CA LEU A 3 18.86 -1.32 -4.07
C LEU A 3 18.64 0.14 -3.75
N GLU A 4 18.42 0.98 -4.74
CA GLU A 4 18.12 2.39 -4.51
C GLU A 4 16.61 2.53 -4.67
N ILE A 5 15.99 3.19 -3.71
CA ILE A 5 14.54 3.14 -3.57
C ILE A 5 14.04 4.57 -3.57
N CYS A 6 13.62 5.06 -4.72
CA CYS A 6 13.16 6.44 -4.82
C CYS A 6 11.65 6.43 -4.75
N VAL A 7 11.08 7.06 -3.72
CA VAL A 7 9.64 7.04 -3.48
C VAL A 7 9.14 8.47 -3.29
N LYS A 8 7.83 8.69 -3.36
CA LYS A 8 7.26 10.04 -3.25
C LYS A 8 7.41 10.62 -1.84
N ALA A 9 7.85 11.87 -1.74
CA ALA A 9 7.90 12.60 -0.46
C ALA A 9 6.49 12.95 0.02
N ALA A 10 6.36 13.34 1.27
CA ALA A 10 5.12 13.89 1.78
C ALA A 10 4.82 15.23 1.12
N VAL A 11 3.55 15.53 0.87
CA VAL A 11 3.16 16.81 0.28
C VAL A 11 3.57 17.93 1.23
N GLY A 12 4.35 18.87 0.74
CA GLY A 12 4.88 19.96 1.55
C GLY A 12 6.15 19.64 2.31
N ALA A 13 6.53 18.39 2.42
CA ALA A 13 7.65 17.96 3.28
C ALA A 13 8.58 16.90 2.66
N PRO A 14 9.63 17.33 1.93
CA PRO A 14 10.75 16.41 1.66
C PRO A 14 11.59 16.07 2.89
N ASN A 15 11.01 15.20 3.72
CA ASN A 15 11.62 14.75 4.96
C ASN A 15 11.18 13.33 5.29
N ILE A 16 9.92 13.02 5.01
CA ILE A 16 9.33 11.73 5.30
C ILE A 16 8.52 11.33 4.06
N LEU A 17 8.35 10.03 3.84
CA LEU A 17 7.60 9.53 2.69
C LEU A 17 6.11 9.89 2.75
N GLY A 18 5.51 10.00 1.57
CA GLY A 18 4.15 10.46 1.44
C GLY A 18 3.13 9.50 0.89
N ASP A 19 1.95 10.05 0.70
CA ASP A 19 0.83 9.30 0.14
C ASP A 19 0.93 9.14 -1.37
N CYS A 20 1.15 7.90 -1.76
CA CYS A 20 0.88 7.42 -3.10
C CYS A 20 0.41 6.02 -2.72
N PRO A 21 -0.54 5.40 -3.46
CA PRO A 21 -0.99 4.06 -3.07
C PRO A 21 0.12 3.03 -3.05
N PHE A 22 1.04 3.19 -3.99
CA PHE A 22 2.07 2.20 -4.26
C PHE A 22 3.35 2.52 -3.51
N CYS A 23 3.35 3.63 -2.76
CA CYS A 23 4.56 4.13 -2.12
C CYS A 23 5.17 3.08 -1.19
N GLN A 24 4.31 2.40 -0.45
CA GLN A 24 4.75 1.35 0.45
C GLN A 24 4.74 -0.05 -0.14
N ARG A 25 4.35 -0.24 -1.41
CA ARG A 25 4.36 -1.59 -2.00
C ARG A 25 5.79 -2.11 -2.04
N VAL A 26 6.68 -1.23 -2.48
CA VAL A 26 8.10 -1.55 -2.48
C VAL A 26 8.59 -1.64 -1.02
N LEU A 27 8.23 -0.64 -0.21
CA LEU A 27 8.79 -0.55 1.13
C LEU A 27 8.46 -1.71 2.06
N LEU A 28 7.24 -2.23 2.04
CA LEU A 28 6.89 -3.35 2.90
C LEU A 28 7.70 -4.59 2.52
N SER A 29 7.87 -4.78 1.23
CA SER A 29 8.56 -5.96 0.71
C SER A 29 10.00 -5.98 1.19
N LEU A 30 10.62 -4.80 1.20
CA LEU A 30 11.98 -4.64 1.71
C LEU A 30 12.05 -4.81 3.21
N GLU A 31 11.09 -4.22 3.92
CA GLU A 31 11.21 -4.02 5.37
C GLU A 31 11.03 -5.28 6.19
N GLU A 32 10.19 -6.21 5.76
CA GLU A 32 10.06 -7.44 6.54
C GLU A 32 11.24 -8.36 6.29
N LYS A 33 11.75 -8.35 5.07
CA LYS A 33 12.92 -9.16 4.73
C LYS A 33 14.21 -8.49 5.21
N LYS A 34 14.12 -7.21 5.55
CA LYS A 34 15.21 -6.40 6.13
C LYS A 34 16.47 -6.38 5.28
N ILE A 35 16.29 -6.45 3.97
CA ILE A 35 17.42 -6.43 3.04
C ILE A 35 17.96 -4.99 2.97
N PRO A 36 19.25 -4.82 2.62
CA PRO A 36 19.71 -3.43 2.59
C PRO A 36 19.19 -2.63 1.40
N TYR A 37 19.03 -1.33 1.59
CA TYR A 37 18.57 -0.45 0.52
C TYR A 37 19.06 0.96 0.79
N LYS A 38 18.87 1.86 -0.16
CA LYS A 38 19.18 3.29 -0.05
C LYS A 38 17.93 4.09 -0.41
N SER A 39 17.15 4.47 0.58
CA SER A 39 15.90 5.18 0.33
C SER A 39 16.18 6.63 -0.01
N HIS A 40 15.43 7.15 -0.98
CA HIS A 40 15.49 8.53 -1.40
C HIS A 40 14.06 9.02 -1.58
N LEU A 41 13.81 10.27 -1.24
CA LEU A 41 12.47 10.82 -1.43
C LEU A 41 12.51 11.77 -2.61
N ILE A 42 11.63 11.57 -3.58
CA ILE A 42 11.54 12.42 -4.75
C ILE A 42 10.70 13.61 -4.30
N ASN A 43 11.22 14.81 -4.39
CA ASN A 43 10.53 16.01 -3.89
C ASN A 43 9.44 16.53 -4.84
N LEU A 44 8.36 15.77 -4.95
CA LEU A 44 7.07 16.23 -5.47
C LEU A 44 7.16 16.88 -6.84
N GLY A 45 7.81 16.20 -7.77
CA GLY A 45 7.97 16.73 -9.12
C GLY A 45 9.22 17.55 -9.32
N ASP A 46 10.10 17.55 -8.33
CA ASP A 46 11.52 17.74 -8.59
C ASP A 46 11.99 16.47 -9.28
N LYS A 47 12.23 16.57 -10.57
CA LYS A 47 12.54 15.43 -11.43
C LYS A 47 13.67 15.79 -12.38
N PRO A 48 14.93 15.63 -11.92
CA PRO A 48 16.04 15.84 -12.86
C PRO A 48 15.97 14.84 -14.00
N GLN A 49 16.82 14.98 -15.02
CA GLN A 49 16.93 14.00 -16.10
C GLN A 49 17.15 12.62 -15.50
N TRP A 50 17.92 12.54 -14.42
CA TRP A 50 18.10 11.29 -13.68
C TRP A 50 16.79 10.63 -13.23
N PHE A 51 15.91 11.34 -12.55
CA PHE A 51 14.66 10.73 -12.11
C PHE A 51 13.72 10.55 -13.28
N LEU A 52 13.77 11.39 -14.30
CA LEU A 52 12.91 11.21 -15.47
C LEU A 52 13.28 9.93 -16.22
N GLU A 53 14.56 9.59 -16.26
CA GLU A 53 15.01 8.35 -16.88
C GLU A 53 14.67 7.09 -16.10
N ILE A 54 14.40 7.23 -14.81
CA ILE A 54 14.11 6.10 -13.93
C ILE A 54 12.60 5.94 -13.71
N SER A 55 11.91 7.06 -13.60
CA SER A 55 10.51 7.09 -13.18
C SER A 55 9.65 7.71 -14.29
N PRO A 56 8.64 7.00 -14.82
CA PRO A 56 7.88 7.57 -15.95
C PRO A 56 7.12 8.87 -15.71
N GLU A 57 6.66 9.15 -14.49
CA GLU A 57 6.02 10.44 -14.18
C GLU A 57 7.04 11.39 -13.55
N GLY A 58 8.27 10.91 -13.44
CA GLY A 58 9.30 11.58 -12.65
C GLY A 58 9.20 11.29 -11.17
N LYS A 59 7.98 11.05 -10.70
CA LYS A 59 7.69 10.74 -9.29
C LYS A 59 6.63 9.65 -9.12
N VAL A 60 7.02 8.42 -9.42
CA VAL A 60 6.28 7.24 -8.98
C VAL A 60 7.28 6.50 -8.11
N PRO A 61 6.83 5.67 -7.15
CA PRO A 61 7.87 4.88 -6.49
C PRO A 61 8.46 3.87 -7.46
N VAL A 62 9.76 3.67 -7.36
CA VAL A 62 10.49 2.76 -8.25
C VAL A 62 11.38 1.87 -7.41
N VAL A 63 11.85 0.79 -7.99
CA VAL A 63 12.84 -0.06 -7.35
C VAL A 63 14.03 -0.13 -8.29
N LYS A 64 15.16 0.44 -7.88
CA LYS A 64 16.38 0.40 -8.69
C LYS A 64 17.24 -0.70 -8.08
N ILE A 65 17.03 -1.90 -8.57
CA ILE A 65 17.63 -3.12 -8.03
C ILE A 65 18.98 -3.31 -8.74
N ASP A 66 20.07 -3.01 -8.06
CA ASP A 66 21.43 -3.16 -8.62
C ASP A 66 21.56 -2.43 -9.95
N ASP A 67 21.19 -1.15 -9.94
CA ASP A 67 21.34 -0.23 -11.07
C ASP A 67 20.60 -0.61 -12.35
N LYS A 68 19.47 -1.29 -12.16
CA LYS A 68 18.51 -1.64 -13.21
C LYS A 68 17.23 -1.23 -12.52
N TRP A 69 16.16 -0.82 -13.19
CA TRP A 69 14.99 -0.33 -12.45
C TRP A 69 13.64 -0.63 -13.06
N VAL A 70 12.65 -0.76 -12.19
CA VAL A 70 11.27 -1.07 -12.56
C VAL A 70 10.31 -0.12 -11.85
N ALA A 71 9.17 0.18 -12.47
CA ALA A 71 8.27 1.24 -12.03
C ALA A 71 6.76 0.97 -12.08
N ASP A 72 6.30 -0.09 -12.74
CA ASP A 72 4.87 -0.36 -12.82
C ASP A 72 4.36 -0.77 -11.42
N SER A 73 3.16 -0.35 -11.07
CA SER A 73 2.67 -0.48 -9.69
C SER A 73 2.60 -1.91 -9.14
N ASP A 74 2.42 -2.91 -9.99
CA ASP A 74 2.41 -4.30 -9.54
C ASP A 74 3.85 -4.83 -9.43
N VAL A 75 4.73 -4.41 -10.33
CA VAL A 75 6.03 -5.06 -10.47
C VAL A 75 7.04 -4.54 -9.47
N ILE A 76 6.73 -3.40 -8.85
CA ILE A 76 7.52 -2.94 -7.71
C ILE A 76 7.28 -3.82 -6.48
N VAL A 77 6.34 -4.76 -6.56
CA VAL A 77 6.33 -5.93 -5.69
C VAL A 77 6.90 -7.13 -6.46
N GLY A 78 6.35 -7.43 -7.64
CA GLY A 78 6.70 -8.66 -8.32
C GLY A 78 8.14 -8.89 -8.75
N ILE A 79 8.78 -7.91 -9.38
CA ILE A 79 10.16 -8.05 -9.84
C ILE A 79 11.07 -7.77 -8.65
N LEU A 80 10.62 -6.97 -7.70
CA LEU A 80 11.36 -6.82 -6.45
C LEU A 80 11.46 -8.17 -5.75
N GLU A 81 10.39 -8.93 -5.69
CA GLU A 81 10.44 -10.28 -5.14
C GLU A 81 11.32 -11.19 -6.02
N GLU A 82 11.20 -11.08 -7.34
CA GLU A 82 11.97 -11.94 -8.25
C GLU A 82 13.47 -11.79 -8.04
N LYS A 83 13.91 -10.58 -7.75
CA LYS A 83 15.33 -10.30 -7.55
C LYS A 83 15.67 -10.07 -6.08
N ASN A 84 14.79 -10.47 -5.18
CA ASN A 84 15.02 -10.31 -3.76
C ASN A 84 16.07 -11.33 -3.29
N PRO A 85 17.10 -10.91 -2.55
CA PRO A 85 18.01 -11.98 -2.12
C PRO A 85 17.45 -12.94 -1.07
N GLU A 86 16.32 -12.61 -0.44
CA GLU A 86 15.71 -13.47 0.58
C GLU A 86 14.36 -13.97 0.08
N PRO A 87 13.94 -15.18 0.50
CA PRO A 87 13.10 -15.99 -0.40
C PRO A 87 11.74 -15.38 -0.77
N PRO A 88 11.48 -15.19 -2.08
CA PRO A 88 10.22 -14.56 -2.44
C PRO A 88 8.99 -15.46 -2.47
N LEU A 89 7.83 -14.84 -2.41
CA LEU A 89 6.54 -15.51 -2.63
C LEU A 89 5.60 -14.61 -3.45
N ALA A 90 5.98 -14.36 -4.69
CA ALA A 90 5.15 -13.59 -5.61
C ALA A 90 4.07 -14.45 -6.27
N THR A 91 3.15 -15.01 -5.48
CA THR A 91 2.08 -15.86 -6.01
C THR A 91 0.68 -15.28 -5.76
N PRO A 92 0.01 -14.71 -6.79
CA PRO A 92 -1.34 -14.16 -6.71
C PRO A 92 -2.56 -15.01 -7.20
N PRO A 93 -2.78 -16.25 -6.74
CA PRO A 93 -4.03 -16.92 -7.17
C PRO A 93 -5.32 -16.44 -6.45
N GLU A 94 -5.96 -17.27 -5.64
CA GLU A 94 -7.25 -16.98 -5.02
C GLU A 94 -7.24 -15.75 -4.13
N PHE A 95 -6.13 -15.51 -3.45
CA PHE A 95 -6.06 -14.38 -2.53
C PHE A 95 -6.19 -13.06 -3.30
N ALA A 96 -5.69 -13.04 -4.53
CA ALA A 96 -5.71 -11.83 -5.34
C ALA A 96 -7.10 -11.55 -5.90
N SER A 97 -7.93 -12.57 -6.06
CA SER A 97 -9.27 -12.30 -6.57
C SER A 97 -10.05 -11.61 -5.47
N VAL A 98 -9.83 -12.01 -4.23
CA VAL A 98 -10.45 -11.36 -3.08
C VAL A 98 -9.91 -9.94 -2.95
N GLY A 99 -8.59 -9.79 -2.98
CA GLY A 99 -7.99 -8.48 -2.82
C GLY A 99 -8.38 -7.48 -3.89
N SER A 100 -8.49 -7.91 -5.12
CA SER A 100 -8.86 -7.03 -6.23
C SER A 100 -10.33 -6.66 -6.29
N LYS A 101 -11.20 -7.30 -5.50
CA LYS A 101 -12.56 -6.78 -5.35
C LYS A 101 -12.56 -5.61 -4.38
N ILE A 102 -11.75 -5.74 -3.35
CA ILE A 102 -11.72 -4.78 -2.24
C ILE A 102 -11.06 -3.49 -2.71
N PHE A 103 -9.91 -3.63 -3.36
CA PHE A 103 -9.04 -2.51 -3.70
C PHE A 103 -9.73 -1.33 -4.44
N PRO A 104 -10.44 -1.57 -5.56
CA PRO A 104 -11.04 -0.37 -6.15
C PRO A 104 -12.26 0.17 -5.40
N SER A 105 -12.92 -0.67 -4.62
CA SER A 105 -14.17 -0.29 -3.96
C SER A 105 -13.95 0.78 -2.90
N PHE A 106 -12.86 0.68 -2.14
CA PHE A 106 -12.65 1.66 -1.08
C PHE A 106 -11.96 2.93 -1.53
N VAL A 107 -11.19 2.91 -2.62
CA VAL A 107 -10.60 4.15 -3.11
C VAL A 107 -11.71 4.99 -3.74
N LYS A 108 -12.67 4.30 -4.35
CA LYS A 108 -13.88 4.93 -4.87
C LYS A 108 -14.70 5.54 -3.75
N PHE A 109 -14.87 4.81 -2.66
CA PHE A 109 -15.66 5.30 -1.55
C PHE A 109 -15.09 6.56 -0.91
N LEU A 110 -13.77 6.68 -0.77
CA LEU A 110 -13.20 7.94 -0.28
C LEU A 110 -13.42 9.06 -1.29
N LYS A 111 -13.14 8.80 -2.56
CA LYS A 111 -13.18 9.85 -3.58
C LYS A 111 -14.60 10.33 -3.84
N SER A 112 -15.57 9.50 -3.52
CA SER A 112 -16.98 9.84 -3.69
C SER A 112 -17.60 10.52 -2.47
N LYS A 113 -18.39 11.55 -2.72
CA LYS A 113 -19.21 12.21 -1.70
C LYS A 113 -20.63 12.26 -2.21
N ASP A 114 -20.95 11.25 -3.00
CA ASP A 114 -22.32 10.96 -3.45
C ASP A 114 -23.08 10.54 -2.18
N PRO A 115 -24.43 10.37 -2.20
CA PRO A 115 -25.12 9.81 -1.01
C PRO A 115 -24.87 8.31 -0.77
N ASN A 116 -23.60 7.99 -0.58
CA ASN A 116 -23.07 6.65 -0.42
C ASN A 116 -23.64 5.93 0.79
N ASP A 117 -24.25 4.78 0.56
CA ASP A 117 -24.69 3.90 1.64
C ASP A 117 -24.72 2.46 1.14
N GLY A 118 -25.23 2.25 -0.06
CA GLY A 118 -25.10 0.95 -0.70
C GLY A 118 -23.64 0.68 -0.99
N THR A 119 -22.91 1.69 -1.40
CA THR A 119 -21.47 1.56 -1.64
C THR A 119 -20.66 1.48 -0.34
N GLU A 120 -21.26 1.89 0.77
CA GLU A 120 -20.62 1.73 2.08
C GLU A 120 -20.76 0.28 2.49
N GLN A 121 -21.91 -0.29 2.19
CA GLN A 121 -22.17 -1.68 2.49
C GLN A 121 -21.53 -2.59 1.44
N ALA A 122 -21.10 -2.02 0.32
CA ALA A 122 -20.19 -2.72 -0.58
C ALA A 122 -18.83 -2.89 0.11
N LEU A 123 -18.37 -1.91 0.89
CA LEU A 123 -17.10 -2.07 1.59
C LEU A 123 -17.23 -3.19 2.59
N LEU A 124 -18.36 -3.18 3.26
CA LEU A 124 -18.68 -4.21 4.24
C LEU A 124 -18.68 -5.57 3.55
N GLU A 125 -19.28 -5.67 2.37
CA GLU A 125 -19.35 -6.92 1.62
C GLU A 125 -18.02 -7.40 1.03
N GLU A 126 -17.19 -6.54 0.46
CA GLU A 126 -15.95 -7.05 -0.11
C GLU A 126 -15.00 -7.45 1.02
N LEU A 127 -15.08 -6.73 2.12
CA LEU A 127 -14.30 -7.10 3.29
C LEU A 127 -14.96 -8.27 4.02
N LYS A 128 -16.21 -8.58 3.77
CA LYS A 128 -16.83 -9.81 4.32
C LYS A 128 -16.24 -11.02 3.61
N ALA A 129 -15.91 -10.88 2.34
CA ALA A 129 -15.21 -11.95 1.62
C ALA A 129 -13.82 -12.11 2.23
N LEU A 130 -13.17 -11.00 2.57
CA LEU A 130 -11.88 -11.06 3.25
C LEU A 130 -12.02 -11.70 4.63
N ASP A 131 -13.05 -11.32 5.38
CA ASP A 131 -13.29 -11.85 6.73
C ASP A 131 -13.52 -13.35 6.67
N GLY A 132 -14.22 -13.80 5.64
CA GLY A 132 -14.44 -15.21 5.43
C GLY A 132 -13.14 -15.92 5.12
N HIS A 133 -12.39 -15.40 4.17
CA HIS A 133 -11.11 -16.01 3.79
C HIS A 133 -10.11 -16.04 4.94
N LEU A 134 -10.08 -14.98 5.73
CA LEU A 134 -9.21 -14.95 6.90
C LEU A 134 -9.70 -15.92 7.97
N LYS A 135 -10.99 -16.06 8.21
CA LYS A 135 -11.43 -16.96 9.28
C LYS A 135 -11.28 -18.44 8.96
N VAL A 136 -11.27 -18.82 7.69
CA VAL A 136 -11.05 -20.22 7.33
C VAL A 136 -9.57 -20.61 7.37
N HIS A 137 -8.66 -19.64 7.47
CA HIS A 137 -7.22 -19.95 7.55
C HIS A 137 -6.52 -19.50 8.83
N GLY A 138 -6.80 -18.29 9.29
CA GLY A 138 -6.14 -17.69 10.46
C GLY A 138 -5.27 -16.50 10.11
N PRO A 139 -4.06 -16.66 9.54
CA PRO A 139 -3.16 -15.55 9.18
C PRO A 139 -3.59 -14.61 8.06
N PHE A 140 -2.64 -13.78 7.64
CA PHE A 140 -2.75 -12.85 6.51
C PHE A 140 -3.17 -13.51 5.19
N ILE A 141 -3.52 -12.75 4.15
CA ILE A 141 -4.48 -13.20 3.11
C ILE A 141 -4.01 -14.42 2.30
N ALA A 142 -2.71 -14.67 2.26
CA ALA A 142 -2.16 -15.87 1.64
C ALA A 142 -2.54 -17.17 2.36
N GLY A 143 -3.09 -17.03 3.57
CA GLY A 143 -3.47 -18.15 4.40
C GLY A 143 -2.35 -18.56 5.34
N GLU A 144 -1.22 -17.84 5.26
CA GLU A 144 -0.03 -18.20 6.02
C GLU A 144 0.79 -17.01 6.54
N LYS A 145 1.10 -16.07 5.65
CA LYS A 145 2.02 -14.98 5.96
C LYS A 145 1.78 -13.90 4.94
N ILE A 146 2.48 -12.78 5.08
CA ILE A 146 2.45 -11.72 4.08
C ILE A 146 3.13 -12.26 2.81
N THR A 147 2.44 -12.19 1.67
CA THR A 147 3.04 -12.52 0.37
C THR A 147 2.69 -11.37 -0.57
N ALA A 148 2.98 -11.47 -1.86
CA ALA A 148 2.73 -10.38 -2.80
C ALA A 148 1.32 -9.78 -2.80
N VAL A 149 0.30 -10.56 -2.50
CA VAL A 149 -1.06 -10.01 -2.47
C VAL A 149 -1.21 -9.06 -1.27
N ASP A 150 -0.70 -9.45 -0.12
CA ASP A 150 -0.76 -8.58 1.06
C ASP A 150 0.11 -7.37 0.80
N LEU A 151 1.26 -7.57 0.16
CA LEU A 151 2.19 -6.49 -0.15
C LEU A 151 1.61 -5.48 -1.14
N SER A 152 0.61 -5.90 -1.91
CA SER A 152 -0.08 -5.00 -2.83
C SER A 152 -1.30 -4.30 -2.21
N LEU A 153 -2.02 -5.01 -1.36
CA LEU A 153 -3.25 -4.50 -0.75
C LEU A 153 -3.02 -3.69 0.54
N ALA A 154 -2.24 -4.23 1.47
CA ALA A 154 -1.97 -3.58 2.75
C ALA A 154 -1.39 -2.16 2.69
N PRO A 155 -0.50 -1.83 1.73
CA PRO A 155 -0.03 -0.45 1.80
C PRO A 155 -1.11 0.59 1.53
N LYS A 156 -2.06 0.24 0.68
CA LYS A 156 -3.16 1.12 0.39
C LYS A 156 -4.19 1.03 1.53
N LEU A 157 -4.31 -0.11 2.19
CA LEU A 157 -5.18 -0.21 3.37
C LEU A 157 -4.74 0.71 4.52
N TYR A 158 -3.45 0.94 4.72
CA TYR A 158 -3.06 1.90 5.76
C TYR A 158 -3.59 3.28 5.42
N HIS A 159 -3.46 3.64 4.14
CA HIS A 159 -3.79 4.98 3.70
C HIS A 159 -5.30 5.16 3.67
N LEU A 160 -6.03 4.07 3.44
CA LEU A 160 -7.48 4.05 3.59
C LEU A 160 -7.83 4.35 5.02
N GLU A 161 -7.23 3.62 5.95
CA GLU A 161 -7.62 3.72 7.36
C GLU A 161 -7.30 5.10 7.92
N VAL A 162 -6.23 5.72 7.43
CA VAL A 162 -5.94 7.10 7.78
C VAL A 162 -6.92 8.07 7.09
N ALA A 163 -6.95 8.12 5.76
CA ALA A 163 -7.68 9.20 5.10
C ALA A 163 -9.18 9.05 5.30
N LEU A 164 -9.70 7.86 5.09
CA LEU A 164 -11.14 7.67 5.21
C LEU A 164 -11.51 7.82 6.68
N GLY A 165 -10.71 7.24 7.56
CA GLY A 165 -11.03 7.28 8.98
C GLY A 165 -11.06 8.65 9.59
N HIS A 166 -10.22 9.57 9.13
CA HIS A 166 -10.21 10.92 9.68
C HIS A 166 -11.03 11.94 8.88
N PHE A 167 -11.40 11.64 7.65
CA PHE A 167 -12.17 12.59 6.82
C PHE A 167 -13.64 12.22 6.58
N LYS A 168 -13.90 10.93 6.35
CA LYS A 168 -15.20 10.43 5.91
C LYS A 168 -15.41 9.11 6.66
N ASN A 169 -15.38 9.19 7.97
CA ASN A 169 -15.15 8.02 8.81
C ASN A 169 -16.07 6.81 8.60
N TRP A 170 -15.44 5.72 8.17
CA TRP A 170 -16.04 4.39 8.22
C TRP A 170 -14.94 3.48 8.76
N PRO A 171 -14.97 3.18 10.07
CA PRO A 171 -13.97 2.21 10.51
C PRO A 171 -14.38 0.81 10.06
N ILE A 172 -13.45 -0.12 10.09
CA ILE A 172 -13.78 -1.53 9.86
C ILE A 172 -14.54 -1.94 11.12
N PRO A 173 -15.82 -2.33 11.01
CA PRO A 173 -16.54 -2.68 12.24
C PRO A 173 -16.10 -4.02 12.81
N ASP A 174 -16.53 -4.31 14.03
CA ASP A 174 -16.20 -5.59 14.68
C ASP A 174 -17.05 -6.72 14.10
N ASN A 175 -17.98 -6.38 13.21
CA ASN A 175 -18.68 -7.39 12.41
C ASN A 175 -17.70 -8.07 11.45
N LEU A 176 -16.61 -7.38 11.15
CA LEU A 176 -15.54 -7.90 10.31
C LEU A 176 -14.34 -8.14 11.21
N THR A 177 -14.57 -8.86 12.29
CA THR A 177 -13.57 -9.05 13.35
C THR A 177 -12.26 -9.66 12.85
N HIS A 178 -12.28 -10.46 11.80
CA HIS A 178 -11.06 -11.08 11.32
C HIS A 178 -10.27 -10.08 10.48
N VAL A 179 -10.96 -9.19 9.78
CA VAL A 179 -10.31 -8.12 9.02
C VAL A 179 -9.74 -7.12 10.00
N LEU A 180 -10.47 -6.88 11.08
CA LEU A 180 -10.03 -5.97 12.10
C LEU A 180 -8.77 -6.50 12.78
N ASN A 181 -8.72 -7.79 13.10
CA ASN A 181 -7.49 -8.38 13.63
C ASN A 181 -6.35 -8.36 12.61
N TYR A 182 -6.66 -8.61 11.35
CA TYR A 182 -5.67 -8.54 10.28
C TYR A 182 -5.05 -7.14 10.16
N ILE A 183 -5.84 -6.08 10.16
CA ILE A 183 -5.26 -4.74 10.08
C ILE A 183 -4.58 -4.35 11.39
N LYS A 184 -5.01 -4.90 12.52
CA LYS A 184 -4.29 -4.69 13.79
C LYS A 184 -2.93 -5.36 13.79
N LEU A 185 -2.79 -6.51 13.14
CA LEU A 185 -1.48 -7.14 12.98
C LEU A 185 -0.59 -6.29 12.07
N LEU A 186 -1.20 -5.61 11.12
CA LEU A 186 -0.48 -4.67 10.26
C LEU A 186 -0.20 -3.33 10.95
N PHE A 187 -0.71 -3.16 12.16
CA PHE A 187 -0.33 -2.03 13.02
C PHE A 187 0.65 -2.50 14.09
N SER A 188 1.12 -3.72 13.96
CA SER A 188 2.09 -4.30 14.88
C SER A 188 3.35 -4.45 14.05
N ARG A 189 4.48 -4.68 14.72
CA ARG A 189 5.81 -4.87 14.13
C ARG A 189 6.39 -3.71 13.33
N GLU A 190 7.69 -3.51 13.48
CA GLU A 190 8.36 -2.38 12.83
C GLU A 190 8.31 -2.48 11.31
N SER A 191 8.24 -3.70 10.79
CA SER A 191 8.09 -3.92 9.34
C SER A 191 6.88 -3.22 8.75
N PHE A 192 5.77 -3.25 9.48
CA PHE A 192 4.53 -2.69 8.97
C PHE A 192 4.36 -1.27 9.51
N LYS A 193 4.49 -1.13 10.82
CA LYS A 193 4.25 0.14 11.51
C LYS A 193 5.14 1.29 11.04
N LYS A 194 6.42 1.04 10.84
CA LYS A 194 7.35 2.13 10.54
C LYS A 194 7.25 2.62 9.10
N THR A 195 6.88 1.76 8.17
CA THR A 195 6.84 2.14 6.76
C THR A 195 5.62 3.00 6.45
N ARG A 196 4.66 3.09 7.36
CA ARG A 196 3.44 3.86 7.14
C ARG A 196 3.77 5.32 6.85
N ALA A 197 3.13 5.83 5.80
CA ALA A 197 3.35 7.18 5.31
C ALA A 197 2.88 8.19 6.35
N ALA A 198 3.47 9.38 6.30
CA ALA A 198 3.15 10.44 7.25
C ALA A 198 1.66 10.79 7.21
N GLU A 199 0.99 10.58 8.33
CA GLU A 199 -0.46 10.40 8.34
C GLU A 199 -1.25 11.67 8.04
N GLU A 200 -0.79 12.84 8.48
CA GLU A 200 -1.48 14.09 8.16
C GLU A 200 -1.39 14.31 6.65
N HIS A 201 -0.23 13.94 6.11
CA HIS A 201 0.02 14.06 4.68
C HIS A 201 -0.68 13.03 3.84
N VAL A 202 -1.37 12.06 4.45
CA VAL A 202 -2.26 11.19 3.68
C VAL A 202 -3.60 11.88 3.57
N ILE A 203 -4.11 12.41 4.68
CA ILE A 203 -5.44 13.03 4.70
C ILE A 203 -5.41 14.27 3.82
N ALA A 204 -4.44 15.12 4.09
CA ALA A 204 -4.22 16.35 3.34
C ALA A 204 -3.26 16.11 2.18
N GLY A 205 -3.25 14.88 1.69
CA GLY A 205 -2.61 14.53 0.44
C GLY A 205 -3.69 14.15 -0.55
N TRP A 206 -4.62 13.31 -0.12
CA TRP A 206 -5.74 12.91 -0.96
C TRP A 206 -6.83 13.98 -1.06
N GLU A 207 -7.33 14.45 0.08
CA GLU A 207 -8.49 15.33 0.10
C GLU A 207 -8.32 16.85 -0.09
N PRO A 208 -7.10 17.42 -0.25
CA PRO A 208 -7.20 18.85 -0.60
C PRO A 208 -7.79 19.08 -1.98
N LYS A 209 -7.78 18.07 -2.84
CA LYS A 209 -8.43 18.15 -4.16
C LYS A 209 -9.94 17.95 -4.09
N VAL A 210 -10.44 17.70 -2.90
CA VAL A 210 -11.88 17.53 -2.65
C VAL A 210 -12.38 18.80 -1.97
N ASN A 211 -11.60 19.35 -1.06
CA ASN A 211 -12.01 20.56 -0.34
C ASN A 211 -11.71 21.85 -1.12
N ALA A 212 -10.80 21.77 -2.08
CA ALA A 212 -10.39 22.90 -2.91
C ALA A 212 -9.92 22.27 -4.22
N MET A 1 22.78 -6.04 -4.62
CA MET A 1 22.98 -5.95 -3.16
C MET A 1 22.43 -4.64 -2.60
N ALA A 2 22.89 -3.50 -3.09
CA ALA A 2 22.40 -2.20 -2.63
C ALA A 2 21.05 -1.90 -3.28
N LEU A 3 20.22 -1.14 -2.57
CA LEU A 3 18.88 -0.78 -2.99
C LEU A 3 18.73 0.73 -2.86
N GLU A 4 18.04 1.32 -3.83
CA GLU A 4 17.74 2.75 -3.86
C GLU A 4 16.28 2.79 -4.29
N ILE A 5 15.49 3.70 -3.75
CA ILE A 5 14.06 3.70 -3.96
C ILE A 5 13.75 5.15 -4.27
N CYS A 6 12.64 5.43 -4.91
CA CYS A 6 12.13 6.78 -5.07
C CYS A 6 10.61 6.62 -5.11
N VAL A 7 9.87 7.13 -4.13
CA VAL A 7 8.39 7.07 -4.15
C VAL A 7 7.88 8.46 -3.78
N LYS A 8 6.61 8.76 -4.02
CA LYS A 8 6.07 10.08 -3.70
C LYS A 8 6.34 10.49 -2.26
N ALA A 9 6.88 11.68 -2.08
CA ALA A 9 7.14 12.23 -0.75
C ALA A 9 5.84 12.78 -0.16
N ALA A 10 5.87 13.10 1.12
CA ALA A 10 4.75 13.76 1.76
C ALA A 10 4.55 15.12 1.10
N VAL A 11 3.30 15.44 0.79
CA VAL A 11 2.99 16.66 0.05
C VAL A 11 3.22 17.83 1.00
N GLY A 12 4.11 18.74 0.63
CA GLY A 12 4.51 19.83 1.50
C GLY A 12 5.62 19.45 2.47
N ALA A 13 6.16 18.24 2.37
CA ALA A 13 7.21 17.76 3.27
C ALA A 13 8.15 16.72 2.62
N PRO A 14 9.23 17.14 1.96
CA PRO A 14 10.22 16.20 1.37
C PRO A 14 11.11 15.47 2.39
N ASN A 15 10.57 15.13 3.54
CA ASN A 15 11.29 14.44 4.61
C ASN A 15 10.87 12.99 4.81
N ILE A 16 9.70 12.63 4.33
CA ILE A 16 9.10 11.31 4.58
C ILE A 16 8.24 11.06 3.35
N LEU A 17 7.83 9.83 3.11
CA LEU A 17 6.97 9.49 1.98
C LEU A 17 5.51 9.92 2.22
N GLY A 18 4.73 9.93 1.15
CA GLY A 18 3.34 10.35 1.19
C GLY A 18 2.51 9.56 0.20
N ASP A 19 1.20 9.70 0.29
CA ASP A 19 0.29 8.81 -0.41
C ASP A 19 0.14 9.00 -1.92
N CYS A 20 0.76 8.10 -2.66
CA CYS A 20 0.26 7.66 -3.96
C CYS A 20 -0.04 6.19 -3.71
N PRO A 21 -0.87 5.52 -4.54
CA PRO A 21 -1.40 4.23 -4.07
C PRO A 21 -0.39 3.11 -3.85
N PHE A 22 0.79 3.26 -4.44
CA PHE A 22 1.79 2.20 -4.44
C PHE A 22 3.08 2.62 -3.73
N CYS A 23 3.08 3.78 -3.08
CA CYS A 23 4.31 4.30 -2.47
C CYS A 23 4.88 3.36 -1.43
N GLN A 24 4.02 2.82 -0.57
CA GLN A 24 4.48 1.88 0.42
C GLN A 24 4.67 0.47 -0.13
N ARG A 25 4.18 0.11 -1.31
CA ARG A 25 4.24 -1.30 -1.75
C ARG A 25 5.67 -1.82 -1.86
N VAL A 26 6.52 -1.00 -2.45
CA VAL A 26 7.94 -1.34 -2.62
C VAL A 26 8.57 -1.42 -1.23
N LEU A 27 8.30 -0.41 -0.41
CA LEU A 27 8.91 -0.32 0.90
C LEU A 27 8.46 -1.45 1.83
N LEU A 28 7.20 -1.83 1.78
CA LEU A 28 6.67 -2.91 2.61
C LEU A 28 7.33 -4.23 2.24
N SER A 29 7.47 -4.49 0.95
CA SER A 29 8.05 -5.76 0.52
C SER A 29 9.54 -5.86 0.87
N LEU A 30 10.26 -4.76 0.73
CA LEU A 30 11.66 -4.72 1.15
C LEU A 30 11.83 -4.89 2.65
N GLU A 31 11.03 -4.15 3.40
CA GLU A 31 11.23 -4.04 4.84
C GLU A 31 10.65 -5.24 5.59
N GLU A 32 9.64 -5.91 5.05
CA GLU A 32 9.16 -7.16 5.65
C GLU A 32 10.23 -8.23 5.50
N LYS A 33 10.90 -8.23 4.35
CA LYS A 33 12.04 -9.13 4.10
C LYS A 33 13.34 -8.53 4.63
N LYS A 34 13.20 -7.39 5.29
CA LYS A 34 14.24 -6.69 6.06
C LYS A 34 15.60 -6.59 5.39
N ILE A 35 15.59 -6.20 4.12
CA ILE A 35 16.85 -5.97 3.40
C ILE A 35 17.12 -4.46 3.43
N PRO A 36 18.40 -4.04 3.42
CA PRO A 36 18.65 -2.61 3.56
C PRO A 36 18.36 -1.79 2.31
N TYR A 37 18.14 -0.50 2.47
CA TYR A 37 17.98 0.44 1.37
C TYR A 37 18.39 1.81 1.86
N LYS A 38 18.67 2.73 0.95
CA LYS A 38 18.98 4.12 1.30
C LYS A 38 18.38 4.96 0.20
N SER A 39 17.81 6.10 0.58
CA SER A 39 17.08 7.04 -0.28
C SER A 39 15.76 6.46 -0.77
N HIS A 40 14.65 7.14 -0.50
CA HIS A 40 13.34 6.70 -0.97
C HIS A 40 12.34 7.75 -1.47
N LEU A 41 12.72 8.97 -1.83
CA LEU A 41 11.74 10.01 -2.16
C LEU A 41 11.76 10.66 -3.55
N ILE A 42 10.57 11.06 -4.01
CA ILE A 42 10.32 12.01 -5.10
C ILE A 42 9.31 13.03 -4.59
N ASN A 43 9.71 14.26 -4.34
CA ASN A 43 8.75 15.28 -3.89
C ASN A 43 8.01 15.98 -5.03
N LEU A 44 6.84 15.47 -5.39
CA LEU A 44 5.99 16.00 -6.46
C LEU A 44 6.78 16.27 -7.76
N GLY A 45 7.58 15.31 -8.18
CA GLY A 45 8.42 15.53 -9.35
C GLY A 45 9.64 16.39 -9.06
N ASP A 46 10.21 16.27 -7.88
CA ASP A 46 11.64 16.56 -7.68
C ASP A 46 12.37 15.51 -8.50
N LYS A 47 12.96 15.93 -9.62
CA LYS A 47 13.51 15.00 -10.60
C LYS A 47 14.78 15.54 -11.27
N PRO A 48 15.94 15.45 -10.59
CA PRO A 48 17.16 15.66 -11.40
C PRO A 48 17.27 14.61 -12.48
N GLN A 49 18.24 14.75 -13.38
CA GLN A 49 18.49 13.74 -14.40
C GLN A 49 18.73 12.35 -13.78
N TRP A 50 19.29 12.32 -12.58
CA TRP A 50 19.39 11.06 -11.82
C TRP A 50 18.05 10.38 -11.59
N PHE A 51 17.05 11.09 -11.09
CA PHE A 51 15.75 10.47 -10.87
C PHE A 51 15.01 10.26 -12.18
N LEU A 52 15.29 11.05 -13.20
CA LEU A 52 14.72 10.78 -14.53
C LEU A 52 15.30 9.52 -15.17
N GLU A 53 16.51 9.14 -14.77
CA GLU A 53 17.12 7.91 -15.27
C GLU A 53 16.49 6.69 -14.61
N ILE A 54 16.00 6.85 -13.38
CA ILE A 54 15.41 5.76 -12.62
C ILE A 54 13.89 5.68 -12.79
N SER A 55 13.19 6.78 -12.59
CA SER A 55 11.74 6.82 -12.65
C SER A 55 11.32 7.24 -14.06
N PRO A 56 10.58 6.39 -14.79
CA PRO A 56 10.28 6.76 -16.18
C PRO A 56 9.33 7.94 -16.38
N GLU A 57 8.51 8.26 -15.38
CA GLU A 57 7.70 9.48 -15.43
C GLU A 57 8.43 10.64 -14.73
N GLY A 58 9.46 10.30 -13.97
CA GLY A 58 10.05 11.24 -13.02
C GLY A 58 9.22 11.44 -11.77
N LYS A 59 8.08 10.76 -11.69
CA LYS A 59 7.13 10.91 -10.58
C LYS A 59 6.29 9.67 -10.29
N VAL A 60 6.85 8.48 -10.51
CA VAL A 60 6.13 7.21 -10.33
C VAL A 60 7.01 6.39 -9.39
N PRO A 61 6.44 5.59 -8.47
CA PRO A 61 7.34 4.87 -7.57
C PRO A 61 8.17 3.79 -8.26
N VAL A 62 9.38 3.56 -7.74
CA VAL A 62 10.32 2.59 -8.32
C VAL A 62 10.90 1.65 -7.28
N VAL A 63 11.56 0.60 -7.77
CA VAL A 63 12.55 -0.16 -7.01
C VAL A 63 13.78 0.02 -7.88
N LYS A 64 14.94 0.35 -7.30
CA LYS A 64 16.21 0.19 -7.98
C LYS A 64 16.97 -0.82 -7.13
N ILE A 65 17.34 -1.94 -7.72
CA ILE A 65 17.94 -3.06 -7.01
C ILE A 65 19.19 -3.46 -7.79
N ASP A 66 20.32 -3.46 -7.10
CA ASP A 66 21.65 -3.69 -7.69
C ASP A 66 21.92 -2.70 -8.83
N ASP A 67 21.40 -1.49 -8.61
CA ASP A 67 21.46 -0.34 -9.51
C ASP A 67 20.73 -0.50 -10.85
N LYS A 68 19.75 -1.40 -10.90
CA LYS A 68 18.90 -1.62 -12.09
C LYS A 68 17.46 -1.36 -11.62
N TRP A 69 16.60 -0.72 -12.42
CA TRP A 69 15.29 -0.27 -11.91
C TRP A 69 14.08 -0.94 -12.56
N VAL A 70 12.98 -0.98 -11.82
CA VAL A 70 11.64 -1.36 -12.32
C VAL A 70 10.64 -0.38 -11.71
N ALA A 71 9.56 -0.06 -12.42
CA ALA A 71 8.65 1.01 -12.02
C ALA A 71 7.18 0.90 -12.45
N ASP A 72 6.59 -0.30 -12.43
CA ASP A 72 5.15 -0.44 -12.67
C ASP A 72 4.59 -0.89 -11.33
N SER A 73 3.35 -0.54 -11.03
CA SER A 73 2.79 -0.70 -9.68
C SER A 73 2.78 -2.12 -9.13
N ASP A 74 2.70 -3.12 -10.01
CA ASP A 74 2.76 -4.51 -9.56
C ASP A 74 4.18 -5.04 -9.50
N VAL A 75 5.05 -4.67 -10.43
CA VAL A 75 6.40 -5.27 -10.49
C VAL A 75 7.32 -4.74 -9.40
N ILE A 76 6.99 -3.59 -8.83
CA ILE A 76 7.72 -3.08 -7.67
C ILE A 76 7.47 -3.94 -6.42
N VAL A 77 6.53 -4.89 -6.51
CA VAL A 77 6.49 -6.02 -5.58
C VAL A 77 6.99 -7.27 -6.29
N GLY A 78 6.45 -7.59 -7.45
CA GLY A 78 6.78 -8.87 -8.10
C GLY A 78 8.22 -9.13 -8.47
N ILE A 79 8.90 -8.19 -9.11
CA ILE A 79 10.30 -8.38 -9.48
C ILE A 79 11.14 -8.17 -8.23
N LEU A 80 10.71 -7.31 -7.32
CA LEU A 80 11.45 -7.14 -6.07
C LEU A 80 11.48 -8.47 -5.32
N GLU A 81 10.37 -9.19 -5.25
CA GLU A 81 10.34 -10.49 -4.58
C GLU A 81 11.28 -11.45 -5.30
N GLU A 82 11.20 -11.49 -6.62
CA GLU A 82 12.01 -12.41 -7.43
C GLU A 82 13.51 -12.13 -7.40
N LYS A 83 13.90 -10.93 -6.98
CA LYS A 83 15.30 -10.56 -6.82
C LYS A 83 15.71 -10.47 -5.36
N ASN A 84 14.77 -10.62 -4.44
CA ASN A 84 15.07 -10.46 -3.01
C ASN A 84 15.93 -11.62 -2.53
N PRO A 85 16.95 -11.38 -1.68
CA PRO A 85 17.65 -12.52 -1.07
C PRO A 85 16.80 -13.51 -0.26
N GLU A 86 15.71 -13.10 0.38
CA GLU A 86 14.83 -14.05 1.06
C GLU A 86 13.94 -14.73 0.02
N PRO A 87 13.38 -15.93 0.29
CA PRO A 87 12.61 -16.55 -0.79
C PRO A 87 11.42 -15.74 -1.30
N PRO A 88 11.16 -15.72 -2.62
CA PRO A 88 9.99 -14.96 -3.05
C PRO A 88 8.70 -15.66 -2.68
N LEU A 89 7.64 -14.88 -2.47
CA LEU A 89 6.33 -15.41 -2.16
C LEU A 89 5.36 -14.70 -3.10
N ALA A 90 5.72 -14.72 -4.38
CA ALA A 90 4.97 -14.04 -5.43
C ALA A 90 3.78 -14.91 -5.88
N THR A 91 2.85 -15.15 -4.97
CA THR A 91 1.72 -16.05 -5.18
C THR A 91 0.36 -15.34 -5.25
N PRO A 92 -0.20 -15.09 -6.45
CA PRO A 92 -1.51 -14.44 -6.64
C PRO A 92 -2.79 -15.28 -6.90
N PRO A 93 -3.08 -16.38 -6.17
CA PRO A 93 -4.33 -17.10 -6.47
C PRO A 93 -5.60 -16.43 -5.89
N GLU A 94 -6.42 -17.13 -5.10
CA GLU A 94 -7.68 -16.57 -4.59
C GLU A 94 -7.48 -15.33 -3.72
N PHE A 95 -6.30 -15.25 -3.14
CA PHE A 95 -5.95 -14.12 -2.28
C PHE A 95 -5.96 -12.83 -3.10
N ALA A 96 -5.43 -12.90 -4.31
CA ALA A 96 -5.32 -11.74 -5.17
C ALA A 96 -6.65 -11.45 -5.87
N SER A 97 -7.40 -12.48 -6.22
CA SER A 97 -8.64 -12.26 -6.95
C SER A 97 -9.63 -11.50 -6.08
N VAL A 98 -9.62 -11.75 -4.78
CA VAL A 98 -10.47 -10.99 -3.86
C VAL A 98 -9.81 -9.64 -3.54
N GLY A 99 -8.52 -9.60 -3.29
CA GLY A 99 -7.87 -8.35 -2.94
C GLY A 99 -7.91 -7.27 -4.00
N SER A 100 -7.81 -7.66 -5.26
CA SER A 100 -7.88 -6.72 -6.38
C SER A 100 -9.28 -6.16 -6.63
N LYS A 101 -10.32 -6.77 -6.08
CA LYS A 101 -11.65 -6.17 -6.13
C LYS A 101 -11.78 -5.07 -5.10
N ILE A 102 -11.11 -5.28 -3.98
CA ILE A 102 -11.24 -4.44 -2.80
C ILE A 102 -10.45 -3.15 -2.96
N PHE A 103 -9.24 -3.25 -3.50
CA PHE A 103 -8.36 -2.08 -3.67
C PHE A 103 -9.03 -0.86 -4.35
N PRO A 104 -9.68 -1.02 -5.52
CA PRO A 104 -10.30 0.21 -6.03
C PRO A 104 -11.61 0.60 -5.33
N SER A 105 -12.28 -0.35 -4.70
CA SER A 105 -13.59 -0.08 -4.12
C SER A 105 -13.50 0.87 -2.94
N PHE A 106 -12.53 0.67 -2.06
CA PHE A 106 -12.48 1.52 -0.88
C PHE A 106 -11.92 2.91 -1.14
N VAL A 107 -11.06 3.05 -2.14
CA VAL A 107 -10.52 4.37 -2.44
C VAL A 107 -11.60 5.18 -3.15
N LYS A 108 -12.49 4.51 -3.89
CA LYS A 108 -13.66 5.19 -4.45
C LYS A 108 -14.59 5.69 -3.35
N PHE A 109 -14.79 4.90 -2.30
CA PHE A 109 -15.63 5.36 -1.18
C PHE A 109 -14.98 6.51 -0.44
N LEU A 110 -13.66 6.49 -0.31
CA LEU A 110 -12.93 7.61 0.28
C LEU A 110 -13.09 8.89 -0.55
N LYS A 111 -13.12 8.77 -1.87
CA LYS A 111 -13.35 9.95 -2.72
C LYS A 111 -14.81 10.40 -2.73
N SER A 112 -15.73 9.48 -2.52
CA SER A 112 -17.15 9.74 -2.69
C SER A 112 -17.74 10.80 -1.77
N LYS A 113 -18.58 11.66 -2.34
CA LYS A 113 -19.47 12.57 -1.60
C LYS A 113 -20.87 12.36 -2.15
N ASP A 114 -21.10 11.13 -2.60
CA ASP A 114 -22.39 10.72 -3.16
C ASP A 114 -23.36 10.49 -2.00
N PRO A 115 -24.66 10.26 -2.26
CA PRO A 115 -25.33 9.42 -1.27
C PRO A 115 -24.71 8.02 -1.27
N ASN A 116 -23.93 7.72 -0.24
CA ASN A 116 -22.99 6.60 -0.27
C ASN A 116 -23.14 5.61 0.87
N ASP A 117 -24.34 5.49 1.44
CA ASP A 117 -24.57 4.45 2.44
C ASP A 117 -24.55 3.08 1.78
N GLY A 118 -25.07 3.02 0.55
CA GLY A 118 -25.00 1.80 -0.22
C GLY A 118 -23.58 1.43 -0.55
N THR A 119 -22.73 2.39 -0.92
CA THR A 119 -21.33 2.08 -1.20
C THR A 119 -20.50 1.80 0.06
N GLU A 120 -20.92 2.31 1.20
CA GLU A 120 -20.32 1.93 2.48
C GLU A 120 -20.62 0.45 2.74
N GLN A 121 -21.85 0.03 2.44
CA GLN A 121 -22.22 -1.37 2.59
C GLN A 121 -21.68 -2.23 1.45
N ALA A 122 -21.26 -1.61 0.35
CA ALA A 122 -20.54 -2.33 -0.69
C ALA A 122 -19.15 -2.65 -0.13
N LEU A 123 -18.56 -1.75 0.63
CA LEU A 123 -17.26 -2.05 1.23
C LEU A 123 -17.39 -3.20 2.21
N LEU A 124 -18.47 -3.18 2.97
CA LEU A 124 -18.76 -4.27 3.90
C LEU A 124 -18.85 -5.59 3.13
N GLU A 125 -19.57 -5.63 2.03
CA GLU A 125 -19.70 -6.85 1.22
C GLU A 125 -18.39 -7.26 0.53
N GLU A 126 -17.62 -6.32 0.02
CA GLU A 126 -16.36 -6.61 -0.64
C GLU A 126 -15.38 -7.21 0.37
N LEU A 127 -15.35 -6.63 1.56
CA LEU A 127 -14.45 -7.10 2.61
C LEU A 127 -14.96 -8.38 3.24
N LYS A 128 -16.25 -8.68 3.11
CA LYS A 128 -16.82 -9.93 3.65
C LYS A 128 -16.27 -11.15 2.95
N ALA A 129 -16.00 -11.04 1.65
CA ALA A 129 -15.41 -12.15 0.91
C ALA A 129 -14.02 -12.47 1.48
N LEU A 130 -13.27 -11.40 1.75
CA LEU A 130 -11.92 -11.51 2.31
C LEU A 130 -11.94 -11.99 3.76
N ASP A 131 -12.96 -11.57 4.50
CA ASP A 131 -13.14 -11.95 5.90
C ASP A 131 -13.42 -13.43 6.07
N GLY A 132 -14.32 -13.97 5.28
CA GLY A 132 -14.64 -15.38 5.39
C GLY A 132 -13.48 -16.26 4.97
N HIS A 133 -12.78 -15.85 3.92
CA HIS A 133 -11.59 -16.56 3.45
C HIS A 133 -10.47 -16.61 4.50
N LEU A 134 -10.35 -15.58 5.31
CA LEU A 134 -9.33 -15.60 6.34
C LEU A 134 -9.70 -16.56 7.45
N LYS A 135 -10.93 -16.45 7.92
CA LYS A 135 -11.32 -17.14 9.16
C LYS A 135 -11.51 -18.65 8.98
N VAL A 136 -11.48 -19.14 7.76
CA VAL A 136 -11.37 -20.59 7.53
C VAL A 136 -9.92 -21.08 7.57
N HIS A 137 -8.94 -20.19 7.58
CA HIS A 137 -7.52 -20.56 7.62
C HIS A 137 -6.74 -20.11 8.87
N GLY A 138 -6.89 -18.86 9.29
CA GLY A 138 -6.19 -18.34 10.48
C GLY A 138 -5.12 -17.27 10.33
N PRO A 139 -3.94 -17.53 9.73
CA PRO A 139 -2.90 -16.51 9.52
C PRO A 139 -3.28 -15.43 8.49
N PHE A 140 -2.33 -14.59 8.09
CA PHE A 140 -2.53 -13.53 7.08
C PHE A 140 -3.07 -14.00 5.72
N ILE A 141 -3.40 -13.09 4.80
CA ILE A 141 -4.40 -13.34 3.73
C ILE A 141 -4.05 -14.55 2.89
N ALA A 142 -2.78 -14.72 2.56
CA ALA A 142 -2.35 -15.84 1.74
C ALA A 142 -2.24 -17.21 2.43
N GLY A 143 -2.76 -17.30 3.65
CA GLY A 143 -2.96 -18.57 4.31
C GLY A 143 -1.94 -18.94 5.35
N GLU A 144 -0.74 -18.38 5.28
CA GLU A 144 0.33 -18.76 6.21
C GLU A 144 1.15 -17.58 6.75
N LYS A 145 1.45 -16.61 5.90
CA LYS A 145 2.37 -15.52 6.23
C LYS A 145 2.12 -14.37 5.28
N ILE A 146 2.74 -13.23 5.56
CA ILE A 146 2.68 -12.06 4.70
C ILE A 146 3.35 -12.45 3.38
N THR A 147 2.60 -12.30 2.30
CA THR A 147 2.94 -12.79 0.96
C THR A 147 2.76 -11.59 0.03
N ALA A 148 3.15 -11.65 -1.24
CA ALA A 148 3.04 -10.52 -2.16
C ALA A 148 1.65 -9.87 -2.23
N VAL A 149 0.59 -10.63 -2.07
CA VAL A 149 -0.77 -10.07 -2.05
C VAL A 149 -0.98 -9.16 -0.85
N ASP A 150 -0.48 -9.58 0.31
CA ASP A 150 -0.62 -8.79 1.54
C ASP A 150 0.16 -7.50 1.36
N LEU A 151 1.34 -7.62 0.76
CA LEU A 151 2.23 -6.49 0.53
C LEU A 151 1.70 -5.52 -0.51
N SER A 152 0.79 -6.00 -1.36
CA SER A 152 0.14 -5.16 -2.35
C SER A 152 -1.09 -4.43 -1.80
N LEU A 153 -1.83 -5.07 -0.89
CA LEU A 153 -3.09 -4.53 -0.37
C LEU A 153 -3.00 -3.81 0.98
N ALA A 154 -2.29 -4.39 1.94
CA ALA A 154 -2.20 -3.83 3.28
C ALA A 154 -1.66 -2.39 3.35
N PRO A 155 -0.65 -2.02 2.53
CA PRO A 155 -0.31 -0.59 2.70
C PRO A 155 -1.38 0.39 2.24
N LYS A 156 -2.15 0.02 1.23
CA LYS A 156 -3.21 0.89 0.76
C LYS A 156 -4.34 0.90 1.79
N LEU A 157 -4.53 -0.20 2.51
CA LEU A 157 -5.45 -0.21 3.66
C LEU A 157 -4.96 0.66 4.82
N TYR A 158 -3.66 0.76 5.04
CA TYR A 158 -3.14 1.64 6.09
C TYR A 158 -3.48 3.08 5.74
N HIS A 159 -3.21 3.44 4.49
CA HIS A 159 -3.49 4.81 4.02
C HIS A 159 -4.98 5.09 3.96
N LEU A 160 -5.80 4.08 3.64
CA LEU A 160 -7.25 4.24 3.74
C LEU A 160 -7.62 4.58 5.16
N GLU A 161 -7.19 3.80 6.14
CA GLU A 161 -7.70 3.97 7.49
C GLU A 161 -7.44 5.33 8.09
N VAL A 162 -6.28 5.92 7.80
CA VAL A 162 -5.98 7.23 8.38
C VAL A 162 -6.74 8.33 7.66
N ALA A 163 -6.92 8.21 6.35
CA ALA A 163 -7.68 9.21 5.60
C ALA A 163 -9.17 9.09 5.90
N LEU A 164 -9.67 7.86 5.90
CA LEU A 164 -11.08 7.57 6.13
C LEU A 164 -11.47 7.98 7.54
N GLY A 165 -10.57 7.75 8.49
CA GLY A 165 -10.83 8.15 9.87
C GLY A 165 -11.01 9.65 9.99
N HIS A 166 -10.29 10.42 9.20
CA HIS A 166 -10.44 11.88 9.21
C HIS A 166 -11.65 12.34 8.41
N PHE A 167 -11.77 11.86 7.17
CA PHE A 167 -12.79 12.33 6.24
C PHE A 167 -14.20 11.81 6.47
N LYS A 168 -14.34 10.51 6.68
CA LYS A 168 -15.63 9.81 6.61
C LYS A 168 -15.53 8.68 7.62
N ASN A 169 -15.44 9.05 8.89
CA ASN A 169 -14.99 8.11 9.91
C ASN A 169 -15.81 6.82 9.95
N TRP A 170 -15.16 5.72 9.59
CA TRP A 170 -15.82 4.42 9.51
C TRP A 170 -14.83 3.37 10.01
N PRO A 171 -14.87 3.07 11.32
CA PRO A 171 -13.97 2.00 11.74
C PRO A 171 -14.42 0.69 11.15
N ILE A 172 -13.52 -0.26 11.00
CA ILE A 172 -13.87 -1.55 10.41
C ILE A 172 -14.73 -2.28 11.45
N PRO A 173 -15.96 -2.70 11.12
CA PRO A 173 -16.71 -3.39 12.17
C PRO A 173 -16.13 -4.77 12.47
N ASP A 174 -16.35 -5.26 13.68
CA ASP A 174 -15.84 -6.58 14.09
C ASP A 174 -16.59 -7.77 13.52
N ASN A 175 -17.57 -7.53 12.67
CA ASN A 175 -18.11 -8.60 11.84
C ASN A 175 -17.08 -8.95 10.79
N LEU A 176 -16.28 -7.97 10.40
CA LEU A 176 -15.15 -8.16 9.49
C LEU A 176 -13.95 -8.33 10.38
N THR A 177 -14.01 -9.32 11.25
CA THR A 177 -13.01 -9.52 12.29
C THR A 177 -11.63 -9.79 11.72
N HIS A 178 -11.58 -10.35 10.51
CA HIS A 178 -10.33 -10.40 9.77
C HIS A 178 -9.82 -9.00 9.61
N VAL A 179 -10.57 -8.16 8.91
CA VAL A 179 -10.00 -6.95 8.34
C VAL A 179 -9.63 -6.01 9.48
N LEU A 180 -10.46 -6.00 10.51
CA LEU A 180 -10.16 -5.23 11.72
C LEU A 180 -8.86 -5.69 12.39
N ASN A 181 -8.71 -6.98 12.63
CA ASN A 181 -7.51 -7.45 13.34
C ASN A 181 -6.28 -7.48 12.45
N TYR A 182 -6.45 -7.60 11.15
CA TYR A 182 -5.37 -7.55 10.19
C TYR A 182 -4.74 -6.18 10.22
N ILE A 183 -5.59 -5.18 10.14
CA ILE A 183 -5.15 -3.79 10.19
C ILE A 183 -4.50 -3.55 11.56
N LYS A 184 -5.13 -4.03 12.62
CA LYS A 184 -4.57 -3.87 13.98
C LYS A 184 -3.18 -4.49 14.12
N LEU A 185 -3.00 -5.73 13.67
CA LEU A 185 -1.73 -6.43 13.79
C LEU A 185 -0.65 -5.71 12.99
N LEU A 186 -0.97 -5.40 11.75
CA LEU A 186 0.01 -4.86 10.83
C LEU A 186 0.35 -3.41 11.09
N PHE A 187 -0.51 -2.69 11.80
CA PHE A 187 -0.25 -1.30 12.16
C PHE A 187 1.06 -1.15 12.93
N SER A 188 1.43 -2.14 13.72
CA SER A 188 2.70 -2.12 14.44
C SER A 188 3.60 -3.27 13.97
N ARG A 189 3.46 -3.68 12.73
CA ARG A 189 4.42 -4.61 12.12
C ARG A 189 5.70 -3.78 12.03
N GLU A 190 6.87 -4.35 12.22
CA GLU A 190 8.10 -3.58 12.11
C GLU A 190 8.20 -2.92 10.73
N SER A 191 7.76 -3.63 9.71
CA SER A 191 7.74 -3.08 8.35
C SER A 191 6.91 -1.80 8.27
N PHE A 192 5.68 -1.80 8.77
CA PHE A 192 4.87 -0.58 8.73
C PHE A 192 5.41 0.51 9.63
N LYS A 193 5.89 0.14 10.81
CA LYS A 193 6.40 1.11 11.77
C LYS A 193 7.53 1.93 11.15
N LYS A 194 8.35 1.29 10.33
CA LYS A 194 9.42 1.99 9.62
C LYS A 194 8.98 2.69 8.33
N THR A 195 8.05 2.12 7.58
CA THR A 195 7.73 2.62 6.24
C THR A 195 6.43 3.40 6.10
N ARG A 196 5.72 3.63 7.19
CA ARG A 196 4.49 4.43 7.18
C ARG A 196 4.74 5.84 6.64
N ALA A 197 3.79 6.34 5.86
CA ALA A 197 3.79 7.73 5.44
C ALA A 197 3.34 8.55 6.65
N ALA A 198 3.58 9.85 6.63
CA ALA A 198 3.01 10.72 7.66
C ALA A 198 1.51 10.81 7.38
N GLU A 199 0.68 10.54 8.38
CA GLU A 199 -0.77 10.45 8.21
C GLU A 199 -1.37 11.77 7.77
N GLU A 200 -0.83 12.86 8.28
CA GLU A 200 -1.29 14.20 7.96
C GLU A 200 -1.14 14.47 6.47
N HIS A 201 -0.14 13.85 5.85
CA HIS A 201 0.15 14.07 4.45
C HIS A 201 -0.48 13.00 3.55
N VAL A 202 -1.08 11.99 4.16
CA VAL A 202 -2.02 11.13 3.45
C VAL A 202 -3.31 11.94 3.36
N ILE A 203 -3.76 12.45 4.50
CA ILE A 203 -5.03 13.18 4.58
C ILE A 203 -4.95 14.47 3.76
N ALA A 204 -4.14 15.42 4.18
CA ALA A 204 -4.14 16.74 3.55
C ALA A 204 -3.53 16.69 2.14
N GLY A 205 -2.72 15.68 1.89
CA GLY A 205 -2.04 15.54 0.60
C GLY A 205 -2.72 14.74 -0.48
N TRP A 206 -3.53 13.73 -0.15
CA TRP A 206 -4.23 12.95 -1.17
C TRP A 206 -5.67 13.41 -1.32
N GLU A 207 -6.26 13.93 -0.26
CA GLU A 207 -7.64 14.41 -0.34
C GLU A 207 -7.94 15.74 -1.07
N PRO A 208 -6.96 16.52 -1.59
CA PRO A 208 -7.57 17.66 -2.28
C PRO A 208 -8.35 17.29 -3.55
N LYS A 209 -8.11 16.12 -4.13
CA LYS A 209 -8.94 15.65 -5.25
C LYS A 209 -10.32 15.16 -4.80
N VAL A 210 -10.44 14.78 -3.54
CA VAL A 210 -11.73 14.42 -2.94
C VAL A 210 -12.54 15.71 -2.81
N ASN A 211 -11.82 16.80 -2.60
CA ASN A 211 -12.38 18.13 -2.48
C ASN A 211 -12.24 18.94 -3.77
N ALA A 212 -12.19 18.24 -4.90
CA ALA A 212 -11.95 18.79 -6.25
C ALA A 212 -10.58 19.45 -6.44
N MET A 1 24.64 -5.55 -4.61
CA MET A 1 23.21 -5.93 -4.39
C MET A 1 22.41 -4.76 -3.82
N ALA A 2 22.84 -3.53 -4.03
CA ALA A 2 22.11 -2.37 -3.50
C ALA A 2 20.82 -2.17 -4.29
N LEU A 3 19.76 -1.86 -3.57
CA LEU A 3 18.45 -1.62 -4.17
C LEU A 3 18.08 -0.23 -3.67
N GLU A 4 17.48 0.60 -4.50
CA GLU A 4 17.07 1.96 -4.11
C GLU A 4 15.62 2.17 -4.59
N ILE A 5 14.89 3.15 -4.08
CA ILE A 5 13.52 3.42 -4.55
C ILE A 5 13.54 4.92 -4.70
N CYS A 6 12.68 5.45 -5.54
CA CYS A 6 12.37 6.86 -5.55
C CYS A 6 10.89 6.85 -5.17
N VAL A 7 10.50 7.46 -4.06
CA VAL A 7 9.10 7.46 -3.65
C VAL A 7 8.49 8.80 -4.02
N LYS A 8 7.18 8.90 -4.12
CA LYS A 8 6.56 10.22 -4.09
C LYS A 8 6.70 10.67 -2.63
N ALA A 9 7.35 11.81 -2.40
CA ALA A 9 7.48 12.33 -1.04
C ALA A 9 6.15 12.93 -0.60
N ALA A 10 6.03 13.19 0.68
CA ALA A 10 4.84 13.81 1.23
C ALA A 10 4.57 15.20 0.64
N VAL A 11 3.33 15.40 0.20
CA VAL A 11 2.91 16.65 -0.40
C VAL A 11 2.95 17.69 0.72
N GLY A 12 3.71 18.76 0.51
CA GLY A 12 3.90 19.78 1.53
C GLY A 12 5.02 19.52 2.52
N ALA A 13 5.59 18.31 2.51
CA ALA A 13 6.68 17.96 3.43
C ALA A 13 7.77 17.13 2.73
N PRO A 14 8.76 17.78 2.08
CA PRO A 14 9.94 17.14 1.49
C PRO A 14 10.90 16.40 2.45
N ASN A 15 10.35 15.54 3.28
CA ASN A 15 11.06 14.89 4.39
C ASN A 15 10.63 13.45 4.67
N ILE A 16 9.37 13.10 4.43
CA ILE A 16 8.85 11.77 4.75
C ILE A 16 8.20 11.19 3.48
N LEU A 17 8.08 9.87 3.43
CA LEU A 17 7.39 9.15 2.35
C LEU A 17 5.91 9.59 2.31
N GLY A 18 5.35 9.77 1.11
CA GLY A 18 4.02 10.34 0.97
C GLY A 18 2.85 9.45 0.61
N ASP A 19 1.81 10.08 0.06
CA ASP A 19 0.54 9.48 -0.40
C ASP A 19 0.67 8.66 -1.70
N CYS A 20 1.85 8.09 -1.82
CA CYS A 20 2.24 7.22 -2.92
C CYS A 20 1.42 5.93 -2.87
N PRO A 21 0.67 5.59 -3.94
CA PRO A 21 -0.19 4.41 -3.79
C PRO A 21 0.51 3.06 -3.63
N PHE A 22 1.74 2.94 -4.13
CA PHE A 22 2.43 1.65 -4.17
C PHE A 22 3.77 1.60 -3.46
N CYS A 23 4.20 2.68 -2.84
CA CYS A 23 5.54 2.72 -2.25
C CYS A 23 5.68 1.72 -1.11
N GLN A 24 4.67 1.64 -0.25
CA GLN A 24 4.74 0.66 0.81
C GLN A 24 4.57 -0.78 0.33
N ARG A 25 4.06 -1.02 -0.88
CA ARG A 25 3.94 -2.40 -1.37
C ARG A 25 5.31 -3.05 -1.51
N VAL A 26 6.28 -2.27 -1.97
CA VAL A 26 7.64 -2.78 -2.14
C VAL A 26 8.32 -2.73 -0.78
N LEU A 27 8.16 -1.63 -0.07
CA LEU A 27 8.94 -1.43 1.15
C LEU A 27 8.54 -2.33 2.29
N LEU A 28 7.28 -2.74 2.38
CA LEU A 28 6.84 -3.59 3.49
C LEU A 28 7.56 -4.93 3.53
N SER A 29 7.76 -5.60 2.39
CA SER A 29 8.49 -6.87 2.43
C SER A 29 9.97 -6.61 2.57
N LEU A 30 10.44 -5.52 1.97
CA LEU A 30 11.87 -5.24 1.95
C LEU A 30 12.42 -4.91 3.33
N GLU A 31 11.64 -4.16 4.08
CA GLU A 31 11.98 -3.79 5.46
C GLU A 31 11.70 -4.96 6.40
N GLU A 32 10.75 -5.83 6.06
CA GLU A 32 10.56 -7.07 6.83
C GLU A 32 11.77 -8.00 6.66
N LYS A 33 12.31 -8.03 5.44
CA LYS A 33 13.52 -8.81 5.15
C LYS A 33 14.80 -8.19 5.69
N LYS A 34 14.76 -6.91 6.03
CA LYS A 34 15.89 -6.18 6.63
C LYS A 34 17.19 -6.24 5.82
N ILE A 35 17.08 -6.23 4.51
CA ILE A 35 18.25 -6.14 3.63
C ILE A 35 18.73 -4.68 3.60
N PRO A 36 19.95 -4.40 3.10
CA PRO A 36 20.26 -3.01 2.72
C PRO A 36 19.25 -2.43 1.73
N TYR A 37 18.87 -1.18 1.93
CA TYR A 37 17.49 -0.78 1.67
C TYR A 37 17.29 0.58 0.98
N LYS A 38 16.04 0.84 0.64
CA LYS A 38 15.65 1.74 -0.43
C LYS A 38 14.99 3.03 0.09
N SER A 39 15.57 4.20 -0.17
CA SER A 39 14.86 5.48 -0.05
C SER A 39 15.53 6.64 -0.80
N HIS A 40 14.79 7.27 -1.69
CA HIS A 40 15.07 8.62 -2.21
C HIS A 40 13.70 9.25 -2.26
N LEU A 41 13.61 10.56 -2.09
CA LEU A 41 12.34 11.27 -2.09
C LEU A 41 12.14 12.10 -3.36
N ILE A 42 11.10 11.84 -4.13
CA ILE A 42 10.72 12.72 -5.24
C ILE A 42 9.95 13.84 -4.56
N ASN A 43 10.66 14.89 -4.20
CA ASN A 43 10.11 16.04 -3.49
C ASN A 43 9.47 17.03 -4.46
N LEU A 44 8.25 16.76 -4.90
CA LEU A 44 7.47 17.65 -5.78
C LEU A 44 8.20 18.08 -7.06
N GLY A 45 9.07 17.22 -7.58
CA GLY A 45 9.93 17.60 -8.69
C GLY A 45 11.28 18.05 -8.17
N ASP A 46 12.11 17.08 -7.84
CA ASP A 46 13.40 17.30 -7.18
C ASP A 46 14.54 16.99 -8.13
N LYS A 47 14.77 15.70 -8.36
CA LYS A 47 15.93 15.26 -9.13
C LYS A 47 15.72 15.57 -10.61
N PRO A 48 16.82 15.83 -11.36
CA PRO A 48 16.71 16.17 -12.78
C PRO A 48 16.13 15.11 -13.70
N GLN A 49 16.29 15.37 -15.00
CA GLN A 49 15.76 14.53 -16.07
C GLN A 49 16.12 13.06 -16.01
N TRP A 50 17.19 12.67 -15.33
CA TRP A 50 17.50 11.26 -15.14
C TRP A 50 16.31 10.50 -14.54
N PHE A 51 15.69 11.08 -13.52
CA PHE A 51 14.54 10.44 -12.87
C PHE A 51 13.32 10.54 -13.78
N LEU A 52 13.19 11.64 -14.50
CA LEU A 52 12.01 11.88 -15.34
C LEU A 52 11.97 10.99 -16.57
N GLU A 53 13.14 10.56 -17.05
CA GLU A 53 13.25 9.61 -18.14
C GLU A 53 12.76 8.24 -17.72
N ILE A 54 12.97 7.90 -16.45
CA ILE A 54 12.55 6.61 -15.92
C ILE A 54 11.08 6.62 -15.48
N SER A 55 10.71 7.63 -14.72
CA SER A 55 9.37 7.72 -14.12
C SER A 55 8.36 8.29 -15.12
N PRO A 56 7.35 7.52 -15.56
CA PRO A 56 6.47 8.10 -16.59
C PRO A 56 5.55 9.25 -16.17
N GLU A 57 5.22 9.35 -14.89
CA GLU A 57 4.46 10.51 -14.39
C GLU A 57 5.44 11.56 -13.87
N GLY A 58 6.71 11.19 -13.82
CA GLY A 58 7.71 11.98 -13.11
C GLY A 58 7.69 11.74 -11.60
N LYS A 59 6.60 11.15 -11.10
CA LYS A 59 6.36 10.99 -9.67
C LYS A 59 5.72 9.67 -9.23
N VAL A 60 5.89 8.60 -10.00
CA VAL A 60 5.44 7.26 -9.55
C VAL A 60 6.50 6.72 -8.59
N PRO A 61 6.18 5.69 -7.79
CA PRO A 61 7.37 5.02 -7.26
C PRO A 61 8.16 4.30 -8.34
N VAL A 62 9.47 4.35 -8.20
CA VAL A 62 10.38 3.70 -9.15
C VAL A 62 11.33 2.85 -8.32
N VAL A 63 11.56 1.60 -8.68
CA VAL A 63 12.49 0.75 -7.93
C VAL A 63 13.75 0.49 -8.77
N LYS A 64 14.88 0.87 -8.18
CA LYS A 64 16.20 0.63 -8.77
C LYS A 64 16.68 -0.67 -8.12
N ILE A 65 17.12 -1.62 -8.92
CA ILE A 65 17.52 -2.94 -8.47
C ILE A 65 18.88 -3.21 -9.09
N ASP A 66 19.95 -2.86 -8.39
CA ASP A 66 21.33 -2.95 -8.89
C ASP A 66 21.46 -2.28 -10.26
N ASP A 67 20.98 -1.05 -10.31
CA ASP A 67 20.92 -0.19 -11.52
C ASP A 67 20.04 -0.65 -12.69
N LYS A 68 19.25 -1.70 -12.52
CA LYS A 68 18.07 -1.90 -13.37
C LYS A 68 17.02 -0.96 -12.78
N TRP A 69 16.17 -0.34 -13.57
CA TRP A 69 15.11 0.52 -13.01
C TRP A 69 13.76 0.10 -13.59
N VAL A 70 12.78 -0.21 -12.75
CA VAL A 70 11.43 -0.57 -13.23
C VAL A 70 10.39 0.16 -12.38
N ALA A 71 9.18 0.34 -12.90
CA ALA A 71 8.13 1.10 -12.22
C ALA A 71 6.74 0.77 -12.78
N ASP A 72 6.02 -0.13 -12.14
CA ASP A 72 4.60 -0.36 -12.38
C ASP A 72 4.15 -0.94 -11.05
N SER A 73 2.88 -0.81 -10.70
CA SER A 73 2.40 -1.24 -9.39
C SER A 73 2.54 -2.72 -9.12
N ASP A 74 2.43 -3.54 -10.16
CA ASP A 74 2.47 -4.99 -9.98
C ASP A 74 3.86 -5.58 -10.23
N VAL A 75 4.80 -4.84 -10.82
CA VAL A 75 6.18 -5.35 -10.89
C VAL A 75 6.85 -5.07 -9.56
N ILE A 76 6.28 -4.09 -8.84
CA ILE A 76 6.65 -3.76 -7.48
C ILE A 76 6.23 -4.91 -6.53
N VAL A 77 5.29 -5.71 -6.97
CA VAL A 77 4.88 -6.92 -6.26
C VAL A 77 5.74 -8.10 -6.72
N GLY A 78 5.89 -8.29 -8.02
CA GLY A 78 6.60 -9.46 -8.53
C GLY A 78 8.09 -9.41 -8.78
N ILE A 79 8.53 -8.58 -9.73
CA ILE A 79 9.94 -8.51 -10.13
C ILE A 79 10.76 -7.99 -8.95
N LEU A 80 10.18 -7.11 -8.16
CA LEU A 80 10.87 -6.63 -6.96
C LEU A 80 11.15 -7.81 -6.03
N GLU A 81 10.17 -8.67 -5.76
CA GLU A 81 10.39 -9.79 -4.85
C GLU A 81 11.37 -10.81 -5.41
N GLU A 82 11.35 -10.96 -6.73
CA GLU A 82 12.24 -11.87 -7.45
C GLU A 82 13.70 -11.52 -7.18
N LYS A 83 13.94 -10.24 -6.87
CA LYS A 83 15.27 -9.71 -6.62
C LYS A 83 15.44 -9.09 -5.22
N ASN A 84 14.58 -9.47 -4.28
CA ASN A 84 14.58 -8.94 -2.92
C ASN A 84 15.25 -9.90 -1.93
N PRO A 85 16.60 -9.99 -1.91
CA PRO A 85 17.39 -11.25 -1.95
C PRO A 85 17.28 -12.34 -0.86
N GLU A 86 16.37 -12.20 0.10
CA GLU A 86 15.90 -13.36 0.87
C GLU A 86 14.95 -14.12 -0.09
N PRO A 87 14.45 -15.32 0.26
CA PRO A 87 13.72 -16.02 -0.81
C PRO A 87 12.53 -15.27 -1.44
N PRO A 88 12.41 -15.31 -2.78
CA PRO A 88 11.36 -14.55 -3.48
C PRO A 88 9.96 -15.14 -3.34
N LEU A 89 9.05 -14.41 -2.71
CA LEU A 89 7.71 -14.96 -2.46
C LEU A 89 6.58 -14.04 -2.92
N ALA A 90 6.31 -14.13 -4.21
CA ALA A 90 5.25 -13.35 -4.86
C ALA A 90 4.16 -14.23 -5.47
N THR A 91 3.32 -14.82 -4.63
CA THR A 91 2.16 -15.61 -5.08
C THR A 91 0.85 -14.83 -5.17
N PRO A 92 0.28 -14.65 -6.38
CA PRO A 92 -1.08 -14.12 -6.52
C PRO A 92 -2.21 -15.10 -6.93
N PRO A 93 -2.50 -16.15 -6.14
CA PRO A 93 -3.59 -17.08 -6.54
C PRO A 93 -4.99 -16.54 -6.16
N GLU A 94 -5.85 -17.34 -5.55
CA GLU A 94 -7.22 -16.95 -5.21
C GLU A 94 -7.33 -15.66 -4.41
N PHE A 95 -6.41 -15.42 -3.49
CA PHE A 95 -6.51 -14.21 -2.67
C PHE A 95 -6.38 -12.94 -3.49
N ALA A 96 -5.72 -13.00 -4.63
CA ALA A 96 -5.55 -11.81 -5.48
C ALA A 96 -6.89 -11.40 -6.10
N SER A 97 -7.76 -12.36 -6.37
CA SER A 97 -9.04 -12.00 -6.97
C SER A 97 -9.90 -11.31 -5.93
N VAL A 98 -9.76 -11.72 -4.67
CA VAL A 98 -10.50 -11.12 -3.56
C VAL A 98 -9.95 -9.71 -3.30
N GLY A 99 -8.64 -9.60 -3.19
CA GLY A 99 -8.00 -8.33 -2.87
C GLY A 99 -8.18 -7.26 -3.93
N SER A 100 -8.15 -7.65 -5.19
CA SER A 100 -8.34 -6.70 -6.29
C SER A 100 -9.77 -6.17 -6.42
N LYS A 101 -10.75 -6.78 -5.76
CA LYS A 101 -12.09 -6.18 -5.69
C LYS A 101 -12.13 -5.14 -4.59
N ILE A 102 -11.42 -5.40 -3.50
CA ILE A 102 -11.43 -4.54 -2.33
C ILE A 102 -10.61 -3.28 -2.58
N PHE A 103 -9.41 -3.46 -3.13
CA PHE A 103 -8.42 -2.38 -3.28
C PHE A 103 -8.94 -1.08 -3.90
N PRO A 104 -9.56 -1.11 -5.11
CA PRO A 104 -9.94 0.23 -5.56
C PRO A 104 -11.18 0.81 -4.88
N SER A 105 -12.00 -0.05 -4.28
CA SER A 105 -13.31 0.35 -3.76
C SER A 105 -13.18 1.30 -2.59
N PHE A 106 -12.33 0.98 -1.62
CA PHE A 106 -12.21 1.87 -0.48
C PHE A 106 -11.48 3.16 -0.81
N VAL A 107 -10.64 3.12 -1.84
CA VAL A 107 -9.94 4.34 -2.26
C VAL A 107 -10.94 5.25 -2.95
N LYS A 108 -11.84 4.68 -3.73
CA LYS A 108 -12.90 5.47 -4.36
C LYS A 108 -13.76 6.08 -3.27
N PHE A 109 -14.19 5.26 -2.32
CA PHE A 109 -15.08 5.69 -1.24
C PHE A 109 -14.47 6.81 -0.38
N LEU A 110 -13.20 6.70 -0.01
CA LEU A 110 -12.60 7.73 0.84
C LEU A 110 -12.37 9.07 0.15
N LYS A 111 -12.37 9.08 -1.17
CA LYS A 111 -12.20 10.31 -1.94
C LYS A 111 -13.56 10.83 -2.43
N SER A 112 -14.62 10.12 -2.09
CA SER A 112 -15.94 10.40 -2.65
C SER A 112 -16.94 10.99 -1.67
N LYS A 113 -17.75 11.91 -2.17
CA LYS A 113 -18.88 12.47 -1.42
C LYS A 113 -20.12 12.33 -2.31
N ASP A 114 -20.12 11.27 -3.09
CA ASP A 114 -21.26 10.85 -3.91
C ASP A 114 -22.29 10.29 -2.94
N PRO A 115 -23.54 9.98 -3.37
CA PRO A 115 -24.46 9.39 -2.38
C PRO A 115 -24.15 7.92 -2.00
N ASN A 116 -23.17 7.73 -1.13
CA ASN A 116 -22.42 6.48 -1.06
C ASN A 116 -22.93 5.40 -0.11
N ASP A 117 -24.20 5.33 0.22
CA ASP A 117 -24.64 4.29 1.15
C ASP A 117 -24.43 2.88 0.60
N GLY A 118 -24.60 2.72 -0.71
CA GLY A 118 -24.31 1.45 -1.35
C GLY A 118 -22.82 1.15 -1.42
N THR A 119 -21.98 2.17 -1.54
CA THR A 119 -20.52 1.97 -1.58
C THR A 119 -19.95 1.73 -0.18
N GLU A 120 -20.57 2.29 0.85
CA GLU A 120 -20.21 1.97 2.23
C GLU A 120 -20.51 0.48 2.47
N GLN A 121 -21.64 0.04 1.96
CA GLN A 121 -21.99 -1.37 2.05
C GLN A 121 -21.16 -2.23 1.10
N ALA A 122 -20.62 -1.68 0.01
CA ALA A 122 -19.65 -2.42 -0.79
C ALA A 122 -18.42 -2.68 0.07
N LEU A 123 -17.98 -1.72 0.86
CA LEU A 123 -16.81 -1.94 1.70
C LEU A 123 -17.11 -3.05 2.70
N LEU A 124 -18.30 -2.97 3.28
CA LEU A 124 -18.73 -3.98 4.24
C LEU A 124 -18.80 -5.38 3.62
N GLU A 125 -19.37 -5.50 2.42
CA GLU A 125 -19.58 -6.79 1.78
C GLU A 125 -18.34 -7.36 1.09
N GLU A 126 -17.44 -6.52 0.58
CA GLU A 126 -16.19 -7.01 0.00
C GLU A 126 -15.24 -7.40 1.12
N LEU A 127 -15.28 -6.67 2.23
CA LEU A 127 -14.49 -7.09 3.38
C LEU A 127 -15.19 -8.23 4.10
N LYS A 128 -16.48 -8.47 3.88
CA LYS A 128 -17.12 -9.70 4.35
C LYS A 128 -16.61 -10.89 3.55
N ALA A 129 -16.36 -10.68 2.27
CA ALA A 129 -15.78 -11.74 1.46
C ALA A 129 -14.41 -12.07 2.06
N LEU A 130 -13.65 -11.03 2.37
CA LEU A 130 -12.37 -11.21 3.05
C LEU A 130 -12.50 -11.86 4.43
N ASP A 131 -13.52 -11.53 5.22
CA ASP A 131 -13.69 -12.11 6.55
C ASP A 131 -13.91 -13.62 6.48
N GLY A 132 -14.71 -14.04 5.50
CA GLY A 132 -14.93 -15.46 5.27
C GLY A 132 -13.70 -16.17 4.74
N HIS A 133 -12.93 -15.49 3.90
CA HIS A 133 -11.70 -16.06 3.36
C HIS A 133 -10.59 -16.12 4.41
N LEU A 134 -10.49 -15.13 5.28
CA LEU A 134 -9.45 -15.14 6.31
C LEU A 134 -9.69 -16.29 7.27
N LYS A 135 -10.93 -16.53 7.68
CA LYS A 135 -11.20 -17.63 8.60
C LYS A 135 -11.04 -19.01 7.94
N VAL A 136 -11.09 -19.09 6.61
CA VAL A 136 -10.96 -20.38 5.92
C VAL A 136 -9.55 -20.93 6.05
N HIS A 137 -8.56 -20.05 6.23
CA HIS A 137 -7.18 -20.49 6.47
C HIS A 137 -6.64 -20.18 7.86
N GLY A 138 -7.04 -19.05 8.43
CA GLY A 138 -6.54 -18.60 9.73
C GLY A 138 -5.68 -17.34 9.67
N PRO A 139 -4.43 -17.37 9.15
CA PRO A 139 -3.52 -16.22 9.03
C PRO A 139 -3.93 -15.06 8.11
N PHE A 140 -2.93 -14.27 7.74
CA PHE A 140 -3.05 -13.13 6.82
C PHE A 140 -3.63 -13.53 5.47
N ILE A 141 -4.04 -12.56 4.65
CA ILE A 141 -4.79 -12.83 3.40
C ILE A 141 -4.13 -13.85 2.46
N ALA A 142 -2.81 -13.89 2.39
CA ALA A 142 -2.12 -14.84 1.52
C ALA A 142 -2.08 -16.29 2.04
N GLY A 143 -2.79 -16.56 3.12
CA GLY A 143 -3.06 -17.92 3.57
C GLY A 143 -2.14 -18.45 4.66
N GLU A 144 -0.87 -18.07 4.68
CA GLU A 144 0.07 -18.53 5.70
C GLU A 144 0.78 -17.37 6.41
N LYS A 145 1.15 -16.34 5.64
CA LYS A 145 1.90 -15.20 6.16
C LYS A 145 1.75 -14.00 5.23
N ILE A 146 2.41 -12.91 5.55
CA ILE A 146 2.46 -11.75 4.65
C ILE A 146 3.28 -12.16 3.43
N THR A 147 2.67 -12.08 2.26
CA THR A 147 3.23 -12.55 0.98
C THR A 147 2.53 -11.65 -0.04
N ALA A 148 2.90 -11.66 -1.31
CA ALA A 148 2.38 -10.74 -2.34
C ALA A 148 1.00 -10.07 -2.24
N VAL A 149 -0.07 -10.82 -2.08
CA VAL A 149 -1.40 -10.21 -2.05
C VAL A 149 -1.55 -9.30 -0.84
N ASP A 150 -0.93 -9.69 0.27
CA ASP A 150 -0.97 -8.90 1.49
C ASP A 150 -0.16 -7.65 1.28
N LEU A 151 1.00 -7.80 0.67
CA LEU A 151 1.89 -6.68 0.39
C LEU A 151 1.21 -5.69 -0.54
N SER A 152 0.37 -6.19 -1.42
CA SER A 152 -0.38 -5.34 -2.34
C SER A 152 -1.47 -4.53 -1.67
N LEU A 153 -2.16 -5.14 -0.71
CA LEU A 153 -3.37 -4.56 -0.11
C LEU A 153 -3.18 -3.89 1.24
N ALA A 154 -2.45 -4.52 2.15
CA ALA A 154 -2.32 -4.07 3.54
C ALA A 154 -1.84 -2.62 3.74
N PRO A 155 -0.83 -2.15 2.98
CA PRO A 155 -0.55 -0.74 3.31
C PRO A 155 -1.60 0.25 2.83
N LYS A 156 -2.41 -0.12 1.85
CA LYS A 156 -3.51 0.75 1.45
C LYS A 156 -4.67 0.64 2.42
N LEU A 157 -4.76 -0.46 3.15
CA LEU A 157 -5.70 -0.56 4.28
C LEU A 157 -5.25 0.33 5.45
N TYR A 158 -3.95 0.60 5.57
CA TYR A 158 -3.48 1.61 6.50
C TYR A 158 -3.82 3.01 6.00
N HIS A 159 -3.60 3.27 4.71
CA HIS A 159 -3.98 4.57 4.12
C HIS A 159 -5.49 4.79 4.21
N LEU A 160 -6.26 3.70 4.16
CA LEU A 160 -7.72 3.74 4.27
C LEU A 160 -8.05 4.35 5.60
N GLU A 161 -7.60 3.78 6.69
CA GLU A 161 -8.04 4.26 8.00
C GLU A 161 -7.55 5.66 8.30
N VAL A 162 -6.38 6.02 7.80
CA VAL A 162 -5.90 7.38 7.97
C VAL A 162 -6.79 8.37 7.23
N ALA A 163 -7.01 8.16 5.95
CA ALA A 163 -7.69 9.16 5.13
C ALA A 163 -9.22 9.11 5.24
N LEU A 164 -9.77 7.91 5.25
CA LEU A 164 -11.21 7.73 5.38
C LEU A 164 -11.62 8.16 6.77
N GLY A 165 -10.78 7.85 7.75
CA GLY A 165 -11.06 8.23 9.12
C GLY A 165 -11.15 9.73 9.28
N HIS A 166 -10.38 10.47 8.49
CA HIS A 166 -10.53 11.92 8.46
C HIS A 166 -11.77 12.39 7.72
N PHE A 167 -11.98 11.86 6.51
CA PHE A 167 -12.98 12.43 5.59
C PHE A 167 -14.43 11.95 5.75
N LYS A 168 -14.62 10.64 5.91
CA LYS A 168 -15.94 9.98 5.88
C LYS A 168 -15.85 8.77 6.80
N ASN A 169 -15.58 9.02 8.08
CA ASN A 169 -15.11 7.97 8.99
C ASN A 169 -15.94 6.69 9.05
N TRP A 170 -15.29 5.58 8.72
CA TRP A 170 -15.87 4.24 8.76
C TRP A 170 -14.73 3.30 9.17
N PRO A 171 -14.59 3.01 10.48
CA PRO A 171 -13.63 1.96 10.80
C PRO A 171 -14.19 0.60 10.40
N ILE A 172 -13.36 -0.42 10.30
CA ILE A 172 -13.85 -1.75 9.95
C ILE A 172 -14.55 -2.27 11.21
N PRO A 173 -15.83 -2.68 11.13
CA PRO A 173 -16.49 -3.11 12.37
C PRO A 173 -16.04 -4.48 12.86
N ASP A 174 -16.38 -4.80 14.10
CA ASP A 174 -16.12 -6.14 14.68
C ASP A 174 -17.10 -7.19 14.15
N ASN A 175 -18.01 -6.76 13.29
CA ASN A 175 -18.86 -7.68 12.53
C ASN A 175 -18.00 -8.34 11.45
N LEU A 176 -16.84 -7.75 11.22
CA LEU A 176 -15.81 -8.28 10.33
C LEU A 176 -14.57 -8.49 11.19
N THR A 177 -14.72 -9.21 12.30
CA THR A 177 -13.67 -9.27 13.32
C THR A 177 -12.38 -9.91 12.80
N HIS A 178 -12.47 -10.76 11.79
CA HIS A 178 -11.27 -11.42 11.28
C HIS A 178 -10.48 -10.41 10.48
N VAL A 179 -11.17 -9.52 9.78
CA VAL A 179 -10.51 -8.45 9.03
C VAL A 179 -9.96 -7.41 10.00
N LEU A 180 -10.74 -7.11 11.04
CA LEU A 180 -10.32 -6.14 12.03
C LEU A 180 -9.08 -6.59 12.78
N ASN A 181 -9.03 -7.84 13.20
CA ASN A 181 -7.86 -8.35 13.91
C ASN A 181 -6.68 -8.54 12.98
N TYR A 182 -6.96 -8.72 11.70
CA TYR A 182 -5.93 -8.80 10.65
C TYR A 182 -5.28 -7.43 10.46
N ILE A 183 -6.04 -6.35 10.32
CA ILE A 183 -5.41 -5.03 10.21
C ILE A 183 -4.76 -4.61 11.54
N LYS A 184 -5.32 -4.99 12.68
CA LYS A 184 -4.66 -4.72 13.97
C LYS A 184 -3.31 -5.42 14.06
N LEU A 185 -3.22 -6.64 13.55
CA LEU A 185 -1.94 -7.35 13.50
C LEU A 185 -0.95 -6.68 12.55
N LEU A 186 -1.43 -6.26 11.39
CA LEU A 186 -0.57 -5.62 10.40
C LEU A 186 -0.01 -4.27 10.85
N PHE A 187 -0.89 -3.43 11.39
CA PHE A 187 -0.58 -2.05 11.69
C PHE A 187 0.64 -1.87 12.60
N SER A 188 0.73 -2.70 13.62
CA SER A 188 1.82 -2.59 14.60
C SER A 188 2.83 -3.71 14.40
N ARG A 189 3.58 -3.63 13.31
CA ARG A 189 4.74 -4.49 13.07
C ARG A 189 5.90 -3.56 12.82
N GLU A 190 7.11 -4.01 13.09
CA GLU A 190 8.31 -3.18 12.98
C GLU A 190 8.45 -2.63 11.57
N SER A 191 8.32 -3.49 10.57
CA SER A 191 8.42 -3.06 9.18
C SER A 191 7.28 -2.13 8.78
N PHE A 192 6.07 -2.47 9.19
CA PHE A 192 4.88 -1.75 8.76
C PHE A 192 4.91 -0.32 9.30
N LYS A 193 5.24 -0.20 10.57
CA LYS A 193 5.34 1.10 11.23
C LYS A 193 6.52 1.90 10.68
N LYS A 194 7.63 1.27 10.38
CA LYS A 194 8.79 2.00 9.88
C LYS A 194 8.57 2.54 8.47
N THR A 195 7.87 1.79 7.63
CA THR A 195 7.64 2.21 6.24
C THR A 195 6.40 3.08 6.04
N ARG A 196 5.66 3.36 7.10
CA ARG A 196 4.39 4.07 6.96
C ARG A 196 4.49 5.47 6.36
N ALA A 197 3.54 5.81 5.51
CA ALA A 197 3.45 7.15 4.94
C ALA A 197 3.08 8.14 6.05
N ALA A 198 3.47 9.40 5.90
CA ALA A 198 3.14 10.42 6.89
C ALA A 198 1.61 10.62 6.92
N GLU A 199 0.97 10.44 8.06
CA GLU A 199 -0.49 10.33 8.11
C GLU A 199 -1.23 11.60 7.69
N GLU A 200 -0.80 12.72 8.25
CA GLU A 200 -1.41 14.00 7.93
C GLU A 200 -1.16 14.35 6.46
N HIS A 201 -0.14 13.77 5.85
CA HIS A 201 0.13 13.99 4.44
C HIS A 201 -0.46 12.90 3.52
N VAL A 202 -1.11 11.88 4.07
CA VAL A 202 -1.96 11.03 3.24
C VAL A 202 -3.22 11.89 3.05
N ILE A 203 -3.67 12.47 4.16
CA ILE A 203 -4.86 13.31 4.16
C ILE A 203 -4.61 14.54 3.29
N ALA A 204 -3.56 15.30 3.56
CA ALA A 204 -3.21 16.48 2.78
C ALA A 204 -2.54 16.14 1.45
N GLY A 205 -2.46 14.85 1.13
CA GLY A 205 -2.04 14.41 -0.19
C GLY A 205 -3.26 14.19 -1.06
N TRP A 206 -4.28 13.55 -0.54
CA TRP A 206 -5.49 13.27 -1.32
C TRP A 206 -6.58 14.35 -1.24
N GLU A 207 -6.79 14.95 -0.08
CA GLU A 207 -7.77 16.03 0.04
C GLU A 207 -7.49 17.35 -0.69
N PRO A 208 -6.25 17.70 -1.08
CA PRO A 208 -6.28 18.85 -2.00
C PRO A 208 -6.99 18.62 -3.33
N LYS A 209 -7.12 17.39 -3.84
CA LYS A 209 -7.96 17.20 -5.02
C LYS A 209 -9.43 17.14 -4.65
N VAL A 210 -9.74 16.55 -3.50
CA VAL A 210 -11.14 16.44 -3.07
C VAL A 210 -11.72 17.82 -2.77
N ASN A 211 -10.90 18.72 -2.23
CA ASN A 211 -11.37 20.05 -1.83
C ASN A 211 -11.11 21.16 -2.85
N ALA A 212 -10.24 20.95 -3.83
CA ALA A 212 -9.81 22.02 -4.75
C ALA A 212 -9.53 21.52 -6.17
N MET A 1 23.89 -8.04 -2.12
CA MET A 1 23.29 -7.14 -3.14
C MET A 1 22.63 -5.94 -2.48
N ALA A 2 22.75 -4.79 -3.12
CA ALA A 2 22.11 -3.56 -2.68
C ALA A 2 21.30 -2.96 -3.84
N LEU A 3 20.29 -2.18 -3.50
CA LEU A 3 19.40 -1.58 -4.50
C LEU A 3 19.10 -0.15 -4.09
N GLU A 4 18.65 0.66 -5.05
CA GLU A 4 18.21 2.01 -4.76
C GLU A 4 16.70 1.98 -4.94
N ILE A 5 15.99 2.67 -4.06
CA ILE A 5 14.53 2.70 -4.06
C ILE A 5 14.22 4.18 -4.07
N CYS A 6 13.61 4.63 -5.16
CA CYS A 6 13.34 6.05 -5.33
C CYS A 6 11.84 6.12 -5.20
N VAL A 7 11.36 7.03 -4.38
CA VAL A 7 9.97 7.01 -3.90
C VAL A 7 9.38 8.41 -3.77
N LYS A 8 8.13 8.60 -4.15
CA LYS A 8 7.46 9.90 -3.96
C LYS A 8 7.35 10.22 -2.47
N ALA A 9 7.80 11.41 -2.10
CA ALA A 9 7.80 11.88 -0.72
C ALA A 9 6.40 12.33 -0.28
N ALA A 10 6.33 12.68 0.99
CA ALA A 10 5.18 13.39 1.53
C ALA A 10 5.02 14.73 0.80
N VAL A 11 3.78 15.13 0.69
CA VAL A 11 3.36 16.27 -0.12
C VAL A 11 3.80 17.57 0.57
N GLY A 12 4.78 18.26 0.01
CA GLY A 12 5.28 19.48 0.62
C GLY A 12 6.21 19.18 1.79
N ALA A 13 6.81 17.99 1.81
CA ALA A 13 7.69 17.57 2.91
C ALA A 13 8.85 16.66 2.45
N PRO A 14 10.01 17.23 2.07
CA PRO A 14 11.22 16.47 1.70
C PRO A 14 11.95 15.81 2.90
N ASN A 15 11.20 15.03 3.66
CA ASN A 15 11.75 14.33 4.82
C ASN A 15 11.24 12.92 5.05
N ILE A 16 10.03 12.62 4.62
CA ILE A 16 9.40 11.30 4.84
C ILE A 16 8.61 10.87 3.59
N LEU A 17 8.19 9.61 3.58
CA LEU A 17 7.36 8.98 2.53
C LEU A 17 5.90 9.45 2.58
N GLY A 18 5.21 9.55 1.45
CA GLY A 18 3.81 9.98 1.42
C GLY A 18 2.82 9.11 0.69
N ASP A 19 1.57 9.56 0.58
CA ASP A 19 0.57 8.83 -0.20
C ASP A 19 0.83 8.99 -1.70
N CYS A 20 1.58 8.02 -2.21
CA CYS A 20 1.31 7.38 -3.49
C CYS A 20 1.00 5.96 -3.00
N PRO A 21 -0.06 5.31 -3.53
CA PRO A 21 -0.41 3.97 -3.05
C PRO A 21 0.73 2.98 -3.18
N PHE A 22 1.43 3.07 -4.29
CA PHE A 22 2.44 2.07 -4.61
C PHE A 22 3.73 2.29 -3.84
N CYS A 23 4.02 3.50 -3.38
CA CYS A 23 5.28 3.74 -2.67
C CYS A 23 5.38 2.98 -1.36
N GLN A 24 4.25 2.81 -0.68
CA GLN A 24 4.31 2.14 0.61
C GLN A 24 4.35 0.62 0.40
N ARG A 25 4.07 0.16 -0.82
CA ARG A 25 4.19 -1.28 -1.10
C ARG A 25 5.65 -1.67 -1.08
N VAL A 26 6.49 -0.83 -1.65
CA VAL A 26 7.92 -1.13 -1.67
C VAL A 26 8.53 -1.03 -0.30
N LEU A 27 8.21 0.01 0.46
CA LEU A 27 8.84 0.14 1.76
C LEU A 27 8.43 -1.01 2.68
N LEU A 28 7.17 -1.44 2.64
CA LEU A 28 6.74 -2.56 3.47
C LEU A 28 7.46 -3.85 3.10
N SER A 29 7.61 -4.12 1.81
CA SER A 29 8.26 -5.36 1.37
C SER A 29 9.76 -5.37 1.64
N LEU A 30 10.43 -4.24 1.45
CA LEU A 30 11.85 -4.14 1.71
C LEU A 30 12.11 -4.33 3.21
N GLU A 31 11.30 -3.67 4.03
CA GLU A 31 11.51 -3.70 5.47
C GLU A 31 11.06 -5.04 6.09
N GLU A 32 10.08 -5.71 5.51
CA GLU A 32 9.69 -7.05 5.99
C GLU A 32 10.80 -8.09 5.73
N LYS A 33 11.51 -7.94 4.62
CA LYS A 33 12.62 -8.84 4.29
C LYS A 33 13.94 -8.38 4.87
N LYS A 34 13.98 -7.15 5.36
CA LYS A 34 15.15 -6.52 6.00
C LYS A 34 16.42 -6.59 5.16
N ILE A 35 16.33 -6.16 3.92
CA ILE A 35 17.47 -6.17 3.00
C ILE A 35 18.08 -4.76 2.97
N PRO A 36 19.38 -4.61 2.63
CA PRO A 36 19.86 -3.22 2.61
C PRO A 36 19.35 -2.48 1.38
N TYR A 37 19.07 -1.19 1.51
CA TYR A 37 18.61 -0.39 0.38
C TYR A 37 18.99 1.08 0.56
N LYS A 38 19.06 1.83 -0.53
CA LYS A 38 19.29 3.28 -0.48
C LYS A 38 18.05 4.06 -0.91
N SER A 39 17.42 4.75 0.03
CA SER A 39 16.20 5.51 -0.25
C SER A 39 16.43 6.92 -0.77
N HIS A 40 15.77 7.21 -1.88
CA HIS A 40 15.83 8.50 -2.56
C HIS A 40 14.44 9.13 -2.70
N LEU A 41 14.09 9.98 -1.74
CA LEU A 41 12.79 10.64 -1.76
C LEU A 41 12.70 11.59 -2.95
N ILE A 42 11.51 11.66 -3.55
CA ILE A 42 11.19 12.56 -4.67
C ILE A 42 10.05 13.46 -4.18
N ASN A 43 10.38 14.63 -3.68
CA ASN A 43 9.40 15.61 -3.23
C ASN A 43 8.81 16.43 -4.38
N LEU A 44 7.79 15.88 -5.03
CA LEU A 44 6.94 16.63 -5.97
C LEU A 44 7.73 17.33 -7.10
N GLY A 45 8.67 16.60 -7.66
CA GLY A 45 9.66 17.18 -8.55
C GLY A 45 10.95 17.49 -7.83
N ASP A 46 11.91 16.57 -7.86
CA ASP A 46 13.17 16.75 -7.13
C ASP A 46 14.41 16.65 -8.02
N LYS A 47 14.95 15.44 -8.16
CA LYS A 47 16.24 15.24 -8.82
C LYS A 47 16.14 15.50 -10.31
N PRO A 48 17.25 15.92 -10.96
CA PRO A 48 17.29 16.13 -12.42
C PRO A 48 17.00 14.88 -13.26
N GLN A 49 17.12 15.04 -14.58
CA GLN A 49 16.54 14.12 -15.56
C GLN A 49 17.08 12.69 -15.56
N TRP A 50 18.17 12.45 -14.84
CA TRP A 50 18.63 11.10 -14.54
C TRP A 50 17.46 10.26 -13.99
N PHE A 51 16.64 10.86 -13.15
CA PHE A 51 15.50 10.17 -12.55
C PHE A 51 14.29 10.10 -13.51
N LEU A 52 14.16 11.07 -14.40
CA LEU A 52 13.10 11.05 -15.42
C LEU A 52 13.31 9.91 -16.40
N GLU A 53 14.57 9.61 -16.70
CA GLU A 53 14.89 8.46 -17.54
C GLU A 53 14.45 7.15 -16.85
N ILE A 54 14.62 7.11 -15.54
CA ILE A 54 14.33 5.94 -14.70
C ILE A 54 12.82 5.71 -14.48
N SER A 55 12.08 6.76 -14.16
CA SER A 55 10.64 6.66 -13.88
C SER A 55 9.77 7.16 -15.05
N PRO A 56 8.78 6.37 -15.50
CA PRO A 56 8.04 6.85 -16.69
C PRO A 56 7.13 8.07 -16.46
N GLU A 57 6.68 8.33 -15.24
CA GLU A 57 6.01 9.62 -14.97
C GLU A 57 6.99 10.63 -14.37
N GLY A 58 8.18 10.17 -13.99
CA GLY A 58 9.12 10.99 -13.23
C GLY A 58 8.84 11.04 -11.74
N LYS A 59 7.72 10.46 -11.33
CA LYS A 59 7.17 10.63 -9.97
C LYS A 59 6.50 9.40 -9.36
N VAL A 60 7.01 8.22 -9.67
CA VAL A 60 6.44 6.94 -9.19
C VAL A 60 7.47 6.19 -8.35
N PRO A 61 7.05 5.22 -7.52
CA PRO A 61 8.18 4.48 -6.95
C PRO A 61 8.83 3.60 -8.02
N VAL A 62 10.11 3.35 -7.89
CA VAL A 62 10.81 2.44 -8.78
C VAL A 62 11.70 1.59 -7.87
N VAL A 63 12.18 0.44 -8.34
CA VAL A 63 13.34 -0.19 -7.70
C VAL A 63 14.43 -0.39 -8.73
N LYS A 64 15.60 0.14 -8.39
CA LYS A 64 16.80 0.05 -9.20
C LYS A 64 17.60 -1.06 -8.56
N ILE A 65 17.33 -2.28 -8.99
CA ILE A 65 17.91 -3.46 -8.37
C ILE A 65 19.16 -3.73 -9.17
N ASP A 66 20.30 -3.52 -8.53
CA ASP A 66 21.61 -3.69 -9.17
C ASP A 66 21.71 -3.02 -10.54
N ASP A 67 21.43 -1.71 -10.53
CA ASP A 67 21.41 -0.83 -11.71
C ASP A 67 20.26 -1.00 -12.72
N LYS A 68 19.42 -2.02 -12.56
CA LYS A 68 18.30 -2.24 -13.48
C LYS A 68 17.01 -1.74 -12.85
N TRP A 69 16.30 -0.82 -13.50
CA TRP A 69 15.11 -0.22 -12.88
C TRP A 69 13.75 -0.65 -13.44
N VAL A 70 12.86 -1.01 -12.52
CA VAL A 70 11.50 -1.46 -12.88
C VAL A 70 10.40 -0.74 -12.09
N ALA A 71 9.28 -0.51 -12.76
CA ALA A 71 8.11 0.19 -12.20
C ALA A 71 6.76 0.02 -12.94
N ASP A 72 5.80 -0.60 -12.27
CA ASP A 72 4.36 -0.55 -12.55
C ASP A 72 3.89 -1.19 -11.24
N SER A 73 2.67 -0.97 -10.78
CA SER A 73 2.27 -1.39 -9.45
C SER A 73 2.42 -2.88 -9.15
N ASP A 74 2.20 -3.73 -10.15
CA ASP A 74 2.37 -5.17 -9.95
C ASP A 74 3.84 -5.57 -9.90
N VAL A 75 4.66 -5.00 -10.75
CA VAL A 75 6.04 -5.47 -10.90
C VAL A 75 6.93 -4.88 -9.81
N ILE A 76 6.43 -3.81 -9.18
CA ILE A 76 7.08 -3.19 -8.04
C ILE A 76 7.13 -4.20 -6.88
N VAL A 77 6.22 -5.18 -6.91
CA VAL A 77 6.25 -6.26 -5.92
C VAL A 77 6.86 -7.51 -6.56
N GLY A 78 6.42 -7.88 -7.75
CA GLY A 78 6.85 -9.14 -8.37
C GLY A 78 8.27 -9.27 -8.88
N ILE A 79 8.84 -8.23 -9.48
CA ILE A 79 10.23 -8.32 -9.96
C ILE A 79 11.12 -8.10 -8.74
N LEU A 80 10.64 -7.34 -7.78
CA LEU A 80 11.37 -7.19 -6.52
C LEU A 80 11.52 -8.55 -5.85
N GLU A 81 10.50 -9.38 -5.86
CA GLU A 81 10.66 -10.75 -5.35
C GLU A 81 11.56 -11.60 -6.23
N GLU A 82 11.46 -11.48 -7.54
CA GLU A 82 12.27 -12.32 -8.42
C GLU A 82 13.76 -12.10 -8.20
N LYS A 83 14.12 -10.87 -7.86
CA LYS A 83 15.50 -10.50 -7.56
C LYS A 83 15.84 -10.35 -6.08
N ASN A 84 14.93 -10.77 -5.22
CA ASN A 84 15.13 -10.64 -3.78
C ASN A 84 16.24 -11.61 -3.33
N PRO A 85 17.24 -11.15 -2.56
CA PRO A 85 18.20 -12.14 -2.03
C PRO A 85 17.61 -13.04 -0.94
N GLU A 86 16.49 -12.66 -0.33
CA GLU A 86 15.78 -13.47 0.65
C GLU A 86 14.68 -14.20 -0.14
N PRO A 87 14.09 -15.30 0.39
CA PRO A 87 13.26 -16.09 -0.55
C PRO A 87 12.00 -15.38 -1.12
N PRO A 88 11.65 -15.65 -2.39
CA PRO A 88 10.51 -14.96 -3.00
C PRO A 88 9.09 -15.50 -2.72
N LEU A 89 8.19 -14.58 -2.44
CA LEU A 89 6.79 -14.87 -2.15
C LEU A 89 5.84 -14.19 -3.16
N ALA A 90 6.22 -14.20 -4.42
CA ALA A 90 5.44 -13.61 -5.53
C ALA A 90 4.27 -14.52 -5.96
N THR A 91 3.32 -14.69 -5.06
CA THR A 91 2.13 -15.51 -5.32
C THR A 91 0.86 -14.66 -5.09
N PRO A 92 0.13 -14.23 -6.14
CA PRO A 92 -1.24 -13.69 -6.06
C PRO A 92 -2.43 -14.62 -6.43
N PRO A 93 -2.80 -15.56 -5.54
CA PRO A 93 -3.86 -16.55 -5.87
C PRO A 93 -5.27 -16.11 -5.47
N GLU A 94 -6.12 -17.00 -4.97
CA GLU A 94 -7.54 -16.74 -4.69
C GLU A 94 -7.85 -15.48 -3.89
N PHE A 95 -6.99 -15.16 -2.92
CA PHE A 95 -7.22 -13.97 -2.09
C PHE A 95 -7.03 -12.67 -2.88
N ALA A 96 -6.24 -12.71 -3.93
CA ALA A 96 -5.90 -11.52 -4.71
C ALA A 96 -7.04 -11.10 -5.64
N SER A 97 -7.84 -12.07 -6.08
CA SER A 97 -8.96 -11.75 -6.97
C SER A 97 -10.01 -10.97 -6.16
N VAL A 98 -10.10 -11.30 -4.88
CA VAL A 98 -11.01 -10.60 -3.97
C VAL A 98 -10.39 -9.24 -3.66
N GLY A 99 -9.07 -9.22 -3.50
CA GLY A 99 -8.36 -7.97 -3.27
C GLY A 99 -8.57 -6.96 -4.37
N SER A 100 -8.58 -7.38 -5.63
CA SER A 100 -8.82 -6.45 -6.75
C SER A 100 -10.29 -6.04 -6.93
N LYS A 101 -11.17 -6.44 -6.01
CA LYS A 101 -12.53 -5.87 -5.91
C LYS A 101 -12.66 -4.91 -4.74
N ILE A 102 -11.84 -5.08 -3.72
CA ILE A 102 -11.84 -4.19 -2.56
C ILE A 102 -10.94 -2.96 -2.81
N PHE A 103 -9.73 -3.19 -3.30
CA PHE A 103 -8.74 -2.13 -3.55
C PHE A 103 -9.31 -0.94 -4.37
N PRO A 104 -9.94 -1.18 -5.54
CA PRO A 104 -10.42 0.03 -6.23
C PRO A 104 -11.71 0.65 -5.67
N SER A 105 -12.52 -0.11 -4.95
CA SER A 105 -13.80 0.41 -4.46
C SER A 105 -13.58 1.27 -3.22
N PHE A 106 -12.67 0.85 -2.36
CA PHE A 106 -12.43 1.58 -1.10
C PHE A 106 -11.97 3.00 -1.43
N VAL A 107 -11.03 3.13 -2.36
CA VAL A 107 -10.55 4.46 -2.74
C VAL A 107 -11.59 5.23 -3.57
N LYS A 108 -12.48 4.53 -4.28
CA LYS A 108 -13.54 5.23 -5.01
C LYS A 108 -14.48 5.89 -4.01
N PHE A 109 -14.84 5.23 -2.93
CA PHE A 109 -15.69 5.85 -1.91
C PHE A 109 -15.01 6.97 -1.13
N LEU A 110 -13.69 6.98 -1.05
CA LEU A 110 -12.98 8.12 -0.47
C LEU A 110 -13.16 9.36 -1.34
N LYS A 111 -13.14 9.22 -2.65
CA LYS A 111 -13.37 10.38 -3.53
C LYS A 111 -14.85 10.68 -3.75
N SER A 112 -15.69 9.66 -3.72
CA SER A 112 -17.11 9.81 -3.99
C SER A 112 -17.88 10.47 -2.86
N LYS A 113 -18.68 11.46 -3.20
CA LYS A 113 -19.56 12.17 -2.27
C LYS A 113 -21.01 11.91 -2.63
N ASP A 114 -21.25 10.75 -3.19
CA ASP A 114 -22.61 10.27 -3.53
C ASP A 114 -23.35 9.96 -2.22
N PRO A 115 -24.67 9.68 -2.28
CA PRO A 115 -25.25 9.05 -1.07
C PRO A 115 -24.79 7.59 -0.90
N ASN A 116 -23.76 7.42 -0.08
CA ASN A 116 -23.06 6.16 0.08
C ASN A 116 -23.25 5.67 1.51
N ASP A 117 -24.47 5.46 1.95
CA ASP A 117 -24.67 4.81 3.25
C ASP A 117 -24.84 3.33 3.00
N GLY A 118 -25.66 2.99 2.01
CA GLY A 118 -25.84 1.58 1.67
C GLY A 118 -24.66 1.01 0.93
N THR A 119 -23.94 1.85 0.19
CA THR A 119 -22.77 1.40 -0.55
C THR A 119 -21.45 1.64 0.15
N GLU A 120 -21.40 2.31 1.29
CA GLU A 120 -20.20 2.15 2.12
C GLU A 120 -20.27 0.74 2.70
N GLN A 121 -21.48 0.26 2.92
CA GLN A 121 -21.70 -1.13 3.31
C GLN A 121 -21.56 -2.08 2.10
N ALA A 122 -21.28 -1.57 0.91
CA ALA A 122 -20.85 -2.45 -0.18
C ALA A 122 -19.43 -2.89 0.18
N LEU A 123 -18.64 -2.04 0.82
CA LEU A 123 -17.31 -2.45 1.27
C LEU A 123 -17.44 -3.48 2.37
N LEU A 124 -18.45 -3.35 3.21
CA LEU A 124 -18.69 -4.34 4.26
C LEU A 124 -18.92 -5.69 3.60
N GLU A 125 -19.70 -5.71 2.53
CA GLU A 125 -19.95 -6.92 1.75
C GLU A 125 -18.76 -7.43 0.91
N GLU A 126 -17.86 -6.57 0.45
CA GLU A 126 -16.67 -7.05 -0.26
C GLU A 126 -15.63 -7.58 0.72
N LEU A 127 -15.52 -6.93 1.86
CA LEU A 127 -14.57 -7.33 2.89
C LEU A 127 -15.08 -8.58 3.60
N LYS A 128 -16.38 -8.82 3.61
CA LYS A 128 -16.94 -10.08 4.16
C LYS A 128 -16.38 -11.28 3.41
N ALA A 129 -16.16 -11.15 2.11
CA ALA A 129 -15.58 -12.24 1.34
C ALA A 129 -14.17 -12.55 1.87
N LEU A 130 -13.32 -11.56 2.05
CA LEU A 130 -11.98 -11.81 2.60
C LEU A 130 -12.04 -12.30 4.04
N ASP A 131 -12.98 -11.77 4.81
CA ASP A 131 -13.19 -12.17 6.20
C ASP A 131 -13.49 -13.66 6.33
N GLY A 132 -14.33 -14.17 5.44
CA GLY A 132 -14.59 -15.59 5.42
C GLY A 132 -13.39 -16.40 4.96
N HIS A 133 -12.76 -15.95 3.88
CA HIS A 133 -11.59 -16.63 3.31
C HIS A 133 -10.45 -16.72 4.31
N LEU A 134 -10.28 -15.70 5.13
CA LEU A 134 -9.27 -15.74 6.18
C LEU A 134 -9.67 -16.75 7.25
N LYS A 135 -10.87 -16.65 7.80
CA LYS A 135 -11.23 -17.45 8.97
C LYS A 135 -11.28 -18.94 8.72
N VAL A 136 -11.51 -19.36 7.48
CA VAL A 136 -11.43 -20.79 7.17
C VAL A 136 -9.99 -21.31 6.99
N HIS A 137 -8.99 -20.44 6.90
CA HIS A 137 -7.58 -20.84 6.74
C HIS A 137 -6.68 -20.49 7.92
N GLY A 138 -6.86 -19.32 8.52
CA GLY A 138 -6.14 -18.95 9.73
C GLY A 138 -5.14 -17.79 9.73
N PRO A 139 -3.97 -17.86 9.07
CA PRO A 139 -2.92 -16.81 9.15
C PRO A 139 -3.12 -15.47 8.43
N PHE A 140 -2.05 -14.67 8.42
CA PHE A 140 -1.92 -13.50 7.53
C PHE A 140 -2.25 -13.90 6.10
N ILE A 141 -2.70 -12.91 5.33
CA ILE A 141 -3.98 -12.95 4.60
C ILE A 141 -3.91 -14.00 3.51
N ALA A 142 -2.74 -14.20 2.94
CA ALA A 142 -2.48 -15.25 1.97
C ALA A 142 -2.83 -16.69 2.37
N GLY A 143 -2.96 -16.92 3.66
CA GLY A 143 -3.21 -18.24 4.22
C GLY A 143 -1.96 -18.86 4.82
N GLU A 144 -0.86 -18.10 4.82
CA GLU A 144 0.43 -18.54 5.38
C GLU A 144 1.18 -17.46 6.16
N LYS A 145 1.54 -16.38 5.46
CA LYS A 145 2.26 -15.24 6.01
C LYS A 145 2.07 -14.13 5.00
N ILE A 146 2.62 -12.94 5.27
CA ILE A 146 2.62 -11.84 4.32
C ILE A 146 3.35 -12.24 3.03
N THR A 147 2.62 -12.32 1.93
CA THR A 147 3.18 -12.59 0.61
C THR A 147 2.83 -11.41 -0.29
N ALA A 148 3.05 -11.53 -1.59
CA ALA A 148 2.69 -10.48 -2.54
C ALA A 148 1.24 -9.99 -2.47
N VAL A 149 0.26 -10.83 -2.09
CA VAL A 149 -1.10 -10.30 -1.96
C VAL A 149 -1.26 -9.43 -0.71
N ASP A 150 -0.66 -9.81 0.42
CA ASP A 150 -0.72 -8.96 1.62
C ASP A 150 0.04 -7.67 1.32
N LEU A 151 1.15 -7.81 0.60
CA LEU A 151 1.97 -6.67 0.22
C LEU A 151 1.27 -5.74 -0.76
N SER A 152 0.37 -6.24 -1.60
CA SER A 152 -0.40 -5.34 -2.46
C SER A 152 -1.43 -4.53 -1.67
N LEU A 153 -2.01 -5.17 -0.66
CA LEU A 153 -3.19 -4.66 0.02
C LEU A 153 -2.91 -3.78 1.23
N ALA A 154 -2.24 -4.35 2.22
CA ALA A 154 -2.03 -3.69 3.51
C ALA A 154 -1.46 -2.27 3.46
N PRO A 155 -0.47 -1.99 2.58
CA PRO A 155 -0.02 -0.59 2.62
C PRO A 155 -1.02 0.45 2.10
N LYS A 156 -1.97 0.10 1.24
CA LYS A 156 -2.98 1.07 0.82
C LYS A 156 -4.15 1.02 1.80
N LEU A 157 -4.41 -0.12 2.42
CA LEU A 157 -5.45 -0.21 3.46
C LEU A 157 -5.16 0.76 4.60
N TYR A 158 -3.88 0.94 4.92
CA TYR A 158 -3.47 1.99 5.86
C TYR A 158 -3.97 3.38 5.44
N HIS A 159 -3.77 3.73 4.18
CA HIS A 159 -4.05 5.09 3.72
C HIS A 159 -5.54 5.31 3.83
N LEU A 160 -6.29 4.28 3.47
CA LEU A 160 -7.74 4.37 3.48
C LEU A 160 -8.25 4.51 4.91
N GLU A 161 -7.77 3.71 5.86
CA GLU A 161 -8.37 3.76 7.20
C GLU A 161 -8.10 5.10 7.91
N VAL A 162 -7.00 5.78 7.62
CA VAL A 162 -6.74 7.07 8.26
C VAL A 162 -7.54 8.17 7.57
N ALA A 163 -7.67 8.12 6.25
CA ALA A 163 -8.39 9.16 5.52
C ALA A 163 -9.89 9.04 5.68
N LEU A 164 -10.45 7.85 5.47
CA LEU A 164 -11.90 7.65 5.63
C LEU A 164 -12.24 7.90 7.08
N GLY A 165 -11.35 7.52 7.99
CA GLY A 165 -11.55 7.77 9.41
C GLY A 165 -11.59 9.23 9.81
N HIS A 166 -10.88 10.11 9.10
CA HIS A 166 -10.88 11.55 9.38
C HIS A 166 -11.99 12.30 8.65
N PHE A 167 -12.14 11.99 7.36
CA PHE A 167 -13.08 12.69 6.48
C PHE A 167 -14.52 12.18 6.50
N LYS A 168 -14.69 10.87 6.64
CA LYS A 168 -15.95 10.19 6.33
C LYS A 168 -16.30 9.11 7.37
N ASN A 169 -15.88 9.36 8.60
CA ASN A 169 -15.57 8.33 9.62
C ASN A 169 -16.20 6.94 9.50
N TRP A 170 -15.37 5.95 9.18
CA TRP A 170 -15.82 4.57 9.02
C TRP A 170 -14.75 3.63 9.57
N PRO A 171 -14.82 3.28 10.87
CA PRO A 171 -13.89 2.26 11.35
C PRO A 171 -14.30 0.88 10.86
N ILE A 172 -13.37 -0.06 10.86
CA ILE A 172 -13.69 -1.43 10.47
C ILE A 172 -14.45 -2.06 11.66
N PRO A 173 -15.68 -2.55 11.46
CA PRO A 173 -16.35 -3.13 12.63
C PRO A 173 -15.84 -4.53 12.99
N ASP A 174 -16.11 -5.00 14.20
CA ASP A 174 -15.72 -6.36 14.63
C ASP A 174 -16.55 -7.45 13.98
N ASN A 175 -17.57 -7.04 13.21
CA ASN A 175 -18.31 -7.93 12.32
C ASN A 175 -17.40 -8.44 11.21
N LEU A 176 -16.35 -7.69 10.93
CA LEU A 176 -15.30 -8.07 9.98
C LEU A 176 -14.07 -8.39 10.82
N THR A 177 -14.18 -9.46 11.60
CA THR A 177 -13.19 -9.79 12.61
C THR A 177 -11.79 -9.97 12.05
N HIS A 178 -11.67 -10.55 10.86
CA HIS A 178 -10.36 -10.67 10.21
C HIS A 178 -9.79 -9.28 10.01
N VAL A 179 -10.59 -8.42 9.41
CA VAL A 179 -10.07 -7.21 8.80
C VAL A 179 -9.62 -6.32 9.94
N LEU A 180 -10.40 -6.23 11.01
CA LEU A 180 -10.03 -5.41 12.15
C LEU A 180 -8.83 -5.98 12.89
N ASN A 181 -8.83 -7.27 13.18
CA ASN A 181 -7.75 -7.86 13.97
C ASN A 181 -6.43 -7.75 13.24
N TYR A 182 -6.39 -8.07 11.96
CA TYR A 182 -5.14 -8.01 11.21
C TYR A 182 -4.71 -6.57 10.94
N ILE A 183 -5.61 -5.61 10.82
CA ILE A 183 -5.21 -4.20 10.73
C ILE A 183 -4.51 -3.79 12.02
N LYS A 184 -5.01 -4.23 13.16
CA LYS A 184 -4.34 -3.93 14.43
C LYS A 184 -3.01 -4.65 14.57
N LEU A 185 -2.86 -5.86 14.04
CA LEU A 185 -1.59 -6.60 14.10
C LEU A 185 -0.54 -5.93 13.23
N LEU A 186 -0.98 -5.43 12.07
CA LEU A 186 -0.10 -4.74 11.14
C LEU A 186 0.41 -3.44 11.73
N PHE A 187 -0.45 -2.68 12.39
CA PHE A 187 -0.08 -1.33 12.86
C PHE A 187 1.22 -1.25 13.65
N SER A 188 1.51 -2.23 14.50
CA SER A 188 2.79 -2.30 15.21
C SER A 188 3.54 -3.59 14.87
N ARG A 189 3.45 -4.01 13.61
CA ARG A 189 4.40 -4.98 13.07
C ARG A 189 5.65 -4.17 12.76
N GLU A 190 6.85 -4.72 12.95
CA GLU A 190 8.07 -3.90 12.84
C GLU A 190 8.22 -3.19 11.49
N SER A 191 7.97 -3.91 10.40
CA SER A 191 8.06 -3.32 9.07
C SER A 191 7.07 -2.19 8.86
N PHE A 192 5.83 -2.39 9.27
CA PHE A 192 4.74 -1.46 8.99
C PHE A 192 4.78 -0.23 9.87
N LYS A 193 5.13 -0.42 11.14
CA LYS A 193 5.22 0.68 12.11
C LYS A 193 6.22 1.73 11.66
N LYS A 194 7.29 1.25 11.04
CA LYS A 194 8.33 2.12 10.50
C LYS A 194 7.92 2.79 9.20
N THR A 195 7.27 2.03 8.32
CA THR A 195 7.05 2.45 6.93
C THR A 195 5.70 3.06 6.60
N ARG A 196 4.78 3.12 7.55
CA ARG A 196 3.53 3.84 7.32
C ARG A 196 3.79 5.31 7.02
N ALA A 197 3.03 5.85 6.08
CA ALA A 197 3.15 7.26 5.73
C ALA A 197 2.52 8.10 6.85
N ALA A 198 3.01 9.31 7.06
CA ALA A 198 2.42 10.19 8.07
C ALA A 198 0.98 10.51 7.68
N GLU A 199 0.09 10.52 8.67
CA GLU A 199 -1.34 10.61 8.41
C GLU A 199 -1.74 11.93 7.75
N GLU A 200 -1.14 13.04 8.16
CA GLU A 200 -1.45 14.34 7.56
C GLU A 200 -1.09 14.33 6.08
N HIS A 201 -0.09 13.55 5.76
CA HIS A 201 0.42 13.43 4.39
C HIS A 201 -0.15 12.26 3.62
N VAL A 202 -1.15 11.65 4.22
CA VAL A 202 -2.16 10.86 3.50
C VAL A 202 -3.40 11.72 3.34
N ILE A 203 -3.92 12.28 4.42
CA ILE A 203 -5.20 13.00 4.40
C ILE A 203 -5.07 14.24 3.53
N ALA A 204 -4.26 15.21 3.92
CA ALA A 204 -4.15 16.45 3.16
C ALA A 204 -3.28 16.20 1.92
N GLY A 205 -2.66 15.04 1.90
CA GLY A 205 -1.83 14.64 0.77
C GLY A 205 -2.60 14.05 -0.40
N TRP A 206 -3.72 13.38 -0.15
CA TRP A 206 -4.52 12.75 -1.21
C TRP A 206 -5.86 13.45 -1.43
N GLU A 207 -6.42 14.07 -0.40
CA GLU A 207 -7.71 14.74 -0.54
C GLU A 207 -7.84 16.08 -1.29
N PRO A 208 -6.75 16.81 -1.68
CA PRO A 208 -7.15 18.04 -2.39
C PRO A 208 -7.85 17.80 -3.73
N LYS A 209 -7.68 16.63 -4.33
CA LYS A 209 -8.44 16.27 -5.53
C LYS A 209 -9.91 15.94 -5.24
N VAL A 210 -10.18 15.47 -4.03
CA VAL A 210 -11.55 15.16 -3.59
C VAL A 210 -12.28 16.49 -3.35
N ASN A 211 -11.52 17.47 -2.86
CA ASN A 211 -11.99 18.86 -2.69
C ASN A 211 -12.01 19.67 -4.00
N ALA A 212 -11.65 18.99 -5.08
CA ALA A 212 -11.53 19.46 -6.48
C ALA A 212 -10.44 20.49 -6.74
#